data_6XOR
#
_entry.id   6XOR
#
_entity_poly.entity_id   1
_entity_poly.type   'polypeptide(L)'
_entity_poly.pdbx_seq_one_letter_code
;SFDRLLAENESLQQKINSLEVEAKRLQGFNEYVQERLDRITDDFVKMKDNFETLRTELSEAQQKLRRQQDN
;
_entity_poly.pdbx_strand_id   A,B
#
# COMPACT_ATOMS: atom_id res chain seq x y z
N SER A 1 -31.09 41.29 -1.92
CA SER A 1 -31.18 40.76 -3.30
C SER A 1 -30.44 39.43 -3.41
N PHE A 2 -29.15 39.43 -3.10
CA PHE A 2 -28.35 38.22 -3.14
C PHE A 2 -28.39 37.51 -1.79
N ASP A 3 -29.61 37.27 -1.32
CA ASP A 3 -29.83 36.73 0.02
C ASP A 3 -29.69 35.22 0.02
N ARG A 4 -29.94 34.61 -1.12
CA ARG A 4 -29.83 33.17 -1.24
C ARG A 4 -28.38 32.73 -1.11
N LEU A 5 -27.47 33.48 -1.72
CA LEU A 5 -26.05 33.23 -1.57
C LEU A 5 -25.60 33.36 -0.11
N LEU A 6 -26.33 34.17 0.65
CA LEU A 6 -26.05 34.30 2.07
C LEU A 6 -26.49 33.04 2.80
N ALA A 7 -27.63 32.49 2.39
CA ALA A 7 -28.10 31.23 2.89
C ALA A 7 -27.12 30.10 2.55
N GLU A 8 -26.44 30.25 1.42
CA GLU A 8 -25.46 29.28 0.97
C GLU A 8 -24.13 29.51 1.69
N ASN A 9 -23.99 30.69 2.27
CA ASN A 9 -22.74 31.07 2.95
C ASN A 9 -22.56 30.20 4.18
N GLU A 10 -23.63 30.06 4.94
CA GLU A 10 -23.62 29.24 6.14
C GLU A 10 -23.59 27.76 5.77
N SER A 11 -24.02 27.45 4.56
CA SER A 11 -24.03 26.08 4.07
C SER A 11 -22.62 25.68 3.63
N LEU A 12 -21.93 26.57 2.93
CA LEU A 12 -20.58 26.31 2.46
C LEU A 12 -19.66 25.98 3.63
N GLN A 13 -19.48 26.93 4.54
CA GLN A 13 -18.66 26.76 5.74
C GLN A 13 -18.85 25.39 6.43
N GLN A 14 -20.10 24.94 6.60
CA GLN A 14 -20.34 23.70 7.32
C GLN A 14 -20.08 22.48 6.44
N LYS A 15 -20.27 22.67 5.13
CA LYS A 15 -20.08 21.59 4.18
C LYS A 15 -18.59 21.32 3.97
N ILE A 16 -17.79 22.37 4.10
CA ILE A 16 -16.35 22.27 3.90
C ILE A 16 -15.68 21.58 5.08
N ASN A 17 -16.33 21.62 6.24
CA ASN A 17 -15.82 20.96 7.43
C ASN A 17 -15.60 19.47 7.14
N SER A 18 -16.52 18.88 6.39
CA SER A 18 -16.42 17.48 6.03
C SER A 18 -15.29 17.24 5.01
N LEU A 19 -14.95 18.28 4.26
CA LEU A 19 -13.92 18.17 3.22
C LEU A 19 -12.53 18.39 3.79
N GLU A 20 -12.32 19.51 4.48
CA GLU A 20 -11.02 19.85 5.02
C GLU A 20 -10.50 18.78 5.97
N VAL A 21 -11.40 18.19 6.74
CA VAL A 21 -11.04 17.12 7.64
C VAL A 21 -10.73 15.84 6.85
N GLU A 22 -11.39 15.68 5.71
CA GLU A 22 -11.26 14.45 4.95
C GLU A 22 -10.05 14.49 4.02
N ALA A 23 -10.06 15.40 3.03
CA ALA A 23 -9.03 15.48 2.04
C ALA A 23 -7.63 15.54 2.63
N LYS A 24 -7.48 16.40 3.64
CA LYS A 24 -6.17 16.61 4.26
C LYS A 24 -5.66 15.34 4.96
N ARG A 25 -6.47 14.80 5.86
CA ARG A 25 -6.13 13.53 6.52
C ARG A 25 -5.80 12.45 5.49
N LEU A 26 -6.62 12.36 4.45
CA LEU A 26 -6.36 11.46 3.34
C LEU A 26 -4.94 11.64 2.79
N GLN A 27 -4.60 12.88 2.44
CA GLN A 27 -3.29 13.19 1.86
C GLN A 27 -2.17 12.71 2.77
N GLY A 28 -2.35 12.87 4.08
CA GLY A 28 -1.37 12.39 5.04
C GLY A 28 -1.19 10.88 4.97
N PHE A 29 -2.31 10.17 4.78
CA PHE A 29 -2.27 8.72 4.67
C PHE A 29 -1.64 8.30 3.35
N ASN A 30 -1.99 9.00 2.29
CA ASN A 30 -1.47 8.72 0.95
C ASN A 30 0.02 9.03 0.89
N GLU A 31 0.46 9.91 1.77
CA GLU A 31 1.88 10.23 1.87
C GLU A 31 2.60 9.07 2.57
N TYR A 32 1.98 8.60 3.65
CA TYR A 32 2.47 7.45 4.40
C TYR A 32 2.52 6.19 3.52
N VAL A 33 1.38 5.81 2.95
CA VAL A 33 1.27 4.57 2.20
C VAL A 33 2.21 4.55 1.00
N GLN A 34 2.41 5.70 0.36
CA GLN A 34 3.24 5.78 -0.84
C GLN A 34 4.64 5.24 -0.56
N GLU A 35 5.13 5.47 0.65
CA GLU A 35 6.45 4.99 1.04
C GLU A 35 6.50 3.46 0.98
N ARG A 36 5.49 2.79 1.54
CA ARG A 36 5.51 1.34 1.64
C ARG A 36 5.00 0.71 0.35
N LEU A 37 4.24 1.46 -0.43
CA LEU A 37 3.68 0.94 -1.67
C LEU A 37 4.81 0.60 -2.63
N ASP A 38 5.84 1.44 -2.62
CA ASP A 38 7.03 1.20 -3.44
C ASP A 38 7.98 0.23 -2.75
N ARG A 39 8.25 0.48 -1.47
CA ARG A 39 9.22 -0.31 -0.72
C ARG A 39 8.82 -1.79 -0.64
N ILE A 40 7.55 -2.06 -0.39
CA ILE A 40 7.10 -3.44 -0.30
C ILE A 40 7.24 -4.14 -1.65
N THR A 41 6.92 -3.42 -2.72
CA THR A 41 6.93 -3.99 -4.07
C THR A 41 8.24 -4.70 -4.36
N ASP A 42 9.36 -4.00 -4.19
CA ASP A 42 10.67 -4.54 -4.55
C ASP A 42 10.94 -5.85 -3.81
N ASP A 43 10.95 -5.79 -2.48
CA ASP A 43 11.16 -6.98 -1.65
C ASP A 43 10.14 -8.08 -1.93
N PHE A 44 8.98 -7.70 -2.43
CA PHE A 44 7.93 -8.67 -2.71
C PHE A 44 8.11 -9.30 -4.09
N VAL A 45 8.06 -8.49 -5.13
CA VAL A 45 8.16 -8.97 -6.51
C VAL A 45 9.48 -9.69 -6.78
N LYS A 46 10.57 -9.18 -6.22
CA LYS A 46 11.87 -9.81 -6.45
C LYS A 46 11.99 -11.10 -5.66
N MET A 47 11.43 -11.13 -4.45
CA MET A 47 11.53 -12.30 -3.60
C MET A 47 10.64 -13.42 -4.13
N LYS A 48 9.61 -13.08 -4.90
CA LYS A 48 8.79 -14.10 -5.55
C LYS A 48 9.59 -14.78 -6.66
N ASP A 49 10.25 -13.97 -7.47
CA ASP A 49 11.09 -14.47 -8.54
C ASP A 49 12.25 -15.27 -7.96
N ASN A 50 12.79 -14.76 -6.86
CA ASN A 50 13.89 -15.41 -6.16
C ASN A 50 13.40 -16.64 -5.38
N PHE A 51 12.10 -16.75 -5.19
CA PHE A 51 11.56 -17.78 -4.31
C PHE A 51 11.42 -19.07 -5.08
N GLU A 52 11.04 -18.95 -6.35
CA GLU A 52 10.85 -20.11 -7.22
C GLU A 52 12.16 -20.85 -7.41
N THR A 53 13.25 -20.10 -7.51
CA THR A 53 14.58 -20.68 -7.60
C THR A 53 14.89 -21.51 -6.36
N LEU A 54 14.75 -20.89 -5.20
CA LEU A 54 15.00 -21.57 -3.94
C LEU A 54 14.01 -22.72 -3.74
N ARG A 55 12.79 -22.52 -4.23
CA ARG A 55 11.75 -23.52 -4.09
C ARG A 55 12.10 -24.77 -4.87
N THR A 56 12.23 -24.67 -6.19
CA THR A 56 12.54 -25.85 -7.00
C THR A 56 13.80 -26.55 -6.52
N GLU A 57 14.85 -25.76 -6.32
CA GLU A 57 16.13 -26.29 -5.88
C GLU A 57 15.98 -27.07 -4.59
N LEU A 58 15.52 -26.41 -3.55
CA LEU A 58 15.35 -27.05 -2.27
C LEU A 58 14.32 -28.16 -2.32
N SER A 59 13.24 -27.93 -3.04
CA SER A 59 12.20 -28.94 -3.19
C SER A 59 12.79 -30.29 -3.63
N GLU A 60 13.78 -30.27 -4.51
CA GLU A 60 14.46 -31.50 -4.88
C GLU A 60 15.55 -31.81 -3.86
N ALA A 61 16.22 -30.76 -3.40
CA ALA A 61 17.24 -30.85 -2.38
C ALA A 61 16.75 -31.59 -1.14
N GLN A 62 15.50 -31.40 -0.77
CA GLN A 62 14.97 -31.93 0.48
C GLN A 62 14.80 -33.43 0.36
N GLN A 63 14.42 -33.87 -0.84
CA GLN A 63 14.17 -35.26 -1.10
C GLN A 63 15.50 -36.03 -1.15
N LYS A 64 16.58 -35.33 -1.48
CA LYS A 64 17.89 -35.92 -1.51
C LYS A 64 18.55 -35.83 -0.13
N LEU A 65 18.29 -34.72 0.56
CA LEU A 65 18.85 -34.50 1.88
C LEU A 65 18.31 -35.47 2.91
N ARG A 66 17.08 -35.94 2.73
CA ARG A 66 16.51 -36.94 3.62
C ARG A 66 17.22 -38.29 3.44
N ARG A 67 18.07 -38.36 2.41
CA ARG A 67 18.88 -39.53 2.18
C ARG A 67 20.24 -39.34 2.86
N GLN A 68 20.83 -38.18 2.63
CA GLN A 68 22.10 -37.84 3.24
C GLN A 68 22.23 -36.33 3.42
N GLN A 69 21.91 -35.85 4.61
CA GLN A 69 22.05 -34.44 4.95
C GLN A 69 23.13 -34.27 6.00
N ASP A 70 24.39 -34.27 5.54
CA ASP A 70 25.56 -34.25 6.42
C ASP A 70 25.50 -35.44 7.38
N ASN A 71 25.62 -36.62 6.80
CA ASN A 71 25.48 -37.85 7.55
C ASN A 71 26.61 -38.81 7.20
N SER B 1 -25.50 44.76 4.52
CA SER B 1 -24.93 44.58 5.88
C SER B 1 -24.00 43.37 5.91
N PHE B 2 -24.52 42.20 5.57
CA PHE B 2 -23.72 40.98 5.54
C PHE B 2 -23.09 40.80 4.17
N ASP B 3 -22.41 41.84 3.71
CA ASP B 3 -21.88 41.88 2.36
C ASP B 3 -20.54 41.16 2.28
N ARG B 4 -19.84 41.09 3.41
CA ARG B 4 -18.55 40.42 3.44
C ARG B 4 -18.74 38.92 3.27
N LEU B 5 -19.77 38.36 3.89
CA LEU B 5 -20.11 36.96 3.70
C LEU B 5 -20.44 36.67 2.24
N LEU B 6 -20.93 37.69 1.52
CA LEU B 6 -21.20 37.54 0.11
C LEU B 6 -19.89 37.47 -0.67
N ALA B 7 -18.92 38.28 -0.26
CA ALA B 7 -17.60 38.23 -0.79
C ALA B 7 -16.94 36.87 -0.53
N GLU B 8 -17.31 36.27 0.60
CA GLU B 8 -16.80 34.96 0.97
C GLU B 8 -17.56 33.87 0.23
N ASN B 9 -18.71 34.22 -0.31
CA ASN B 9 -19.57 33.26 -0.99
C ASN B 9 -18.89 32.78 -2.26
N GLU B 10 -18.36 33.74 -3.01
CA GLU B 10 -17.66 33.46 -4.24
C GLU B 10 -16.31 32.83 -3.96
N SER B 11 -15.81 33.06 -2.74
CA SER B 11 -14.53 32.51 -2.31
C SER B 11 -14.70 31.04 -1.92
N LEU B 12 -15.78 30.74 -1.20
CA LEU B 12 -16.06 29.37 -0.78
C LEU B 12 -16.16 28.44 -1.98
N GLN B 13 -17.14 28.69 -2.84
CA GLN B 13 -17.33 27.92 -4.07
C GLN B 13 -16.03 27.59 -4.81
N GLN B 14 -15.14 28.55 -4.97
CA GLN B 14 -13.92 28.32 -5.75
C GLN B 14 -12.88 27.56 -4.93
N LYS B 15 -12.93 27.75 -3.62
CA LYS B 15 -11.99 27.11 -2.71
C LYS B 15 -12.32 25.63 -2.56
N ILE B 16 -13.61 25.31 -2.65
CA ILE B 16 -14.08 23.95 -2.50
C ILE B 16 -13.74 23.11 -3.72
N ASN B 17 -13.56 23.77 -4.86
CA ASN B 17 -13.20 23.09 -6.09
C ASN B 17 -11.92 22.28 -5.88
N SER B 18 -10.98 22.86 -5.14
CA SER B 18 -9.72 22.20 -4.84
C SER B 18 -9.92 21.04 -3.87
N LEU B 19 -10.98 21.10 -3.07
CA LEU B 19 -11.26 20.08 -2.06
C LEU B 19 -12.03 18.91 -2.64
N GLU B 20 -13.15 19.19 -3.29
CA GLU B 20 -14.01 18.14 -3.84
C GLU B 20 -13.26 17.30 -4.86
N VAL B 21 -12.39 17.91 -5.63
CA VAL B 21 -11.58 17.19 -6.59
C VAL B 21 -10.49 16.39 -5.87
N GLU B 22 -10.05 16.88 -4.72
CA GLU B 22 -8.94 16.23 -4.02
C GLU B 22 -9.44 15.09 -3.12
N ALA B 23 -10.22 15.44 -2.09
CA ALA B 23 -10.68 14.48 -1.12
C ALA B 23 -11.33 13.25 -1.75
N LYS B 24 -12.19 13.48 -2.71
CA LYS B 24 -12.93 12.38 -3.36
C LYS B 24 -11.99 11.44 -4.11
N ARG B 25 -11.19 12.02 -5.02
CA ARG B 25 -10.20 11.23 -5.76
C ARG B 25 -9.30 10.45 -4.79
N LEU B 26 -8.86 11.12 -3.73
CA LEU B 26 -8.09 10.49 -2.67
C LEU B 26 -8.81 9.25 -2.14
N GLN B 27 -10.07 9.40 -1.74
CA GLN B 27 -10.85 8.30 -1.19
C GLN B 27 -10.88 7.11 -2.14
N GLY B 28 -11.01 7.40 -3.43
CA GLY B 28 -10.98 6.34 -4.43
C GLY B 28 -9.66 5.58 -4.43
N PHE B 29 -8.57 6.31 -4.26
CA PHE B 29 -7.24 5.71 -4.21
C PHE B 29 -7.07 4.91 -2.93
N ASN B 30 -7.54 5.46 -1.83
CA ASN B 30 -7.45 4.82 -0.52
C ASN B 30 -8.31 3.57 -0.48
N GLU B 31 -9.32 3.54 -1.32
CA GLU B 31 -10.18 2.39 -1.45
C GLU B 31 -9.44 1.30 -2.22
N TYR B 32 -8.79 1.72 -3.31
CA TYR B 32 -7.95 0.84 -4.11
C TYR B 32 -6.79 0.26 -3.30
N VAL B 33 -5.98 1.15 -2.72
CA VAL B 33 -4.76 0.73 -2.02
C VAL B 33 -5.08 -0.19 -0.84
N GLN B 34 -6.19 0.05 -0.16
CA GLN B 34 -6.55 -0.74 1.02
C GLN B 34 -6.62 -2.22 0.69
N GLU B 35 -7.06 -2.54 -0.52
CA GLU B 35 -7.16 -3.92 -0.96
C GLU B 35 -5.78 -4.57 -0.98
N ARG B 36 -4.79 -3.89 -1.54
CA ARG B 36 -3.47 -4.47 -1.70
C ARG B 36 -2.64 -4.31 -0.44
N LEU B 37 -3.01 -3.34 0.39
CA LEU B 37 -2.27 -3.08 1.62
C LEU B 37 -2.37 -4.29 2.54
N ASP B 38 -3.54 -4.91 2.54
CA ASP B 38 -3.77 -6.12 3.32
C ASP B 38 -3.28 -7.35 2.57
N ARG B 39 -3.66 -7.45 1.29
CA ARG B 39 -3.34 -8.62 0.48
C ARG B 39 -1.83 -8.84 0.35
N ILE B 40 -1.08 -7.76 0.12
CA ILE B 40 0.36 -7.89 -0.02
C ILE B 40 0.98 -8.36 1.29
N THR B 41 0.49 -7.82 2.41
CA THR B 41 1.06 -8.10 3.72
C THR B 41 1.19 -9.60 3.95
N ASP B 42 0.11 -10.34 3.79
CA ASP B 42 0.09 -11.77 4.08
C ASP B 42 1.17 -12.51 3.29
N ASP B 43 1.07 -12.44 1.95
CA ASP B 43 2.04 -13.08 1.06
C ASP B 43 3.46 -12.59 1.32
N PHE B 44 3.60 -11.39 1.86
CA PHE B 44 4.91 -10.81 2.12
C PHE B 44 5.46 -11.30 3.47
N VAL B 45 4.76 -10.96 4.55
CA VAL B 45 5.21 -11.30 5.89
C VAL B 45 5.36 -12.80 6.09
N LYS B 46 4.44 -13.59 5.54
CA LYS B 46 4.51 -15.03 5.70
C LYS B 46 5.62 -15.63 4.85
N MET B 47 5.83 -15.07 3.66
CA MET B 47 6.84 -15.60 2.76
C MET B 47 8.24 -15.25 3.26
N LYS B 48 8.36 -14.20 4.07
CA LYS B 48 9.64 -13.87 4.69
C LYS B 48 9.99 -14.92 5.74
N ASP B 49 9.01 -15.23 6.58
CA ASP B 49 9.17 -16.26 7.61
C ASP B 49 9.42 -17.61 6.96
N ASN B 50 8.71 -17.85 5.88
CA ASN B 50 8.84 -19.09 5.12
C ASN B 50 10.13 -19.10 4.30
N PHE B 51 10.75 -17.93 4.13
CA PHE B 51 11.88 -17.81 3.22
C PHE B 51 13.15 -18.23 3.94
N GLU B 52 13.22 -17.88 5.21
CA GLU B 52 14.39 -18.20 6.03
C GLU B 52 14.56 -19.71 6.16
N THR B 53 13.43 -20.41 6.26
CA THR B 53 13.45 -21.86 6.31
C THR B 53 14.05 -22.43 5.03
N LEU B 54 13.49 -22.01 3.89
CA LEU B 54 13.99 -22.45 2.59
C LEU B 54 15.43 -21.99 2.37
N ARG B 55 15.74 -20.82 2.88
CA ARG B 55 17.07 -20.24 2.72
C ARG B 55 18.10 -21.09 3.44
N THR B 56 17.99 -21.23 4.76
CA THR B 56 18.98 -22.00 5.51
C THR B 56 19.11 -23.41 4.97
N GLU B 57 17.96 -24.07 4.77
CA GLU B 57 17.93 -25.44 4.28
C GLU B 57 18.67 -25.55 2.96
N LEU B 58 18.21 -24.83 1.97
CA LEU B 58 18.82 -24.86 0.66
C LEU B 58 20.25 -24.36 0.69
N SER B 59 20.48 -23.31 1.44
CA SER B 59 21.83 -22.76 1.58
C SER B 59 22.85 -23.84 1.95
N GLU B 60 22.45 -24.79 2.80
CA GLU B 60 23.34 -25.91 3.10
C GLU B 60 23.16 -27.00 2.04
N ALA B 61 21.91 -27.18 1.61
CA ALA B 61 21.56 -28.10 0.57
C ALA B 61 22.38 -27.92 -0.71
N GLN B 62 22.70 -26.66 -1.03
CA GLN B 62 23.36 -26.35 -2.30
C GLN B 62 24.81 -26.79 -2.24
N GLN B 63 25.39 -26.66 -1.05
CA GLN B 63 26.78 -27.00 -0.86
C GLN B 63 26.96 -28.51 -0.85
N LYS B 64 25.90 -29.24 -0.52
CA LYS B 64 25.92 -30.69 -0.56
C LYS B 64 25.53 -31.19 -1.95
N LEU B 65 24.60 -30.49 -2.59
CA LEU B 65 24.12 -30.86 -3.91
C LEU B 65 25.21 -30.71 -4.97
N ARG B 66 26.12 -29.77 -4.77
CA ARG B 66 27.25 -29.61 -5.69
C ARG B 66 28.20 -30.79 -5.59
N ARG B 67 27.96 -31.64 -4.59
CA ARG B 67 28.72 -32.87 -4.44
C ARG B 67 27.99 -34.00 -5.14
N GLN B 68 26.70 -34.11 -4.88
CA GLN B 68 25.85 -35.12 -5.49
C GLN B 68 24.41 -34.63 -5.61
N GLN B 69 24.08 -34.10 -6.77
CA GLN B 69 22.71 -33.66 -7.04
C GLN B 69 22.09 -34.54 -8.11
N ASP B 70 21.61 -35.71 -7.67
CA ASP B 70 21.08 -36.73 -8.57
C ASP B 70 22.16 -37.13 -9.58
N ASN B 71 23.22 -37.73 -9.07
CA ASN B 71 24.39 -38.05 -9.87
C ASN B 71 24.83 -39.48 -9.59
N SER A 1 -30.93 37.81 -6.49
CA SER A 1 -30.76 38.24 -5.09
C SER A 1 -29.55 37.56 -4.47
N PHE A 2 -28.72 38.33 -3.78
CA PHE A 2 -27.51 37.83 -3.17
C PHE A 2 -27.81 37.08 -1.88
N ASP A 3 -29.02 37.26 -1.36
CA ASP A 3 -29.43 36.65 -0.10
C ASP A 3 -29.39 35.12 -0.19
N ARG A 4 -29.68 34.58 -1.37
CA ARG A 4 -29.66 33.14 -1.56
C ARG A 4 -28.24 32.60 -1.52
N LEU A 5 -27.27 33.42 -1.88
CA LEU A 5 -25.87 33.01 -1.83
C LEU A 5 -25.41 32.99 -0.37
N LEU A 6 -26.11 33.74 0.46
CA LEU A 6 -25.81 33.77 1.88
C LEU A 6 -26.33 32.50 2.54
N ALA A 7 -27.43 31.99 1.99
CA ALA A 7 -28.00 30.74 2.43
C ALA A 7 -27.02 29.58 2.23
N GLU A 8 -26.44 29.52 1.04
CA GLU A 8 -25.50 28.45 0.72
C GLU A 8 -24.14 28.71 1.38
N ASN A 9 -23.79 29.99 1.56
CA ASN A 9 -22.64 30.35 2.39
C ASN A 9 -22.62 29.58 3.70
N GLU A 10 -23.78 29.49 4.34
CA GLU A 10 -23.91 28.75 5.60
C GLU A 10 -23.68 27.25 5.38
N SER A 11 -23.97 26.80 4.17
CA SER A 11 -23.79 25.39 3.82
C SER A 11 -22.32 25.10 3.50
N LEU A 12 -21.66 26.05 2.84
CA LEU A 12 -20.25 25.91 2.47
C LEU A 12 -19.40 25.69 3.71
N GLN A 13 -19.71 26.45 4.76
CA GLN A 13 -18.95 26.36 6.00
C GLN A 13 -19.06 24.96 6.61
N GLN A 14 -20.23 24.37 6.49
CA GLN A 14 -20.50 23.05 7.07
C GLN A 14 -19.88 21.95 6.22
N LYS A 15 -19.96 22.10 4.91
CA LYS A 15 -19.42 21.10 3.99
C LYS A 15 -17.90 21.07 4.05
N ILE A 16 -17.28 22.24 4.17
CA ILE A 16 -15.83 22.33 4.21
C ILE A 16 -15.30 21.90 5.57
N ASN A 17 -16.14 22.00 6.59
CA ASN A 17 -15.80 21.49 7.92
C ASN A 17 -15.48 20.00 7.83
N SER A 18 -16.08 19.35 6.85
CA SER A 18 -15.76 17.97 6.54
C SER A 18 -14.54 17.90 5.60
N LEU A 19 -14.63 18.62 4.49
CA LEU A 19 -13.63 18.54 3.41
C LEU A 19 -12.21 18.87 3.87
N GLU A 20 -11.99 20.08 4.41
CA GLU A 20 -10.63 20.51 4.76
C GLU A 20 -10.01 19.59 5.81
N VAL A 21 -10.84 18.90 6.56
CA VAL A 21 -10.35 17.92 7.50
C VAL A 21 -10.10 16.59 6.80
N GLU A 22 -11.07 16.15 6.02
CA GLU A 22 -11.03 14.86 5.37
C GLU A 22 -9.96 14.79 4.29
N ALA A 23 -10.08 15.63 3.25
CA ALA A 23 -9.16 15.67 2.16
C ALA A 23 -7.70 15.68 2.61
N LYS A 24 -7.42 16.44 3.65
CA LYS A 24 -6.06 16.55 4.18
C LYS A 24 -5.66 15.26 4.92
N ARG A 25 -6.58 14.73 5.71
CA ARG A 25 -6.39 13.44 6.38
C ARG A 25 -6.18 12.31 5.37
N LEU A 26 -6.61 12.55 4.14
CA LEU A 26 -6.56 11.52 3.12
C LEU A 26 -5.20 11.55 2.45
N GLN A 27 -4.73 12.76 2.19
CA GLN A 27 -3.38 12.97 1.66
C GLN A 27 -2.35 12.45 2.64
N GLY A 28 -2.61 12.67 3.94
CA GLY A 28 -1.73 12.18 4.97
C GLY A 28 -1.56 10.67 4.92
N PHE A 29 -2.66 9.97 4.62
CA PHE A 29 -2.61 8.53 4.46
C PHE A 29 -1.83 8.15 3.21
N ASN A 30 -2.06 8.90 2.12
CA ASN A 30 -1.36 8.67 0.86
C ASN A 30 0.15 8.81 1.04
N GLU A 31 0.55 9.68 1.95
CA GLU A 31 1.96 9.91 2.21
C GLU A 31 2.51 8.76 3.06
N TYR A 32 1.70 8.35 4.03
CA TYR A 32 2.02 7.21 4.88
C TYR A 32 2.17 5.94 4.06
N VAL A 33 1.12 5.58 3.32
CA VAL A 33 1.10 4.36 2.54
C VAL A 33 2.17 4.38 1.44
N GLN A 34 2.46 5.57 0.90
CA GLN A 34 3.40 5.71 -0.22
C GLN A 34 4.71 5.01 0.09
N GLU A 35 5.19 5.15 1.33
CA GLU A 35 6.46 4.54 1.72
C GLU A 35 6.44 3.04 1.50
N ARG A 36 5.45 2.36 2.05
CA ARG A 36 5.37 0.91 1.93
C ARG A 36 4.93 0.49 0.54
N LEU A 37 4.28 1.39 -0.19
CA LEU A 37 3.81 1.08 -1.53
C LEU A 37 4.99 0.88 -2.46
N ASP A 38 6.05 1.65 -2.23
CA ASP A 38 7.27 1.51 -3.00
C ASP A 38 8.17 0.44 -2.40
N ARG A 39 8.38 0.54 -1.08
CA ARG A 39 9.31 -0.34 -0.37
C ARG A 39 8.89 -1.80 -0.42
N ILE A 40 7.63 -2.08 -0.12
CA ILE A 40 7.15 -3.46 -0.11
C ILE A 40 7.31 -4.09 -1.48
N THR A 41 6.89 -3.35 -2.52
CA THR A 41 6.81 -3.91 -3.86
C THR A 41 8.13 -4.52 -4.31
N ASP A 42 9.24 -3.81 -4.13
CA ASP A 42 10.52 -4.28 -4.62
C ASP A 42 10.87 -5.63 -4.01
N ASP A 43 10.91 -5.68 -2.69
CA ASP A 43 11.13 -6.94 -1.97
C ASP A 43 10.06 -7.97 -2.35
N PHE A 44 8.84 -7.52 -2.52
CA PHE A 44 7.73 -8.41 -2.82
C PHE A 44 7.91 -9.08 -4.17
N VAL A 45 7.94 -8.27 -5.22
CA VAL A 45 8.08 -8.78 -6.58
C VAL A 45 9.40 -9.54 -6.78
N LYS A 46 10.51 -9.04 -6.23
CA LYS A 46 11.80 -9.70 -6.42
C LYS A 46 11.92 -10.99 -5.62
N MET A 47 11.37 -11.01 -4.40
CA MET A 47 11.45 -12.23 -3.59
C MET A 47 10.60 -13.33 -4.19
N LYS A 48 9.51 -12.98 -4.88
CA LYS A 48 8.66 -13.98 -5.51
C LYS A 48 9.43 -14.70 -6.61
N ASP A 49 10.15 -13.92 -7.41
CA ASP A 49 11.01 -14.46 -8.46
C ASP A 49 11.98 -15.50 -7.92
N ASN A 50 12.62 -15.16 -6.81
CA ASN A 50 13.59 -16.04 -6.19
C ASN A 50 12.91 -17.15 -5.39
N PHE A 51 11.83 -16.79 -4.70
CA PHE A 51 11.02 -17.73 -3.93
C PHE A 51 10.72 -19.00 -4.71
N GLU A 52 10.21 -18.86 -5.94
CA GLU A 52 9.91 -20.02 -6.78
C GLU A 52 11.16 -20.84 -7.04
N THR A 53 12.25 -20.13 -7.32
CA THR A 53 13.55 -20.75 -7.55
C THR A 53 14.00 -21.55 -6.32
N LEU A 54 14.10 -20.88 -5.17
CA LEU A 54 14.52 -21.53 -3.93
C LEU A 54 13.57 -22.63 -3.53
N ARG A 55 12.30 -22.44 -3.85
CA ARG A 55 11.29 -23.42 -3.54
C ARG A 55 11.51 -24.67 -4.35
N THR A 56 11.56 -24.55 -5.67
CA THR A 56 11.78 -25.70 -6.53
C THR A 56 13.09 -26.40 -6.20
N GLU A 57 14.17 -25.62 -6.14
CA GLU A 57 15.49 -26.15 -5.87
C GLU A 57 15.50 -26.94 -4.56
N LEU A 58 15.18 -26.28 -3.47
CA LEU A 58 15.14 -26.91 -2.17
C LEU A 58 14.13 -28.04 -2.13
N SER A 59 12.99 -27.80 -2.75
CA SER A 59 11.94 -28.83 -2.85
C SER A 59 12.53 -30.16 -3.32
N GLU A 60 13.43 -30.11 -4.31
CA GLU A 60 14.09 -31.31 -4.78
C GLU A 60 15.30 -31.61 -3.92
N ALA A 61 16.01 -30.55 -3.51
CA ALA A 61 17.12 -30.64 -2.60
C ALA A 61 16.84 -31.48 -1.36
N GLN A 62 15.63 -31.38 -0.82
CA GLN A 62 15.33 -32.02 0.45
C GLN A 62 15.06 -33.51 0.22
N GLN A 63 14.66 -33.82 -1.00
CA GLN A 63 14.38 -35.20 -1.37
C GLN A 63 15.68 -35.99 -1.46
N LYS A 64 16.76 -35.29 -1.78
CA LYS A 64 18.08 -35.91 -1.82
C LYS A 64 18.74 -35.86 -0.45
N LEU A 65 18.49 -34.77 0.28
CA LEU A 65 19.10 -34.59 1.60
C LEU A 65 18.58 -35.60 2.60
N ARG A 66 17.30 -35.92 2.49
CA ARG A 66 16.69 -36.91 3.39
C ARG A 66 17.32 -38.29 3.21
N ARG A 67 18.15 -38.43 2.19
CA ARG A 67 18.82 -39.70 1.91
C ARG A 67 20.09 -39.81 2.76
N GLN A 68 20.53 -38.68 3.30
CA GLN A 68 21.74 -38.65 4.10
C GLN A 68 21.46 -38.14 5.50
N GLN A 69 20.46 -37.27 5.62
CA GLN A 69 20.07 -36.72 6.91
C GLN A 69 19.46 -37.82 7.79
N ASP A 70 20.14 -38.10 8.89
CA ASP A 70 19.73 -39.14 9.84
C ASP A 70 19.69 -40.51 9.17
N ASN A 71 20.58 -40.70 8.21
CA ASN A 71 20.68 -41.98 7.51
C ASN A 71 21.58 -42.92 8.30
N SER B 1 -22.22 43.08 8.94
CA SER B 1 -22.73 43.16 7.55
C SER B 1 -22.61 41.79 6.88
N PHE B 2 -23.68 41.37 6.20
CA PHE B 2 -23.71 40.07 5.54
C PHE B 2 -22.95 40.10 4.22
N ASP B 3 -22.64 41.30 3.75
CA ASP B 3 -21.96 41.48 2.47
C ASP B 3 -20.58 40.85 2.48
N ARG B 4 -19.93 40.86 3.64
CA ARG B 4 -18.60 40.27 3.77
C ARG B 4 -18.67 38.74 3.67
N LEU B 5 -19.80 38.16 4.05
CA LEU B 5 -19.99 36.72 3.94
C LEU B 5 -20.20 36.35 2.48
N LEU B 6 -20.63 37.32 1.70
CA LEU B 6 -20.82 37.11 0.28
C LEU B 6 -19.47 37.11 -0.43
N ALA B 7 -18.55 37.90 0.11
CA ALA B 7 -17.20 37.95 -0.37
C ALA B 7 -16.52 36.58 -0.25
N GLU B 8 -16.63 35.98 0.92
CA GLU B 8 -16.02 34.68 1.16
C GLU B 8 -16.83 33.56 0.50
N ASN B 9 -18.14 33.75 0.37
CA ASN B 9 -18.96 32.87 -0.47
C ASN B 9 -18.30 32.61 -1.82
N GLU B 10 -17.78 33.66 -2.44
CA GLU B 10 -17.10 33.53 -3.71
C GLU B 10 -15.81 32.72 -3.57
N SER B 11 -15.22 32.76 -2.38
CA SER B 11 -14.00 32.03 -2.10
C SER B 11 -14.30 30.55 -1.82
N LEU B 12 -15.41 30.29 -1.13
CA LEU B 12 -15.82 28.93 -0.81
C LEU B 12 -16.01 28.11 -2.08
N GLN B 13 -16.62 28.73 -3.09
CA GLN B 13 -16.88 28.05 -4.35
C GLN B 13 -15.58 27.61 -5.02
N GLN B 14 -14.56 28.46 -4.90
CA GLN B 14 -13.27 28.20 -5.52
C GLN B 14 -12.47 27.17 -4.74
N LYS B 15 -12.55 27.25 -3.42
CA LYS B 15 -11.81 26.32 -2.56
C LYS B 15 -12.39 24.92 -2.67
N ILE B 16 -13.71 24.82 -2.75
CA ILE B 16 -14.35 23.51 -2.82
C ILE B 16 -14.22 22.91 -4.21
N ASN B 17 -14.02 23.77 -5.20
CA ASN B 17 -13.73 23.33 -6.56
C ASN B 17 -12.49 22.42 -6.55
N SER B 18 -11.62 22.67 -5.58
CA SER B 18 -10.47 21.82 -5.35
C SER B 18 -10.85 20.65 -4.43
N LEU B 19 -11.44 20.96 -3.28
CA LEU B 19 -11.73 19.97 -2.24
C LEU B 19 -12.61 18.82 -2.71
N GLU B 20 -13.82 19.11 -3.19
CA GLU B 20 -14.76 18.05 -3.56
C GLU B 20 -14.20 17.16 -4.67
N VAL B 21 -13.26 17.68 -5.43
CA VAL B 21 -12.59 16.88 -6.43
C VAL B 21 -11.45 16.09 -5.79
N GLU B 22 -10.64 16.78 -5.02
CA GLU B 22 -9.44 16.21 -4.43
C GLU B 22 -9.77 15.16 -3.37
N ALA B 23 -10.45 15.57 -2.30
CA ALA B 23 -10.82 14.68 -1.23
C ALA B 23 -11.43 13.37 -1.72
N LYS B 24 -12.27 13.45 -2.73
CA LYS B 24 -12.92 12.26 -3.28
C LYS B 24 -11.93 11.42 -4.08
N ARG B 25 -11.09 12.09 -4.87
CA ARG B 25 -10.01 11.43 -5.61
C ARG B 25 -9.02 10.75 -4.65
N LEU B 26 -9.03 11.19 -3.40
CA LEU B 26 -8.08 10.70 -2.43
C LEU B 26 -8.62 9.43 -1.80
N GLN B 27 -9.92 9.47 -1.49
CA GLN B 27 -10.62 8.30 -0.98
C GLN B 27 -10.58 7.19 -2.02
N GLY B 28 -10.71 7.57 -3.29
CA GLY B 28 -10.65 6.60 -4.37
C GLY B 28 -9.34 5.85 -4.39
N PHE B 29 -8.26 6.56 -4.09
CA PHE B 29 -6.94 5.94 -4.00
C PHE B 29 -6.86 5.03 -2.78
N ASN B 30 -7.42 5.49 -1.67
CA ASN B 30 -7.45 4.71 -0.43
C ASN B 30 -8.18 3.39 -0.63
N GLU B 31 -9.17 3.40 -1.51
CA GLU B 31 -9.95 2.21 -1.80
C GLU B 31 -9.15 1.29 -2.70
N TYR B 32 -8.47 1.90 -3.67
CA TYR B 32 -7.59 1.19 -4.58
C TYR B 32 -6.44 0.52 -3.83
N VAL B 33 -5.68 1.32 -3.08
CA VAL B 33 -4.53 0.82 -2.36
C VAL B 33 -4.93 -0.19 -1.28
N GLN B 34 -6.12 -0.02 -0.70
CA GLN B 34 -6.59 -0.87 0.40
C GLN B 34 -6.47 -2.33 0.03
N GLU B 35 -6.83 -2.67 -1.21
CA GLU B 35 -6.79 -4.05 -1.66
C GLU B 35 -5.40 -4.64 -1.50
N ARG B 36 -4.39 -3.98 -2.06
CA ARG B 36 -3.03 -4.49 -2.01
C ARG B 36 -2.42 -4.30 -0.63
N LEU B 37 -2.97 -3.37 0.14
CA LEU B 37 -2.46 -3.11 1.49
C LEU B 37 -2.71 -4.33 2.38
N ASP B 38 -3.85 -4.98 2.17
CA ASP B 38 -4.17 -6.19 2.89
C ASP B 38 -3.56 -7.41 2.22
N ARG B 39 -3.79 -7.51 0.90
CA ARG B 39 -3.37 -8.68 0.14
C ARG B 39 -1.86 -8.87 0.13
N ILE B 40 -1.11 -7.82 -0.16
CA ILE B 40 0.34 -7.93 -0.21
C ILE B 40 0.91 -8.38 1.13
N THR B 41 0.42 -7.75 2.19
CA THR B 41 1.01 -7.94 3.51
C THR B 41 1.06 -9.41 3.91
N ASP B 42 -0.04 -10.13 3.74
CA ASP B 42 -0.09 -11.53 4.18
C ASP B 42 0.99 -12.34 3.50
N ASP B 43 0.97 -12.35 2.17
CA ASP B 43 2.01 -13.01 1.38
C ASP B 43 3.39 -12.48 1.75
N PHE B 44 3.47 -11.18 1.96
CA PHE B 44 4.74 -10.52 2.24
C PHE B 44 5.33 -11.00 3.56
N VAL B 45 4.61 -10.75 4.65
CA VAL B 45 5.07 -11.14 5.98
C VAL B 45 5.24 -12.66 6.12
N LYS B 46 4.34 -13.45 5.56
CA LYS B 46 4.43 -14.90 5.68
C LYS B 46 5.54 -15.49 4.83
N MET B 47 5.75 -14.95 3.63
CA MET B 47 6.80 -15.47 2.76
C MET B 47 8.17 -15.15 3.32
N LYS B 48 8.29 -14.05 4.06
CA LYS B 48 9.58 -13.69 4.65
C LYS B 48 9.97 -14.72 5.71
N ASP B 49 9.00 -15.10 6.52
CA ASP B 49 9.18 -16.13 7.54
C ASP B 49 9.73 -17.42 6.91
N ASN B 50 9.13 -17.83 5.81
CA ASN B 50 9.52 -19.05 5.12
C ASN B 50 10.79 -18.83 4.30
N PHE B 51 10.87 -17.67 3.65
CA PHE B 51 12.02 -17.26 2.86
C PHE B 51 13.34 -17.53 3.58
N GLU B 52 13.45 -17.05 4.83
CA GLU B 52 14.67 -17.25 5.62
C GLU B 52 14.93 -18.74 5.82
N THR B 53 13.87 -19.47 6.11
CA THR B 53 13.91 -20.91 6.27
C THR B 53 14.43 -21.59 5.00
N LEU B 54 13.74 -21.38 3.89
CA LEU B 54 14.12 -21.98 2.61
C LEU B 54 15.50 -21.52 2.17
N ARG B 55 15.84 -20.29 2.54
CA ARG B 55 17.13 -19.73 2.20
C ARG B 55 18.21 -20.48 2.95
N THR B 56 18.12 -20.52 4.27
CA THR B 56 19.12 -21.21 5.07
C THR B 56 19.22 -22.67 4.67
N GLU B 57 18.08 -23.35 4.62
CA GLU B 57 18.04 -24.77 4.29
C GLU B 57 18.72 -25.04 2.96
N LEU B 58 18.20 -24.43 1.90
CA LEU B 58 18.76 -24.60 0.59
C LEU B 58 20.19 -24.12 0.52
N SER B 59 20.45 -23.01 1.17
CA SER B 59 21.81 -22.46 1.24
C SER B 59 22.81 -23.54 1.64
N GLU B 60 22.44 -24.38 2.61
CA GLU B 60 23.30 -25.48 3.01
C GLU B 60 23.06 -26.68 2.11
N ALA B 61 21.80 -26.89 1.73
CA ALA B 61 21.41 -27.91 0.80
C ALA B 61 22.26 -27.94 -0.48
N GLN B 62 22.62 -26.77 -0.98
CA GLN B 62 23.29 -26.69 -2.27
C GLN B 62 24.76 -27.04 -2.11
N GLN B 63 25.26 -26.85 -0.90
CA GLN B 63 26.65 -27.16 -0.58
C GLN B 63 26.85 -28.66 -0.57
N LYS B 64 25.79 -29.40 -0.23
CA LYS B 64 25.84 -30.84 -0.24
C LYS B 64 25.49 -31.38 -1.64
N LEU B 65 24.57 -30.70 -2.31
CA LEU B 65 24.11 -31.13 -3.62
C LEU B 65 25.22 -31.02 -4.65
N ARG B 66 26.03 -29.97 -4.54
CA ARG B 66 27.14 -29.76 -5.47
C ARG B 66 28.16 -30.88 -5.37
N ARG B 67 27.99 -31.75 -4.37
CA ARG B 67 28.89 -32.87 -4.18
C ARG B 67 28.47 -34.05 -5.04
N GLN B 68 27.25 -33.99 -5.56
CA GLN B 68 26.71 -35.06 -6.37
C GLN B 68 26.31 -34.54 -7.75
N GLN B 69 25.91 -33.27 -7.79
CA GLN B 69 25.52 -32.63 -9.05
C GLN B 69 26.73 -32.48 -9.97
N ASP B 70 26.68 -33.18 -11.10
CA ASP B 70 27.76 -33.17 -12.08
C ASP B 70 29.05 -33.71 -11.47
N ASN B 71 28.92 -34.63 -10.54
CA ASN B 71 30.06 -35.26 -9.92
C ASN B 71 30.54 -36.42 -10.76
N SER A 1 -31.56 38.59 -4.52
CA SER A 1 -30.71 38.55 -5.73
C SER A 1 -29.46 37.72 -5.47
N PHE A 2 -28.69 38.10 -4.46
CA PHE A 2 -27.49 37.36 -4.09
C PHE A 2 -27.67 36.74 -2.70
N ASP A 3 -28.88 36.84 -2.18
CA ASP A 3 -29.19 36.39 -0.83
C ASP A 3 -29.02 34.88 -0.71
N ARG A 4 -29.27 34.17 -1.79
CA ARG A 4 -29.10 32.73 -1.83
C ARG A 4 -27.64 32.35 -1.59
N LEU A 5 -26.74 33.09 -2.21
CA LEU A 5 -25.31 32.86 -2.02
C LEU A 5 -24.95 33.04 -0.54
N LEU A 6 -25.65 33.93 0.13
CA LEU A 6 -25.43 34.17 1.54
C LEU A 6 -25.97 32.99 2.35
N ALA A 7 -27.13 32.50 1.96
CA ALA A 7 -27.70 31.32 2.54
C ALA A 7 -26.77 30.11 2.38
N GLU A 8 -26.20 29.98 1.19
CA GLU A 8 -25.30 28.88 0.88
C GLU A 8 -23.97 29.02 1.61
N ASN A 9 -23.48 30.26 1.78
CA ASN A 9 -22.29 30.52 2.61
C ASN A 9 -22.34 29.77 3.93
N GLU A 10 -23.48 29.80 4.60
CA GLU A 10 -23.62 29.14 5.90
C GLU A 10 -23.48 27.63 5.75
N SER A 11 -23.84 27.12 4.58
CA SER A 11 -23.76 25.70 4.30
C SER A 11 -22.37 25.31 3.79
N LEU A 12 -21.71 26.22 3.08
CA LEU A 12 -20.36 25.96 2.58
C LEU A 12 -19.42 25.63 3.73
N GLN A 13 -19.63 26.29 4.86
CA GLN A 13 -18.77 26.11 6.02
C GLN A 13 -18.89 24.68 6.57
N GLN A 14 -20.10 24.12 6.53
CA GLN A 14 -20.34 22.81 7.13
C GLN A 14 -19.85 21.69 6.22
N LYS A 15 -19.90 21.91 4.92
CA LYS A 15 -19.44 20.90 3.96
C LYS A 15 -17.91 20.83 3.99
N ILE A 16 -17.29 21.99 4.14
CA ILE A 16 -15.84 22.06 4.16
C ILE A 16 -15.28 21.60 5.49
N ASN A 17 -16.10 21.72 6.53
CA ASN A 17 -15.75 21.18 7.84
C ASN A 17 -15.45 19.69 7.73
N SER A 18 -16.07 19.06 6.74
CA SER A 18 -15.80 17.67 6.43
C SER A 18 -14.60 17.58 5.50
N LEU A 19 -14.65 18.31 4.39
CA LEU A 19 -13.63 18.23 3.34
C LEU A 19 -12.22 18.52 3.83
N GLU A 20 -12.00 19.69 4.42
CA GLU A 20 -10.65 20.09 4.82
C GLU A 20 -10.02 19.06 5.76
N VAL A 21 -10.81 18.56 6.69
CA VAL A 21 -10.32 17.55 7.62
C VAL A 21 -10.07 16.23 6.90
N GLU A 22 -11.01 15.85 6.05
CA GLU A 22 -10.97 14.56 5.38
C GLU A 22 -9.86 14.52 4.32
N ALA A 23 -9.95 15.39 3.31
CA ALA A 23 -8.99 15.46 2.24
C ALA A 23 -7.55 15.51 2.74
N LYS A 24 -7.33 16.26 3.82
CA LYS A 24 -5.99 16.36 4.39
C LYS A 24 -5.54 15.02 5.01
N ARG A 25 -6.39 14.44 5.85
CA ARG A 25 -6.12 13.14 6.43
C ARG A 25 -5.82 12.10 5.34
N LEU A 26 -6.69 12.07 4.33
CA LEU A 26 -6.50 11.20 3.17
C LEU A 26 -5.11 11.36 2.58
N GLN A 27 -4.69 12.61 2.38
CA GLN A 27 -3.36 12.91 1.85
C GLN A 27 -2.27 12.40 2.79
N GLY A 28 -2.51 12.54 4.09
CA GLY A 28 -1.59 12.00 5.08
C GLY A 28 -1.41 10.51 4.95
N PHE A 29 -2.53 9.80 4.79
CA PHE A 29 -2.51 8.36 4.62
C PHE A 29 -1.82 8.01 3.30
N ASN A 30 -2.19 8.75 2.24
CA ASN A 30 -1.60 8.57 0.92
C ASN A 30 -0.09 8.80 0.97
N GLU A 31 0.34 9.68 1.86
CA GLU A 31 1.75 9.98 2.04
C GLU A 31 2.43 8.79 2.72
N TYR A 32 1.83 8.34 3.82
CA TYR A 32 2.32 7.18 4.55
C TYR A 32 2.41 5.95 3.65
N VAL A 33 1.30 5.64 2.98
CA VAL A 33 1.24 4.44 2.16
C VAL A 33 2.17 4.54 0.96
N GLN A 34 2.33 5.75 0.39
CA GLN A 34 3.18 5.94 -0.78
C GLN A 34 4.59 5.38 -0.54
N GLU A 35 5.10 5.61 0.66
CA GLU A 35 6.43 5.13 1.02
C GLU A 35 6.50 3.61 0.95
N ARG A 36 5.52 2.93 1.55
CA ARG A 36 5.57 1.49 1.64
C ARG A 36 5.08 0.86 0.34
N LEU A 37 4.33 1.61 -0.45
CA LEU A 37 3.81 1.09 -1.71
C LEU A 37 4.96 0.87 -2.68
N ASP A 38 5.97 1.72 -2.54
CA ASP A 38 7.18 1.62 -3.36
C ASP A 38 8.15 0.61 -2.76
N ARG A 39 8.37 0.74 -1.45
CA ARG A 39 9.33 -0.13 -0.76
C ARG A 39 8.89 -1.58 -0.77
N ILE A 40 7.66 -1.85 -0.37
CA ILE A 40 7.15 -3.22 -0.33
C ILE A 40 7.30 -3.89 -1.68
N THR A 41 6.94 -3.16 -2.74
CA THR A 41 6.92 -3.73 -4.08
C THR A 41 8.27 -4.33 -4.45
N ASP A 42 9.35 -3.60 -4.24
CA ASP A 42 10.67 -4.03 -4.68
C ASP A 42 11.03 -5.36 -4.02
N ASP A 43 11.09 -5.35 -2.70
CA ASP A 43 11.35 -6.58 -1.93
C ASP A 43 10.37 -7.68 -2.30
N PHE A 44 9.13 -7.29 -2.57
CA PHE A 44 8.05 -8.24 -2.80
C PHE A 44 8.20 -8.92 -4.16
N VAL A 45 8.23 -8.12 -5.22
CA VAL A 45 8.39 -8.65 -6.57
C VAL A 45 9.68 -9.45 -6.74
N LYS A 46 10.74 -9.04 -6.05
CA LYS A 46 12.00 -9.78 -6.09
C LYS A 46 11.90 -11.07 -5.29
N MET A 47 11.31 -10.97 -4.10
CA MET A 47 11.13 -12.13 -3.23
C MET A 47 10.31 -13.20 -3.92
N LYS A 48 9.26 -12.81 -4.64
CA LYS A 48 8.42 -13.77 -5.36
C LYS A 48 9.25 -14.53 -6.38
N ASP A 49 9.97 -13.78 -7.22
CA ASP A 49 10.83 -14.35 -8.24
C ASP A 49 11.83 -15.35 -7.67
N ASN A 50 12.52 -14.95 -6.62
CA ASN A 50 13.54 -15.79 -6.00
C ASN A 50 12.91 -16.96 -5.22
N PHE A 51 11.84 -16.63 -4.49
CA PHE A 51 11.05 -17.64 -3.77
C PHE A 51 10.78 -18.87 -4.63
N GLU A 52 10.35 -18.64 -5.86
CA GLU A 52 10.07 -19.75 -6.79
C GLU A 52 11.34 -20.56 -7.03
N THR A 53 12.43 -19.84 -7.31
CA THR A 53 13.73 -20.45 -7.49
C THR A 53 14.13 -21.31 -6.30
N LEU A 54 14.14 -20.70 -5.11
CA LEU A 54 14.50 -21.40 -3.89
C LEU A 54 13.55 -22.52 -3.58
N ARG A 55 12.31 -22.38 -4.02
CA ARG A 55 11.30 -23.38 -3.78
C ARG A 55 11.60 -24.62 -4.60
N THR A 56 11.70 -24.48 -5.92
CA THR A 56 11.97 -25.62 -6.78
C THR A 56 13.25 -26.32 -6.37
N GLU A 57 14.32 -25.54 -6.23
CA GLU A 57 15.63 -26.08 -5.90
C GLU A 57 15.57 -26.87 -4.60
N LEU A 58 15.21 -26.21 -3.52
CA LEU A 58 15.11 -26.86 -2.23
C LEU A 58 14.10 -27.98 -2.23
N SER A 59 13.00 -27.76 -2.92
CA SER A 59 11.96 -28.78 -3.08
C SER A 59 12.57 -30.12 -3.52
N GLU A 60 13.51 -30.07 -4.46
CA GLU A 60 14.20 -31.29 -4.88
C GLU A 60 15.36 -31.58 -3.94
N ALA A 61 16.05 -30.52 -3.51
CA ALA A 61 17.11 -30.59 -2.57
C ALA A 61 16.80 -31.45 -1.34
N GLN A 62 15.60 -31.32 -0.80
CA GLN A 62 15.28 -31.96 0.46
C GLN A 62 15.02 -33.44 0.24
N GLN A 63 14.61 -33.77 -0.97
CA GLN A 63 14.32 -35.14 -1.33
C GLN A 63 15.59 -35.97 -1.39
N LYS A 64 16.66 -35.33 -1.86
CA LYS A 64 17.95 -36.00 -1.97
C LYS A 64 18.73 -35.89 -0.66
N LEU A 65 18.51 -34.78 0.05
CA LEU A 65 19.15 -34.56 1.34
C LEU A 65 18.73 -35.58 2.37
N ARG A 66 17.53 -36.13 2.22
CA ARG A 66 16.99 -37.12 3.15
C ARG A 66 17.84 -38.40 3.16
N ARG A 67 18.78 -38.50 2.22
CA ARG A 67 19.70 -39.63 2.17
C ARG A 67 20.78 -39.47 3.24
N GLN A 68 20.83 -38.29 3.85
CA GLN A 68 21.80 -37.99 4.90
C GLN A 68 21.10 -37.32 6.06
N GLN A 69 20.20 -36.40 5.72
CA GLN A 69 19.38 -35.70 6.69
C GLN A 69 18.08 -36.46 6.91
N ASP A 70 18.12 -37.46 7.77
CA ASP A 70 16.96 -38.32 7.98
C ASP A 70 16.00 -37.70 8.98
N ASN A 71 16.54 -36.82 9.82
CA ASN A 71 15.73 -36.10 10.79
C ASN A 71 15.47 -34.68 10.31
N SER B 1 -22.72 44.04 7.01
CA SER B 1 -22.99 43.18 8.19
C SER B 1 -22.72 41.71 7.87
N PHE B 2 -23.41 41.20 6.87
CA PHE B 2 -23.23 39.82 6.43
C PHE B 2 -22.64 39.79 5.02
N ASP B 3 -22.26 40.97 4.53
CA ASP B 3 -21.77 41.13 3.17
C ASP B 3 -20.46 40.39 2.97
N ARG B 4 -19.68 40.29 4.03
CA ARG B 4 -18.41 39.56 3.99
C ARG B 4 -18.65 38.09 3.71
N LEU B 5 -19.66 37.51 4.33
CA LEU B 5 -20.03 36.12 4.09
C LEU B 5 -20.39 35.92 2.63
N LEU B 6 -20.96 36.95 2.02
CA LEU B 6 -21.31 36.89 0.61
C LEU B 6 -20.04 36.94 -0.24
N ALA B 7 -19.11 37.81 0.15
CA ALA B 7 -17.81 37.88 -0.47
C ALA B 7 -17.07 36.56 -0.37
N GLU B 8 -17.15 35.93 0.79
CA GLU B 8 -16.48 34.66 1.02
C GLU B 8 -17.17 33.52 0.28
N ASN B 9 -18.50 33.58 0.15
CA ASN B 9 -19.24 32.62 -0.69
C ASN B 9 -18.58 32.41 -2.05
N GLU B 10 -18.17 33.49 -2.68
CA GLU B 10 -17.57 33.41 -4.01
C GLU B 10 -16.23 32.67 -3.94
N SER B 11 -15.57 32.76 -2.79
CA SER B 11 -14.29 32.12 -2.58
C SER B 11 -14.47 30.67 -2.12
N LEU B 12 -15.55 30.40 -1.38
CA LEU B 12 -15.82 29.04 -0.91
C LEU B 12 -15.93 28.09 -2.10
N GLN B 13 -16.50 28.58 -3.19
CA GLN B 13 -16.70 27.77 -4.39
C GLN B 13 -15.36 27.35 -5.00
N GLN B 14 -14.37 28.22 -4.96
CA GLN B 14 -13.09 27.95 -5.62
C GLN B 14 -12.23 27.03 -4.76
N LYS B 15 -12.36 27.11 -3.44
CA LYS B 15 -11.60 26.24 -2.55
C LYS B 15 -12.14 24.82 -2.61
N ILE B 16 -13.45 24.71 -2.73
CA ILE B 16 -14.10 23.40 -2.77
C ILE B 16 -13.94 22.75 -4.14
N ASN B 17 -13.75 23.60 -5.16
CA ASN B 17 -13.44 23.11 -6.50
C ASN B 17 -12.19 22.25 -6.46
N SER B 18 -11.33 22.54 -5.50
CA SER B 18 -10.15 21.72 -5.25
C SER B 18 -10.51 20.55 -4.34
N LEU B 19 -11.13 20.84 -3.21
CA LEU B 19 -11.42 19.84 -2.18
C LEU B 19 -12.27 18.68 -2.69
N GLU B 20 -13.45 18.96 -3.23
CA GLU B 20 -14.36 17.89 -3.65
C GLU B 20 -13.70 16.95 -4.65
N VAL B 21 -12.95 17.50 -5.59
CA VAL B 21 -12.25 16.70 -6.57
C VAL B 21 -11.12 15.92 -5.92
N GLU B 22 -10.37 16.59 -5.07
CA GLU B 22 -9.18 16.01 -4.45
C GLU B 22 -9.55 14.94 -3.42
N ALA B 23 -10.27 15.33 -2.36
CA ALA B 23 -10.68 14.44 -1.32
C ALA B 23 -11.32 13.17 -1.85
N LYS B 24 -12.13 13.29 -2.89
CA LYS B 24 -12.78 12.12 -3.50
C LYS B 24 -11.75 11.21 -4.17
N ARG B 25 -10.91 11.80 -5.02
CA ARG B 25 -9.83 11.05 -5.68
C ARG B 25 -8.96 10.33 -4.65
N LEU B 26 -8.55 11.07 -3.62
CA LEU B 26 -7.79 10.51 -2.50
C LEU B 26 -8.47 9.27 -1.93
N GLN B 27 -9.79 9.37 -1.69
CA GLN B 27 -10.56 8.25 -1.18
C GLN B 27 -10.55 7.09 -2.17
N GLY B 28 -10.62 7.41 -3.46
CA GLY B 28 -10.54 6.39 -4.48
C GLY B 28 -9.23 5.64 -4.45
N PHE B 29 -8.15 6.38 -4.27
CA PHE B 29 -6.82 5.77 -4.16
C PHE B 29 -6.73 4.96 -2.87
N ASN B 30 -7.22 5.54 -1.79
CA ASN B 30 -7.26 4.88 -0.48
C ASN B 30 -8.06 3.59 -0.56
N GLU B 31 -9.06 3.58 -1.43
CA GLU B 31 -9.90 2.41 -1.62
C GLU B 31 -9.11 1.34 -2.37
N TYR B 32 -8.50 1.76 -3.47
CA TYR B 32 -7.65 0.88 -4.27
C TYR B 32 -6.53 0.27 -3.43
N VAL B 33 -5.77 1.14 -2.75
CA VAL B 33 -4.63 0.69 -1.99
C VAL B 33 -5.06 -0.18 -0.80
N GLN B 34 -6.20 0.13 -0.19
CA GLN B 34 -6.68 -0.61 0.97
C GLN B 34 -6.73 -2.11 0.68
N GLU B 35 -7.18 -2.45 -0.52
CA GLU B 35 -7.29 -3.84 -0.93
C GLU B 35 -5.92 -4.52 -0.93
N ARG B 36 -4.92 -3.86 -1.53
CA ARG B 36 -3.62 -4.47 -1.70
C ARG B 36 -2.80 -4.33 -0.41
N LEU B 37 -3.16 -3.37 0.42
CA LEU B 37 -2.45 -3.15 1.68
C LEU B 37 -2.67 -4.33 2.59
N ASP B 38 -3.86 -4.92 2.48
CA ASP B 38 -4.21 -6.08 3.27
C ASP B 38 -3.70 -7.36 2.60
N ARG B 39 -3.93 -7.46 1.29
CA ARG B 39 -3.54 -8.65 0.53
C ARG B 39 -2.03 -8.82 0.49
N ILE B 40 -1.31 -7.77 0.11
CA ILE B 40 0.15 -7.84 0.02
C ILE B 40 0.74 -8.31 1.34
N THR B 41 0.25 -7.74 2.44
CA THR B 41 0.82 -8.00 3.74
C THR B 41 0.86 -9.49 4.06
N ASP B 42 -0.26 -10.18 3.85
CA ASP B 42 -0.36 -11.59 4.24
C ASP B 42 0.68 -12.43 3.52
N ASP B 43 0.62 -12.42 2.20
CA ASP B 43 1.61 -13.11 1.37
C ASP B 43 3.02 -12.65 1.71
N PHE B 44 3.16 -11.37 2.02
CA PHE B 44 4.48 -10.76 2.22
C PHE B 44 5.08 -11.23 3.55
N VAL B 45 4.37 -10.98 4.65
CA VAL B 45 4.85 -11.38 5.97
C VAL B 45 5.08 -12.89 6.06
N LYS B 46 4.24 -13.68 5.39
CA LYS B 46 4.43 -15.12 5.36
C LYS B 46 5.63 -15.51 4.49
N MET B 47 5.73 -14.88 3.32
CA MET B 47 6.83 -15.14 2.41
C MET B 47 8.17 -14.85 3.06
N LYS B 48 8.24 -13.75 3.82
CA LYS B 48 9.48 -13.39 4.52
C LYS B 48 9.89 -14.49 5.49
N ASP B 49 8.94 -14.88 6.34
CA ASP B 49 9.17 -15.94 7.32
C ASP B 49 9.67 -17.22 6.68
N ASN B 50 8.98 -17.67 5.63
CA ASN B 50 9.34 -18.91 4.95
C ASN B 50 10.61 -18.76 4.14
N PHE B 51 10.72 -17.63 3.44
CA PHE B 51 11.94 -17.27 2.69
C PHE B 51 13.20 -17.54 3.50
N GLU B 52 13.22 -17.10 4.76
CA GLU B 52 14.36 -17.33 5.64
C GLU B 52 14.61 -18.83 5.81
N THR B 53 13.53 -19.54 6.09
CA THR B 53 13.58 -21.00 6.24
C THR B 53 14.17 -21.64 4.98
N LEU B 54 13.56 -21.36 3.83
CA LEU B 54 14.02 -21.93 2.56
C LEU B 54 15.42 -21.48 2.21
N ARG B 55 15.79 -20.30 2.69
CA ARG B 55 17.11 -19.77 2.43
C ARG B 55 18.15 -20.56 3.19
N THR B 56 18.03 -20.65 4.51
CA THR B 56 19.00 -21.39 5.31
C THR B 56 19.12 -22.83 4.84
N GLU B 57 17.98 -23.49 4.70
CA GLU B 57 17.94 -24.89 4.32
C GLU B 57 18.65 -25.11 3.00
N LEU B 58 18.16 -24.46 1.95
CA LEU B 58 18.74 -24.58 0.64
C LEU B 58 20.17 -24.10 0.61
N SER B 59 20.42 -23.02 1.34
CA SER B 59 21.78 -22.48 1.48
C SER B 59 22.77 -23.59 1.84
N GLU B 60 22.38 -24.47 2.75
CA GLU B 60 23.25 -25.59 3.10
C GLU B 60 23.02 -26.74 2.12
N ALA B 61 21.76 -26.94 1.73
CA ALA B 61 21.37 -27.91 0.76
C ALA B 61 22.25 -27.92 -0.49
N GLN B 62 22.58 -26.75 -1.00
CA GLN B 62 23.26 -26.66 -2.29
C GLN B 62 24.72 -27.00 -2.13
N GLN B 63 25.23 -26.80 -0.93
CA GLN B 63 26.63 -27.08 -0.62
C GLN B 63 26.87 -28.59 -0.64
N LYS B 64 25.88 -29.34 -0.16
CA LYS B 64 25.99 -30.79 -0.11
C LYS B 64 25.53 -31.41 -1.42
N LEU B 65 24.58 -30.74 -2.09
CA LEU B 65 24.08 -31.20 -3.36
C LEU B 65 25.15 -31.17 -4.44
N ARG B 66 26.13 -30.28 -4.28
CA ARG B 66 27.22 -30.15 -5.25
C ARG B 66 28.06 -31.43 -5.34
N ARG B 67 27.81 -32.37 -4.43
CA ARG B 67 28.48 -33.66 -4.45
C ARG B 67 27.87 -34.55 -5.53
N GLN B 68 26.75 -34.11 -6.09
CA GLN B 68 26.05 -34.84 -7.14
C GLN B 68 25.66 -33.88 -8.27
N GLN B 69 25.20 -32.71 -7.87
CA GLN B 69 24.85 -31.64 -8.78
C GLN B 69 26.06 -30.75 -8.99
N ASP B 70 26.95 -31.14 -9.90
CA ASP B 70 28.18 -30.40 -10.12
C ASP B 70 27.94 -29.24 -11.08
N ASN B 71 26.90 -29.36 -11.89
CA ASN B 71 26.52 -28.30 -12.82
C ASN B 71 25.34 -27.52 -12.25
N SER A 1 -31.27 40.74 -1.67
CA SER A 1 -30.99 40.23 -3.03
C SER A 1 -30.18 38.93 -2.97
N PHE A 2 -29.15 38.89 -2.13
CA PHE A 2 -28.27 37.74 -2.04
C PHE A 2 -28.54 36.93 -0.77
N ASP A 3 -29.81 36.80 -0.43
CA ASP A 3 -30.19 36.08 0.78
C ASP A 3 -29.94 34.59 0.62
N ARG A 4 -30.01 34.12 -0.62
CA ARG A 4 -29.72 32.73 -0.91
C ARG A 4 -28.24 32.44 -0.70
N LEU A 5 -27.37 33.25 -1.30
CA LEU A 5 -25.93 33.11 -1.08
C LEU A 5 -25.59 33.25 0.39
N LEU A 6 -26.39 34.00 1.12
CA LEU A 6 -26.23 34.08 2.57
C LEU A 6 -26.52 32.72 3.20
N ALA A 7 -27.62 32.12 2.79
CA ALA A 7 -28.00 30.80 3.24
C ALA A 7 -26.98 29.74 2.83
N GLU A 8 -26.31 29.98 1.71
CA GLU A 8 -25.31 29.06 1.21
C GLU A 8 -23.95 29.34 1.83
N ASN A 9 -23.80 30.52 2.41
CA ASN A 9 -22.54 30.91 3.04
C ASN A 9 -22.31 30.06 4.26
N GLU A 10 -23.37 29.89 5.03
CA GLU A 10 -23.36 29.05 6.21
C GLU A 10 -23.22 27.59 5.80
N SER A 11 -23.85 27.26 4.69
CA SER A 11 -23.82 25.89 4.16
C SER A 11 -22.41 25.53 3.72
N LEU A 12 -21.76 26.42 2.98
CA LEU A 12 -20.42 26.17 2.46
C LEU A 12 -19.43 25.88 3.59
N GLN A 13 -19.17 26.89 4.41
CA GLN A 13 -18.28 26.75 5.56
C GLN A 13 -18.49 25.46 6.36
N GLN A 14 -19.73 25.01 6.52
CA GLN A 14 -20.00 23.81 7.29
C GLN A 14 -19.73 22.55 6.47
N LYS A 15 -20.01 22.65 5.17
CA LYS A 15 -19.80 21.54 4.26
C LYS A 15 -18.30 21.30 4.07
N ILE A 16 -17.52 22.36 4.20
CA ILE A 16 -16.08 22.29 4.03
C ILE A 16 -15.40 21.72 5.28
N ASN A 17 -16.09 21.85 6.42
CA ASN A 17 -15.57 21.32 7.68
C ASN A 17 -15.33 19.82 7.57
N SER A 18 -16.12 19.18 6.72
CA SER A 18 -15.94 17.77 6.44
C SER A 18 -14.81 17.56 5.45
N LEU A 19 -14.82 18.35 4.37
CA LEU A 19 -13.84 18.19 3.29
C LEU A 19 -12.41 18.44 3.77
N GLU A 20 -12.16 19.59 4.39
CA GLU A 20 -10.81 19.94 4.82
C GLU A 20 -10.22 18.86 5.71
N VAL A 21 -10.95 18.48 6.73
CA VAL A 21 -10.49 17.44 7.63
C VAL A 21 -10.26 16.13 6.89
N GLU A 22 -11.13 15.83 5.94
CA GLU A 22 -11.08 14.56 5.24
C GLU A 22 -9.93 14.52 4.22
N ALA A 23 -9.99 15.39 3.21
CA ALA A 23 -8.99 15.45 2.18
C ALA A 23 -7.57 15.51 2.72
N LYS A 24 -7.37 16.34 3.74
CA LYS A 24 -6.04 16.50 4.33
C LYS A 24 -5.56 15.20 4.98
N ARG A 25 -6.41 14.61 5.83
CA ARG A 25 -6.12 13.31 6.44
C ARG A 25 -5.82 12.27 5.37
N LEU A 26 -6.67 12.22 4.34
CA LEU A 26 -6.45 11.34 3.20
C LEU A 26 -5.06 11.54 2.60
N GLN A 27 -4.66 12.79 2.41
CA GLN A 27 -3.35 13.11 1.89
C GLN A 27 -2.25 12.62 2.82
N GLY A 28 -2.49 12.76 4.13
CA GLY A 28 -1.58 12.25 5.12
C GLY A 28 -1.40 10.74 5.01
N PHE A 29 -2.51 10.04 4.80
CA PHE A 29 -2.48 8.60 4.61
C PHE A 29 -1.82 8.25 3.29
N ASN A 30 -2.17 9.00 2.24
CA ASN A 30 -1.59 8.84 0.92
C ASN A 30 -0.08 9.05 0.96
N GLU A 31 0.36 9.92 1.85
CA GLU A 31 1.78 10.20 2.03
C GLU A 31 2.44 9.00 2.69
N TYR A 32 1.83 8.55 3.78
CA TYR A 32 2.31 7.38 4.52
C TYR A 32 2.37 6.16 3.61
N VAL A 33 1.25 5.83 2.98
CA VAL A 33 1.16 4.64 2.15
C VAL A 33 2.09 4.72 0.95
N GLN A 34 2.23 5.90 0.34
CA GLN A 34 3.09 6.07 -0.85
C GLN A 34 4.48 5.52 -0.58
N GLU A 35 5.01 5.84 0.59
CA GLU A 35 6.36 5.43 0.96
C GLU A 35 6.48 3.91 0.97
N ARG A 36 5.48 3.24 1.53
CA ARG A 36 5.53 1.79 1.67
C ARG A 36 5.07 1.09 0.40
N LEU A 37 4.29 1.80 -0.41
CA LEU A 37 3.73 1.23 -1.65
C LEU A 37 4.86 0.95 -2.63
N ASP A 38 5.86 1.81 -2.60
CA ASP A 38 6.99 1.70 -3.50
C ASP A 38 7.99 0.67 -3.02
N ARG A 39 8.40 0.79 -1.76
CA ARG A 39 9.46 -0.06 -1.23
C ARG A 39 9.02 -1.52 -1.09
N ILE A 40 7.72 -1.74 -0.84
CA ILE A 40 7.21 -3.09 -0.71
C ILE A 40 7.34 -3.86 -2.03
N THR A 41 7.08 -3.17 -3.14
CA THR A 41 7.13 -3.80 -4.46
C THR A 41 8.43 -4.56 -4.66
N ASP A 42 9.55 -3.86 -4.54
CA ASP A 42 10.87 -4.45 -4.80
C ASP A 42 11.10 -5.68 -3.91
N ASP A 43 11.04 -5.45 -2.61
CA ASP A 43 11.18 -6.52 -1.62
C ASP A 43 10.20 -7.66 -1.83
N PHE A 44 9.07 -7.38 -2.45
CA PHE A 44 8.08 -8.41 -2.72
C PHE A 44 8.39 -9.14 -4.04
N VAL A 45 8.35 -8.41 -5.14
CA VAL A 45 8.47 -9.00 -6.48
C VAL A 45 9.78 -9.75 -6.70
N LYS A 46 10.90 -9.14 -6.33
CA LYS A 46 12.20 -9.74 -6.59
C LYS A 46 12.49 -10.86 -5.60
N MET A 47 11.82 -10.82 -4.46
CA MET A 47 12.00 -11.86 -3.45
C MET A 47 11.20 -13.09 -3.83
N LYS A 48 10.12 -12.88 -4.58
CA LYS A 48 9.30 -13.99 -5.09
C LYS A 48 10.12 -14.77 -6.11
N ASP A 49 10.85 -14.02 -6.94
CA ASP A 49 11.74 -14.60 -7.94
C ASP A 49 12.70 -15.59 -7.29
N ASN A 50 13.38 -15.15 -6.25
CA ASN A 50 14.33 -16.01 -5.53
C ASN A 50 13.57 -17.11 -4.79
N PHE A 51 12.48 -16.73 -4.13
CA PHE A 51 11.60 -17.67 -3.44
C PHE A 51 11.27 -18.89 -4.28
N GLU A 52 10.67 -18.67 -5.46
CA GLU A 52 10.27 -19.77 -6.34
C GLU A 52 11.48 -20.59 -6.76
N THR A 53 12.55 -19.89 -7.11
CA THR A 53 13.82 -20.52 -7.43
C THR A 53 14.25 -21.48 -6.31
N LEU A 54 14.29 -20.95 -5.09
CA LEU A 54 14.68 -21.74 -3.93
C LEU A 54 13.68 -22.85 -3.65
N ARG A 55 12.41 -22.60 -3.96
CA ARG A 55 11.37 -23.58 -3.76
C ARG A 55 11.66 -24.81 -4.57
N THR A 56 11.74 -24.67 -5.88
CA THR A 56 12.01 -25.81 -6.75
C THR A 56 13.32 -26.49 -6.39
N GLU A 57 14.37 -25.69 -6.24
CA GLU A 57 15.69 -26.23 -5.94
C GLU A 57 15.68 -27.03 -4.64
N LEU A 58 15.31 -26.39 -3.54
CA LEU A 58 15.24 -27.07 -2.27
C LEU A 58 14.24 -28.20 -2.30
N SER A 59 13.13 -27.97 -2.97
CA SER A 59 12.11 -29.01 -3.17
C SER A 59 12.76 -30.31 -3.65
N GLU A 60 13.71 -30.22 -4.56
CA GLU A 60 14.43 -31.40 -5.02
C GLU A 60 15.58 -31.71 -4.07
N ALA A 61 16.24 -30.66 -3.59
CA ALA A 61 17.30 -30.77 -2.63
C ALA A 61 16.93 -31.58 -1.40
N GLN A 62 15.67 -31.52 -0.98
CA GLN A 62 15.24 -32.16 0.25
C GLN A 62 14.99 -33.63 0.01
N GLN A 63 14.65 -33.97 -1.24
CA GLN A 63 14.43 -35.35 -1.63
C GLN A 63 15.73 -36.12 -1.53
N LYS A 64 16.84 -35.43 -1.72
CA LYS A 64 18.15 -36.01 -1.59
C LYS A 64 18.63 -35.94 -0.14
N LEU A 65 18.35 -34.81 0.51
CA LEU A 65 18.77 -34.61 1.89
C LEU A 65 18.13 -35.61 2.84
N ARG A 66 16.90 -36.02 2.54
CA ARG A 66 16.19 -36.98 3.36
C ARG A 66 16.87 -38.35 3.30
N ARG A 67 17.84 -38.50 2.41
CA ARG A 67 18.53 -39.76 2.21
C ARG A 67 19.89 -39.75 2.90
N GLN A 68 20.09 -38.77 3.77
CA GLN A 68 21.33 -38.67 4.53
C GLN A 68 21.09 -37.92 5.84
N GLN A 69 20.47 -36.76 5.74
CA GLN A 69 20.21 -35.93 6.91
C GLN A 69 19.06 -36.52 7.72
N ASP A 70 18.13 -37.12 7.02
CA ASP A 70 16.98 -37.74 7.66
C ASP A 70 17.08 -39.26 7.55
N ASN A 71 18.30 -39.75 7.61
CA ASN A 71 18.54 -41.18 7.55
C ASN A 71 18.81 -41.73 8.94
N SER B 1 -24.99 44.67 4.30
CA SER B 1 -24.61 44.15 5.63
C SER B 1 -23.74 42.89 5.51
N PHE B 2 -24.13 41.98 4.63
CA PHE B 2 -23.41 40.72 4.47
C PHE B 2 -22.60 40.71 3.19
N ASP B 3 -21.98 41.84 2.87
CA ASP B 3 -21.20 41.97 1.64
C ASP B 3 -19.93 41.14 1.75
N ARG B 4 -19.44 40.96 2.96
CA ARG B 4 -18.26 40.12 3.19
C ARG B 4 -18.60 38.67 2.91
N LEU B 5 -19.68 38.16 3.51
CA LEU B 5 -20.12 36.80 3.25
C LEU B 5 -20.42 36.59 1.77
N LEU B 6 -20.80 37.66 1.09
CA LEU B 6 -20.97 37.62 -0.35
C LEU B 6 -19.63 37.37 -1.02
N ALA B 7 -18.62 38.13 -0.60
CA ALA B 7 -17.28 37.98 -1.09
C ALA B 7 -16.71 36.60 -0.76
N GLU B 8 -17.17 36.03 0.35
CA GLU B 8 -16.70 34.73 0.79
C GLU B 8 -17.51 33.62 0.12
N ASN B 9 -18.66 33.97 -0.41
CA ASN B 9 -19.54 33.00 -1.06
C ASN B 9 -18.87 32.51 -2.34
N GLU B 10 -18.31 33.47 -3.07
CA GLU B 10 -17.57 33.17 -4.28
C GLU B 10 -16.28 32.44 -3.93
N SER B 11 -15.69 32.84 -2.81
CA SER B 11 -14.45 32.25 -2.34
C SER B 11 -14.66 30.79 -1.95
N LEU B 12 -15.72 30.51 -1.21
CA LEU B 12 -16.01 29.16 -0.74
C LEU B 12 -16.16 28.20 -1.90
N GLN B 13 -17.20 28.40 -2.71
CA GLN B 13 -17.46 27.57 -3.89
C GLN B 13 -16.20 27.28 -4.72
N GLN B 14 -15.31 28.26 -4.87
CA GLN B 14 -14.11 28.06 -5.69
C GLN B 14 -13.05 27.29 -4.92
N LYS B 15 -13.00 27.52 -3.61
CA LYS B 15 -12.05 26.85 -2.74
C LYS B 15 -12.40 25.37 -2.61
N ILE B 16 -13.69 25.08 -2.73
CA ILE B 16 -14.19 23.72 -2.62
C ILE B 16 -13.97 22.94 -3.90
N ASN B 17 -13.84 23.66 -5.01
CA ASN B 17 -13.59 23.05 -6.31
C ASN B 17 -12.31 22.22 -6.25
N SER B 18 -11.38 22.66 -5.41
CA SER B 18 -10.15 21.93 -5.19
C SER B 18 -10.38 20.75 -4.25
N LEU B 19 -11.09 21.01 -3.15
CA LEU B 19 -11.32 20.01 -2.11
C LEU B 19 -12.11 18.82 -2.62
N GLU B 20 -13.27 19.08 -3.21
CA GLU B 20 -14.14 18.00 -3.66
C GLU B 20 -13.41 17.07 -4.61
N VAL B 21 -12.77 17.63 -5.62
CA VAL B 21 -12.04 16.84 -6.59
C VAL B 21 -10.90 16.08 -5.90
N GLU B 22 -10.26 16.72 -4.93
CA GLU B 22 -9.09 16.14 -4.28
C GLU B 22 -9.49 15.03 -3.31
N ALA B 23 -10.25 15.37 -2.27
CA ALA B 23 -10.68 14.43 -1.26
C ALA B 23 -11.31 13.17 -1.85
N LYS B 24 -12.17 13.35 -2.84
CA LYS B 24 -12.86 12.23 -3.48
C LYS B 24 -11.87 11.31 -4.20
N ARG B 25 -11.01 11.90 -5.04
CA ARG B 25 -9.94 11.15 -5.70
C ARG B 25 -9.08 10.41 -4.68
N LEU B 26 -8.68 11.12 -3.63
CA LEU B 26 -7.93 10.53 -2.53
C LEU B 26 -8.64 9.31 -1.97
N GLN B 27 -9.95 9.43 -1.74
CA GLN B 27 -10.76 8.32 -1.25
C GLN B 27 -10.75 7.16 -2.24
N GLY B 28 -10.83 7.51 -3.53
CA GLY B 28 -10.73 6.49 -4.57
C GLY B 28 -9.42 5.74 -4.52
N PHE B 29 -8.33 6.47 -4.30
CA PHE B 29 -7.01 5.86 -4.18
C PHE B 29 -6.93 5.06 -2.89
N ASN B 30 -7.45 5.63 -1.81
CA ASN B 30 -7.50 4.97 -0.50
C ASN B 30 -8.29 3.67 -0.60
N GLU B 31 -9.29 3.65 -1.46
CA GLU B 31 -10.11 2.47 -1.68
C GLU B 31 -9.29 1.41 -2.41
N TYR B 32 -8.66 1.85 -3.50
CA TYR B 32 -7.79 0.99 -4.30
C TYR B 32 -6.67 0.41 -3.44
N VAL B 33 -5.92 1.28 -2.78
CA VAL B 33 -4.77 0.86 -1.99
C VAL B 33 -5.18 -0.03 -0.82
N GLN B 34 -6.31 0.28 -0.18
CA GLN B 34 -6.78 -0.49 0.98
C GLN B 34 -6.83 -1.97 0.65
N GLU B 35 -7.35 -2.28 -0.52
CA GLU B 35 -7.52 -3.66 -0.95
C GLU B 35 -6.17 -4.37 -1.03
N ARG B 36 -5.17 -3.69 -1.58
CA ARG B 36 -3.86 -4.31 -1.78
C ARG B 36 -3.01 -4.21 -0.52
N LEU B 37 -3.34 -3.25 0.35
CA LEU B 37 -2.55 -3.02 1.57
C LEU B 37 -2.73 -4.20 2.50
N ASP B 38 -3.92 -4.79 2.47
CA ASP B 38 -4.25 -5.92 3.35
C ASP B 38 -3.72 -7.23 2.79
N ARG B 39 -3.99 -7.49 1.52
CA ARG B 39 -3.65 -8.77 0.92
C ARG B 39 -2.13 -8.94 0.74
N ILE B 40 -1.43 -7.82 0.52
CA ILE B 40 0.02 -7.87 0.36
C ILE B 40 0.69 -8.36 1.63
N THR B 41 0.19 -7.91 2.78
CA THR B 41 0.78 -8.26 4.06
C THR B 41 0.97 -9.76 4.20
N ASP B 42 -0.12 -10.51 4.07
CA ASP B 42 -0.09 -11.96 4.26
C ASP B 42 0.91 -12.61 3.32
N ASP B 43 0.70 -12.41 2.03
CA ASP B 43 1.60 -12.92 0.99
C ASP B 43 3.04 -12.48 1.18
N PHE B 44 3.25 -11.36 1.86
CA PHE B 44 4.60 -10.87 2.12
C PHE B 44 5.17 -11.50 3.40
N VAL B 45 4.54 -11.22 4.54
CA VAL B 45 5.07 -11.63 5.84
C VAL B 45 5.23 -13.14 5.99
N LYS B 46 4.22 -13.91 5.60
CA LYS B 46 4.27 -15.36 5.79
C LYS B 46 5.17 -16.01 4.76
N MET B 47 5.37 -15.33 3.64
CA MET B 47 6.22 -15.85 2.58
C MET B 47 7.68 -15.62 2.95
N LYS B 48 7.94 -14.57 3.74
CA LYS B 48 9.28 -14.30 4.23
C LYS B 48 9.70 -15.40 5.20
N ASP B 49 8.75 -15.82 6.03
CA ASP B 49 8.96 -16.91 6.97
C ASP B 49 9.47 -18.15 6.25
N ASN B 50 8.76 -18.55 5.21
CA ASN B 50 9.16 -19.72 4.42
C ASN B 50 10.46 -19.43 3.67
N PHE B 51 10.53 -18.24 3.07
CA PHE B 51 11.71 -17.78 2.35
C PHE B 51 13.00 -18.00 3.17
N GLU B 52 13.05 -17.42 4.37
CA GLU B 52 14.24 -17.53 5.22
C GLU B 52 14.52 -18.98 5.57
N THR B 53 13.47 -19.70 5.90
CA THR B 53 13.55 -21.13 6.17
C THR B 53 14.24 -21.84 5.00
N LEU B 54 13.71 -21.63 3.80
CA LEU B 54 14.26 -22.24 2.59
C LEU B 54 15.67 -21.74 2.31
N ARG B 55 15.93 -20.50 2.66
CA ARG B 55 17.25 -19.91 2.46
C ARG B 55 18.28 -20.70 3.21
N THR B 56 18.15 -20.78 4.52
CA THR B 56 19.11 -21.51 5.34
C THR B 56 19.21 -22.96 4.90
N GLU B 57 18.06 -23.61 4.75
CA GLU B 57 18.02 -25.02 4.38
C GLU B 57 18.74 -25.26 3.06
N LEU B 58 18.27 -24.63 2.00
CA LEU B 58 18.88 -24.77 0.71
C LEU B 58 20.32 -24.30 0.72
N SER B 59 20.56 -23.22 1.44
CA SER B 59 21.93 -22.71 1.62
C SER B 59 22.89 -23.84 2.03
N GLU B 60 22.43 -24.72 2.93
CA GLU B 60 23.25 -25.86 3.31
C GLU B 60 23.06 -27.00 2.32
N ALA B 61 21.82 -27.17 1.85
CA ALA B 61 21.47 -28.13 0.85
C ALA B 61 22.35 -28.07 -0.41
N GLN B 62 22.77 -26.86 -0.77
CA GLN B 62 23.50 -26.66 -2.01
C GLN B 62 24.96 -27.02 -1.81
N GLN B 63 25.42 -26.91 -0.58
CA GLN B 63 26.80 -27.26 -0.22
C GLN B 63 26.99 -28.76 -0.41
N LYS B 64 25.91 -29.50 -0.22
CA LYS B 64 25.94 -30.94 -0.43
C LYS B 64 25.65 -31.28 -1.89
N LEU B 65 24.70 -30.56 -2.48
CA LEU B 65 24.31 -30.79 -3.87
C LEU B 65 25.47 -30.55 -4.83
N ARG B 66 26.33 -29.60 -4.50
CA ARG B 66 27.49 -29.30 -5.34
C ARG B 66 28.47 -30.47 -5.36
N ARG B 67 28.24 -31.45 -4.50
CA ARG B 67 29.14 -32.59 -4.38
C ARG B 67 28.58 -33.80 -5.11
N GLN B 68 27.57 -33.55 -5.95
CA GLN B 68 26.97 -34.62 -6.75
C GLN B 68 26.35 -34.06 -8.02
N GLN B 69 25.53 -33.03 -7.86
CA GLN B 69 24.84 -32.41 -8.98
C GLN B 69 25.81 -31.54 -9.78
N ASP B 70 26.75 -30.96 -9.06
CA ASP B 70 27.78 -30.11 -9.68
C ASP B 70 29.12 -30.82 -9.63
N ASN B 71 29.10 -32.13 -9.76
CA ASN B 71 30.31 -32.93 -9.76
C ASN B 71 30.67 -33.31 -11.19
N SER A 1 -31.51 38.61 -3.48
CA SER A 1 -30.73 37.72 -4.34
C SER A 1 -29.49 37.22 -3.60
N PHE A 2 -28.74 38.14 -3.00
CA PHE A 2 -27.52 37.78 -2.27
C PHE A 2 -27.86 37.04 -1.00
N ASP A 3 -29.09 37.25 -0.52
CA ASP A 3 -29.61 36.55 0.64
C ASP A 3 -29.65 35.05 0.38
N ARG A 4 -29.87 34.67 -0.87
CA ARG A 4 -29.90 33.27 -1.26
C ARG A 4 -28.49 32.69 -1.27
N LEU A 5 -27.51 33.54 -1.56
CA LEU A 5 -26.11 33.11 -1.52
C LEU A 5 -25.66 33.02 -0.07
N LEU A 6 -26.39 33.69 0.80
CA LEU A 6 -26.14 33.63 2.22
C LEU A 6 -26.59 32.27 2.75
N ALA A 7 -27.64 31.73 2.13
CA ALA A 7 -28.13 30.42 2.46
C ALA A 7 -27.07 29.33 2.23
N GLU A 8 -26.34 29.45 1.12
CA GLU A 8 -25.30 28.49 0.81
C GLU A 8 -24.01 28.81 1.57
N ASN A 9 -23.94 30.04 2.08
CA ASN A 9 -22.77 30.49 2.83
C ASN A 9 -22.55 29.57 4.03
N GLU A 10 -23.62 29.35 4.78
CA GLU A 10 -23.60 28.43 5.91
C GLU A 10 -23.31 27.01 5.45
N SER A 11 -23.91 26.62 4.32
CA SER A 11 -23.73 25.29 3.78
C SER A 11 -22.27 25.04 3.39
N LEU A 12 -21.64 26.05 2.82
CA LEU A 12 -20.25 25.95 2.41
C LEU A 12 -19.35 25.72 3.63
N GLN A 13 -19.55 26.52 4.66
CA GLN A 13 -18.71 26.44 5.85
C GLN A 13 -18.78 25.06 6.49
N GLN A 14 -20.00 24.53 6.62
CA GLN A 14 -20.21 23.24 7.26
C GLN A 14 -19.73 22.08 6.39
N LYS A 15 -19.86 22.22 5.07
CA LYS A 15 -19.43 21.17 4.15
C LYS A 15 -17.91 21.07 4.12
N ILE A 16 -17.25 22.21 4.20
CA ILE A 16 -15.80 22.25 4.14
C ILE A 16 -15.17 21.79 5.44
N ASN A 17 -15.93 21.94 6.53
CA ASN A 17 -15.48 21.44 7.84
C ASN A 17 -15.26 19.93 7.75
N SER A 18 -15.96 19.30 6.82
CA SER A 18 -15.78 17.90 6.55
C SER A 18 -14.62 17.70 5.56
N LEU A 19 -14.66 18.46 4.46
CA LEU A 19 -13.69 18.32 3.39
C LEU A 19 -12.25 18.61 3.84
N GLU A 20 -12.03 19.77 4.46
CA GLU A 20 -10.67 20.16 4.83
C GLU A 20 -10.07 19.19 5.84
N VAL A 21 -10.91 18.51 6.60
CA VAL A 21 -10.43 17.49 7.51
C VAL A 21 -10.22 16.18 6.76
N GLU A 22 -11.16 15.85 5.88
CA GLU A 22 -11.14 14.59 5.17
C GLU A 22 -10.01 14.54 4.13
N ALA A 23 -10.07 15.43 3.15
CA ALA A 23 -9.07 15.48 2.12
C ALA A 23 -7.64 15.49 2.70
N LYS A 24 -7.45 16.23 3.78
CA LYS A 24 -6.12 16.35 4.39
C LYS A 24 -5.66 15.03 5.03
N ARG A 25 -6.50 14.44 5.89
CA ARG A 25 -6.16 13.16 6.51
C ARG A 25 -5.87 12.12 5.42
N LEU A 26 -6.69 12.12 4.38
CA LEU A 26 -6.47 11.29 3.20
C LEU A 26 -5.06 11.51 2.63
N GLN A 27 -4.69 12.77 2.43
CA GLN A 27 -3.37 13.12 1.90
C GLN A 27 -2.27 12.57 2.81
N GLY A 28 -2.48 12.69 4.12
CA GLY A 28 -1.52 12.16 5.07
C GLY A 28 -1.35 10.66 4.93
N PHE A 29 -2.45 9.96 4.70
CA PHE A 29 -2.41 8.52 4.51
C PHE A 29 -1.80 8.18 3.16
N ASN A 30 -2.21 8.91 2.13
CA ASN A 30 -1.72 8.71 0.76
C ASN A 30 -0.22 8.96 0.70
N GLU A 31 0.27 9.79 1.61
CA GLU A 31 1.68 10.11 1.68
C GLU A 31 2.41 8.99 2.42
N TYR A 32 1.83 8.57 3.54
CA TYR A 32 2.36 7.46 4.33
C TYR A 32 2.42 6.18 3.50
N VAL A 33 1.28 5.82 2.91
CA VAL A 33 1.20 4.59 2.13
C VAL A 33 2.15 4.64 0.94
N GLN A 34 2.31 5.82 0.35
CA GLN A 34 3.19 5.98 -0.81
C GLN A 34 4.58 5.47 -0.51
N GLU A 35 5.04 5.69 0.71
CA GLU A 35 6.37 5.25 1.12
C GLU A 35 6.45 3.74 1.15
N ARG A 36 5.44 3.08 1.72
CA ARG A 36 5.50 1.64 1.93
C ARG A 36 5.05 0.90 0.67
N LEU A 37 4.29 1.57 -0.18
CA LEU A 37 3.75 0.94 -1.39
C LEU A 37 4.90 0.49 -2.28
N ASP A 38 5.84 1.39 -2.50
CA ASP A 38 7.00 1.08 -3.33
C ASP A 38 8.00 0.21 -2.59
N ARG A 39 8.25 0.55 -1.33
CA ARG A 39 9.20 -0.20 -0.52
C ARG A 39 8.80 -1.66 -0.38
N ILE A 40 7.52 -1.91 -0.17
CA ILE A 40 7.02 -3.28 -0.12
C ILE A 40 7.18 -3.94 -1.48
N THR A 41 6.82 -3.22 -2.54
CA THR A 41 6.80 -3.79 -3.88
C THR A 41 8.14 -4.42 -4.23
N ASP A 42 9.23 -3.68 -4.01
CA ASP A 42 10.55 -4.16 -4.40
C ASP A 42 10.88 -5.49 -3.74
N ASP A 43 10.86 -5.51 -2.41
CA ASP A 43 11.06 -6.75 -1.66
C ASP A 43 10.05 -7.82 -2.06
N PHE A 44 8.84 -7.39 -2.37
CA PHE A 44 7.77 -8.30 -2.72
C PHE A 44 8.06 -8.97 -4.06
N VAL A 45 8.14 -8.16 -5.11
CA VAL A 45 8.38 -8.68 -6.45
C VAL A 45 9.73 -9.38 -6.57
N LYS A 46 10.78 -8.87 -5.92
CA LYS A 46 12.09 -9.50 -6.02
C LYS A 46 12.14 -10.82 -5.26
N MET A 47 11.54 -10.88 -4.07
CA MET A 47 11.58 -12.11 -3.29
C MET A 47 10.78 -13.21 -3.95
N LYS A 48 9.75 -12.84 -4.72
CA LYS A 48 8.95 -13.84 -5.42
C LYS A 48 9.82 -14.59 -6.43
N ASP A 49 10.58 -13.83 -7.20
CA ASP A 49 11.50 -14.38 -8.19
C ASP A 49 12.41 -15.43 -7.56
N ASN A 50 13.07 -15.06 -6.47
CA ASN A 50 14.01 -15.94 -5.80
C ASN A 50 13.29 -17.04 -5.03
N PHE A 51 12.19 -16.67 -4.37
CA PHE A 51 11.34 -17.62 -3.64
C PHE A 51 11.09 -18.88 -4.45
N GLU A 52 10.65 -18.71 -5.70
CA GLU A 52 10.36 -19.85 -6.56
C GLU A 52 11.62 -20.63 -6.89
N THR A 53 12.71 -19.90 -7.15
CA THR A 53 14.00 -20.50 -7.41
C THR A 53 14.42 -21.39 -6.25
N LEU A 54 14.43 -20.82 -5.04
CA LEU A 54 14.78 -21.56 -3.83
C LEU A 54 13.79 -22.69 -3.58
N ARG A 55 12.57 -22.48 -4.02
CA ARG A 55 11.52 -23.46 -3.83
C ARG A 55 11.81 -24.71 -4.65
N THR A 56 11.95 -24.57 -5.97
CA THR A 56 12.23 -25.72 -6.82
C THR A 56 13.50 -26.44 -6.39
N GLU A 57 14.56 -25.67 -6.22
CA GLU A 57 15.86 -26.21 -5.85
C GLU A 57 15.76 -27.03 -4.57
N LEU A 58 15.36 -26.37 -3.49
CA LEU A 58 15.23 -27.03 -2.22
C LEU A 58 14.19 -28.14 -2.26
N SER A 59 13.12 -27.89 -2.97
CA SER A 59 12.07 -28.90 -3.17
C SER A 59 12.68 -30.24 -3.58
N GLU A 60 13.67 -30.22 -4.48
CA GLU A 60 14.36 -31.43 -4.87
C GLU A 60 15.48 -31.74 -3.88
N ALA A 61 16.16 -30.68 -3.42
CA ALA A 61 17.19 -30.78 -2.43
C ALA A 61 16.80 -31.60 -1.20
N GLN A 62 15.57 -31.43 -0.73
CA GLN A 62 15.15 -32.02 0.53
C GLN A 62 14.86 -33.50 0.35
N GLN A 63 14.59 -33.88 -0.88
CA GLN A 63 14.38 -35.27 -1.22
C GLN A 63 15.67 -36.05 -1.05
N LYS A 64 16.78 -35.38 -1.31
CA LYS A 64 18.09 -35.98 -1.15
C LYS A 64 18.60 -35.80 0.28
N LEU A 65 18.39 -34.60 0.83
CA LEU A 65 18.88 -34.26 2.16
C LEU A 65 18.33 -35.16 3.25
N ARG A 66 17.13 -35.67 3.05
CA ARG A 66 16.47 -36.53 4.03
C ARG A 66 17.29 -37.81 4.28
N ARG A 67 18.30 -38.04 3.46
CA ARG A 67 19.15 -39.21 3.62
C ARG A 67 20.27 -38.94 4.60
N GLN A 68 20.72 -37.70 4.66
CA GLN A 68 21.82 -37.32 5.54
C GLN A 68 21.80 -35.82 5.83
N GLN A 69 20.85 -35.41 6.66
CA GLN A 69 20.78 -34.03 7.11
C GLN A 69 20.56 -34.03 8.63
N ASP A 70 21.45 -34.70 9.32
CA ASP A 70 21.39 -34.78 10.77
C ASP A 70 21.94 -33.52 11.39
N ASN A 71 22.75 -32.80 10.60
CA ASN A 71 23.32 -31.54 11.03
C ASN A 71 22.36 -30.40 10.70
N SER B 1 -22.82 44.03 5.99
CA SER B 1 -22.30 42.91 6.80
C SER B 1 -22.36 41.61 6.01
N PHE B 2 -23.52 41.32 5.42
CA PHE B 2 -23.71 40.09 4.65
C PHE B 2 -22.92 40.16 3.35
N ASP B 3 -22.65 41.38 2.92
CA ASP B 3 -21.84 41.63 1.74
C ASP B 3 -20.42 41.07 1.93
N ARG B 4 -19.96 41.08 3.17
CA ARG B 4 -18.65 40.53 3.49
C ARG B 4 -18.68 39.01 3.44
N LEU B 5 -19.83 38.43 3.75
CA LEU B 5 -19.98 36.99 3.66
C LEU B 5 -20.13 36.59 2.20
N LEU B 6 -20.49 37.56 1.37
CA LEU B 6 -20.57 37.37 -0.07
C LEU B 6 -19.16 37.26 -0.64
N ALA B 7 -18.23 37.98 -0.01
CA ALA B 7 -16.84 37.93 -0.38
C ALA B 7 -16.28 36.52 -0.24
N GLU B 8 -16.63 35.85 0.85
CA GLU B 8 -16.14 34.50 1.10
C GLU B 8 -16.97 33.49 0.32
N ASN B 9 -18.15 33.92 -0.13
CA ASN B 9 -19.04 33.05 -0.89
C ASN B 9 -18.32 32.54 -2.14
N GLU B 10 -17.71 33.47 -2.86
CA GLU B 10 -16.92 33.14 -4.03
C GLU B 10 -15.72 32.28 -3.64
N SER B 11 -15.09 32.64 -2.53
CA SER B 11 -13.92 31.92 -2.04
C SER B 11 -14.26 30.47 -1.71
N LEU B 12 -15.42 30.26 -1.11
CA LEU B 12 -15.87 28.92 -0.74
C LEU B 12 -16.04 28.06 -1.99
N GLN B 13 -16.74 28.60 -2.98
CA GLN B 13 -17.03 27.84 -4.19
C GLN B 13 -15.76 27.39 -4.89
N GLN B 14 -14.79 28.31 -5.01
CA GLN B 14 -13.54 28.02 -5.71
C GLN B 14 -12.64 27.08 -4.90
N LYS B 15 -12.68 27.21 -3.57
CA LYS B 15 -11.86 26.37 -2.71
C LYS B 15 -12.37 24.93 -2.73
N ILE B 16 -13.68 24.78 -2.77
CA ILE B 16 -14.29 23.46 -2.74
C ILE B 16 -14.16 22.76 -4.08
N ASN B 17 -14.02 23.55 -5.15
CA ASN B 17 -13.79 23.01 -6.48
C ASN B 17 -12.49 22.20 -6.47
N SER B 18 -11.60 22.56 -5.55
CA SER B 18 -10.37 21.82 -5.35
C SER B 18 -10.63 20.65 -4.40
N LEU B 19 -11.27 20.93 -3.26
CA LEU B 19 -11.50 19.93 -2.22
C LEU B 19 -12.34 18.76 -2.69
N GLU B 20 -13.51 19.03 -3.26
CA GLU B 20 -14.42 17.95 -3.66
C GLU B 20 -13.80 17.05 -4.71
N VAL B 21 -12.87 17.59 -5.49
CA VAL B 21 -12.14 16.79 -6.46
C VAL B 21 -11.01 16.05 -5.78
N GLU B 22 -10.31 16.73 -4.90
CA GLU B 22 -9.13 16.20 -4.24
C GLU B 22 -9.50 15.10 -3.24
N ALA B 23 -10.27 15.46 -2.21
CA ALA B 23 -10.68 14.51 -1.20
C ALA B 23 -11.28 13.24 -1.81
N LYS B 24 -12.06 13.40 -2.87
CA LYS B 24 -12.71 12.25 -3.50
C LYS B 24 -11.70 11.34 -4.22
N ARG B 25 -10.87 11.91 -5.08
CA ARG B 25 -9.83 11.12 -5.75
C ARG B 25 -8.95 10.40 -4.73
N LEU B 26 -8.61 11.12 -3.66
CA LEU B 26 -7.90 10.53 -2.53
C LEU B 26 -8.63 9.30 -1.98
N GLN B 27 -9.94 9.46 -1.73
CA GLN B 27 -10.77 8.36 -1.24
C GLN B 27 -10.72 7.17 -2.19
N GLY B 28 -10.79 7.46 -3.48
CA GLY B 28 -10.72 6.41 -4.49
C GLY B 28 -9.40 5.65 -4.42
N PHE B 29 -8.32 6.38 -4.18
CA PHE B 29 -7.00 5.77 -4.07
C PHE B 29 -6.89 5.01 -2.74
N ASN B 30 -7.35 5.64 -1.68
CA ASN B 30 -7.34 5.05 -0.34
C ASN B 30 -8.16 3.77 -0.30
N GLU B 31 -9.14 3.69 -1.18
CA GLU B 31 -9.99 2.52 -1.27
C GLU B 31 -9.29 1.43 -2.08
N TYR B 32 -8.70 1.85 -3.20
CA TYR B 32 -7.92 0.95 -4.05
C TYR B 32 -6.74 0.37 -3.28
N VAL B 33 -5.94 1.24 -2.67
CA VAL B 33 -4.76 0.80 -1.95
C VAL B 33 -5.14 -0.10 -0.78
N GLN B 34 -6.26 0.19 -0.14
CA GLN B 34 -6.74 -0.60 1.00
C GLN B 34 -6.82 -2.08 0.63
N GLU B 35 -7.25 -2.35 -0.59
CA GLU B 35 -7.38 -3.72 -1.05
C GLU B 35 -6.01 -4.39 -1.15
N ARG B 36 -5.03 -3.70 -1.73
CA ARG B 36 -3.74 -4.32 -1.98
C ARG B 36 -2.84 -4.26 -0.76
N LEU B 37 -3.13 -3.32 0.15
CA LEU B 37 -2.30 -3.13 1.32
C LEU B 37 -2.32 -4.39 2.17
N ASP B 38 -3.51 -4.92 2.41
CA ASP B 38 -3.65 -6.13 3.20
C ASP B 38 -3.28 -7.36 2.40
N ARG B 39 -3.73 -7.41 1.15
CA ARG B 39 -3.45 -8.55 0.28
C ARG B 39 -1.95 -8.75 0.08
N ILE B 40 -1.22 -7.66 -0.11
CA ILE B 40 0.23 -7.74 -0.20
C ILE B 40 0.82 -8.22 1.12
N THR B 41 0.34 -7.63 2.23
CA THR B 41 0.91 -7.89 3.53
C THR B 41 0.97 -9.38 3.82
N ASP B 42 -0.14 -10.08 3.61
CA ASP B 42 -0.23 -11.50 3.94
C ASP B 42 0.85 -12.30 3.21
N ASP B 43 0.84 -12.24 1.88
CA ASP B 43 1.87 -12.89 1.07
C ASP B 43 3.26 -12.39 1.45
N PHE B 44 3.35 -11.12 1.81
CA PHE B 44 4.63 -10.52 2.14
C PHE B 44 5.17 -11.09 3.45
N VAL B 45 4.42 -10.90 4.52
CA VAL B 45 4.84 -11.37 5.83
C VAL B 45 4.95 -12.90 5.89
N LYS B 46 4.05 -13.63 5.25
CA LYS B 46 4.11 -15.09 5.28
C LYS B 46 5.27 -15.63 4.46
N MET B 47 5.54 -15.05 3.29
CA MET B 47 6.63 -15.54 2.45
C MET B 47 7.97 -15.26 3.09
N LYS B 48 8.07 -14.21 3.88
CA LYS B 48 9.33 -13.90 4.57
C LYS B 48 9.70 -15.03 5.51
N ASP B 49 8.73 -15.46 6.30
CA ASP B 49 8.89 -16.56 7.25
C ASP B 49 9.48 -17.79 6.55
N ASN B 50 8.84 -18.20 5.46
CA ASN B 50 9.26 -19.39 4.73
C ASN B 50 10.54 -19.13 3.92
N PHE B 51 10.61 -17.94 3.31
CA PHE B 51 11.79 -17.51 2.56
C PHE B 51 13.07 -17.81 3.32
N GLU B 52 13.13 -17.39 4.58
CA GLU B 52 14.31 -17.60 5.41
C GLU B 52 14.54 -19.10 5.67
N THR B 53 13.45 -19.81 5.94
CA THR B 53 13.51 -21.24 6.13
C THR B 53 14.12 -21.93 4.91
N LEU B 54 13.55 -21.67 3.74
CA LEU B 54 14.04 -22.23 2.50
C LEU B 54 15.46 -21.77 2.20
N ARG B 55 15.77 -20.58 2.70
CA ARG B 55 17.09 -19.99 2.49
C ARG B 55 18.14 -20.79 3.24
N THR B 56 18.00 -20.91 4.56
CA THR B 56 18.98 -21.66 5.36
C THR B 56 19.11 -23.08 4.86
N GLU B 57 17.98 -23.76 4.70
CA GLU B 57 17.95 -25.15 4.28
C GLU B 57 18.70 -25.33 2.96
N LEU B 58 18.23 -24.66 1.92
CA LEU B 58 18.84 -24.74 0.63
C LEU B 58 20.27 -24.23 0.63
N SER B 59 20.49 -23.17 1.39
CA SER B 59 21.84 -22.62 1.58
C SER B 59 22.84 -23.72 1.90
N GLU B 60 22.46 -24.65 2.77
CA GLU B 60 23.31 -25.79 3.09
C GLU B 60 23.11 -26.90 2.07
N ALA B 61 21.86 -27.08 1.64
CA ALA B 61 21.50 -28.03 0.62
C ALA B 61 22.38 -27.94 -0.63
N GLN B 62 22.69 -26.72 -1.06
CA GLN B 62 23.36 -26.52 -2.35
C GLN B 62 24.84 -26.86 -2.22
N GLN B 63 25.34 -26.80 -1.00
CA GLN B 63 26.72 -27.17 -0.72
C GLN B 63 26.91 -28.66 -0.95
N LYS B 64 25.86 -29.43 -0.70
CA LYS B 64 25.89 -30.85 -0.92
C LYS B 64 25.48 -31.20 -2.35
N LEU B 65 24.45 -30.51 -2.84
CA LEU B 65 23.89 -30.76 -4.16
C LEU B 65 24.90 -30.57 -5.28
N ARG B 66 25.86 -29.68 -5.07
CA ARG B 66 26.87 -29.38 -6.08
C ARG B 66 27.71 -30.61 -6.40
N ARG B 67 27.55 -31.67 -5.62
CA ARG B 67 28.29 -32.90 -5.85
C ARG B 67 27.56 -33.80 -6.84
N GLN B 68 26.25 -33.70 -6.86
CA GLN B 68 25.44 -34.53 -7.75
C GLN B 68 24.06 -33.91 -7.97
N GLN B 69 24.03 -32.85 -8.75
CA GLN B 69 22.77 -32.23 -9.15
C GLN B 69 22.81 -31.96 -10.65
N ASP B 70 23.06 -33.02 -11.40
CA ASP B 70 23.11 -32.92 -12.86
C ASP B 70 21.71 -32.91 -13.42
N ASN B 71 20.76 -33.40 -12.63
CA ASN B 71 19.36 -33.40 -13.02
C ASN B 71 18.72 -32.08 -12.62
N SER A 1 -31.17 38.44 -6.18
CA SER A 1 -31.32 38.18 -4.74
C SER A 1 -30.08 37.47 -4.20
N PHE A 2 -29.09 38.25 -3.76
CA PHE A 2 -27.85 37.68 -3.27
C PHE A 2 -28.02 37.17 -1.85
N ASP A 3 -29.19 37.44 -1.26
CA ASP A 3 -29.52 36.94 0.06
C ASP A 3 -29.67 35.43 0.03
N ARG A 4 -30.04 34.91 -1.14
CA ARG A 4 -30.18 33.48 -1.35
C ARG A 4 -28.82 32.82 -1.47
N LEU A 5 -27.80 33.63 -1.71
CA LEU A 5 -26.42 33.15 -1.74
C LEU A 5 -25.92 33.03 -0.31
N LEU A 6 -26.58 33.74 0.59
CA LEU A 6 -26.24 33.71 2.00
C LEU A 6 -26.72 32.39 2.59
N ALA A 7 -27.80 31.87 2.02
CA ALA A 7 -28.31 30.57 2.38
C ALA A 7 -27.28 29.48 2.14
N GLU A 8 -26.53 29.60 1.05
CA GLU A 8 -25.48 28.64 0.74
C GLU A 8 -24.20 29.02 1.45
N ASN A 9 -24.11 30.29 1.82
CA ASN A 9 -22.94 30.80 2.52
C ASN A 9 -22.72 30.02 3.81
N GLU A 10 -23.78 29.94 4.61
CA GLU A 10 -23.75 29.19 5.87
C GLU A 10 -23.47 27.71 5.62
N SER A 11 -23.96 27.20 4.50
CA SER A 11 -23.85 25.79 4.18
C SER A 11 -22.41 25.44 3.79
N LEU A 12 -21.72 26.38 3.16
CA LEU A 12 -20.37 26.14 2.66
C LEU A 12 -19.40 25.80 3.80
N GLN A 13 -19.54 26.45 4.95
CA GLN A 13 -18.63 26.18 6.07
C GLN A 13 -18.87 24.80 6.65
N GLN A 14 -20.07 24.26 6.40
CA GLN A 14 -20.43 22.96 6.95
C GLN A 14 -19.91 21.84 6.07
N LYS A 15 -20.03 22.01 4.75
CA LYS A 15 -19.53 21.02 3.81
C LYS A 15 -18.01 20.96 3.86
N ILE A 16 -17.38 22.12 4.02
CA ILE A 16 -15.92 22.19 4.06
C ILE A 16 -15.40 21.70 5.39
N ASN A 17 -16.23 21.77 6.44
CA ASN A 17 -15.88 21.21 7.73
C ASN A 17 -15.61 19.72 7.60
N SER A 18 -16.25 19.12 6.62
CA SER A 18 -16.02 17.72 6.31
C SER A 18 -14.82 17.59 5.37
N LEU A 19 -14.81 18.40 4.31
CA LEU A 19 -13.80 18.31 3.27
C LEU A 19 -12.38 18.61 3.77
N GLU A 20 -12.17 19.77 4.40
CA GLU A 20 -10.83 20.16 4.84
C GLU A 20 -10.24 19.10 5.75
N VAL A 21 -11.06 18.54 6.62
CA VAL A 21 -10.60 17.50 7.53
C VAL A 21 -10.37 16.20 6.77
N GLU A 22 -11.25 15.90 5.82
CA GLU A 22 -11.21 14.63 5.11
C GLU A 22 -10.05 14.58 4.12
N ALA A 23 -10.08 15.47 3.11
CA ALA A 23 -9.07 15.51 2.09
C ALA A 23 -7.65 15.55 2.65
N LYS A 24 -7.46 16.36 3.68
CA LYS A 24 -6.13 16.53 4.26
C LYS A 24 -5.64 15.24 4.93
N ARG A 25 -6.47 14.67 5.80
CA ARG A 25 -6.14 13.39 6.42
C ARG A 25 -5.85 12.33 5.37
N LEU A 26 -6.69 12.28 4.34
CA LEU A 26 -6.47 11.40 3.20
C LEU A 26 -5.08 11.59 2.60
N GLN A 27 -4.71 12.85 2.35
CA GLN A 27 -3.40 13.17 1.79
C GLN A 27 -2.29 12.66 2.70
N GLY A 28 -2.47 12.80 4.01
CA GLY A 28 -1.51 12.30 4.96
C GLY A 28 -1.35 10.79 4.87
N PHE A 29 -2.46 10.09 4.77
CA PHE A 29 -2.44 8.63 4.65
C PHE A 29 -1.84 8.22 3.31
N ASN A 30 -2.27 8.90 2.25
CA ASN A 30 -1.75 8.67 0.90
C ASN A 30 -0.25 8.94 0.85
N GLU A 31 0.20 9.83 1.70
CA GLU A 31 1.61 10.19 1.78
C GLU A 31 2.37 9.06 2.45
N TYR A 32 1.86 8.61 3.59
CA TYR A 32 2.47 7.52 4.33
C TYR A 32 2.46 6.21 3.53
N VAL A 33 1.29 5.83 2.99
CA VAL A 33 1.17 4.57 2.26
C VAL A 33 2.14 4.54 1.07
N GLN A 34 2.34 5.70 0.44
CA GLN A 34 3.24 5.82 -0.70
C GLN A 34 4.61 5.23 -0.38
N GLU A 35 5.04 5.40 0.86
CA GLU A 35 6.32 4.87 1.31
C GLU A 35 6.38 3.36 1.14
N ARG A 36 5.39 2.65 1.67
CA ARG A 36 5.41 1.19 1.65
C ARG A 36 4.91 0.67 0.31
N LEU A 37 4.15 1.48 -0.41
CA LEU A 37 3.63 1.06 -1.71
C LEU A 37 4.79 0.81 -2.66
N ASP A 38 5.82 1.64 -2.53
CA ASP A 38 7.03 1.47 -3.32
C ASP A 38 7.97 0.47 -2.64
N ARG A 39 8.23 0.69 -1.35
CA ARG A 39 9.16 -0.14 -0.59
C ARG A 39 8.79 -1.63 -0.63
N ILE A 40 7.54 -1.94 -0.30
CA ILE A 40 7.12 -3.33 -0.25
C ILE A 40 7.28 -4.01 -1.59
N THR A 41 6.95 -3.30 -2.67
CA THR A 41 6.96 -3.88 -4.00
C THR A 41 8.29 -4.53 -4.34
N ASP A 42 9.39 -3.82 -4.13
CA ASP A 42 10.71 -4.34 -4.47
C ASP A 42 10.97 -5.68 -3.81
N ASP A 43 10.97 -5.69 -2.48
CA ASP A 43 11.20 -6.92 -1.72
C ASP A 43 10.14 -7.97 -2.05
N PHE A 44 8.95 -7.52 -2.37
CA PHE A 44 7.86 -8.43 -2.69
C PHE A 44 8.12 -9.12 -4.03
N VAL A 45 8.21 -8.33 -5.09
CA VAL A 45 8.44 -8.86 -6.42
C VAL A 45 9.78 -9.58 -6.56
N LYS A 46 10.84 -9.04 -5.96
CA LYS A 46 12.16 -9.66 -6.08
C LYS A 46 12.22 -10.99 -5.34
N MET A 47 11.64 -11.03 -4.14
CA MET A 47 11.68 -12.26 -3.35
C MET A 47 10.84 -13.35 -3.99
N LYS A 48 9.81 -12.97 -4.74
CA LYS A 48 8.99 -13.97 -5.44
C LYS A 48 9.84 -14.73 -6.46
N ASP A 49 10.58 -13.97 -7.27
CA ASP A 49 11.49 -14.54 -8.25
C ASP A 49 12.49 -15.48 -7.58
N ASN A 50 12.95 -15.07 -6.41
CA ASN A 50 13.91 -15.83 -5.63
C ASN A 50 13.21 -16.94 -4.84
N PHE A 51 11.90 -16.84 -4.74
CA PHE A 51 11.12 -17.71 -3.84
C PHE A 51 10.82 -19.00 -4.55
N GLU A 52 10.36 -18.88 -5.80
CA GLU A 52 10.04 -20.03 -6.62
C GLU A 52 11.31 -20.81 -6.95
N THR A 53 12.38 -20.07 -7.22
CA THR A 53 13.68 -20.67 -7.47
C THR A 53 14.13 -21.49 -6.25
N LEU A 54 14.16 -20.84 -5.09
CA LEU A 54 14.57 -21.50 -3.86
C LEU A 54 13.59 -22.61 -3.47
N ARG A 55 12.36 -22.49 -3.95
CA ARG A 55 11.35 -23.49 -3.65
C ARG A 55 11.61 -24.74 -4.44
N THR A 56 11.68 -24.65 -5.76
CA THR A 56 11.89 -25.83 -6.59
C THR A 56 13.20 -26.52 -6.22
N GLU A 57 14.27 -25.74 -6.15
CA GLU A 57 15.59 -26.28 -5.86
C GLU A 57 15.59 -27.03 -4.53
N LEU A 58 15.24 -26.34 -3.45
CA LEU A 58 15.17 -26.95 -2.15
C LEU A 58 14.15 -28.06 -2.10
N SER A 59 13.02 -27.83 -2.74
CA SER A 59 11.95 -28.83 -2.83
C SER A 59 12.51 -30.20 -3.21
N GLU A 60 13.44 -30.22 -4.17
CA GLU A 60 14.10 -31.45 -4.53
C GLU A 60 15.29 -31.72 -3.62
N ALA A 61 16.03 -30.65 -3.29
CA ALA A 61 17.14 -30.70 -2.38
C ALA A 61 16.84 -31.45 -1.09
N GLN A 62 15.64 -31.24 -0.55
CA GLN A 62 15.30 -31.80 0.75
C GLN A 62 15.07 -33.29 0.62
N GLN A 63 14.77 -33.73 -0.59
CA GLN A 63 14.52 -35.13 -0.85
C GLN A 63 15.84 -35.87 -0.99
N LYS A 64 16.86 -35.19 -1.49
CA LYS A 64 18.14 -35.81 -1.76
C LYS A 64 19.01 -35.78 -0.51
N LEU A 65 18.77 -34.77 0.33
CA LEU A 65 19.50 -34.62 1.58
C LEU A 65 19.12 -35.70 2.58
N ARG A 66 18.00 -36.36 2.33
CA ARG A 66 17.53 -37.44 3.19
C ARG A 66 18.47 -38.63 3.14
N ARG A 67 19.38 -38.62 2.17
CA ARG A 67 20.39 -39.66 2.05
C ARG A 67 21.70 -39.20 2.66
N GLN A 68 21.70 -38.01 3.25
CA GLN A 68 22.87 -37.45 3.90
C GLN A 68 22.50 -36.90 5.28
N GLN A 69 21.54 -37.54 5.93
CA GLN A 69 21.10 -37.11 7.25
C GLN A 69 21.91 -37.81 8.33
N ASP A 70 23.15 -37.37 8.49
CA ASP A 70 24.05 -37.96 9.48
C ASP A 70 24.26 -36.99 10.64
N ASN A 71 23.68 -35.81 10.51
CA ASN A 71 23.75 -34.79 11.56
C ASN A 71 22.36 -34.34 11.94
N SER B 1 -22.72 43.56 8.67
CA SER B 1 -22.45 43.64 7.22
C SER B 1 -22.32 42.23 6.63
N PHE B 2 -23.44 41.66 6.20
CA PHE B 2 -23.43 40.31 5.65
C PHE B 2 -22.94 40.33 4.20
N ASP B 3 -22.75 41.53 3.66
CA ASP B 3 -22.20 41.69 2.32
C ASP B 3 -20.74 41.22 2.30
N ARG B 4 -20.09 41.31 3.45
CA ARG B 4 -18.71 40.87 3.59
C ARG B 4 -18.64 39.35 3.64
N LEU B 5 -19.78 38.73 3.91
CA LEU B 5 -19.88 37.27 3.87
C LEU B 5 -20.02 36.83 2.44
N LEU B 6 -20.45 37.75 1.58
CA LEU B 6 -20.60 37.48 0.17
C LEU B 6 -19.22 37.42 -0.48
N ALA B 7 -18.29 38.19 0.09
CA ALA B 7 -16.91 38.16 -0.31
C ALA B 7 -16.31 36.76 -0.15
N GLU B 8 -16.67 36.08 0.93
CA GLU B 8 -16.21 34.73 1.18
C GLU B 8 -17.08 33.73 0.45
N ASN B 9 -18.30 34.16 0.13
CA ASN B 9 -19.26 33.32 -0.57
C ASN B 9 -18.66 32.87 -1.90
N GLU B 10 -18.21 33.84 -2.69
CA GLU B 10 -17.57 33.57 -3.98
C GLU B 10 -16.31 32.71 -3.80
N SER B 11 -15.61 32.92 -2.69
CA SER B 11 -14.35 32.24 -2.43
C SER B 11 -14.57 30.77 -2.10
N LEU B 12 -15.70 30.48 -1.45
CA LEU B 12 -15.99 29.12 -0.99
C LEU B 12 -16.10 28.15 -2.16
N GLN B 13 -16.68 28.59 -3.27
CA GLN B 13 -16.84 27.69 -4.42
C GLN B 13 -15.49 27.38 -5.06
N GLN B 14 -14.52 28.25 -4.82
CA GLN B 14 -13.19 28.10 -5.41
C GLN B 14 -12.34 27.14 -4.59
N LYS B 15 -12.42 27.27 -3.27
CA LYS B 15 -11.67 26.38 -2.39
C LYS B 15 -12.23 24.96 -2.48
N ILE B 16 -13.54 24.84 -2.59
CA ILE B 16 -14.18 23.54 -2.66
C ILE B 16 -13.98 22.91 -4.04
N ASN B 17 -13.75 23.75 -5.05
CA ASN B 17 -13.42 23.26 -6.38
C ASN B 17 -12.16 22.41 -6.32
N SER B 18 -11.31 22.73 -5.35
CA SER B 18 -10.11 21.95 -5.11
C SER B 18 -10.44 20.77 -4.21
N LEU B 19 -11.15 21.03 -3.11
CA LEU B 19 -11.44 20.02 -2.10
C LEU B 19 -12.28 18.86 -2.62
N GLU B 20 -13.45 19.16 -3.20
CA GLU B 20 -14.36 18.10 -3.65
C GLU B 20 -13.66 17.17 -4.63
N VAL B 21 -12.84 17.74 -5.50
CA VAL B 21 -12.10 16.95 -6.46
C VAL B 21 -10.97 16.19 -5.76
N GLU B 22 -10.31 16.85 -4.82
CA GLU B 22 -9.14 16.27 -4.17
C GLU B 22 -9.53 15.14 -3.21
N ALA B 23 -10.30 15.48 -2.17
CA ALA B 23 -10.70 14.54 -1.17
C ALA B 23 -11.32 13.27 -1.75
N LYS B 24 -12.17 13.44 -2.75
CA LYS B 24 -12.87 12.32 -3.36
C LYS B 24 -11.91 11.39 -4.09
N ARG B 25 -11.09 11.96 -4.96
CA ARG B 25 -10.05 11.19 -5.66
C ARG B 25 -9.17 10.45 -4.67
N LEU B 26 -8.75 11.16 -3.62
CA LEU B 26 -8.00 10.57 -2.53
C LEU B 26 -8.70 9.35 -1.95
N GLN B 27 -9.99 9.50 -1.66
CA GLN B 27 -10.79 8.40 -1.12
C GLN B 27 -10.79 7.22 -2.06
N GLY B 28 -10.89 7.49 -3.36
CA GLY B 28 -10.85 6.44 -4.35
C GLY B 28 -9.52 5.69 -4.33
N PHE B 29 -8.42 6.43 -4.24
CA PHE B 29 -7.10 5.84 -4.20
C PHE B 29 -6.93 5.07 -2.88
N ASN B 30 -7.34 5.69 -1.78
CA ASN B 30 -7.27 5.07 -0.46
C ASN B 30 -8.13 3.79 -0.42
N GLU B 31 -9.14 3.77 -1.26
CA GLU B 31 -10.04 2.62 -1.36
C GLU B 31 -9.33 1.50 -2.10
N TYR B 32 -8.75 1.84 -3.24
CA TYR B 32 -8.00 0.88 -4.04
C TYR B 32 -6.79 0.34 -3.30
N VAL B 33 -5.96 1.23 -2.76
CA VAL B 33 -4.74 0.82 -2.08
C VAL B 33 -5.05 -0.12 -0.92
N GLN B 34 -6.17 0.13 -0.24
CA GLN B 34 -6.61 -0.70 0.88
C GLN B 34 -6.62 -2.18 0.50
N GLU B 35 -6.97 -2.45 -0.74
CA GLU B 35 -7.02 -3.82 -1.24
C GLU B 35 -5.64 -4.48 -1.13
N ARG B 36 -4.62 -3.84 -1.68
CA ARG B 36 -3.29 -4.43 -1.72
C ARG B 36 -2.56 -4.22 -0.39
N LEU B 37 -2.98 -3.24 0.37
CA LEU B 37 -2.36 -2.97 1.67
C LEU B 37 -2.56 -4.18 2.58
N ASP B 38 -3.73 -4.79 2.47
CA ASP B 38 -4.03 -6.00 3.21
C ASP B 38 -3.51 -7.22 2.47
N ARG B 39 -3.85 -7.33 1.19
CA ARG B 39 -3.48 -8.48 0.37
C ARG B 39 -1.97 -8.74 0.34
N ILE B 40 -1.19 -7.70 0.03
CA ILE B 40 0.25 -7.86 -0.08
C ILE B 40 0.85 -8.33 1.23
N THR B 41 0.35 -7.79 2.35
CA THR B 41 0.94 -8.07 3.65
C THR B 41 1.02 -9.57 3.93
N ASP B 42 -0.09 -10.29 3.71
CA ASP B 42 -0.11 -11.73 4.01
C ASP B 42 0.99 -12.45 3.28
N ASP B 43 0.95 -12.41 1.95
CA ASP B 43 1.96 -13.08 1.14
C ASP B 43 3.36 -12.53 1.43
N PHE B 44 3.43 -11.27 1.80
CA PHE B 44 4.71 -10.64 2.11
C PHE B 44 5.28 -11.22 3.41
N VAL B 45 4.55 -11.02 4.51
CA VAL B 45 5.00 -11.51 5.81
C VAL B 45 5.13 -13.03 5.88
N LYS B 46 4.20 -13.76 5.28
CA LYS B 46 4.24 -15.22 5.34
C LYS B 46 5.41 -15.77 4.53
N MET B 47 5.65 -15.21 3.35
CA MET B 47 6.73 -15.69 2.51
C MET B 47 8.08 -15.37 3.11
N LYS B 48 8.17 -14.32 3.92
CA LYS B 48 9.43 -13.98 4.58
C LYS B 48 9.83 -15.10 5.55
N ASP B 49 8.87 -15.51 6.37
CA ASP B 49 9.07 -16.61 7.30
C ASP B 49 9.50 -17.88 6.56
N ASN B 50 8.90 -18.09 5.40
CA ASN B 50 9.20 -19.25 4.56
C ASN B 50 10.47 -19.01 3.75
N PHE B 51 10.90 -17.75 3.68
CA PHE B 51 11.96 -17.35 2.76
C PHE B 51 13.30 -17.62 3.42
N GLU B 52 13.41 -17.19 4.68
CA GLU B 52 14.61 -17.39 5.46
C GLU B 52 14.83 -18.87 5.73
N THR B 53 13.74 -19.58 6.01
CA THR B 53 13.79 -21.03 6.19
C THR B 53 14.32 -21.70 4.93
N LEU B 54 13.67 -21.43 3.80
CA LEU B 54 14.09 -22.01 2.52
C LEU B 54 15.47 -21.54 2.12
N ARG B 55 15.87 -20.38 2.62
CA ARG B 55 17.17 -19.83 2.31
C ARG B 55 18.24 -20.61 3.03
N THR B 56 18.18 -20.68 4.35
CA THR B 56 19.20 -21.38 5.12
C THR B 56 19.31 -22.83 4.68
N GLU B 57 18.17 -23.51 4.62
CA GLU B 57 18.12 -24.93 4.27
C GLU B 57 18.77 -25.16 2.91
N LEU B 58 18.24 -24.53 1.88
CA LEU B 58 18.79 -24.65 0.55
C LEU B 58 20.21 -24.14 0.47
N SER B 59 20.46 -23.05 1.16
CA SER B 59 21.81 -22.47 1.23
C SER B 59 22.85 -23.54 1.53
N GLU B 60 22.54 -24.44 2.46
CA GLU B 60 23.42 -25.54 2.76
C GLU B 60 23.16 -26.69 1.81
N ALA B 61 21.88 -26.95 1.52
CA ALA B 61 21.47 -27.95 0.58
C ALA B 61 22.21 -27.92 -0.75
N GLN B 62 22.48 -26.72 -1.24
CA GLN B 62 23.10 -26.56 -2.56
C GLN B 62 24.56 -26.96 -2.50
N GLN B 63 25.12 -26.89 -1.30
CA GLN B 63 26.51 -27.23 -1.10
C GLN B 63 26.67 -28.74 -1.03
N LYS B 64 25.65 -29.43 -0.52
CA LYS B 64 25.74 -30.87 -0.31
C LYS B 64 25.32 -31.60 -1.58
N LEU B 65 24.46 -30.94 -2.37
CA LEU B 65 23.98 -31.50 -3.63
C LEU B 65 25.09 -31.54 -4.66
N ARG B 66 26.15 -30.79 -4.42
CA ARG B 66 27.31 -30.75 -5.31
C ARG B 66 28.04 -32.09 -5.33
N ARG B 67 27.68 -32.96 -4.40
CA ARG B 67 28.24 -34.30 -4.34
C ARG B 67 27.28 -35.31 -4.97
N GLN B 68 26.17 -34.80 -5.50
CA GLN B 68 25.17 -35.62 -6.15
C GLN B 68 24.77 -35.02 -7.49
N GLN B 69 25.72 -34.35 -8.14
CA GLN B 69 25.45 -33.73 -9.44
C GLN B 69 25.74 -34.71 -10.56
N ASP B 70 24.85 -35.67 -10.73
CA ASP B 70 24.99 -36.68 -11.78
C ASP B 70 23.99 -36.44 -12.89
N ASN B 71 23.13 -35.45 -12.69
CA ASN B 71 22.14 -35.07 -13.69
C ASN B 71 22.28 -33.61 -14.02
N SER A 1 -32.39 38.15 -3.36
CA SER A 1 -31.74 37.06 -4.12
C SER A 1 -30.38 36.73 -3.52
N PHE A 2 -29.54 37.74 -3.34
CA PHE A 2 -28.21 37.54 -2.76
C PHE A 2 -28.33 37.08 -1.31
N ASP A 3 -29.44 37.44 -0.67
CA ASP A 3 -29.72 37.04 0.70
C ASP A 3 -29.83 35.52 0.80
N ARG A 4 -30.31 34.90 -0.28
CA ARG A 4 -30.45 33.44 -0.33
C ARG A 4 -29.09 32.78 -0.49
N LEU A 5 -28.14 33.50 -1.08
CA LEU A 5 -26.79 32.99 -1.24
C LEU A 5 -26.07 33.08 0.10
N LEU A 6 -26.57 33.94 0.97
CA LEU A 6 -26.03 34.10 2.31
C LEU A 6 -26.46 32.91 3.15
N ALA A 7 -27.64 32.39 2.87
CA ALA A 7 -28.13 31.18 3.48
C ALA A 7 -27.18 30.00 3.25
N GLU A 8 -26.63 29.93 2.04
CA GLU A 8 -25.69 28.87 1.69
C GLU A 8 -24.26 29.26 2.07
N ASN A 9 -24.08 30.54 2.30
CA ASN A 9 -22.77 31.08 2.70
C ASN A 9 -22.31 30.40 3.99
N GLU A 10 -23.18 30.42 4.99
CA GLU A 10 -22.90 29.78 6.27
C GLU A 10 -22.85 28.26 6.12
N SER A 11 -23.55 27.74 5.11
CA SER A 11 -23.60 26.31 4.88
C SER A 11 -22.27 25.82 4.29
N LEU A 12 -21.61 26.66 3.50
CA LEU A 12 -20.31 26.33 2.96
C LEU A 12 -19.31 26.11 4.08
N GLN A 13 -19.49 26.83 5.18
CA GLN A 13 -18.61 26.69 6.34
C GLN A 13 -18.72 25.31 6.98
N GLN A 14 -19.93 24.77 7.03
CA GLN A 14 -20.13 23.46 7.65
C GLN A 14 -19.75 22.34 6.69
N LYS A 15 -19.94 22.59 5.39
CA LYS A 15 -19.60 21.63 4.36
C LYS A 15 -18.10 21.40 4.33
N ILE A 16 -17.34 22.49 4.29
CA ILE A 16 -15.90 22.44 4.17
C ILE A 16 -15.26 21.92 5.44
N ASN A 17 -15.97 22.06 6.55
CA ASN A 17 -15.51 21.53 7.84
C ASN A 17 -15.30 20.02 7.75
N SER A 18 -16.03 19.39 6.83
CA SER A 18 -15.86 17.98 6.56
C SER A 18 -14.74 17.76 5.55
N LEU A 19 -14.82 18.45 4.42
CA LEU A 19 -13.84 18.31 3.34
C LEU A 19 -12.42 18.55 3.80
N GLU A 20 -12.17 19.71 4.42
CA GLU A 20 -10.82 20.08 4.82
C GLU A 20 -10.19 19.03 5.72
N VAL A 21 -10.94 18.54 6.68
CA VAL A 21 -10.43 17.53 7.60
C VAL A 21 -10.24 16.20 6.88
N GLU A 22 -11.23 15.81 6.09
CA GLU A 22 -11.20 14.53 5.40
C GLU A 22 -10.08 14.49 4.35
N ALA A 23 -10.14 15.39 3.37
CA ALA A 23 -9.15 15.49 2.35
C ALA A 23 -7.73 15.49 2.90
N LYS A 24 -7.51 16.23 3.98
CA LYS A 24 -6.18 16.30 4.61
C LYS A 24 -5.79 14.95 5.19
N ARG A 25 -6.70 14.35 5.94
CA ARG A 25 -6.50 13.01 6.48
C ARG A 25 -6.13 12.03 5.38
N LEU A 26 -6.94 12.03 4.33
CA LEU A 26 -6.69 11.22 3.14
C LEU A 26 -5.27 11.46 2.60
N GLN A 27 -4.88 12.73 2.51
CA GLN A 27 -3.54 13.10 2.06
C GLN A 27 -2.49 12.47 2.98
N GLY A 28 -2.69 12.59 4.28
CA GLY A 28 -1.76 12.03 5.24
C GLY A 28 -1.60 10.54 5.07
N PHE A 29 -2.70 9.85 4.81
CA PHE A 29 -2.66 8.41 4.58
C PHE A 29 -1.94 8.12 3.25
N ASN A 30 -2.24 8.93 2.25
CA ASN A 30 -1.64 8.79 0.92
C ASN A 30 -0.12 9.01 0.98
N GLU A 31 0.32 9.86 1.89
CA GLU A 31 1.73 10.12 2.07
C GLU A 31 2.37 8.95 2.81
N TYR A 32 1.69 8.51 3.87
CA TYR A 32 2.12 7.34 4.63
C TYR A 32 2.22 6.10 3.75
N VAL A 33 1.13 5.77 3.07
CA VAL A 33 1.08 4.54 2.28
C VAL A 33 2.09 4.59 1.15
N GLN A 34 2.31 5.77 0.56
CA GLN A 34 3.24 5.93 -0.54
C GLN A 34 4.62 5.38 -0.16
N GLU A 35 5.02 5.64 1.08
CA GLU A 35 6.30 5.19 1.58
C GLU A 35 6.40 3.66 1.56
N ARG A 36 5.34 2.99 2.01
CA ARG A 36 5.37 1.54 2.10
C ARG A 36 5.02 0.87 0.78
N LEU A 37 4.30 1.59 -0.08
CA LEU A 37 3.80 0.99 -1.32
C LEU A 37 4.97 0.60 -2.24
N ASP A 38 5.96 1.48 -2.32
CA ASP A 38 7.11 1.24 -3.18
C ASP A 38 8.12 0.29 -2.52
N ARG A 39 8.41 0.52 -1.24
CA ARG A 39 9.43 -0.28 -0.55
C ARG A 39 9.00 -1.74 -0.44
N ILE A 40 7.69 -1.96 -0.28
CA ILE A 40 7.17 -3.33 -0.22
C ILE A 40 7.35 -3.99 -1.57
N THR A 41 7.09 -3.25 -2.64
CA THR A 41 7.15 -3.79 -3.99
C THR A 41 8.47 -4.50 -4.24
N ASP A 42 9.58 -3.81 -3.97
CA ASP A 42 10.91 -4.37 -4.22
C ASP A 42 11.08 -5.74 -3.58
N ASP A 43 10.97 -5.80 -2.26
CA ASP A 43 11.05 -7.07 -1.54
C ASP A 43 10.02 -8.07 -2.06
N PHE A 44 8.83 -7.58 -2.36
CA PHE A 44 7.75 -8.44 -2.79
C PHE A 44 8.10 -9.10 -4.13
N VAL A 45 8.27 -8.28 -5.16
CA VAL A 45 8.57 -8.76 -6.50
C VAL A 45 9.87 -9.57 -6.54
N LYS A 46 10.93 -9.10 -5.90
CA LYS A 46 12.21 -9.78 -5.95
C LYS A 46 12.22 -11.08 -5.16
N MET A 47 11.59 -11.09 -3.99
CA MET A 47 11.57 -12.30 -3.18
C MET A 47 10.78 -13.40 -3.87
N LYS A 48 9.78 -13.03 -4.66
CA LYS A 48 9.00 -14.03 -5.39
C LYS A 48 9.88 -14.77 -6.38
N ASP A 49 10.65 -14.02 -7.15
CA ASP A 49 11.58 -14.58 -8.12
C ASP A 49 12.49 -15.62 -7.47
N ASN A 50 13.10 -15.24 -6.36
CA ASN A 50 14.01 -16.12 -5.64
C ASN A 50 13.23 -17.23 -4.93
N PHE A 51 12.12 -16.85 -4.33
CA PHE A 51 11.23 -17.79 -3.63
C PHE A 51 10.94 -19.02 -4.49
N GLU A 52 10.46 -18.81 -5.71
CA GLU A 52 10.14 -19.92 -6.62
C GLU A 52 11.41 -20.72 -6.93
N THR A 53 12.48 -20.00 -7.21
CA THR A 53 13.77 -20.60 -7.48
C THR A 53 14.22 -21.51 -6.33
N LEU A 54 14.25 -20.95 -5.12
CA LEU A 54 14.64 -21.69 -3.93
C LEU A 54 13.66 -22.82 -3.65
N ARG A 55 12.41 -22.61 -4.03
CA ARG A 55 11.38 -23.61 -3.82
C ARG A 55 11.66 -24.82 -4.69
N THR A 56 11.78 -24.64 -6.00
CA THR A 56 12.08 -25.76 -6.89
C THR A 56 13.33 -26.49 -6.44
N GLU A 57 14.40 -25.73 -6.26
CA GLU A 57 15.71 -26.31 -5.96
C GLU A 57 15.67 -27.07 -4.64
N LEU A 58 15.33 -26.40 -3.56
CA LEU A 58 15.26 -27.03 -2.27
C LEU A 58 14.26 -28.17 -2.25
N SER A 59 13.14 -27.94 -2.90
CA SER A 59 12.10 -28.98 -2.99
C SER A 59 12.69 -30.30 -3.48
N GLU A 60 13.60 -30.24 -4.45
CA GLU A 60 14.26 -31.45 -4.92
C GLU A 60 15.46 -31.76 -4.04
N ALA A 61 16.14 -30.70 -3.59
CA ALA A 61 17.20 -30.80 -2.62
C ALA A 61 16.80 -31.60 -1.38
N GLN A 62 15.53 -31.52 -1.00
CA GLN A 62 15.04 -32.15 0.21
C GLN A 62 14.90 -33.64 -0.03
N GLN A 63 14.58 -33.99 -1.26
CA GLN A 63 14.37 -35.36 -1.65
C GLN A 63 15.68 -36.13 -1.59
N LYS A 64 16.78 -35.43 -1.86
CA LYS A 64 18.10 -36.03 -1.82
C LYS A 64 18.68 -35.95 -0.41
N LEU A 65 18.40 -34.83 0.27
CA LEU A 65 18.88 -34.63 1.62
C LEU A 65 18.32 -35.65 2.59
N ARG A 66 17.13 -36.15 2.31
CA ARG A 66 16.52 -37.18 3.14
C ARG A 66 17.33 -38.47 3.12
N ARG A 67 18.33 -38.55 2.24
CA ARG A 67 19.18 -39.72 2.17
C ARG A 67 20.49 -39.46 2.91
N GLN A 68 20.97 -38.23 2.86
CA GLN A 68 22.20 -37.86 3.54
C GLN A 68 21.93 -37.53 5.00
N GLN A 69 20.82 -36.86 5.22
CA GLN A 69 20.41 -36.48 6.56
C GLN A 69 19.46 -37.53 7.12
N ASP A 70 19.82 -38.08 8.27
CA ASP A 70 19.01 -39.12 8.90
C ASP A 70 17.87 -38.51 9.69
N ASN A 71 17.95 -37.21 9.93
CA ASN A 71 16.91 -36.51 10.68
C ASN A 71 15.89 -35.89 9.74
N SER B 1 -21.96 44.70 5.78
CA SER B 1 -21.19 43.65 6.47
C SER B 1 -21.45 42.28 5.83
N PHE B 2 -22.73 41.92 5.68
CA PHE B 2 -23.09 40.65 5.07
C PHE B 2 -22.69 40.62 3.60
N ASP B 3 -22.60 41.81 3.00
CA ASP B 3 -22.18 41.95 1.62
C ASP B 3 -20.74 41.46 1.45
N ARG B 4 -19.94 41.60 2.50
CA ARG B 4 -18.56 41.16 2.48
C ARG B 4 -18.48 39.64 2.58
N LEU B 5 -19.49 39.04 3.19
CA LEU B 5 -19.55 37.59 3.30
C LEU B 5 -19.97 37.00 1.96
N LEU B 6 -20.60 37.84 1.14
CA LEU B 6 -21.01 37.45 -0.19
C LEU B 6 -19.79 37.39 -1.10
N ALA B 7 -18.83 38.28 -0.82
CA ALA B 7 -17.55 38.26 -1.48
C ALA B 7 -16.84 36.92 -1.33
N GLU B 8 -16.94 36.34 -0.13
CA GLU B 8 -16.33 35.05 0.15
C GLU B 8 -17.26 33.91 -0.25
N ASN B 9 -18.53 34.25 -0.40
CA ASN B 9 -19.55 33.28 -0.79
C ASN B 9 -19.17 32.63 -2.11
N GLU B 10 -18.88 33.47 -3.09
CA GLU B 10 -18.45 33.00 -4.42
C GLU B 10 -17.08 32.34 -4.34
N SER B 11 -16.28 32.75 -3.36
CA SER B 11 -14.94 32.22 -3.19
C SER B 11 -14.99 30.79 -2.65
N LEU B 12 -16.00 30.50 -1.83
CA LEU B 12 -16.19 29.15 -1.31
C LEU B 12 -16.43 28.18 -2.47
N GLN B 13 -17.06 28.67 -3.53
CA GLN B 13 -17.34 27.85 -4.70
C GLN B 13 -16.04 27.42 -5.41
N GLN B 14 -15.07 28.31 -5.47
CA GLN B 14 -13.81 28.01 -6.16
C GLN B 14 -12.90 27.19 -5.26
N LYS B 15 -13.00 27.42 -3.96
CA LYS B 15 -12.21 26.68 -2.97
C LYS B 15 -12.60 25.20 -2.99
N ILE B 16 -13.90 24.96 -2.89
CA ILE B 16 -14.42 23.60 -2.79
C ILE B 16 -14.25 22.85 -4.10
N ASN B 17 -14.14 23.60 -5.19
CA ASN B 17 -13.89 23.01 -6.51
C ASN B 17 -12.59 22.21 -6.50
N SER B 18 -11.68 22.61 -5.61
CA SER B 18 -10.43 21.88 -5.42
C SER B 18 -10.64 20.73 -4.44
N LEU B 19 -11.21 21.04 -3.27
CA LEU B 19 -11.41 20.05 -2.21
C LEU B 19 -12.21 18.86 -2.68
N GLU B 20 -13.40 19.11 -3.24
CA GLU B 20 -14.30 18.03 -3.64
C GLU B 20 -13.62 17.07 -4.60
N VAL B 21 -12.91 17.59 -5.58
CA VAL B 21 -12.23 16.76 -6.55
C VAL B 21 -11.06 16.03 -5.90
N GLU B 22 -10.27 16.76 -5.12
CA GLU B 22 -9.09 16.20 -4.49
C GLU B 22 -9.45 15.12 -3.47
N ALA B 23 -10.21 15.50 -2.44
CA ALA B 23 -10.65 14.59 -1.43
C ALA B 23 -11.24 13.30 -2.01
N LYS B 24 -12.05 13.45 -3.05
CA LYS B 24 -12.67 12.27 -3.69
C LYS B 24 -11.60 11.39 -4.35
N ARG B 25 -10.73 12.02 -5.12
CA ARG B 25 -9.60 11.31 -5.73
C ARG B 25 -8.80 10.55 -4.67
N LEU B 26 -8.44 11.26 -3.62
CA LEU B 26 -7.75 10.67 -2.47
C LEU B 26 -8.50 9.45 -1.93
N GLN B 27 -9.82 9.59 -1.80
CA GLN B 27 -10.67 8.49 -1.35
C GLN B 27 -10.56 7.30 -2.31
N GLY B 28 -10.64 7.58 -3.61
CA GLY B 28 -10.54 6.54 -4.61
C GLY B 28 -9.22 5.80 -4.52
N PHE B 29 -8.15 6.52 -4.28
CA PHE B 29 -6.84 5.91 -4.11
C PHE B 29 -6.80 5.09 -2.82
N ASN B 30 -7.37 5.66 -1.76
CA ASN B 30 -7.43 4.99 -0.45
C ASN B 30 -8.23 3.69 -0.53
N GLU B 31 -9.23 3.67 -1.41
CA GLU B 31 -10.04 2.47 -1.60
C GLU B 31 -9.25 1.45 -2.42
N TYR B 32 -8.61 1.93 -3.46
CA TYR B 32 -7.75 1.11 -4.30
C TYR B 32 -6.62 0.49 -3.48
N VAL B 33 -5.85 1.33 -2.80
CA VAL B 33 -4.68 0.86 -2.07
C VAL B 33 -5.07 -0.08 -0.94
N GLN B 34 -6.22 0.17 -0.31
CA GLN B 34 -6.69 -0.67 0.79
C GLN B 34 -6.75 -2.13 0.36
N GLU B 35 -7.19 -2.35 -0.88
CA GLU B 35 -7.31 -3.70 -1.42
C GLU B 35 -5.94 -4.38 -1.49
N ARG B 36 -4.93 -3.67 -1.94
CA ARG B 36 -3.61 -4.26 -2.12
C ARG B 36 -2.80 -4.25 -0.82
N LEU B 37 -3.14 -3.34 0.09
CA LEU B 37 -2.36 -3.15 1.31
C LEU B 37 -2.41 -4.41 2.18
N ASP B 38 -3.61 -4.98 2.29
CA ASP B 38 -3.80 -6.17 3.12
C ASP B 38 -3.37 -7.43 2.40
N ARG B 39 -3.75 -7.57 1.13
CA ARG B 39 -3.45 -8.80 0.38
C ARG B 39 -1.95 -8.97 0.20
N ILE B 40 -1.23 -7.86 0.05
CA ILE B 40 0.23 -7.92 -0.07
C ILE B 40 0.83 -8.39 1.24
N THR B 41 0.29 -7.89 2.36
CA THR B 41 0.82 -8.21 3.67
C THR B 41 0.95 -9.71 3.87
N ASP B 42 -0.13 -10.45 3.62
CA ASP B 42 -0.15 -11.90 3.81
C ASP B 42 1.02 -12.57 3.11
N ASP B 43 1.06 -12.44 1.79
CA ASP B 43 2.16 -13.00 1.00
C ASP B 43 3.51 -12.47 1.48
N PHE B 44 3.55 -11.19 1.83
CA PHE B 44 4.79 -10.57 2.24
C PHE B 44 5.31 -11.18 3.53
N VAL B 45 4.52 -11.05 4.60
CA VAL B 45 4.91 -11.57 5.90
C VAL B 45 5.14 -13.08 5.89
N LYS B 46 4.26 -13.83 5.25
CA LYS B 46 4.37 -15.29 5.25
C LYS B 46 5.53 -15.79 4.40
N MET B 47 5.74 -15.18 3.23
CA MET B 47 6.83 -15.61 2.37
C MET B 47 8.18 -15.34 3.01
N LYS B 48 8.27 -14.30 3.84
CA LYS B 48 9.52 -14.01 4.52
C LYS B 48 9.90 -15.15 5.46
N ASP B 49 8.93 -15.58 6.26
CA ASP B 49 9.11 -16.69 7.19
C ASP B 49 9.68 -17.91 6.47
N ASN B 50 9.04 -18.27 5.37
CA ASN B 50 9.46 -19.43 4.59
C ASN B 50 10.75 -19.14 3.85
N PHE B 51 10.83 -17.94 3.28
CA PHE B 51 12.02 -17.47 2.55
C PHE B 51 13.29 -17.74 3.34
N GLU B 52 13.33 -17.25 4.58
CA GLU B 52 14.50 -17.43 5.44
C GLU B 52 14.77 -18.91 5.69
N THR B 53 13.69 -19.63 5.99
CA THR B 53 13.73 -21.06 6.21
C THR B 53 14.34 -21.78 5.00
N LEU B 54 13.77 -21.55 3.82
CA LEU B 54 14.25 -22.16 2.59
C LEU B 54 15.66 -21.70 2.28
N ARG B 55 15.98 -20.49 2.69
CA ARG B 55 17.30 -19.93 2.45
C ARG B 55 18.33 -20.70 3.24
N THR B 56 18.17 -20.79 4.55
CA THR B 56 19.11 -21.52 5.39
C THR B 56 19.27 -22.96 4.88
N GLU B 57 18.14 -23.63 4.73
CA GLU B 57 18.14 -25.04 4.38
C GLU B 57 18.80 -25.27 3.02
N LEU B 58 18.27 -24.65 1.98
CA LEU B 58 18.83 -24.80 0.66
C LEU B 58 20.26 -24.33 0.60
N SER B 59 20.53 -23.22 1.27
CA SER B 59 21.89 -22.69 1.33
C SER B 59 22.89 -23.77 1.73
N GLU B 60 22.53 -24.61 2.70
CA GLU B 60 23.38 -25.71 3.09
C GLU B 60 23.15 -26.90 2.17
N ALA B 61 21.89 -27.10 1.78
CA ALA B 61 21.53 -28.07 0.79
C ALA B 61 22.36 -27.98 -0.48
N GLN B 62 22.78 -26.78 -0.83
CA GLN B 62 23.51 -26.54 -2.07
C GLN B 62 24.94 -27.01 -1.90
N GLN B 63 25.43 -26.88 -0.69
CA GLN B 63 26.80 -27.25 -0.37
C GLN B 63 26.98 -28.76 -0.49
N LYS B 64 25.91 -29.50 -0.20
CA LYS B 64 25.94 -30.95 -0.29
C LYS B 64 25.58 -31.39 -1.71
N LEU B 65 24.63 -30.68 -2.32
CA LEU B 65 24.19 -30.99 -3.67
C LEU B 65 25.32 -30.86 -4.67
N ARG B 66 26.26 -29.96 -4.40
CA ARG B 66 27.42 -29.78 -5.27
C ARG B 66 28.28 -31.03 -5.33
N ARG B 67 28.00 -32.00 -4.48
CA ARG B 67 28.73 -33.26 -4.49
C ARG B 67 27.94 -34.33 -5.23
N GLN B 68 26.62 -34.28 -5.12
CA GLN B 68 25.76 -35.25 -5.79
C GLN B 68 25.51 -34.82 -7.23
N GLN B 69 25.34 -33.53 -7.41
CA GLN B 69 25.09 -32.96 -8.72
C GLN B 69 26.41 -32.49 -9.32
N ASP B 70 26.73 -33.00 -10.49
CA ASP B 70 27.97 -32.64 -11.16
C ASP B 70 27.84 -31.32 -11.90
N ASN B 71 26.60 -30.87 -12.08
CA ASN B 71 26.33 -29.63 -12.78
C ASN B 71 26.22 -28.48 -11.78
N SER A 1 -32.49 38.63 -3.51
CA SER A 1 -31.75 38.14 -4.70
C SER A 1 -30.41 37.54 -4.30
N PHE A 2 -29.48 38.36 -3.80
CA PHE A 2 -28.16 37.86 -3.44
C PHE A 2 -28.16 37.31 -2.02
N ASP A 3 -29.31 37.40 -1.35
CA ASP A 3 -29.48 36.83 -0.02
C ASP A 3 -29.38 35.32 -0.06
N ARG A 4 -29.53 34.76 -1.26
CA ARG A 4 -29.34 33.34 -1.46
C ARG A 4 -27.89 32.94 -1.22
N LEU A 5 -26.96 33.72 -1.78
CA LEU A 5 -25.55 33.45 -1.60
C LEU A 5 -25.17 33.62 -0.13
N LEU A 6 -25.95 34.43 0.57
CA LEU A 6 -25.79 34.61 2.00
C LEU A 6 -26.18 33.32 2.71
N ALA A 7 -27.29 32.74 2.29
CA ALA A 7 -27.76 31.47 2.79
C ALA A 7 -26.76 30.35 2.48
N GLU A 8 -26.19 30.39 1.27
CA GLU A 8 -25.27 29.36 0.83
C GLU A 8 -23.94 29.46 1.57
N ASN A 9 -23.45 30.68 1.79
CA ASN A 9 -22.25 30.91 2.62
C ASN A 9 -22.28 30.09 3.90
N GLU A 10 -23.41 30.06 4.59
CA GLU A 10 -23.51 29.35 5.86
C GLU A 10 -23.52 27.85 5.63
N SER A 11 -23.91 27.43 4.44
CA SER A 11 -23.94 26.02 4.08
C SER A 11 -22.54 25.56 3.64
N LEU A 12 -21.85 26.43 2.91
CA LEU A 12 -20.49 26.14 2.45
C LEU A 12 -19.58 25.84 3.63
N GLN A 13 -19.76 26.59 4.72
CA GLN A 13 -18.91 26.45 5.88
C GLN A 13 -19.11 25.09 6.55
N GLN A 14 -20.26 24.49 6.32
CA GLN A 14 -20.58 23.18 6.90
C GLN A 14 -20.00 22.06 6.06
N LYS A 15 -20.15 22.17 4.75
CA LYS A 15 -19.68 21.14 3.83
C LYS A 15 -18.16 21.02 3.88
N ILE A 16 -17.49 22.15 3.99
CA ILE A 16 -16.03 22.17 3.99
C ILE A 16 -15.46 21.68 5.31
N ASN A 17 -16.27 21.78 6.36
CA ASN A 17 -15.87 21.30 7.67
C ASN A 17 -15.59 19.80 7.61
N SER A 18 -16.19 19.15 6.64
CA SER A 18 -15.92 17.75 6.37
C SER A 18 -14.69 17.62 5.46
N LEU A 19 -14.70 18.39 4.37
CA LEU A 19 -13.66 18.30 3.34
C LEU A 19 -12.26 18.62 3.86
N GLU A 20 -12.07 19.82 4.43
CA GLU A 20 -10.74 20.25 4.86
C GLU A 20 -10.15 19.30 5.90
N VAL A 21 -11.00 18.60 6.61
CA VAL A 21 -10.54 17.59 7.55
C VAL A 21 -10.29 16.26 6.84
N GLU A 22 -11.26 15.85 6.02
CA GLU A 22 -11.21 14.55 5.36
C GLU A 22 -10.08 14.48 4.33
N ALA A 23 -10.15 15.34 3.31
CA ALA A 23 -9.14 15.39 2.27
C ALA A 23 -7.72 15.36 2.83
N LYS A 24 -7.52 16.06 3.94
CA LYS A 24 -6.20 16.09 4.59
C LYS A 24 -5.89 14.76 5.27
N ARG A 25 -6.88 14.19 5.96
CA ARG A 25 -6.75 12.87 6.58
C ARG A 25 -6.48 11.80 5.52
N LEU A 26 -6.80 12.11 4.28
CA LEU A 26 -6.66 11.15 3.20
C LEU A 26 -5.25 11.25 2.66
N GLN A 27 -4.78 12.50 2.53
CA GLN A 27 -3.41 12.77 2.11
C GLN A 27 -2.42 12.18 3.10
N GLY A 28 -2.71 12.32 4.39
CA GLY A 28 -1.86 11.78 5.42
C GLY A 28 -1.67 10.28 5.27
N PHE A 29 -2.78 9.59 4.99
CA PHE A 29 -2.73 8.15 4.79
C PHE A 29 -1.95 7.83 3.51
N ASN A 30 -2.20 8.63 2.47
CA ASN A 30 -1.53 8.46 1.19
C ASN A 30 -0.03 8.65 1.32
N GLU A 31 0.39 9.52 2.23
CA GLU A 31 1.80 9.76 2.47
C GLU A 31 2.42 8.58 3.21
N TYR A 32 1.72 8.13 4.24
CA TYR A 32 2.14 6.95 5.00
C TYR A 32 2.25 5.73 4.09
N VAL A 33 1.19 5.42 3.37
CA VAL A 33 1.16 4.25 2.51
C VAL A 33 2.19 4.36 1.39
N GLN A 34 2.40 5.59 0.88
CA GLN A 34 3.32 5.81 -0.23
C GLN A 34 4.70 5.24 0.06
N GLU A 35 5.20 5.48 1.26
CA GLU A 35 6.52 5.01 1.64
C GLU A 35 6.59 3.48 1.54
N ARG A 36 5.58 2.80 2.06
CA ARG A 36 5.60 1.35 2.11
C ARG A 36 5.17 0.76 0.77
N LEU A 37 4.46 1.54 -0.04
CA LEU A 37 3.97 1.05 -1.32
C LEU A 37 5.14 0.74 -2.24
N ASP A 38 6.20 1.54 -2.11
CA ASP A 38 7.40 1.32 -2.90
C ASP A 38 8.30 0.30 -2.22
N ARG A 39 8.51 0.48 -0.92
CA ARG A 39 9.42 -0.37 -0.15
C ARG A 39 8.95 -1.82 -0.12
N ILE A 40 7.65 -2.04 0.05
CA ILE A 40 7.11 -3.39 0.06
C ILE A 40 7.31 -4.04 -1.30
N THR A 41 6.88 -3.34 -2.35
CA THR A 41 6.80 -3.92 -3.69
C THR A 41 8.10 -4.56 -4.11
N ASP A 42 9.21 -3.85 -3.96
CA ASP A 42 10.49 -4.34 -4.45
C ASP A 42 10.85 -5.69 -3.83
N ASP A 43 10.95 -5.72 -2.51
CA ASP A 43 11.24 -6.96 -1.79
C ASP A 43 10.17 -8.02 -2.09
N PHE A 44 8.94 -7.55 -2.24
CA PHE A 44 7.81 -8.43 -2.51
C PHE A 44 7.98 -9.11 -3.86
N VAL A 45 7.99 -8.32 -4.92
CA VAL A 45 8.15 -8.86 -6.27
C VAL A 45 9.46 -9.60 -6.47
N LYS A 46 10.55 -9.13 -5.88
CA LYS A 46 11.82 -9.84 -6.00
C LYS A 46 11.79 -11.17 -5.26
N MET A 47 11.18 -11.21 -4.09
CA MET A 47 11.10 -12.44 -3.33
C MET A 47 10.23 -13.46 -4.04
N LYS A 48 9.15 -13.02 -4.67
CA LYS A 48 8.26 -13.95 -5.37
C LYS A 48 9.04 -14.76 -6.40
N ASP A 49 9.75 -14.06 -7.26
CA ASP A 49 10.60 -14.67 -8.28
C ASP A 49 11.61 -15.65 -7.67
N ASN A 50 12.31 -15.20 -6.65
CA ASN A 50 13.40 -15.99 -6.07
C ASN A 50 12.87 -17.12 -5.17
N PHE A 51 11.94 -16.78 -4.30
CA PHE A 51 11.26 -17.75 -3.41
C PHE A 51 10.85 -19.02 -4.16
N GLU A 52 10.21 -18.88 -5.32
CA GLU A 52 9.77 -20.03 -6.09
C GLU A 52 10.96 -20.84 -6.59
N THR A 53 12.00 -20.13 -7.02
CA THR A 53 13.25 -20.74 -7.42
C THR A 53 13.82 -21.58 -6.27
N LEU A 54 13.96 -20.95 -5.10
CA LEU A 54 14.45 -21.62 -3.91
C LEU A 54 13.52 -22.75 -3.49
N ARG A 55 12.25 -22.59 -3.82
CA ARG A 55 11.24 -23.57 -3.47
C ARG A 55 11.45 -24.83 -4.29
N THR A 56 11.48 -24.70 -5.61
CA THR A 56 11.71 -25.86 -6.47
C THR A 56 13.03 -26.54 -6.15
N GLU A 57 14.10 -25.75 -6.07
CA GLU A 57 15.42 -26.28 -5.82
C GLU A 57 15.46 -27.04 -4.49
N LEU A 58 15.15 -26.36 -3.41
CA LEU A 58 15.14 -26.99 -2.11
C LEU A 58 14.16 -28.13 -2.03
N SER A 59 13.01 -27.94 -2.65
CA SER A 59 12.00 -28.99 -2.74
C SER A 59 12.61 -30.31 -3.20
N GLU A 60 13.52 -30.26 -4.18
CA GLU A 60 14.21 -31.45 -4.62
C GLU A 60 15.43 -31.70 -3.74
N ALA A 61 16.12 -30.64 -3.37
CA ALA A 61 17.24 -30.67 -2.47
C ALA A 61 17.01 -31.51 -1.21
N GLN A 62 15.81 -31.41 -0.63
CA GLN A 62 15.54 -32.06 0.64
C GLN A 62 15.41 -33.57 0.44
N GLN A 63 15.09 -33.95 -0.77
CA GLN A 63 14.90 -35.36 -1.11
C GLN A 63 16.23 -36.09 -1.09
N LYS A 64 17.28 -35.45 -1.60
CA LYS A 64 18.58 -36.08 -1.69
C LYS A 64 19.38 -35.88 -0.41
N LEU A 65 19.07 -34.79 0.30
CA LEU A 65 19.72 -34.51 1.57
C LEU A 65 19.45 -35.61 2.59
N ARG A 66 18.34 -36.30 2.40
CA ARG A 66 17.93 -37.38 3.29
C ARG A 66 18.86 -38.59 3.15
N ARG A 67 19.75 -38.56 2.15
CA ARG A 67 20.69 -39.64 1.94
C ARG A 67 21.79 -39.59 3.00
N GLN A 68 22.16 -38.39 3.39
CA GLN A 68 23.22 -38.19 4.37
C GLN A 68 23.04 -36.84 5.08
N GLN A 69 22.17 -36.83 6.07
CA GLN A 69 21.90 -35.62 6.83
C GLN A 69 22.26 -35.85 8.29
N ASP A 70 23.52 -35.60 8.63
CA ASP A 70 24.03 -35.85 9.97
C ASP A 70 23.84 -37.30 10.36
N ASN A 71 24.13 -38.19 9.42
CA ASN A 71 23.97 -39.62 9.63
C ASN A 71 25.30 -40.23 10.00
N SER B 1 -22.50 44.93 6.07
CA SER B 1 -22.30 44.00 7.20
C SER B 1 -22.30 42.54 6.73
N PHE B 2 -23.43 42.04 6.25
CA PHE B 2 -23.51 40.64 5.83
C PHE B 2 -23.05 40.48 4.39
N ASP B 3 -22.69 41.60 3.77
CA ASP B 3 -22.14 41.59 2.41
C ASP B 3 -20.79 40.89 2.39
N ARG B 4 -20.18 40.77 3.56
CA ARG B 4 -18.94 40.03 3.71
C ARG B 4 -19.16 38.55 3.40
N LEU B 5 -20.22 37.98 3.97
CA LEU B 5 -20.55 36.58 3.73
C LEU B 5 -20.90 36.36 2.27
N LEU B 6 -21.36 37.43 1.63
CA LEU B 6 -21.62 37.41 0.20
C LEU B 6 -20.29 37.29 -0.56
N ALA B 7 -19.31 38.07 -0.13
CA ALA B 7 -17.99 38.01 -0.68
C ALA B 7 -17.34 36.65 -0.44
N GLU B 8 -17.57 36.10 0.74
CA GLU B 8 -16.97 34.81 1.12
C GLU B 8 -17.61 33.66 0.35
N ASN B 9 -18.94 33.71 0.17
CA ASN B 9 -19.64 32.73 -0.67
C ASN B 9 -18.92 32.48 -1.99
N GLU B 10 -18.47 33.55 -2.64
CA GLU B 10 -17.81 33.40 -3.94
C GLU B 10 -16.42 32.80 -3.78
N SER B 11 -15.84 32.96 -2.60
CA SER B 11 -14.53 32.41 -2.30
C SER B 11 -14.64 30.93 -1.93
N LEU B 12 -15.69 30.61 -1.17
CA LEU B 12 -15.96 29.22 -0.76
C LEU B 12 -16.08 28.31 -1.97
N GLN B 13 -16.72 28.83 -3.02
CA GLN B 13 -16.96 28.05 -4.22
C GLN B 13 -15.66 27.72 -4.94
N GLN B 14 -14.63 28.53 -4.70
CA GLN B 14 -13.33 28.34 -5.33
C GLN B 14 -12.51 27.31 -4.56
N LYS B 15 -12.50 27.45 -3.24
CA LYS B 15 -11.73 26.56 -2.37
C LYS B 15 -12.21 25.12 -2.47
N ILE B 16 -13.53 24.95 -2.56
CA ILE B 16 -14.12 23.62 -2.59
C ILE B 16 -13.93 22.97 -3.94
N ASN B 17 -13.74 23.79 -4.97
CA ASN B 17 -13.50 23.29 -6.31
C ASN B 17 -12.23 22.43 -6.33
N SER B 18 -11.36 22.69 -5.36
CA SER B 18 -10.18 21.88 -5.16
C SER B 18 -10.52 20.67 -4.29
N LEU B 19 -11.19 20.93 -3.17
CA LEU B 19 -11.48 19.89 -2.18
C LEU B 19 -12.36 18.77 -2.72
N GLU B 20 -13.55 19.08 -3.23
CA GLU B 20 -14.48 18.06 -3.69
C GLU B 20 -13.87 17.18 -4.77
N VAL B 21 -12.91 17.71 -5.50
CA VAL B 21 -12.19 16.94 -6.49
C VAL B 21 -11.06 16.15 -5.84
N GLU B 22 -10.27 16.85 -5.02
CA GLU B 22 -9.07 16.26 -4.42
C GLU B 22 -9.42 15.16 -3.42
N ALA B 23 -10.16 15.51 -2.36
CA ALA B 23 -10.57 14.57 -1.36
C ALA B 23 -11.12 13.28 -1.96
N LYS B 24 -11.88 13.40 -3.03
CA LYS B 24 -12.45 12.24 -3.72
C LYS B 24 -11.36 11.45 -4.46
N ARG B 25 -10.48 12.17 -5.15
CA ARG B 25 -9.34 11.56 -5.83
C ARG B 25 -8.43 10.83 -4.83
N LEU B 26 -8.55 11.20 -3.57
CA LEU B 26 -7.70 10.65 -2.53
C LEU B 26 -8.33 9.37 -2.02
N GLN B 27 -9.65 9.42 -1.85
CA GLN B 27 -10.44 8.26 -1.46
C GLN B 27 -10.31 7.16 -2.51
N GLY B 28 -10.36 7.54 -3.77
CA GLY B 28 -10.24 6.59 -4.85
C GLY B 28 -8.92 5.82 -4.78
N PHE B 29 -7.85 6.54 -4.50
CA PHE B 29 -6.54 5.93 -4.35
C PHE B 29 -6.52 5.04 -3.11
N ASN B 30 -7.12 5.53 -2.03
CA ASN B 30 -7.19 4.80 -0.77
C ASN B 30 -7.96 3.49 -0.95
N GLU B 31 -8.95 3.50 -1.83
CA GLU B 31 -9.74 2.31 -2.09
C GLU B 31 -8.91 1.31 -2.89
N TYR B 32 -8.26 1.81 -3.92
CA TYR B 32 -7.37 1.00 -4.74
C TYR B 32 -6.27 0.36 -3.90
N VAL B 33 -5.54 1.19 -3.16
CA VAL B 33 -4.43 0.71 -2.35
C VAL B 33 -4.92 -0.23 -1.25
N GLN B 34 -6.11 0.04 -0.71
CA GLN B 34 -6.64 -0.76 0.40
C GLN B 34 -6.66 -2.24 0.05
N GLU B 35 -7.13 -2.56 -1.15
CA GLU B 35 -7.22 -3.94 -1.59
C GLU B 35 -5.85 -4.62 -1.58
N ARG B 36 -4.84 -3.93 -2.09
CA ARG B 36 -3.52 -4.51 -2.20
C ARG B 36 -2.76 -4.40 -0.88
N LEU B 37 -3.18 -3.48 -0.02
CA LEU B 37 -2.50 -3.28 1.26
C LEU B 37 -2.65 -4.52 2.13
N ASP B 38 -3.80 -5.17 2.01
CA ASP B 38 -4.06 -6.39 2.76
C ASP B 38 -3.51 -7.60 2.02
N ARG B 39 -3.79 -7.66 0.72
CA ARG B 39 -3.39 -8.79 -0.10
C ARG B 39 -1.87 -8.94 -0.19
N ILE B 40 -1.16 -7.82 -0.35
CA ILE B 40 0.29 -7.88 -0.40
C ILE B 40 0.85 -8.36 0.93
N THR B 41 0.40 -7.74 2.02
CA THR B 41 1.02 -7.94 3.32
C THR B 41 1.11 -9.41 3.69
N ASP B 42 0.00 -10.14 3.54
CA ASP B 42 -0.04 -11.53 3.97
C ASP B 42 1.04 -12.36 3.28
N ASP B 43 0.99 -12.42 1.96
CA ASP B 43 2.00 -13.15 1.18
C ASP B 43 3.39 -12.58 1.45
N PHE B 44 3.45 -11.28 1.67
CA PHE B 44 4.71 -10.60 1.92
C PHE B 44 5.32 -11.07 3.24
N VAL B 45 4.62 -10.83 4.34
CA VAL B 45 5.09 -11.22 5.66
C VAL B 45 5.27 -12.74 5.80
N LYS B 46 4.38 -13.53 5.20
CA LYS B 46 4.52 -14.98 5.25
C LYS B 46 5.74 -15.44 4.46
N MET B 47 5.98 -14.85 3.29
CA MET B 47 7.12 -15.24 2.49
C MET B 47 8.42 -14.87 3.18
N LYS B 48 8.47 -13.72 3.85
CA LYS B 48 9.69 -13.30 4.54
C LYS B 48 10.16 -14.39 5.51
N ASP B 49 9.25 -14.80 6.38
CA ASP B 49 9.50 -15.86 7.35
C ASP B 49 10.00 -17.15 6.68
N ASN B 50 9.28 -17.58 5.65
CA ASN B 50 9.55 -18.87 5.00
C ASN B 50 10.78 -18.78 4.08
N PHE B 51 10.80 -17.75 3.24
CA PHE B 51 11.93 -17.48 2.34
C PHE B 51 13.29 -17.64 3.03
N GLU B 52 13.43 -17.05 4.21
CA GLU B 52 14.69 -17.12 4.94
C GLU B 52 14.98 -18.56 5.38
N THR B 53 13.93 -19.23 5.81
CA THR B 53 14.02 -20.66 6.15
C THR B 53 14.52 -21.46 4.95
N LEU B 54 13.85 -21.28 3.81
CA LEU B 54 14.25 -21.96 2.57
C LEU B 54 15.62 -21.52 2.12
N ARG B 55 15.99 -20.31 2.51
CA ARG B 55 17.29 -19.75 2.14
C ARG B 55 18.38 -20.48 2.89
N THR B 56 18.29 -20.52 4.21
CA THR B 56 19.29 -21.20 5.02
C THR B 56 19.38 -22.67 4.63
N GLU B 57 18.24 -23.34 4.57
CA GLU B 57 18.19 -24.76 4.26
C GLU B 57 18.84 -25.04 2.89
N LEU B 58 18.30 -24.44 1.84
CA LEU B 58 18.84 -24.63 0.53
C LEU B 58 20.28 -24.18 0.42
N SER B 59 20.58 -23.07 1.08
CA SER B 59 21.95 -22.56 1.14
C SER B 59 22.93 -23.66 1.53
N GLU B 60 22.55 -24.52 2.48
CA GLU B 60 23.39 -25.64 2.86
C GLU B 60 23.11 -26.83 1.95
N ALA B 61 21.83 -27.02 1.60
CA ALA B 61 21.41 -28.03 0.67
C ALA B 61 22.23 -28.09 -0.62
N GLN B 62 22.60 -26.94 -1.15
CA GLN B 62 23.27 -26.88 -2.46
C GLN B 62 24.70 -27.37 -2.32
N GLN B 63 25.21 -27.28 -1.11
CA GLN B 63 26.58 -27.67 -0.83
C GLN B 63 26.73 -29.17 -0.93
N LYS B 64 25.74 -29.90 -0.40
CA LYS B 64 25.81 -31.35 -0.38
C LYS B 64 25.28 -31.95 -1.68
N LEU B 65 24.38 -31.22 -2.34
CA LEU B 65 23.82 -31.65 -3.61
C LEU B 65 24.91 -31.79 -4.65
N ARG B 66 25.99 -31.05 -4.47
CA ARG B 66 27.12 -31.08 -5.38
C ARG B 66 27.87 -32.40 -5.33
N ARG B 67 27.51 -33.24 -4.36
CA ARG B 67 28.14 -34.55 -4.22
C ARG B 67 27.64 -35.50 -5.31
N GLN B 68 26.36 -35.35 -5.65
CA GLN B 68 25.74 -36.20 -6.65
C GLN B 68 24.55 -35.46 -7.29
N GLN B 69 24.86 -34.63 -8.26
CA GLN B 69 23.84 -33.87 -8.95
C GLN B 69 23.85 -34.22 -10.44
N ASP B 70 23.12 -35.27 -10.79
CA ASP B 70 23.10 -35.78 -12.17
C ASP B 70 24.51 -36.16 -12.61
N ASN B 71 25.23 -36.82 -11.71
CA ASN B 71 26.60 -37.23 -11.98
C ASN B 71 26.63 -38.68 -12.42
N SER A 1 -32.01 40.83 -1.67
CA SER A 1 -32.07 39.36 -1.86
C SER A 1 -30.70 38.73 -1.64
N PHE A 2 -30.03 39.12 -0.56
CA PHE A 2 -28.71 38.59 -0.25
C PHE A 2 -28.77 37.60 0.90
N ASP A 3 -29.88 37.61 1.63
CA ASP A 3 -30.02 36.77 2.81
C ASP A 3 -29.91 35.29 2.44
N ARG A 4 -30.71 34.85 1.47
CA ARG A 4 -30.58 33.50 0.90
C ARG A 4 -29.16 33.14 0.49
N LEU A 5 -28.31 34.10 0.13
CA LEU A 5 -26.98 33.75 -0.34
C LEU A 5 -26.09 33.60 0.88
N LEU A 6 -26.50 34.26 1.94
CA LEU A 6 -25.84 34.19 3.22
C LEU A 6 -26.17 32.85 3.89
N ALA A 7 -27.37 32.35 3.61
CA ALA A 7 -27.80 31.07 4.09
C ALA A 7 -26.91 29.94 3.57
N GLU A 8 -26.39 30.11 2.36
CA GLU A 8 -25.51 29.12 1.77
C GLU A 8 -24.07 29.39 2.19
N ASN A 9 -23.84 30.62 2.64
CA ASN A 9 -22.51 31.06 3.05
C ASN A 9 -22.11 30.34 4.34
N GLU A 10 -23.05 30.33 5.27
CA GLU A 10 -22.87 29.61 6.52
C GLU A 10 -22.78 28.11 6.27
N SER A 11 -23.50 27.66 5.24
CA SER A 11 -23.54 26.25 4.89
C SER A 11 -22.21 25.81 4.29
N LEU A 12 -21.59 26.66 3.47
CA LEU A 12 -20.33 26.32 2.81
C LEU A 12 -19.25 26.01 3.83
N GLN A 13 -18.86 27.01 4.62
CA GLN A 13 -17.87 26.82 5.69
C GLN A 13 -18.13 25.58 6.56
N GLN A 14 -19.38 25.18 6.72
CA GLN A 14 -19.71 24.02 7.53
C GLN A 14 -19.49 22.73 6.74
N LYS A 15 -19.94 22.73 5.50
CA LYS A 15 -19.81 21.57 4.63
C LYS A 15 -18.34 21.29 4.32
N ILE A 16 -17.54 22.35 4.27
CA ILE A 16 -16.12 22.24 3.99
C ILE A 16 -15.38 21.56 5.13
N ASN A 17 -15.95 21.65 6.34
CA ASN A 17 -15.37 20.99 7.50
C ASN A 17 -15.19 19.50 7.23
N SER A 18 -16.18 18.91 6.58
CA SER A 18 -16.13 17.51 6.22
C SER A 18 -14.99 17.26 5.23
N LEU A 19 -14.84 18.15 4.27
CA LEU A 19 -13.83 18.02 3.23
C LEU A 19 -12.42 18.22 3.78
N GLU A 20 -12.21 19.31 4.51
CA GLU A 20 -10.88 19.63 5.02
C GLU A 20 -10.41 18.59 6.02
N VAL A 21 -11.33 18.00 6.77
CA VAL A 21 -10.96 16.94 7.69
C VAL A 21 -10.75 15.62 6.95
N GLU A 22 -11.41 15.47 5.80
CA GLU A 22 -11.32 14.24 5.04
C GLU A 22 -10.09 14.25 4.12
N ALA A 23 -10.09 15.16 3.15
CA ALA A 23 -9.04 15.25 2.17
C ALA A 23 -7.64 15.27 2.76
N LYS A 24 -7.46 16.10 3.78
CA LYS A 24 -6.13 16.31 4.37
C LYS A 24 -5.63 15.05 5.06
N ARG A 25 -6.47 14.45 5.89
CA ARG A 25 -6.15 13.16 6.52
C ARG A 25 -5.84 12.11 5.45
N LEU A 26 -6.65 12.08 4.40
CA LEU A 26 -6.40 11.23 3.25
C LEU A 26 -5.01 11.48 2.68
N GLN A 27 -4.65 12.75 2.52
CA GLN A 27 -3.33 13.13 2.00
C GLN A 27 -2.23 12.56 2.87
N GLY A 28 -2.41 12.66 4.18
CA GLY A 28 -1.43 12.10 5.11
C GLY A 28 -1.28 10.61 4.95
N PHE A 29 -2.41 9.92 4.80
CA PHE A 29 -2.39 8.48 4.58
C PHE A 29 -1.75 8.15 3.23
N ASN A 30 -2.15 8.91 2.21
CA ASN A 30 -1.62 8.77 0.86
C ASN A 30 -0.11 8.98 0.84
N GLU A 31 0.37 9.84 1.72
CA GLU A 31 1.78 10.17 1.78
C GLU A 31 2.55 9.02 2.40
N TYR A 32 2.05 8.54 3.53
CA TYR A 32 2.65 7.40 4.22
C TYR A 32 2.62 6.16 3.34
N VAL A 33 1.44 5.83 2.80
CA VAL A 33 1.29 4.62 2.01
C VAL A 33 2.15 4.70 0.73
N GLN A 34 2.23 5.88 0.12
CA GLN A 34 2.98 6.04 -1.13
C GLN A 34 4.42 5.55 -0.97
N GLU A 35 4.99 5.81 0.21
CA GLU A 35 6.35 5.39 0.49
C GLU A 35 6.46 3.87 0.52
N ARG A 36 5.54 3.19 1.20
CA ARG A 36 5.64 1.76 1.38
C ARG A 36 5.09 1.02 0.16
N LEU A 37 4.26 1.71 -0.61
CA LEU A 37 3.67 1.11 -1.80
C LEU A 37 4.80 0.80 -2.79
N ASP A 38 5.79 1.68 -2.82
CA ASP A 38 6.98 1.45 -3.64
C ASP A 38 7.94 0.50 -2.94
N ARG A 39 8.26 0.80 -1.69
CA ARG A 39 9.26 0.04 -0.94
C ARG A 39 8.89 -1.43 -0.80
N ILE A 40 7.61 -1.71 -0.60
CA ILE A 40 7.15 -3.09 -0.52
C ILE A 40 7.31 -3.78 -1.87
N THR A 41 6.96 -3.07 -2.95
CA THR A 41 6.96 -3.64 -4.28
C THR A 41 8.31 -4.28 -4.62
N ASP A 42 9.39 -3.52 -4.49
CA ASP A 42 10.73 -3.99 -4.88
C ASP A 42 11.04 -5.35 -4.26
N ASP A 43 11.00 -5.42 -2.94
CA ASP A 43 11.19 -6.70 -2.26
C ASP A 43 10.18 -7.71 -2.75
N PHE A 44 8.91 -7.35 -2.64
CA PHE A 44 7.81 -8.25 -2.98
C PHE A 44 8.03 -8.91 -4.35
N VAL A 45 8.13 -8.12 -5.41
CA VAL A 45 8.35 -8.66 -6.75
C VAL A 45 9.66 -9.46 -6.88
N LYS A 46 10.74 -8.97 -6.28
CA LYS A 46 12.06 -9.58 -6.46
C LYS A 46 12.25 -10.80 -5.55
N MET A 47 11.67 -10.74 -4.36
CA MET A 47 11.77 -11.83 -3.39
C MET A 47 11.04 -13.06 -3.91
N LYS A 48 10.01 -12.83 -4.71
CA LYS A 48 9.22 -13.92 -5.27
C LYS A 48 10.03 -14.68 -6.31
N ASP A 49 10.70 -13.90 -7.17
CA ASP A 49 11.55 -14.45 -8.21
C ASP A 49 12.58 -15.43 -7.63
N ASN A 50 13.19 -15.02 -6.52
CA ASN A 50 14.18 -15.85 -5.85
C ASN A 50 13.50 -16.94 -5.02
N PHE A 51 12.46 -16.55 -4.30
CA PHE A 51 11.66 -17.49 -3.50
C PHE A 51 11.25 -18.73 -4.32
N GLU A 52 10.77 -18.50 -5.54
CA GLU A 52 10.40 -19.61 -6.42
C GLU A 52 11.64 -20.39 -6.84
N THR A 53 12.72 -19.66 -7.12
CA THR A 53 14.01 -20.27 -7.44
C THR A 53 14.45 -21.20 -6.31
N LEU A 54 14.47 -20.67 -5.09
CA LEU A 54 14.84 -21.45 -3.91
C LEU A 54 13.88 -22.60 -3.68
N ARG A 55 12.66 -22.45 -4.19
CA ARG A 55 11.65 -23.48 -4.05
C ARG A 55 12.01 -24.67 -4.90
N THR A 56 12.23 -24.43 -6.19
CA THR A 56 12.59 -25.52 -7.10
C THR A 56 13.86 -26.22 -6.63
N GLU A 57 14.91 -25.43 -6.40
CA GLU A 57 16.20 -25.99 -6.01
C GLU A 57 16.08 -26.83 -4.75
N LEU A 58 15.59 -26.23 -3.67
CA LEU A 58 15.40 -26.96 -2.43
C LEU A 58 14.43 -28.11 -2.59
N SER A 59 13.38 -27.86 -3.36
CA SER A 59 12.41 -28.91 -3.67
C SER A 59 13.11 -30.20 -4.11
N GLU A 60 14.10 -30.06 -4.99
CA GLU A 60 14.87 -31.21 -5.44
C GLU A 60 15.96 -31.54 -4.43
N ALA A 61 16.58 -30.49 -3.89
CA ALA A 61 17.56 -30.60 -2.84
C ALA A 61 17.15 -31.54 -1.71
N GLN A 62 15.88 -31.47 -1.30
CA GLN A 62 15.44 -32.22 -0.14
C GLN A 62 15.38 -33.69 -0.48
N GLN A 63 15.18 -33.98 -1.75
CA GLN A 63 15.06 -35.35 -2.22
C GLN A 63 16.38 -36.09 -2.04
N LYS A 64 17.48 -35.38 -2.25
CA LYS A 64 18.81 -35.98 -2.09
C LYS A 64 19.26 -35.86 -0.65
N LEU A 65 18.83 -34.80 0.03
CA LEU A 65 19.18 -34.58 1.42
C LEU A 65 18.71 -35.71 2.30
N ARG A 66 17.52 -36.22 2.00
CA ARG A 66 16.92 -37.29 2.77
C ARG A 66 17.77 -38.56 2.76
N ARG A 67 18.82 -38.57 1.93
CA ARG A 67 19.73 -39.71 1.87
C ARG A 67 20.77 -39.64 2.97
N GLN A 68 20.93 -38.45 3.57
CA GLN A 68 21.92 -38.26 4.63
C GLN A 68 21.51 -37.12 5.56
N GLN A 69 20.22 -36.88 5.70
CA GLN A 69 19.75 -35.75 6.50
C GLN A 69 19.60 -36.16 7.95
N ASP A 70 20.60 -35.82 8.75
CA ASP A 70 20.57 -36.12 10.18
C ASP A 70 19.76 -35.07 10.92
N ASN A 71 19.48 -33.95 10.25
CA ASN A 71 18.67 -32.89 10.83
C ASN A 71 17.20 -33.17 10.59
N SER B 1 -24.75 45.42 4.34
CA SER B 1 -23.38 44.88 4.46
C SER B 1 -23.34 43.38 4.17
N PHE B 2 -24.00 42.97 3.10
CA PHE B 2 -24.04 41.56 2.74
C PHE B 2 -23.15 41.28 1.54
N ASP B 3 -22.74 42.33 0.84
CA ASP B 3 -21.94 42.17 -0.38
C ASP B 3 -20.62 41.48 -0.07
N ARG B 4 -19.87 42.00 0.90
CA ARG B 4 -18.68 41.32 1.40
C ARG B 4 -18.90 39.85 1.76
N LEU B 5 -20.10 39.44 2.13
CA LEU B 5 -20.29 38.07 2.56
C LEU B 5 -20.54 37.23 1.31
N LEU B 6 -21.02 37.93 0.28
CA LEU B 6 -21.24 37.35 -1.03
C LEU B 6 -19.90 37.14 -1.73
N ALA B 7 -18.97 38.04 -1.43
CA ALA B 7 -17.62 37.95 -1.97
C ALA B 7 -16.92 36.66 -1.52
N GLU B 8 -17.26 36.19 -0.32
CA GLU B 8 -16.68 34.97 0.21
C GLU B 8 -17.52 33.78 -0.23
N ASN B 9 -18.74 34.07 -0.65
CA ASN B 9 -19.68 33.05 -1.08
C ASN B 9 -19.22 32.45 -2.40
N GLU B 10 -18.85 33.35 -3.31
CA GLU B 10 -18.31 32.96 -4.60
C GLU B 10 -16.96 32.27 -4.41
N SER B 11 -16.24 32.71 -3.39
CA SER B 11 -14.92 32.17 -3.09
C SER B 11 -15.02 30.75 -2.54
N LEU B 12 -16.02 30.49 -1.70
CA LEU B 12 -16.19 29.18 -1.10
C LEU B 12 -16.35 28.09 -2.17
N GLN B 13 -17.45 28.16 -2.92
CA GLN B 13 -17.70 27.22 -4.03
C GLN B 13 -16.48 27.00 -4.94
N GLN B 14 -15.63 28.02 -5.09
CA GLN B 14 -14.45 27.88 -5.93
C GLN B 14 -13.34 27.15 -5.21
N LYS B 15 -13.12 27.51 -3.95
CA LYS B 15 -12.09 26.89 -3.13
C LYS B 15 -12.40 25.42 -2.88
N ILE B 16 -13.69 25.11 -2.80
CA ILE B 16 -14.14 23.74 -2.56
C ILE B 16 -13.84 22.85 -3.77
N ASN B 17 -13.74 23.45 -4.95
CA ASN B 17 -13.39 22.71 -6.15
C ASN B 17 -12.09 21.94 -5.95
N SER B 18 -11.14 22.60 -5.29
CA SER B 18 -9.85 21.97 -5.00
C SER B 18 -10.05 20.78 -4.06
N LEU B 19 -10.91 20.97 -3.07
CA LEU B 19 -11.15 19.93 -2.06
C LEU B 19 -11.91 18.75 -2.64
N GLU B 20 -13.01 19.01 -3.33
CA GLU B 20 -13.85 17.95 -3.86
C GLU B 20 -13.11 17.14 -4.93
N VAL B 21 -12.23 17.79 -5.66
CA VAL B 21 -11.42 17.07 -6.65
C VAL B 21 -10.28 16.33 -5.96
N GLU B 22 -9.84 16.83 -4.81
CA GLU B 22 -8.72 16.22 -4.11
C GLU B 22 -9.19 15.06 -3.22
N ALA B 23 -10.01 15.38 -2.21
CA ALA B 23 -10.48 14.41 -1.25
C ALA B 23 -11.07 13.17 -1.89
N LYS B 24 -11.94 13.36 -2.87
CA LYS B 24 -12.66 12.26 -3.48
C LYS B 24 -11.72 11.33 -4.25
N ARG B 25 -10.87 11.90 -5.09
CA ARG B 25 -9.84 11.12 -5.76
C ARG B 25 -8.96 10.37 -4.76
N LEU B 26 -8.58 11.07 -3.68
CA LEU B 26 -7.86 10.44 -2.58
C LEU B 26 -8.62 9.24 -2.04
N GLN B 27 -9.93 9.40 -1.83
CA GLN B 27 -10.78 8.33 -1.33
C GLN B 27 -10.73 7.12 -2.26
N GLY B 28 -10.78 7.38 -3.56
CA GLY B 28 -10.69 6.31 -4.54
C GLY B 28 -9.37 5.57 -4.44
N PHE B 29 -8.29 6.32 -4.31
CA PHE B 29 -6.96 5.74 -4.14
C PHE B 29 -6.88 4.97 -2.82
N ASN B 30 -7.39 5.59 -1.76
CA ASN B 30 -7.43 4.98 -0.42
C ASN B 30 -8.22 3.68 -0.44
N GLU B 31 -9.23 3.62 -1.30
CA GLU B 31 -10.09 2.45 -1.39
C GLU B 31 -9.36 1.32 -2.09
N TYR B 32 -8.74 1.64 -3.22
CA TYR B 32 -7.96 0.68 -3.97
C TYR B 32 -6.78 0.18 -3.15
N VAL B 33 -6.00 1.09 -2.59
CA VAL B 33 -4.81 0.72 -1.84
C VAL B 33 -5.18 -0.09 -0.59
N GLN B 34 -6.27 0.28 0.08
CA GLN B 34 -6.70 -0.40 1.30
C GLN B 34 -6.81 -1.91 1.08
N GLU B 35 -7.31 -2.28 -0.10
CA GLU B 35 -7.47 -3.69 -0.45
C GLU B 35 -6.12 -4.39 -0.53
N ARG B 36 -5.16 -3.77 -1.22
CA ARG B 36 -3.89 -4.43 -1.45
C ARG B 36 -2.96 -4.26 -0.27
N LEU B 37 -3.23 -3.27 0.57
CA LEU B 37 -2.42 -3.01 1.75
C LEU B 37 -2.55 -4.21 2.68
N ASP B 38 -3.74 -4.78 2.73
CA ASP B 38 -4.00 -5.99 3.50
C ASP B 38 -3.52 -7.23 2.73
N ARG B 39 -3.96 -7.34 1.48
CA ARG B 39 -3.68 -8.53 0.67
C ARG B 39 -2.19 -8.76 0.49
N ILE B 40 -1.43 -7.68 0.32
CA ILE B 40 0.02 -7.80 0.18
C ILE B 40 0.63 -8.28 1.50
N THR B 41 0.14 -7.73 2.62
CA THR B 41 0.71 -8.02 3.93
C THR B 41 0.77 -9.51 4.20
N ASP B 42 -0.36 -10.20 4.07
CA ASP B 42 -0.45 -11.63 4.39
C ASP B 42 0.66 -12.42 3.71
N ASP B 43 0.70 -12.37 2.40
CA ASP B 43 1.77 -13.01 1.65
C ASP B 43 3.12 -12.51 2.13
N PHE B 44 3.28 -11.19 2.07
CA PHE B 44 4.56 -10.56 2.41
C PHE B 44 5.13 -11.08 3.74
N VAL B 45 4.39 -10.90 4.83
CA VAL B 45 4.83 -11.37 6.14
C VAL B 45 5.05 -12.90 6.20
N LYS B 46 4.16 -13.67 5.59
CA LYS B 46 4.21 -15.13 5.70
C LYS B 46 5.22 -15.75 4.74
N MET B 47 5.36 -15.13 3.56
CA MET B 47 6.29 -15.62 2.55
C MET B 47 7.72 -15.45 3.03
N LYS B 48 7.95 -14.45 3.87
CA LYS B 48 9.29 -14.18 4.41
C LYS B 48 9.67 -15.27 5.39
N ASP B 49 8.73 -15.61 6.25
CA ASP B 49 8.92 -16.66 7.25
C ASP B 49 9.39 -17.96 6.60
N ASN B 50 8.75 -18.31 5.49
CA ASN B 50 9.10 -19.53 4.77
C ASN B 50 10.34 -19.29 3.90
N PHE B 51 10.38 -18.16 3.23
CA PHE B 51 11.54 -17.76 2.41
C PHE B 51 12.85 -17.90 3.19
N GLU B 52 12.87 -17.43 4.43
CA GLU B 52 14.05 -17.56 5.28
C GLU B 52 14.29 -19.03 5.64
N THR B 53 13.20 -19.74 5.92
CA THR B 53 13.26 -21.18 6.17
C THR B 53 13.92 -21.92 4.99
N LEU B 54 13.39 -21.67 3.79
CA LEU B 54 13.92 -22.27 2.57
C LEU B 54 15.35 -21.81 2.32
N ARG B 55 15.71 -20.66 2.87
CA ARG B 55 17.05 -20.13 2.70
C ARG B 55 18.02 -20.97 3.51
N THR B 56 17.76 -21.13 4.80
CA THR B 56 18.64 -21.93 5.64
C THR B 56 18.76 -23.36 5.11
N GLU B 57 17.62 -23.99 4.88
CA GLU B 57 17.60 -25.38 4.43
C GLU B 57 18.39 -25.55 3.14
N LEU B 58 18.01 -24.81 2.10
CA LEU B 58 18.72 -24.88 0.85
C LEU B 58 20.16 -24.45 0.98
N SER B 59 20.37 -23.43 1.78
CA SER B 59 21.74 -22.95 2.08
C SER B 59 22.65 -24.13 2.45
N GLU B 60 22.15 -25.03 3.30
CA GLU B 60 22.93 -26.20 3.68
C GLU B 60 22.75 -27.29 2.63
N ALA B 61 21.53 -27.42 2.11
CA ALA B 61 21.22 -28.30 1.03
C ALA B 61 22.20 -28.25 -0.14
N GLN B 62 22.64 -27.06 -0.50
CA GLN B 62 23.46 -26.88 -1.68
C GLN B 62 24.86 -27.42 -1.41
N GLN B 63 25.23 -27.42 -0.13
CA GLN B 63 26.55 -27.86 0.27
C GLN B 63 26.69 -29.35 0.02
N LYS B 64 25.63 -30.11 0.24
CA LYS B 64 25.64 -31.54 0.01
C LYS B 64 25.31 -31.85 -1.44
N LEU B 65 24.48 -31.01 -2.05
CA LEU B 65 24.11 -31.19 -3.44
C LEU B 65 25.32 -31.16 -4.36
N ARG B 66 26.26 -30.29 -4.05
CA ARG B 66 27.48 -30.13 -4.85
C ARG B 66 28.29 -31.41 -4.90
N ARG B 67 27.90 -32.40 -4.12
CA ARG B 67 28.59 -33.70 -4.12
C ARG B 67 28.08 -34.58 -5.26
N GLN B 68 26.91 -34.23 -5.80
CA GLN B 68 26.32 -35.01 -6.89
C GLN B 68 25.39 -34.15 -7.75
N GLN B 69 25.68 -32.86 -7.85
CA GLN B 69 24.81 -31.96 -8.58
C GLN B 69 25.20 -31.91 -10.05
N ASP B 70 24.47 -32.67 -10.86
CA ASP B 70 24.72 -32.70 -12.29
C ASP B 70 24.06 -31.50 -12.96
N ASN B 71 23.17 -30.85 -12.24
CA ASN B 71 22.50 -29.66 -12.76
C ASN B 71 23.35 -28.43 -12.51
N SER A 1 -27.37 42.04 -3.40
CA SER A 1 -27.63 41.34 -2.13
C SER A 1 -27.24 39.87 -2.22
N PHE A 2 -27.98 39.09 -3.01
CA PHE A 2 -27.72 37.66 -3.18
C PHE A 2 -27.82 36.94 -1.83
N ASP A 3 -28.95 37.11 -1.15
CA ASP A 3 -29.15 36.53 0.16
C ASP A 3 -29.25 35.02 0.09
N ARG A 4 -29.53 34.49 -1.10
CA ARG A 4 -29.52 33.06 -1.32
C ARG A 4 -28.10 32.51 -1.23
N LEU A 5 -27.14 33.31 -1.66
CA LEU A 5 -25.74 32.93 -1.53
C LEU A 5 -25.30 33.04 -0.08
N LEU A 6 -26.04 33.82 0.70
CA LEU A 6 -25.81 33.89 2.13
C LEU A 6 -26.31 32.63 2.79
N ALA A 7 -27.43 32.12 2.31
CA ALA A 7 -27.96 30.86 2.76
C ALA A 7 -26.97 29.73 2.46
N GLU A 8 -26.29 29.85 1.33
CA GLU A 8 -25.27 28.89 0.93
C GLU A 8 -23.99 29.12 1.69
N ASN A 9 -23.86 30.31 2.29
CA ASN A 9 -22.63 30.67 2.99
C ASN A 9 -22.46 29.76 4.20
N GLU A 10 -23.54 29.58 4.94
CA GLU A 10 -23.54 28.71 6.10
C GLU A 10 -23.42 27.25 5.67
N SER A 11 -23.91 26.96 4.46
CA SER A 11 -23.85 25.62 3.90
C SER A 11 -22.41 25.28 3.48
N LEU A 12 -21.74 26.25 2.89
CA LEU A 12 -20.35 26.08 2.48
C LEU A 12 -19.47 25.81 3.69
N GLN A 13 -19.42 26.79 4.60
CA GLN A 13 -18.71 26.63 5.88
C GLN A 13 -18.89 25.26 6.53
N GLN A 14 -20.12 24.75 6.60
CA GLN A 14 -20.36 23.49 7.28
C GLN A 14 -19.90 22.29 6.44
N LYS A 15 -19.97 22.42 5.12
CA LYS A 15 -19.55 21.34 4.23
C LYS A 15 -18.03 21.24 4.20
N ILE A 16 -17.37 22.38 4.19
CA ILE A 16 -15.91 22.42 4.09
C ILE A 16 -15.27 21.97 5.38
N ASN A 17 -16.00 22.12 6.49
CA ASN A 17 -15.53 21.65 7.78
C ASN A 17 -15.28 20.15 7.70
N SER A 18 -16.00 19.50 6.81
CA SER A 18 -15.82 18.07 6.57
C SER A 18 -14.68 17.84 5.56
N LEU A 19 -14.64 18.66 4.51
CA LEU A 19 -13.69 18.49 3.42
C LEU A 19 -12.24 18.82 3.83
N GLU A 20 -12.02 20.00 4.40
CA GLU A 20 -10.67 20.41 4.77
C GLU A 20 -10.07 19.47 5.81
N VAL A 21 -10.92 18.75 6.51
CA VAL A 21 -10.47 17.71 7.41
C VAL A 21 -10.23 16.42 6.64
N GLU A 22 -11.17 16.06 5.77
CA GLU A 22 -11.14 14.78 5.09
C GLU A 22 -10.00 14.69 4.08
N ALA A 23 -10.04 15.54 3.04
CA ALA A 23 -9.03 15.55 2.01
C ALA A 23 -7.62 15.58 2.58
N LYS A 24 -7.43 16.34 3.64
CA LYS A 24 -6.11 16.48 4.25
C LYS A 24 -5.70 15.21 4.99
N ARG A 25 -6.58 14.69 5.85
CA ARG A 25 -6.32 13.43 6.55
C ARG A 25 -5.97 12.33 5.57
N LEU A 26 -6.77 12.23 4.51
CA LEU A 26 -6.50 11.30 3.41
C LEU A 26 -5.07 11.44 2.91
N GLN A 27 -4.70 12.66 2.51
CA GLN A 27 -3.37 12.93 1.95
C GLN A 27 -2.27 12.42 2.88
N GLY A 28 -2.45 12.60 4.19
CA GLY A 28 -1.49 12.11 5.15
C GLY A 28 -1.28 10.60 5.05
N PHE A 29 -2.36 9.89 4.76
CA PHE A 29 -2.29 8.44 4.61
C PHE A 29 -1.72 8.09 3.24
N ASN A 30 -2.13 8.84 2.22
CA ASN A 30 -1.63 8.63 0.86
C ASN A 30 -0.12 8.85 0.79
N GLU A 31 0.39 9.67 1.70
CA GLU A 31 1.82 9.91 1.78
C GLU A 31 2.50 8.78 2.53
N TYR A 32 1.90 8.37 3.64
CA TYR A 32 2.41 7.25 4.42
C TYR A 32 2.47 5.98 3.57
N VAL A 33 1.34 5.64 2.94
CA VAL A 33 1.26 4.44 2.13
C VAL A 33 2.20 4.54 0.93
N GLN A 34 2.37 5.75 0.39
CA GLN A 34 3.24 5.97 -0.77
C GLN A 34 4.62 5.38 -0.51
N GLU A 35 5.10 5.58 0.71
CA GLU A 35 6.40 5.08 1.11
C GLU A 35 6.45 3.56 0.99
N ARG A 36 5.50 2.86 1.60
CA ARG A 36 5.52 1.41 1.66
C ARG A 36 5.06 0.80 0.33
N LEU A 37 4.32 1.57 -0.46
CA LEU A 37 3.81 1.07 -1.73
C LEU A 37 4.98 0.82 -2.67
N ASP A 38 6.04 1.60 -2.52
CA ASP A 38 7.27 1.40 -3.28
C ASP A 38 8.16 0.37 -2.59
N ARG A 39 8.43 0.59 -1.30
CA ARG A 39 9.38 -0.23 -0.55
C ARG A 39 8.94 -1.69 -0.52
N ILE A 40 7.65 -1.93 -0.29
CA ILE A 40 7.14 -3.30 -0.24
C ILE A 40 7.29 -3.99 -1.58
N THR A 41 6.91 -3.29 -2.66
CA THR A 41 6.88 -3.88 -3.98
C THR A 41 8.20 -4.54 -4.34
N ASP A 42 9.30 -3.81 -4.16
CA ASP A 42 10.61 -4.30 -4.56
C ASP A 42 10.93 -5.63 -3.89
N ASP A 43 10.97 -5.62 -2.57
CA ASP A 43 11.25 -6.84 -1.80
C ASP A 43 10.18 -7.91 -2.01
N PHE A 44 9.01 -7.50 -2.48
CA PHE A 44 7.94 -8.46 -2.74
C PHE A 44 8.16 -9.13 -4.09
N VAL A 45 8.14 -8.34 -5.16
CA VAL A 45 8.29 -8.85 -6.52
C VAL A 45 9.60 -9.62 -6.72
N LYS A 46 10.68 -9.12 -6.15
CA LYS A 46 11.98 -9.80 -6.28
C LYS A 46 12.01 -11.09 -5.49
N MET A 47 11.41 -11.07 -4.30
CA MET A 47 11.45 -12.23 -3.42
C MET A 47 10.56 -13.34 -3.97
N LYS A 48 9.49 -12.97 -4.66
CA LYS A 48 8.61 -13.97 -5.29
C LYS A 48 9.38 -14.75 -6.35
N ASP A 49 10.09 -14.01 -7.20
CA ASP A 49 10.94 -14.62 -8.22
C ASP A 49 11.91 -15.63 -7.62
N ASN A 50 12.67 -15.18 -6.64
CA ASN A 50 13.65 -16.05 -5.97
C ASN A 50 12.96 -17.18 -5.20
N PHE A 51 11.87 -16.83 -4.54
CA PHE A 51 11.03 -17.79 -3.83
C PHE A 51 10.77 -19.04 -4.67
N GLU A 52 10.32 -18.85 -5.91
CA GLU A 52 10.06 -19.96 -6.82
C GLU A 52 11.33 -20.75 -7.10
N THR A 53 12.41 -20.03 -7.32
CA THR A 53 13.72 -20.63 -7.52
C THR A 53 14.11 -21.51 -6.34
N LEU A 54 14.13 -20.92 -5.14
CA LEU A 54 14.48 -21.63 -3.92
C LEU A 54 13.51 -22.76 -3.64
N ARG A 55 12.26 -22.56 -4.04
CA ARG A 55 11.25 -23.58 -3.87
C ARG A 55 11.58 -24.81 -4.69
N THR A 56 11.72 -24.64 -6.00
CA THR A 56 12.04 -25.76 -6.86
C THR A 56 13.32 -26.45 -6.43
N GLU A 57 14.38 -25.66 -6.26
CA GLU A 57 15.68 -26.21 -5.91
C GLU A 57 15.62 -26.99 -4.60
N LEU A 58 15.25 -26.33 -3.52
CA LEU A 58 15.16 -26.95 -2.23
C LEU A 58 14.17 -28.11 -2.22
N SER A 59 13.06 -27.90 -2.90
CA SER A 59 12.05 -28.95 -3.03
C SER A 59 12.68 -30.27 -3.47
N GLU A 60 13.59 -30.21 -4.42
CA GLU A 60 14.29 -31.41 -4.86
C GLU A 60 15.49 -31.68 -3.96
N ALA A 61 16.15 -30.61 -3.53
CA ALA A 61 17.23 -30.68 -2.58
C ALA A 61 16.91 -31.54 -1.36
N GLN A 62 15.67 -31.48 -0.89
CA GLN A 62 15.30 -32.15 0.35
C GLN A 62 15.08 -33.63 0.09
N GLN A 63 14.77 -33.96 -1.16
CA GLN A 63 14.57 -35.34 -1.57
C GLN A 63 15.87 -36.11 -1.44
N LYS A 64 16.98 -35.43 -1.69
CA LYS A 64 18.30 -36.02 -1.53
C LYS A 64 18.79 -35.86 -0.10
N LEU A 65 18.45 -34.74 0.53
CA LEU A 65 18.89 -34.46 1.89
C LEU A 65 18.31 -35.43 2.90
N ARG A 66 17.16 -36.00 2.60
CA ARG A 66 16.53 -36.95 3.51
C ARG A 66 17.33 -38.24 3.60
N ARG A 67 18.33 -38.39 2.74
CA ARG A 67 19.22 -39.54 2.79
C ARG A 67 20.14 -39.41 4.01
N GLN A 68 20.60 -38.20 4.25
CA GLN A 68 21.42 -37.88 5.41
C GLN A 68 21.34 -36.40 5.70
N GLN A 69 20.54 -36.04 6.69
CA GLN A 69 20.43 -34.65 7.10
C GLN A 69 20.66 -34.54 8.60
N ASP A 70 21.83 -34.06 8.97
CA ASP A 70 22.22 -33.98 10.38
C ASP A 70 21.71 -32.68 10.99
N ASN A 71 20.46 -32.36 10.69
CA ASN A 71 19.83 -31.15 11.19
C ASN A 71 18.84 -31.51 12.30
N SER B 1 -27.67 41.56 5.96
CA SER B 1 -26.95 41.60 4.67
C SER B 1 -25.76 40.64 4.68
N PHE B 2 -24.74 40.97 5.47
CA PHE B 2 -23.52 40.18 5.57
C PHE B 2 -22.85 40.04 4.20
N ASP B 3 -22.59 41.18 3.57
CA ASP B 3 -22.01 41.19 2.23
C ASP B 3 -20.57 40.68 2.24
N ARG B 4 -19.96 40.68 3.42
CA ARG B 4 -18.63 40.10 3.57
C ARG B 4 -18.70 38.59 3.41
N LEU B 5 -19.80 38.00 3.86
CA LEU B 5 -20.01 36.57 3.68
C LEU B 5 -20.31 36.27 2.21
N LEU B 6 -20.75 37.29 1.49
CA LEU B 6 -20.96 37.17 0.05
C LEU B 6 -19.61 37.16 -0.65
N ALA B 7 -18.68 37.97 -0.15
CA ALA B 7 -17.33 37.97 -0.63
C ALA B 7 -16.68 36.61 -0.41
N GLU B 8 -17.03 35.98 0.70
CA GLU B 8 -16.55 34.65 1.03
C GLU B 8 -17.29 33.59 0.23
N ASN B 9 -18.44 33.96 -0.32
CA ASN B 9 -19.28 33.02 -1.04
C ASN B 9 -18.55 32.56 -2.29
N GLU B 10 -17.97 33.51 -3.00
CA GLU B 10 -17.19 33.23 -4.20
C GLU B 10 -15.89 32.52 -3.82
N SER B 11 -15.42 32.80 -2.62
CA SER B 11 -14.19 32.19 -2.11
C SER B 11 -14.43 30.72 -1.76
N LEU B 12 -15.57 30.46 -1.14
CA LEU B 12 -15.95 29.10 -0.77
C LEU B 12 -16.09 28.24 -2.03
N GLN B 13 -17.02 28.62 -2.91
CA GLN B 13 -17.19 27.96 -4.21
C GLN B 13 -15.88 27.61 -4.91
N GLN B 14 -14.93 28.55 -4.95
CA GLN B 14 -13.69 28.29 -5.69
C GLN B 14 -12.76 27.36 -4.91
N LYS B 15 -12.81 27.43 -3.59
CA LYS B 15 -11.97 26.57 -2.76
C LYS B 15 -12.47 25.13 -2.77
N ILE B 16 -13.79 24.97 -2.73
CA ILE B 16 -14.40 23.65 -2.68
C ILE B 16 -14.27 22.94 -4.01
N ASN B 17 -14.15 23.72 -5.08
CA ASN B 17 -13.93 23.15 -6.40
C ASN B 17 -12.65 22.33 -6.40
N SER B 18 -11.74 22.70 -5.50
CA SER B 18 -10.51 21.96 -5.32
C SER B 18 -10.71 20.78 -4.37
N LEU B 19 -11.46 21.02 -3.29
CA LEU B 19 -11.66 20.01 -2.24
C LEU B 19 -12.53 18.84 -2.69
N GLU B 20 -13.72 19.13 -3.22
CA GLU B 20 -14.65 18.06 -3.60
C GLU B 20 -14.04 17.20 -4.69
N VAL B 21 -13.06 17.73 -5.39
CA VAL B 21 -12.32 16.93 -6.35
C VAL B 21 -11.20 16.17 -5.65
N GLU B 22 -10.48 16.86 -4.76
CA GLU B 22 -9.30 16.30 -4.13
C GLU B 22 -9.64 15.18 -3.16
N ALA B 23 -10.38 15.50 -2.09
CA ALA B 23 -10.75 14.54 -1.10
C ALA B 23 -11.36 13.27 -1.70
N LYS B 24 -12.18 13.44 -2.74
CA LYS B 24 -12.83 12.31 -3.38
C LYS B 24 -11.85 11.47 -4.19
N ARG B 25 -11.05 12.11 -5.03
CA ARG B 25 -10.01 11.41 -5.79
C ARG B 25 -9.10 10.61 -4.86
N LEU B 26 -8.67 11.26 -3.78
CA LEU B 26 -7.89 10.59 -2.74
C LEU B 26 -8.57 9.31 -2.27
N GLN B 27 -9.83 9.43 -1.84
CA GLN B 27 -10.59 8.30 -1.32
C GLN B 27 -10.59 7.13 -2.30
N GLY B 28 -10.71 7.43 -3.58
CA GLY B 28 -10.67 6.39 -4.60
C GLY B 28 -9.37 5.61 -4.55
N PHE B 29 -8.28 6.29 -4.27
CA PHE B 29 -6.97 5.66 -4.18
C PHE B 29 -6.84 4.93 -2.85
N ASN B 30 -7.34 5.55 -1.78
CA ASN B 30 -7.30 4.95 -0.45
C ASN B 30 -8.10 3.65 -0.41
N GLU B 31 -9.07 3.55 -1.30
CA GLU B 31 -9.87 2.34 -1.42
C GLU B 31 -9.12 1.29 -2.24
N TYR B 32 -8.54 1.73 -3.34
CA TYR B 32 -7.73 0.86 -4.19
C TYR B 32 -6.57 0.27 -3.39
N VAL B 33 -5.80 1.14 -2.74
CA VAL B 33 -4.65 0.71 -1.99
C VAL B 33 -5.06 -0.17 -0.81
N GLN B 34 -6.23 0.13 -0.22
CA GLN B 34 -6.75 -0.63 0.93
C GLN B 34 -6.75 -2.12 0.59
N GLU B 35 -7.17 -2.43 -0.63
CA GLU B 35 -7.22 -3.81 -1.10
C GLU B 35 -5.85 -4.46 -1.03
N ARG B 36 -4.86 -3.83 -1.65
CA ARG B 36 -3.54 -4.42 -1.76
C ARG B 36 -2.77 -4.30 -0.45
N LEU B 37 -3.15 -3.35 0.40
CA LEU B 37 -2.46 -3.14 1.66
C LEU B 37 -2.66 -4.35 2.56
N ASP B 38 -3.81 -5.00 2.40
CA ASP B 38 -4.08 -6.24 3.11
C ASP B 38 -3.51 -7.44 2.35
N ARG B 39 -3.87 -7.54 1.07
CA ARG B 39 -3.49 -8.70 0.26
C ARG B 39 -1.98 -8.88 0.18
N ILE B 40 -1.25 -7.78 -0.01
CA ILE B 40 0.20 -7.85 -0.11
C ILE B 40 0.81 -8.32 1.20
N THR B 41 0.34 -7.75 2.31
CA THR B 41 0.93 -8.01 3.61
C THR B 41 1.02 -9.50 3.90
N ASP B 42 -0.09 -10.22 3.73
CA ASP B 42 -0.15 -11.63 4.06
C ASP B 42 0.93 -12.42 3.33
N ASP B 43 0.87 -12.39 2.00
CA ASP B 43 1.86 -13.09 1.18
C ASP B 43 3.26 -12.54 1.38
N PHE B 44 3.38 -11.33 1.89
CA PHE B 44 4.68 -10.74 2.16
C PHE B 44 5.26 -11.25 3.47
N VAL B 45 4.55 -10.98 4.57
CA VAL B 45 5.01 -11.37 5.89
C VAL B 45 5.19 -12.88 6.03
N LYS B 46 4.29 -13.67 5.44
CA LYS B 46 4.40 -15.12 5.52
C LYS B 46 5.57 -15.62 4.66
N MET B 47 5.74 -15.03 3.49
CA MET B 47 6.78 -15.47 2.58
C MET B 47 8.15 -15.12 3.10
N LYS B 48 8.26 -14.02 3.85
CA LYS B 48 9.54 -13.64 4.45
C LYS B 48 9.98 -14.70 5.45
N ASP B 49 9.04 -15.10 6.31
CA ASP B 49 9.29 -16.16 7.28
C ASP B 49 9.82 -17.42 6.60
N ASN B 50 9.08 -17.90 5.62
CA ASN B 50 9.47 -19.11 4.90
C ASN B 50 10.76 -18.89 4.11
N PHE B 51 10.85 -17.73 3.48
CA PHE B 51 12.06 -17.30 2.76
C PHE B 51 13.32 -17.59 3.56
N GLU B 52 13.35 -17.16 4.82
CA GLU B 52 14.50 -17.40 5.69
C GLU B 52 14.74 -18.90 5.89
N THR B 53 13.65 -19.61 6.10
CA THR B 53 13.69 -21.05 6.25
C THR B 53 14.32 -21.70 5.01
N LEU B 54 13.72 -21.44 3.85
CA LEU B 54 14.22 -21.99 2.59
C LEU B 54 15.63 -21.52 2.30
N ARG B 55 15.95 -20.32 2.74
CA ARG B 55 17.28 -19.78 2.57
C ARG B 55 18.29 -20.62 3.31
N THR B 56 18.12 -20.74 4.63
CA THR B 56 19.05 -21.50 5.43
C THR B 56 19.16 -22.94 4.93
N GLU B 57 18.01 -23.59 4.76
CA GLU B 57 17.98 -24.99 4.35
C GLU B 57 18.70 -25.18 3.02
N LEU B 58 18.21 -24.52 1.97
CA LEU B 58 18.79 -24.64 0.66
C LEU B 58 20.23 -24.18 0.64
N SER B 59 20.51 -23.11 1.36
CA SER B 59 21.87 -22.60 1.48
C SER B 59 22.85 -23.72 1.84
N GLU B 60 22.46 -24.58 2.77
CA GLU B 60 23.29 -25.71 3.14
C GLU B 60 23.04 -26.87 2.19
N ALA B 61 21.78 -27.06 1.79
CA ALA B 61 21.40 -28.01 0.79
C ALA B 61 22.28 -28.01 -0.45
N GLN B 62 22.70 -26.83 -0.87
CA GLN B 62 23.43 -26.70 -2.12
C GLN B 62 24.89 -27.09 -1.91
N GLN B 63 25.34 -26.99 -0.68
CA GLN B 63 26.69 -27.37 -0.32
C GLN B 63 26.89 -28.87 -0.52
N LYS B 64 25.83 -29.62 -0.28
CA LYS B 64 25.84 -31.06 -0.49
C LYS B 64 25.48 -31.39 -1.94
N LEU B 65 24.57 -30.61 -2.52
CA LEU B 65 24.09 -30.84 -3.87
C LEU B 65 25.19 -30.64 -4.91
N ARG B 66 26.18 -29.82 -4.59
CA ARG B 66 27.28 -29.58 -5.52
C ARG B 66 28.14 -30.83 -5.70
N ARG B 67 27.90 -31.84 -4.86
CA ARG B 67 28.60 -33.11 -5.00
C ARG B 67 28.09 -33.85 -6.23
N GLN B 68 26.78 -33.78 -6.43
CA GLN B 68 26.14 -34.36 -7.60
C GLN B 68 24.79 -33.69 -7.84
N GLN B 69 24.76 -32.76 -8.78
CA GLN B 69 23.52 -32.09 -9.13
C GLN B 69 23.29 -32.18 -10.64
N ASP B 70 22.39 -33.07 -11.03
CA ASP B 70 22.12 -33.33 -12.44
C ASP B 70 21.10 -32.31 -12.98
N ASN B 71 21.32 -31.05 -12.63
CA ASN B 71 20.46 -29.97 -13.05
C ASN B 71 21.13 -29.17 -14.15
N SER A 1 -32.26 40.77 -5.31
CA SER A 1 -31.81 40.22 -4.01
C SER A 1 -31.00 38.95 -4.23
N PHE A 2 -29.97 38.75 -3.40
CA PHE A 2 -29.13 37.57 -3.49
C PHE A 2 -29.28 36.73 -2.23
N ASP A 3 -30.39 36.93 -1.52
CA ASP A 3 -30.66 36.22 -0.27
C ASP A 3 -30.73 34.72 -0.51
N ARG A 4 -31.10 34.34 -1.72
CA ARG A 4 -31.23 32.94 -2.06
C ARG A 4 -29.87 32.30 -2.29
N LEU A 5 -28.90 33.12 -2.67
CA LEU A 5 -27.53 32.63 -2.81
C LEU A 5 -26.90 32.55 -1.43
N LEU A 6 -27.42 33.35 -0.52
CA LEU A 6 -26.91 33.41 0.84
C LEU A 6 -27.29 32.12 1.56
N ALA A 7 -28.43 31.58 1.19
CA ALA A 7 -28.89 30.30 1.67
C ALA A 7 -27.86 29.20 1.41
N GLU A 8 -27.16 29.30 0.29
CA GLU A 8 -26.12 28.34 -0.05
C GLU A 8 -24.79 28.78 0.56
N ASN A 9 -24.60 30.10 0.65
CA ASN A 9 -23.38 30.68 1.21
C ASN A 9 -23.12 30.14 2.61
N GLU A 10 -24.12 30.24 3.47
CA GLU A 10 -24.02 29.70 4.82
C GLU A 10 -23.73 28.21 4.82
N SER A 11 -24.28 27.50 3.84
CA SER A 11 -24.15 26.05 3.79
C SER A 11 -22.73 25.65 3.37
N LEU A 12 -22.02 26.55 2.70
CA LEU A 12 -20.63 26.31 2.33
C LEU A 12 -19.79 26.03 3.56
N GLN A 13 -20.03 26.80 4.61
CA GLN A 13 -19.27 26.68 5.84
C GLN A 13 -19.52 25.33 6.51
N GLN A 14 -20.68 24.77 6.23
CA GLN A 14 -21.06 23.47 6.77
C GLN A 14 -20.35 22.35 6.02
N LYS A 15 -20.41 22.43 4.69
CA LYS A 15 -19.87 21.40 3.82
C LYS A 15 -18.35 21.29 3.94
N ILE A 16 -17.68 22.43 4.06
CA ILE A 16 -16.22 22.44 4.08
C ILE A 16 -15.67 21.96 5.40
N ASN A 17 -16.50 21.99 6.44
CA ASN A 17 -16.11 21.45 7.75
C ASN A 17 -15.81 19.96 7.60
N SER A 18 -16.44 19.35 6.63
CA SER A 18 -16.20 17.95 6.31
C SER A 18 -14.99 17.82 5.38
N LEU A 19 -14.96 18.66 4.35
CA LEU A 19 -13.93 18.57 3.30
C LEU A 19 -12.53 18.91 3.80
N GLU A 20 -12.36 20.09 4.40
CA GLU A 20 -11.03 20.52 4.84
C GLU A 20 -10.39 19.52 5.79
N VAL A 21 -11.21 18.78 6.51
CA VAL A 21 -10.73 17.73 7.38
C VAL A 21 -10.49 16.45 6.59
N GLU A 22 -11.36 16.18 5.63
CA GLU A 22 -11.35 14.91 4.93
C GLU A 22 -10.19 14.81 3.94
N ALA A 23 -10.19 15.68 2.91
CA ALA A 23 -9.15 15.66 1.92
C ALA A 23 -7.76 15.63 2.54
N LYS A 24 -7.57 16.37 3.63
CA LYS A 24 -6.27 16.47 4.28
C LYS A 24 -5.88 15.15 4.95
N ARG A 25 -6.76 14.62 5.80
CA ARG A 25 -6.47 13.36 6.49
C ARG A 25 -6.15 12.25 5.49
N LEU A 26 -6.94 12.18 4.41
CA LEU A 26 -6.70 11.26 3.32
C LEU A 26 -5.27 11.39 2.78
N GLN A 27 -4.84 12.63 2.54
CA GLN A 27 -3.49 12.89 2.05
C GLN A 27 -2.44 12.30 2.99
N GLY A 28 -2.71 12.41 4.29
CA GLY A 28 -1.81 11.85 5.28
C GLY A 28 -1.64 10.35 5.13
N PHE A 29 -2.72 9.67 4.79
CA PHE A 29 -2.67 8.22 4.61
C PHE A 29 -1.92 7.89 3.32
N ASN A 30 -2.17 8.68 2.27
CA ASN A 30 -1.50 8.49 0.99
C ASN A 30 0.00 8.68 1.13
N GLU A 31 0.40 9.47 2.11
CA GLU A 31 1.82 9.69 2.38
C GLU A 31 2.38 8.52 3.17
N TYR A 32 1.61 8.09 4.16
CA TYR A 32 1.99 6.95 4.99
C TYR A 32 2.15 5.69 4.13
N VAL A 33 1.11 5.36 3.36
CA VAL A 33 1.13 4.18 2.53
C VAL A 33 2.19 4.29 1.42
N GLN A 34 2.38 5.50 0.91
CA GLN A 34 3.32 5.73 -0.19
C GLN A 34 4.69 5.15 0.12
N GLU A 35 5.13 5.31 1.37
CA GLU A 35 6.42 4.81 1.80
C GLU A 35 6.52 3.30 1.60
N ARG A 36 5.58 2.56 2.17
CA ARG A 36 5.64 1.10 2.15
C ARG A 36 5.26 0.55 0.77
N LEU A 37 4.53 1.33 -0.01
CA LEU A 37 4.04 0.86 -1.30
C LEU A 37 5.21 0.49 -2.22
N ASP A 38 6.22 1.36 -2.28
CA ASP A 38 7.41 1.07 -3.08
C ASP A 38 8.37 0.15 -2.33
N ARG A 39 8.49 0.34 -1.03
CA ARG A 39 9.42 -0.46 -0.22
C ARG A 39 9.05 -1.93 -0.23
N ILE A 40 7.78 -2.23 -0.05
CA ILE A 40 7.31 -3.62 -0.06
C ILE A 40 7.53 -4.25 -1.41
N THR A 41 7.21 -3.50 -2.47
CA THR A 41 7.23 -4.05 -3.83
C THR A 41 8.56 -4.70 -4.16
N ASP A 42 9.67 -4.02 -3.86
CA ASP A 42 11.00 -4.50 -4.23
C ASP A 42 11.24 -5.90 -3.67
N ASP A 43 11.20 -6.02 -2.35
CA ASP A 43 11.37 -7.32 -1.69
C ASP A 43 10.32 -8.31 -2.17
N PHE A 44 9.11 -7.83 -2.37
CA PHE A 44 8.01 -8.69 -2.79
C PHE A 44 8.29 -9.29 -4.17
N VAL A 45 8.41 -8.45 -5.17
CA VAL A 45 8.66 -8.89 -6.53
C VAL A 45 9.97 -9.67 -6.67
N LYS A 46 11.01 -9.27 -5.95
CA LYS A 46 12.29 -9.96 -6.03
C LYS A 46 12.23 -11.33 -5.37
N MET A 47 11.61 -11.41 -4.19
CA MET A 47 11.57 -12.66 -3.45
C MET A 47 10.71 -13.69 -4.15
N LYS A 48 9.67 -13.26 -4.88
CA LYS A 48 8.82 -14.21 -5.61
C LYS A 48 9.64 -14.93 -6.67
N ASP A 49 10.37 -14.17 -7.46
CA ASP A 49 11.28 -14.71 -8.48
C ASP A 49 12.28 -15.68 -7.86
N ASN A 50 12.68 -15.38 -6.63
CA ASN A 50 13.66 -16.20 -5.90
C ASN A 50 12.97 -17.34 -5.17
N PHE A 51 11.65 -17.25 -5.03
CA PHE A 51 10.92 -18.10 -4.10
C PHE A 51 10.59 -19.42 -4.78
N GLU A 52 10.03 -19.33 -5.98
CA GLU A 52 9.64 -20.52 -6.74
C GLU A 52 10.87 -21.38 -7.01
N THR A 53 11.95 -20.71 -7.41
CA THR A 53 13.24 -21.36 -7.60
C THR A 53 13.66 -22.11 -6.35
N LEU A 54 13.71 -21.41 -5.22
CA LEU A 54 14.15 -22.00 -3.97
C LEU A 54 13.19 -23.08 -3.47
N ARG A 55 11.94 -23.00 -3.89
CA ARG A 55 10.94 -23.96 -3.48
C ARG A 55 11.21 -25.31 -4.10
N THR A 56 11.19 -25.37 -5.44
CA THR A 56 11.36 -26.66 -6.11
C THR A 56 12.67 -27.31 -5.74
N GLU A 57 13.75 -26.53 -5.81
CA GLU A 57 15.09 -27.04 -5.52
C GLU A 57 15.13 -27.67 -4.14
N LEU A 58 14.86 -26.86 -3.12
CA LEU A 58 14.89 -27.32 -1.75
C LEU A 58 13.85 -28.38 -1.48
N SER A 59 12.67 -28.19 -2.06
CA SER A 59 11.58 -29.18 -1.96
C SER A 59 12.10 -30.59 -2.20
N GLU A 60 12.93 -30.76 -3.23
CA GLU A 60 13.53 -32.05 -3.49
C GLU A 60 14.80 -32.23 -2.67
N ALA A 61 15.59 -31.16 -2.56
CA ALA A 61 16.78 -31.12 -1.75
C ALA A 61 16.60 -31.71 -0.35
N GLN A 62 15.47 -31.38 0.28
CA GLN A 62 15.24 -31.77 1.66
C GLN A 62 15.12 -33.28 1.82
N GLN A 63 14.85 -33.96 0.72
CA GLN A 63 14.66 -35.39 0.77
C GLN A 63 16.02 -36.08 0.62
N LYS A 64 16.66 -35.84 -0.52
CA LYS A 64 18.03 -36.27 -0.78
C LYS A 64 18.96 -35.96 0.40
N LEU A 65 18.81 -34.76 0.96
CA LEU A 65 19.70 -34.31 2.02
C LEU A 65 19.52 -35.09 3.32
N ARG A 66 18.41 -35.81 3.44
CA ARG A 66 18.14 -36.57 4.65
C ARG A 66 19.06 -37.78 4.76
N ARG A 67 19.80 -38.05 3.69
CA ARG A 67 20.75 -39.16 3.67
C ARG A 67 22.04 -38.76 4.40
N GLN A 68 22.22 -37.47 4.62
CA GLN A 68 23.35 -36.96 5.39
C GLN A 68 22.92 -35.78 6.24
N GLN A 69 21.67 -35.82 6.70
CA GLN A 69 21.11 -34.77 7.53
C GLN A 69 19.75 -35.20 8.08
N ASP A 70 19.65 -35.30 9.38
CA ASP A 70 18.37 -35.60 10.02
C ASP A 70 17.63 -34.32 10.29
N ASN A 71 18.38 -33.22 10.30
CA ASN A 71 17.83 -31.88 10.48
C ASN A 71 17.18 -31.72 11.85
N SER B 1 -24.48 45.50 7.94
CA SER B 1 -24.19 44.90 6.62
C SER B 1 -23.34 43.65 6.77
N PHE B 2 -23.59 42.67 5.90
CA PHE B 2 -22.84 41.43 5.91
C PHE B 2 -22.04 41.28 4.61
N ASP B 3 -21.82 42.42 3.95
CA ASP B 3 -21.09 42.43 2.68
C ASP B 3 -19.68 41.90 2.85
N ARG B 4 -19.14 42.04 4.05
CA ARG B 4 -17.79 41.59 4.34
C ARG B 4 -17.75 40.08 4.51
N LEU B 5 -18.88 39.49 4.89
CA LEU B 5 -18.97 38.04 4.97
C LEU B 5 -19.18 37.48 3.58
N LEU B 6 -19.74 38.32 2.72
CA LEU B 6 -20.03 37.93 1.34
C LEU B 6 -18.72 37.78 0.58
N ALA B 7 -17.75 38.62 0.96
CA ALA B 7 -16.42 38.54 0.43
C ALA B 7 -15.80 37.16 0.62
N GLU B 8 -16.14 36.50 1.73
CA GLU B 8 -15.67 35.16 1.99
C GLU B 8 -16.61 34.14 1.36
N ASN B 9 -17.90 34.49 1.32
CA ASN B 9 -18.93 33.63 0.76
C ASN B 9 -18.59 33.23 -0.66
N GLU B 10 -18.30 34.22 -1.50
CA GLU B 10 -17.89 33.97 -2.87
C GLU B 10 -16.63 33.11 -2.94
N SER B 11 -15.73 33.30 -1.98
CA SER B 11 -14.46 32.60 -2.00
C SER B 11 -14.63 31.13 -1.64
N LEU B 12 -15.72 30.81 -0.95
CA LEU B 12 -16.04 29.42 -0.61
C LEU B 12 -16.16 28.59 -1.88
N GLN B 13 -16.79 29.17 -2.89
CA GLN B 13 -17.03 28.46 -4.15
C GLN B 13 -15.72 28.19 -4.86
N GLN B 14 -14.72 29.02 -4.58
CA GLN B 14 -13.40 28.88 -5.17
C GLN B 14 -12.63 27.76 -4.48
N LYS B 15 -12.64 27.79 -3.15
CA LYS B 15 -11.88 26.84 -2.34
C LYS B 15 -12.39 25.41 -2.51
N ILE B 16 -13.70 25.25 -2.59
CA ILE B 16 -14.30 23.93 -2.65
C ILE B 16 -14.10 23.28 -4.01
N ASN B 17 -13.85 24.09 -5.03
CA ASN B 17 -13.54 23.57 -6.37
C ASN B 17 -12.29 22.71 -6.30
N SER B 18 -11.45 23.01 -5.33
CA SER B 18 -10.25 22.22 -5.09
C SER B 18 -10.58 21.02 -4.19
N LEU B 19 -11.33 21.28 -3.12
CA LEU B 19 -11.62 20.26 -2.11
C LEU B 19 -12.50 19.12 -2.63
N GLU B 20 -13.68 19.45 -3.17
CA GLU B 20 -14.61 18.42 -3.64
C GLU B 20 -13.97 17.48 -4.64
N VAL B 21 -12.99 17.98 -5.37
CA VAL B 21 -12.25 17.15 -6.31
C VAL B 21 -11.14 16.40 -5.58
N GLU B 22 -10.52 17.05 -4.61
CA GLU B 22 -9.33 16.51 -3.96
C GLU B 22 -9.68 15.38 -3.01
N ALA B 23 -10.43 15.67 -1.94
CA ALA B 23 -10.80 14.66 -0.99
C ALA B 23 -11.35 13.40 -1.64
N LYS B 24 -12.13 13.57 -2.69
CA LYS B 24 -12.75 12.43 -3.37
C LYS B 24 -11.73 11.58 -4.12
N ARG B 25 -10.91 12.21 -4.96
CA ARG B 25 -9.90 11.49 -5.72
C ARG B 25 -8.97 10.72 -4.77
N LEU B 26 -8.56 11.36 -3.69
CA LEU B 26 -7.77 10.73 -2.63
C LEU B 26 -8.44 9.45 -2.13
N GLN B 27 -9.75 9.53 -1.85
CA GLN B 27 -10.51 8.37 -1.39
C GLN B 27 -10.41 7.23 -2.38
N GLY B 28 -10.45 7.57 -3.66
CA GLY B 28 -10.32 6.56 -4.70
C GLY B 28 -9.01 5.81 -4.62
N PHE B 29 -7.94 6.51 -4.29
CA PHE B 29 -6.63 5.89 -4.17
C PHE B 29 -6.58 5.02 -2.92
N ASN B 30 -7.17 5.52 -1.82
CA ASN B 30 -7.23 4.78 -0.57
C ASN B 30 -8.00 3.48 -0.74
N GLU B 31 -8.91 3.45 -1.70
CA GLU B 31 -9.68 2.26 -1.99
C GLU B 31 -8.84 1.31 -2.84
N TYR B 32 -8.17 1.89 -3.83
CA TYR B 32 -7.31 1.12 -4.71
C TYR B 32 -6.19 0.45 -3.92
N VAL B 33 -5.46 1.24 -3.15
CA VAL B 33 -4.35 0.72 -2.37
C VAL B 33 -4.84 -0.25 -1.29
N GLN B 34 -6.01 0.03 -0.72
CA GLN B 34 -6.57 -0.79 0.35
C GLN B 34 -6.57 -2.27 -0.02
N GLU B 35 -6.94 -2.55 -1.26
CA GLU B 35 -7.00 -3.92 -1.75
C GLU B 35 -5.66 -4.61 -1.62
N ARG B 36 -4.61 -4.01 -2.20
CA ARG B 36 -3.30 -4.65 -2.24
C ARG B 36 -2.60 -4.57 -0.88
N LEU B 37 -3.01 -3.63 -0.04
CA LEU B 37 -2.34 -3.42 1.24
C LEU B 37 -2.45 -4.68 2.11
N ASP B 38 -3.64 -5.27 2.17
CA ASP B 38 -3.81 -6.50 2.93
C ASP B 38 -3.39 -7.72 2.12
N ARG B 39 -3.64 -7.70 0.81
CA ARG B 39 -3.30 -8.83 -0.05
C ARG B 39 -1.80 -9.08 -0.08
N ILE B 40 -1.02 -8.01 -0.25
CA ILE B 40 0.43 -8.14 -0.30
C ILE B 40 0.97 -8.64 1.03
N THR B 41 0.45 -8.10 2.13
CA THR B 41 0.97 -8.39 3.46
C THR B 41 1.06 -9.89 3.72
N ASP B 42 -0.02 -10.61 3.44
CA ASP B 42 -0.09 -12.04 3.74
C ASP B 42 1.08 -12.79 3.12
N ASP B 43 1.17 -12.74 1.80
CA ASP B 43 2.27 -13.39 1.08
C ASP B 43 3.61 -12.84 1.53
N PHE B 44 3.65 -11.55 1.80
CA PHE B 44 4.89 -10.89 2.19
C PHE B 44 5.38 -11.44 3.54
N VAL B 45 4.58 -11.26 4.58
CA VAL B 45 4.93 -11.72 5.92
C VAL B 45 5.14 -13.24 5.98
N LYS B 46 4.33 -14.00 5.25
CA LYS B 46 4.46 -15.46 5.26
C LYS B 46 5.73 -15.91 4.54
N MET B 47 6.00 -15.33 3.38
CA MET B 47 7.14 -15.76 2.59
C MET B 47 8.46 -15.40 3.27
N LYS B 48 8.49 -14.31 4.03
CA LYS B 48 9.71 -13.94 4.75
C LYS B 48 10.08 -15.02 5.76
N ASP B 49 9.11 -15.43 6.56
CA ASP B 49 9.29 -16.51 7.52
C ASP B 49 9.76 -17.79 6.84
N ASN B 50 9.29 -17.99 5.62
CA ASN B 50 9.63 -19.17 4.83
C ASN B 50 10.94 -18.95 4.06
N PHE B 51 11.36 -17.70 3.97
CA PHE B 51 12.41 -17.32 3.03
C PHE B 51 13.77 -17.57 3.64
N GLU B 52 13.95 -17.08 4.87
CA GLU B 52 15.20 -17.22 5.58
C GLU B 52 15.52 -18.70 5.78
N THR B 53 14.50 -19.44 6.18
CA THR B 53 14.59 -20.89 6.31
C THR B 53 15.08 -21.53 5.01
N LEU B 54 14.39 -21.24 3.92
CA LEU B 54 14.72 -21.83 2.62
C LEU B 54 16.07 -21.35 2.11
N ARG B 55 16.50 -20.20 2.57
CA ARG B 55 17.76 -19.64 2.14
C ARG B 55 18.91 -20.45 2.71
N THR B 56 19.02 -20.51 4.03
CA THR B 56 20.15 -21.19 4.64
C THR B 56 20.22 -22.65 4.21
N GLU B 57 19.08 -23.33 4.28
CA GLU B 57 19.01 -24.75 3.93
C GLU B 57 19.53 -24.98 2.52
N LEU B 58 18.87 -24.37 1.54
CA LEU B 58 19.23 -24.53 0.16
C LEU B 58 20.61 -23.97 -0.13
N SER B 59 20.92 -22.84 0.49
CA SER B 59 22.24 -22.22 0.37
C SER B 59 23.35 -23.27 0.53
N GLU B 60 23.21 -24.14 1.53
CA GLU B 60 24.16 -25.21 1.72
C GLU B 60 23.80 -26.42 0.86
N ALA B 61 22.50 -26.71 0.78
CA ALA B 61 21.98 -27.74 -0.06
C ALA B 61 22.55 -27.75 -1.47
N GLN B 62 22.68 -26.58 -2.06
CA GLN B 62 23.08 -26.45 -3.45
C GLN B 62 24.50 -26.93 -3.67
N GLN B 63 25.27 -26.99 -2.60
CA GLN B 63 26.67 -27.40 -2.70
C GLN B 63 26.76 -28.92 -2.63
N LYS B 64 26.31 -29.45 -1.49
CA LYS B 64 26.16 -30.90 -1.29
C LYS B 64 25.49 -31.58 -2.47
N LEU B 65 24.43 -30.95 -2.98
CA LEU B 65 23.63 -31.54 -4.05
C LEU B 65 24.39 -31.62 -5.37
N ARG B 66 25.48 -30.88 -5.49
CA ARG B 66 26.25 -30.89 -6.73
C ARG B 66 26.99 -32.21 -6.90
N ARG B 67 26.97 -33.04 -5.87
CA ARG B 67 27.60 -34.35 -5.93
C ARG B 67 26.71 -35.34 -6.67
N GLN B 68 25.45 -34.98 -6.85
CA GLN B 68 24.52 -35.80 -7.62
C GLN B 68 23.57 -34.90 -8.41
N GLN B 69 24.09 -33.75 -8.83
CA GLN B 69 23.32 -32.79 -9.60
C GLN B 69 24.24 -31.69 -10.14
N ASP B 70 24.34 -31.58 -11.44
CA ASP B 70 25.11 -30.50 -12.05
C ASP B 70 24.21 -29.28 -12.25
N ASN B 71 22.90 -29.54 -12.23
CA ASN B 71 21.88 -28.49 -12.33
C ASN B 71 21.97 -27.77 -13.67
N SER A 1 -29.15 42.46 -4.32
CA SER A 1 -28.37 41.42 -3.62
C SER A 1 -29.27 40.25 -3.25
N PHE A 2 -28.77 39.04 -3.46
CA PHE A 2 -29.53 37.84 -3.16
C PHE A 2 -29.26 37.38 -1.73
N ASP A 3 -30.22 37.62 -0.85
CA ASP A 3 -30.09 37.30 0.57
C ASP A 3 -30.03 35.79 0.78
N ARG A 4 -30.54 35.04 -0.19
CA ARG A 4 -30.57 33.59 -0.09
C ARG A 4 -29.17 33.00 -0.22
N LEU A 5 -28.22 33.79 -0.71
CA LEU A 5 -26.86 33.31 -0.84
C LEU A 5 -26.20 33.23 0.53
N LEU A 6 -26.77 33.95 1.49
CA LEU A 6 -26.28 33.93 2.86
C LEU A 6 -26.53 32.56 3.48
N ALA A 7 -27.63 31.95 3.08
CA ALA A 7 -27.94 30.60 3.48
C ALA A 7 -26.82 29.67 3.05
N GLU A 8 -26.55 29.66 1.74
CA GLU A 8 -25.40 28.94 1.19
C GLU A 8 -24.09 29.35 1.87
N ASN A 9 -23.97 30.64 2.19
CA ASN A 9 -22.75 31.19 2.80
C ASN A 9 -22.37 30.42 4.06
N GLU A 10 -23.29 30.37 5.02
CA GLU A 10 -23.06 29.65 6.27
C GLU A 10 -23.00 28.14 6.02
N SER A 11 -23.65 27.68 4.96
CA SER A 11 -23.65 26.27 4.62
C SER A 11 -22.27 25.84 4.11
N LEU A 12 -21.65 26.69 3.29
CA LEU A 12 -20.33 26.41 2.73
C LEU A 12 -19.30 26.23 3.83
N GLN A 13 -19.33 27.13 4.81
CA GLN A 13 -18.32 27.15 5.85
C GLN A 13 -18.36 25.89 6.71
N GLN A 14 -19.56 25.44 7.05
CA GLN A 14 -19.71 24.24 7.87
C GLN A 14 -19.46 22.99 7.04
N LYS A 15 -19.67 23.07 5.73
CA LYS A 15 -19.45 21.95 4.84
C LYS A 15 -17.96 21.72 4.62
N ILE A 16 -17.23 22.81 4.40
CA ILE A 16 -15.79 22.72 4.15
C ILE A 16 -15.05 22.23 5.40
N ASN A 17 -15.65 22.47 6.56
CA ASN A 17 -15.10 21.98 7.81
C ASN A 17 -14.94 20.45 7.75
N SER A 18 -15.78 19.81 6.96
CA SER A 18 -15.70 18.38 6.76
C SER A 18 -14.66 18.04 5.68
N LEU A 19 -14.74 18.75 4.55
CA LEU A 19 -13.84 18.49 3.41
C LEU A 19 -12.39 18.72 3.76
N GLU A 20 -12.08 19.84 4.42
CA GLU A 20 -10.70 20.16 4.76
C GLU A 20 -10.09 19.07 5.62
N VAL A 21 -10.83 18.65 6.65
CA VAL A 21 -10.37 17.58 7.51
C VAL A 21 -10.23 16.28 6.73
N GLU A 22 -11.17 16.02 5.83
CA GLU A 22 -11.19 14.76 5.11
C GLU A 22 -10.06 14.67 4.10
N ALA A 23 -10.07 15.56 3.09
CA ALA A 23 -9.07 15.58 2.07
C ALA A 23 -7.65 15.59 2.63
N LYS A 24 -7.43 16.36 3.68
CA LYS A 24 -6.10 16.50 4.26
C LYS A 24 -5.67 15.21 4.97
N ARG A 25 -6.55 14.65 5.80
CA ARG A 25 -6.28 13.37 6.44
C ARG A 25 -5.93 12.30 5.40
N LEU A 26 -6.76 12.23 4.35
CA LEU A 26 -6.52 11.33 3.24
C LEU A 26 -5.11 11.51 2.66
N GLN A 27 -4.72 12.76 2.42
CA GLN A 27 -3.38 13.06 1.91
C GLN A 27 -2.31 12.55 2.87
N GLY A 28 -2.56 12.72 4.16
CA GLY A 28 -1.64 12.22 5.16
C GLY A 28 -1.47 10.72 5.11
N PHE A 29 -2.56 10.02 4.81
CA PHE A 29 -2.52 8.57 4.67
C PHE A 29 -1.72 8.21 3.42
N ASN A 30 -1.94 8.96 2.35
CA ASN A 30 -1.23 8.75 1.09
C ASN A 30 0.26 8.95 1.26
N GLU A 31 0.65 9.79 2.20
CA GLU A 31 2.06 10.04 2.46
C GLU A 31 2.68 8.79 3.08
N TYR A 32 2.01 8.26 4.09
CA TYR A 32 2.43 7.04 4.77
C TYR A 32 2.48 5.87 3.80
N VAL A 33 1.35 5.58 3.15
CA VAL A 33 1.24 4.42 2.28
C VAL A 33 2.19 4.51 1.09
N GLN A 34 2.33 5.69 0.48
CA GLN A 34 3.16 5.86 -0.71
C GLN A 34 4.58 5.39 -0.46
N GLU A 35 5.08 5.67 0.73
CA GLU A 35 6.42 5.24 1.11
C GLU A 35 6.54 3.72 1.03
N ARG A 36 5.60 3.02 1.64
CA ARG A 36 5.69 1.57 1.74
C ARG A 36 5.19 0.90 0.47
N LEU A 37 4.37 1.60 -0.32
CA LEU A 37 3.78 1.02 -1.52
C LEU A 37 4.90 0.61 -2.49
N ASP A 38 5.86 1.50 -2.68
CA ASP A 38 6.98 1.22 -3.55
C ASP A 38 8.03 0.36 -2.85
N ARG A 39 8.26 0.63 -1.57
CA ARG A 39 9.26 -0.11 -0.79
C ARG A 39 8.89 -1.59 -0.70
N ILE A 40 7.63 -1.87 -0.40
CA ILE A 40 7.15 -3.25 -0.32
C ILE A 40 7.33 -3.94 -1.67
N THR A 41 7.02 -3.22 -2.74
CA THR A 41 7.06 -3.78 -4.08
C THR A 41 8.39 -4.46 -4.35
N ASP A 42 9.49 -3.76 -4.12
CA ASP A 42 10.82 -4.28 -4.43
C ASP A 42 11.08 -5.58 -3.68
N ASP A 43 11.05 -5.51 -2.35
CA ASP A 43 11.25 -6.68 -1.50
C ASP A 43 10.24 -7.79 -1.79
N PHE A 44 9.11 -7.43 -2.36
CA PHE A 44 8.08 -8.42 -2.70
C PHE A 44 8.37 -9.07 -4.05
N VAL A 45 8.38 -8.26 -5.11
CA VAL A 45 8.56 -8.78 -6.45
C VAL A 45 9.90 -9.52 -6.63
N LYS A 46 10.97 -8.99 -6.07
CA LYS A 46 12.28 -9.62 -6.21
C LYS A 46 12.35 -10.90 -5.41
N MET A 47 11.71 -10.90 -4.25
CA MET A 47 11.76 -12.06 -3.37
C MET A 47 10.91 -13.19 -3.92
N LYS A 48 9.86 -12.85 -4.68
CA LYS A 48 9.03 -13.86 -5.31
C LYS A 48 9.83 -14.66 -6.32
N ASP A 49 10.54 -13.95 -7.19
CA ASP A 49 11.38 -14.56 -8.21
C ASP A 49 12.40 -15.52 -7.57
N ASN A 50 13.06 -15.05 -6.52
CA ASN A 50 14.04 -15.86 -5.81
C ASN A 50 13.36 -17.01 -5.07
N PHE A 51 12.25 -16.68 -4.41
CA PHE A 51 11.40 -17.67 -3.75
C PHE A 51 11.17 -18.89 -4.64
N GLU A 52 10.80 -18.65 -5.90
CA GLU A 52 10.59 -19.75 -6.86
C GLU A 52 11.87 -20.54 -7.07
N THR A 53 12.97 -19.82 -7.26
CA THR A 53 14.27 -20.42 -7.42
C THR A 53 14.60 -21.33 -6.23
N LEU A 54 14.56 -20.77 -5.03
CA LEU A 54 14.87 -21.51 -3.82
C LEU A 54 13.88 -22.64 -3.59
N ARG A 55 12.65 -22.44 -4.05
CA ARG A 55 11.60 -23.44 -3.89
C ARG A 55 11.92 -24.66 -4.73
N THR A 56 12.05 -24.48 -6.05
CA THR A 56 12.35 -25.60 -6.93
C THR A 56 13.61 -26.32 -6.49
N GLU A 57 14.68 -25.54 -6.31
CA GLU A 57 15.98 -26.08 -5.96
C GLU A 57 15.89 -26.92 -4.68
N LEU A 58 15.49 -26.29 -3.59
CA LEU A 58 15.36 -26.96 -2.32
C LEU A 58 14.37 -28.10 -2.39
N SER A 59 13.27 -27.86 -3.08
CA SER A 59 12.26 -28.89 -3.28
C SER A 59 12.89 -30.20 -3.77
N GLU A 60 13.86 -30.10 -4.68
CA GLU A 60 14.57 -31.29 -5.13
C GLU A 60 15.72 -31.60 -4.19
N ALA A 61 16.39 -30.54 -3.72
CA ALA A 61 17.46 -30.64 -2.75
C ALA A 61 17.13 -31.52 -1.56
N GLN A 62 15.90 -31.45 -1.07
CA GLN A 62 15.53 -32.14 0.16
C GLN A 62 15.44 -33.63 -0.08
N GLN A 63 15.24 -33.99 -1.34
CA GLN A 63 15.11 -35.38 -1.72
C GLN A 63 16.44 -36.12 -1.55
N LYS A 64 17.53 -35.48 -1.95
CA LYS A 64 18.85 -36.07 -1.81
C LYS A 64 19.34 -35.94 -0.38
N LEU A 65 18.91 -34.87 0.29
CA LEU A 65 19.29 -34.62 1.66
C LEU A 65 18.82 -35.73 2.59
N ARG A 66 17.79 -36.45 2.16
CA ARG A 66 17.27 -37.57 2.96
C ARG A 66 18.36 -38.60 3.24
N ARG A 67 19.41 -38.58 2.42
CA ARG A 67 20.49 -39.55 2.52
C ARG A 67 21.37 -39.24 3.73
N GLN A 68 21.91 -38.03 3.77
CA GLN A 68 22.83 -37.63 4.82
C GLN A 68 22.09 -37.02 6.01
N GLN A 69 20.89 -36.53 5.76
CA GLN A 69 20.07 -35.90 6.77
C GLN A 69 18.74 -36.65 6.89
N ASP A 70 18.68 -37.59 7.82
CA ASP A 70 17.48 -38.41 7.99
C ASP A 70 16.31 -37.58 8.49
N ASN A 71 16.62 -36.54 9.26
CA ASN A 71 15.61 -35.61 9.74
C ASN A 71 15.65 -34.34 8.92
N SER B 1 -27.30 43.32 6.96
CA SER B 1 -26.68 42.23 6.19
C SER B 1 -25.26 42.60 5.81
N PHE B 2 -24.34 41.65 5.94
CA PHE B 2 -22.95 41.89 5.60
C PHE B 2 -22.68 41.53 4.15
N ASP B 3 -22.55 42.55 3.32
CA ASP B 3 -22.34 42.36 1.89
C ASP B 3 -20.99 41.72 1.61
N ARG B 4 -20.06 41.86 2.55
CA ARG B 4 -18.72 41.32 2.39
C ARG B 4 -18.72 39.79 2.46
N LEU B 5 -19.81 39.21 2.96
CA LEU B 5 -19.92 37.76 3.03
C LEU B 5 -20.13 37.19 1.64
N LEU B 6 -20.59 38.04 0.72
CA LEU B 6 -20.81 37.63 -0.66
C LEU B 6 -19.47 37.34 -1.34
N ALA B 7 -18.46 38.09 -0.93
CA ALA B 7 -17.12 37.87 -1.38
C ALA B 7 -16.69 36.46 -1.02
N GLU B 8 -16.76 36.15 0.27
CA GLU B 8 -16.53 34.79 0.76
C GLU B 8 -17.45 33.78 0.07
N ASN B 9 -18.69 34.19 -0.20
CA ASN B 9 -19.69 33.31 -0.81
C ASN B 9 -19.18 32.71 -2.12
N GLU B 10 -18.79 33.57 -3.06
CA GLU B 10 -18.26 33.13 -4.33
C GLU B 10 -16.89 32.47 -4.16
N SER B 11 -16.18 32.84 -3.10
CA SER B 11 -14.87 32.26 -2.82
C SER B 11 -15.01 30.81 -2.37
N LEU B 12 -16.01 30.55 -1.53
CA LEU B 12 -16.27 29.21 -1.02
C LEU B 12 -16.55 28.23 -2.16
N GLN B 13 -17.39 28.65 -3.09
CA GLN B 13 -17.84 27.77 -4.17
C GLN B 13 -16.68 27.35 -5.08
N GLN B 14 -15.81 28.29 -5.40
CA GLN B 14 -14.67 28.00 -6.26
C GLN B 14 -13.61 27.22 -5.50
N LYS B 15 -13.56 27.40 -4.19
CA LYS B 15 -12.58 26.72 -3.35
C LYS B 15 -12.95 25.25 -3.17
N ILE B 16 -14.23 25.00 -2.94
CA ILE B 16 -14.72 23.63 -2.73
C ILE B 16 -14.60 22.82 -4.01
N ASN B 17 -14.61 23.51 -5.14
CA ASN B 17 -14.41 22.86 -6.43
C ASN B 17 -13.07 22.12 -6.45
N SER B 18 -12.13 22.59 -5.65
CA SER B 18 -10.84 21.94 -5.52
C SER B 18 -10.91 20.81 -4.49
N LEU B 19 -11.50 21.12 -3.32
CA LEU B 19 -11.59 20.15 -2.22
C LEU B 19 -12.38 18.92 -2.60
N GLU B 20 -13.55 19.11 -3.22
CA GLU B 20 -14.39 17.98 -3.58
C GLU B 20 -13.66 17.04 -4.51
N VAL B 21 -13.03 17.59 -5.53
CA VAL B 21 -12.25 16.78 -6.45
C VAL B 21 -11.09 16.10 -5.73
N GLU B 22 -10.45 16.83 -4.81
CA GLU B 22 -9.26 16.32 -4.16
C GLU B 22 -9.61 15.20 -3.17
N ALA B 23 -10.38 15.51 -2.13
CA ALA B 23 -10.76 14.56 -1.14
C ALA B 23 -11.34 13.28 -1.74
N LYS B 24 -12.18 13.44 -2.75
CA LYS B 24 -12.85 12.29 -3.37
C LYS B 24 -11.86 11.42 -4.14
N ARG B 25 -11.01 12.04 -4.97
CA ARG B 25 -9.96 11.31 -5.68
C ARG B 25 -9.10 10.53 -4.70
N LEU B 26 -8.67 11.21 -3.64
CA LEU B 26 -7.91 10.59 -2.56
C LEU B 26 -8.61 9.34 -2.03
N GLN B 27 -9.91 9.47 -1.74
CA GLN B 27 -10.69 8.35 -1.25
C GLN B 27 -10.69 7.20 -2.25
N GLY B 28 -10.78 7.55 -3.54
CA GLY B 28 -10.71 6.54 -4.59
C GLY B 28 -9.40 5.80 -4.59
N PHE B 29 -8.32 6.51 -4.30
CA PHE B 29 -7.00 5.89 -4.22
C PHE B 29 -6.94 4.97 -3.02
N ASN B 30 -7.53 5.42 -1.90
CA ASN B 30 -7.58 4.64 -0.67
C ASN B 30 -8.35 3.35 -0.87
N GLU B 31 -9.30 3.36 -1.79
CA GLU B 31 -10.09 2.18 -2.08
C GLU B 31 -9.21 1.13 -2.77
N TYR B 32 -8.50 1.59 -3.78
CA TYR B 32 -7.56 0.75 -4.51
C TYR B 32 -6.47 0.20 -3.60
N VAL B 33 -5.74 1.10 -2.94
CA VAL B 33 -4.61 0.70 -2.12
C VAL B 33 -5.04 -0.19 -0.95
N GLN B 34 -6.15 0.13 -0.30
CA GLN B 34 -6.59 -0.62 0.88
C GLN B 34 -6.74 -2.10 0.57
N GLU B 35 -7.22 -2.40 -0.63
CA GLU B 35 -7.37 -3.77 -1.06
C GLU B 35 -6.02 -4.49 -1.04
N ARG B 36 -5.02 -3.89 -1.66
CA ARG B 36 -3.73 -4.54 -1.82
C ARG B 36 -2.87 -4.39 -0.57
N LEU B 37 -3.19 -3.39 0.27
CA LEU B 37 -2.39 -3.14 1.47
C LEU B 37 -2.42 -4.36 2.37
N ASP B 38 -3.62 -4.90 2.58
CA ASP B 38 -3.77 -6.08 3.41
C ASP B 38 -3.42 -7.35 2.64
N ARG B 39 -3.81 -7.40 1.37
CA ARG B 39 -3.53 -8.57 0.53
C ARG B 39 -2.03 -8.81 0.38
N ILE B 40 -1.28 -7.75 0.10
CA ILE B 40 0.17 -7.86 -0.01
C ILE B 40 0.77 -8.35 1.30
N THR B 41 0.25 -7.82 2.41
CA THR B 41 0.80 -8.14 3.73
C THR B 41 0.91 -9.64 3.93
N ASP B 42 -0.18 -10.36 3.70
CA ASP B 42 -0.22 -11.80 3.93
C ASP B 42 0.85 -12.53 3.13
N ASP B 43 0.76 -12.41 1.81
CA ASP B 43 1.73 -13.02 0.90
C ASP B 43 3.16 -12.54 1.16
N PHE B 44 3.30 -11.38 1.80
CA PHE B 44 4.61 -10.85 2.10
C PHE B 44 5.13 -11.43 3.42
N VAL B 45 4.42 -11.17 4.52
CA VAL B 45 4.87 -11.59 5.84
C VAL B 45 5.02 -13.11 5.94
N LYS B 46 4.09 -13.87 5.38
CA LYS B 46 4.16 -15.33 5.46
C LYS B 46 5.28 -15.87 4.59
N MET B 47 5.50 -15.23 3.44
CA MET B 47 6.53 -15.69 2.52
C MET B 47 7.92 -15.38 3.05
N LYS B 48 8.04 -14.32 3.84
CA LYS B 48 9.32 -13.98 4.46
C LYS B 48 9.76 -15.08 5.41
N ASP B 49 8.84 -15.48 6.29
CA ASP B 49 9.11 -16.55 7.25
C ASP B 49 9.56 -17.83 6.55
N ASN B 50 8.85 -18.20 5.49
CA ASN B 50 9.18 -19.39 4.73
C ASN B 50 10.48 -19.19 3.95
N PHE B 51 10.59 -18.01 3.34
CA PHE B 51 11.83 -17.60 2.67
C PHE B 51 13.06 -17.91 3.51
N GLU B 52 13.03 -17.53 4.80
CA GLU B 52 14.13 -17.80 5.71
C GLU B 52 14.36 -19.30 5.84
N THR B 53 13.28 -20.03 6.03
CA THR B 53 13.31 -21.48 6.13
C THR B 53 13.99 -22.09 4.90
N LEU B 54 13.45 -21.78 3.73
CA LEU B 54 13.99 -22.29 2.47
C LEU B 54 15.41 -21.81 2.23
N ARG B 55 15.71 -20.63 2.73
CA ARG B 55 17.04 -20.07 2.56
C ARG B 55 18.05 -20.87 3.33
N THR B 56 17.88 -20.98 4.65
CA THR B 56 18.82 -21.73 5.47
C THR B 56 18.95 -23.16 4.96
N GLU B 57 17.82 -23.81 4.79
CA GLU B 57 17.79 -25.21 4.38
C GLU B 57 18.55 -25.40 3.07
N LEU B 58 18.11 -24.74 2.01
CA LEU B 58 18.74 -24.84 0.73
C LEU B 58 20.18 -24.37 0.77
N SER B 59 20.41 -23.31 1.50
CA SER B 59 21.76 -22.78 1.69
C SER B 59 22.74 -23.90 2.09
N GLU B 60 22.29 -24.79 2.99
CA GLU B 60 23.11 -25.93 3.37
C GLU B 60 22.90 -27.07 2.38
N ALA B 61 21.65 -27.26 1.94
CA ALA B 61 21.30 -28.22 0.94
C ALA B 61 22.20 -28.23 -0.29
N GLN B 62 22.61 -27.05 -0.73
CA GLN B 62 23.35 -26.93 -1.97
C GLN B 62 24.77 -27.45 -1.80
N GLN B 63 25.21 -27.46 -0.55
CA GLN B 63 26.55 -27.91 -0.23
C GLN B 63 26.70 -29.40 -0.47
N LYS B 64 25.69 -30.16 -0.08
CA LYS B 64 25.70 -31.61 -0.27
C LYS B 64 25.34 -31.94 -1.71
N LEU B 65 24.51 -31.11 -2.31
CA LEU B 65 24.09 -31.30 -3.69
C LEU B 65 25.27 -31.25 -4.65
N ARG B 66 26.36 -30.62 -4.23
CA ARG B 66 27.57 -30.54 -5.06
C ARG B 66 28.08 -31.94 -5.41
N ARG B 67 27.67 -32.93 -4.62
CA ARG B 67 28.13 -34.30 -4.80
C ARG B 67 27.45 -34.94 -6.01
N GLN B 68 26.14 -34.95 -6.02
CA GLN B 68 25.37 -35.60 -7.08
C GLN B 68 25.07 -34.62 -8.22
N GLN B 69 25.10 -33.34 -7.90
CA GLN B 69 24.82 -32.30 -8.87
C GLN B 69 26.02 -31.37 -8.98
N ASP B 70 26.88 -31.64 -9.95
CA ASP B 70 28.10 -30.86 -10.12
C ASP B 70 27.79 -29.43 -10.55
N ASN B 71 26.71 -29.28 -11.29
CA ASN B 71 26.25 -27.96 -11.71
C ASN B 71 25.09 -27.52 -10.83
N SER A 1 -30.13 41.39 -5.72
CA SER A 1 -30.70 40.61 -4.60
C SER A 1 -30.50 39.12 -4.81
N PHE A 2 -29.26 38.66 -4.71
CA PHE A 2 -28.94 37.27 -4.87
C PHE A 2 -29.01 36.53 -3.54
N ASP A 3 -30.15 36.63 -2.88
CA ASP A 3 -30.34 36.07 -1.55
C ASP A 3 -30.30 34.54 -1.60
N ARG A 4 -30.66 33.97 -2.74
CA ARG A 4 -30.70 32.53 -2.89
C ARG A 4 -29.29 31.95 -2.95
N LEU A 5 -28.33 32.76 -3.37
CA LEU A 5 -26.95 32.31 -3.42
C LEU A 5 -26.38 32.28 -2.01
N LEU A 6 -26.98 33.08 -1.13
CA LEU A 6 -26.52 33.14 0.25
C LEU A 6 -26.95 31.89 0.97
N ALA A 7 -28.08 31.34 0.54
CA ALA A 7 -28.56 30.07 1.04
C ALA A 7 -27.54 28.96 0.76
N GLU A 8 -26.86 29.06 -0.39
CA GLU A 8 -25.83 28.10 -0.75
C GLU A 8 -24.51 28.48 -0.10
N ASN A 9 -24.40 29.74 0.30
CA ASN A 9 -23.19 30.25 0.92
C ASN A 9 -23.04 29.65 2.31
N GLU A 10 -24.15 29.64 3.05
CA GLU A 10 -24.19 29.03 4.37
C GLU A 10 -24.03 27.51 4.26
N SER A 11 -24.33 26.97 3.08
CA SER A 11 -24.22 25.54 2.85
C SER A 11 -22.77 25.14 2.55
N LEU A 12 -21.96 26.11 2.16
CA LEU A 12 -20.54 25.86 1.90
C LEU A 12 -19.84 25.45 3.19
N GLN A 13 -19.84 26.36 4.16
CA GLN A 13 -19.25 26.13 5.49
C GLN A 13 -19.55 24.74 6.07
N GLN A 14 -20.73 24.19 5.82
CA GLN A 14 -21.10 22.91 6.41
C GLN A 14 -20.49 21.76 5.62
N LYS A 15 -20.39 21.94 4.31
CA LYS A 15 -19.82 20.94 3.41
C LYS A 15 -18.32 20.79 3.68
N ILE A 16 -17.67 21.93 3.89
CA ILE A 16 -16.22 21.97 3.99
C ILE A 16 -15.73 21.43 5.32
N ASN A 17 -16.57 21.51 6.34
CA ASN A 17 -16.23 20.98 7.66
C ASN A 17 -15.88 19.49 7.54
N SER A 18 -16.45 18.85 6.54
CA SER A 18 -16.12 17.47 6.22
C SER A 18 -14.86 17.40 5.35
N LEU A 19 -14.83 18.22 4.30
CA LEU A 19 -13.77 18.18 3.29
C LEU A 19 -12.39 18.48 3.85
N GLU A 20 -12.22 19.67 4.45
CA GLU A 20 -10.89 20.09 4.94
C GLU A 20 -10.31 19.08 5.90
N VAL A 21 -11.16 18.41 6.65
CA VAL A 21 -10.70 17.40 7.58
C VAL A 21 -10.44 16.08 6.85
N GLU A 22 -11.34 15.73 5.93
CA GLU A 22 -11.27 14.45 5.24
C GLU A 22 -10.10 14.40 4.25
N ALA A 23 -10.12 15.28 3.25
CA ALA A 23 -9.09 15.34 2.26
C ALA A 23 -7.67 15.32 2.87
N LYS A 24 -7.51 16.03 3.97
CA LYS A 24 -6.22 16.08 4.66
C LYS A 24 -5.88 14.75 5.32
N ARG A 25 -6.86 14.17 6.01
CA ARG A 25 -6.72 12.83 6.61
C ARG A 25 -6.43 11.77 5.54
N LEU A 26 -6.75 12.10 4.31
CA LEU A 26 -6.59 11.18 3.21
C LEU A 26 -5.17 11.31 2.67
N GLN A 27 -4.74 12.56 2.52
CA GLN A 27 -3.38 12.87 2.08
C GLN A 27 -2.37 12.26 3.04
N GLY A 28 -2.63 12.41 4.34
CA GLY A 28 -1.73 11.85 5.34
C GLY A 28 -1.52 10.37 5.16
N PHE A 29 -2.60 9.66 4.86
CA PHE A 29 -2.53 8.23 4.63
C PHE A 29 -1.85 7.94 3.30
N ASN A 30 -2.18 8.74 2.28
CA ASN A 30 -1.60 8.61 0.95
C ASN A 30 -0.08 8.79 0.99
N GLU A 31 0.38 9.67 1.87
CA GLU A 31 1.81 9.93 1.98
C GLU A 31 2.48 8.80 2.74
N TYR A 32 1.82 8.35 3.80
CA TYR A 32 2.26 7.21 4.58
C TYR A 32 2.36 5.96 3.70
N VAL A 33 1.27 5.63 3.01
CA VAL A 33 1.22 4.42 2.20
C VAL A 33 2.15 4.51 1.00
N GLN A 34 2.24 5.69 0.39
CA GLN A 34 3.04 5.89 -0.82
C GLN A 34 4.47 5.39 -0.62
N GLU A 35 5.03 5.72 0.54
CA GLU A 35 6.39 5.34 0.86
C GLU A 35 6.56 3.82 0.86
N ARG A 36 5.68 3.13 1.56
CA ARG A 36 5.78 1.69 1.73
C ARG A 36 5.27 0.95 0.50
N LEU A 37 4.44 1.61 -0.30
CA LEU A 37 3.84 0.96 -1.48
C LEU A 37 4.94 0.53 -2.44
N ASP A 38 5.93 1.40 -2.62
CA ASP A 38 7.05 1.11 -3.49
C ASP A 38 8.05 0.18 -2.79
N ARG A 39 8.34 0.48 -1.53
CA ARG A 39 9.32 -0.27 -0.77
C ARG A 39 8.91 -1.73 -0.60
N ILE A 40 7.61 -1.95 -0.38
CA ILE A 40 7.09 -3.31 -0.29
C ILE A 40 7.23 -4.01 -1.64
N THR A 41 6.87 -3.31 -2.71
CA THR A 41 6.83 -3.90 -4.03
C THR A 41 8.15 -4.59 -4.38
N ASP A 42 9.26 -3.86 -4.29
CA ASP A 42 10.57 -4.41 -4.65
C ASP A 42 10.84 -5.70 -3.89
N ASP A 43 10.86 -5.60 -2.57
CA ASP A 43 11.09 -6.77 -1.70
C ASP A 43 10.04 -7.86 -1.90
N PHE A 44 8.88 -7.49 -2.43
CA PHE A 44 7.83 -8.47 -2.67
C PHE A 44 8.03 -9.17 -4.01
N VAL A 45 7.97 -8.39 -5.08
CA VAL A 45 8.05 -8.94 -6.45
C VAL A 45 9.35 -9.71 -6.70
N LYS A 46 10.46 -9.19 -6.21
CA LYS A 46 11.75 -9.83 -6.44
C LYS A 46 11.93 -11.06 -5.55
N MET A 47 11.38 -10.99 -4.35
CA MET A 47 11.49 -12.11 -3.42
C MET A 47 10.61 -13.26 -3.87
N LYS A 48 9.51 -12.94 -4.56
CA LYS A 48 8.64 -13.97 -5.12
C LYS A 48 9.41 -14.80 -6.12
N ASP A 49 10.06 -14.10 -7.03
CA ASP A 49 10.86 -14.72 -8.08
C ASP A 49 11.88 -15.70 -7.52
N ASN A 50 12.66 -15.25 -6.55
CA ASN A 50 13.70 -16.08 -5.96
C ASN A 50 13.09 -17.16 -5.06
N PHE A 51 12.04 -16.78 -4.32
CA PHE A 51 11.27 -17.74 -3.52
C PHE A 51 10.91 -18.98 -4.34
N GLU A 52 10.41 -18.77 -5.54
CA GLU A 52 10.08 -19.88 -6.44
C GLU A 52 11.32 -20.69 -6.80
N THR A 53 12.39 -19.97 -7.11
CA THR A 53 13.69 -20.59 -7.39
C THR A 53 14.11 -21.49 -6.23
N LEU A 54 14.17 -20.91 -5.04
CA LEU A 54 14.54 -21.64 -3.83
C LEU A 54 13.57 -22.77 -3.55
N ARG A 55 12.32 -22.55 -3.91
CA ARG A 55 11.28 -23.54 -3.69
C ARG A 55 11.57 -24.79 -4.50
N THR A 56 11.60 -24.68 -5.82
CA THR A 56 11.83 -25.84 -6.66
C THR A 56 13.13 -26.54 -6.27
N GLU A 57 14.19 -25.77 -6.13
CA GLU A 57 15.51 -26.31 -5.83
C GLU A 57 15.50 -27.06 -4.49
N LEU A 58 15.15 -26.37 -3.42
CA LEU A 58 15.12 -26.97 -2.11
C LEU A 58 14.11 -28.10 -2.04
N SER A 59 12.98 -27.90 -2.67
CA SER A 59 11.95 -28.94 -2.74
C SER A 59 12.53 -30.28 -3.21
N GLU A 60 13.44 -30.25 -4.18
CA GLU A 60 14.11 -31.46 -4.61
C GLU A 60 15.32 -31.73 -3.72
N ALA A 61 16.01 -30.66 -3.33
CA ALA A 61 17.10 -30.72 -2.42
C ALA A 61 16.81 -31.52 -1.16
N GLN A 62 15.59 -31.43 -0.66
CA GLN A 62 15.23 -32.05 0.61
C GLN A 62 15.02 -33.54 0.40
N GLN A 63 14.63 -33.90 -0.82
CA GLN A 63 14.37 -35.28 -1.19
C GLN A 63 15.68 -36.04 -1.23
N LYS A 64 16.76 -35.35 -1.57
CA LYS A 64 18.07 -35.96 -1.61
C LYS A 64 18.73 -35.90 -0.23
N LEU A 65 18.56 -34.76 0.44
CA LEU A 65 19.18 -34.53 1.73
C LEU A 65 18.66 -35.45 2.82
N ARG A 66 17.45 -35.96 2.66
CA ARG A 66 16.88 -36.87 3.64
C ARG A 66 17.63 -38.20 3.65
N ARG A 67 18.51 -38.39 2.67
CA ARG A 67 19.35 -39.58 2.62
C ARG A 67 20.64 -39.31 3.37
N GLN A 68 20.78 -38.10 3.88
CA GLN A 68 21.96 -37.68 4.61
C GLN A 68 21.57 -37.02 5.92
N GLN A 69 20.28 -37.05 6.24
CA GLN A 69 19.75 -36.34 7.39
C GLN A 69 19.78 -37.23 8.63
N ASP A 70 20.97 -37.48 9.14
CA ASP A 70 21.14 -38.29 10.33
C ASP A 70 21.35 -37.40 11.55
N ASN A 71 20.63 -36.30 11.56
CA ASN A 71 20.75 -35.32 12.63
C ASN A 71 19.48 -35.28 13.46
N SER B 1 -25.91 43.71 8.40
CA SER B 1 -25.02 43.99 7.26
C SER B 1 -23.71 43.20 7.38
N PHE B 2 -23.80 41.88 7.23
CA PHE B 2 -22.62 41.02 7.33
C PHE B 2 -21.96 40.85 5.96
N ASP B 3 -21.62 41.98 5.35
CA ASP B 3 -21.07 41.98 3.99
C ASP B 3 -19.68 41.34 3.97
N ARG B 4 -18.99 41.41 5.09
CA ARG B 4 -17.64 40.87 5.18
C ARG B 4 -17.66 39.34 5.17
N LEU B 5 -18.77 38.76 5.62
CA LEU B 5 -18.90 37.31 5.60
C LEU B 5 -19.14 36.85 4.18
N LEU B 6 -19.66 37.74 3.35
CA LEU B 6 -19.94 37.41 1.97
C LEU B 6 -18.64 37.35 1.21
N ALA B 7 -17.67 38.14 1.64
CA ALA B 7 -16.33 38.09 1.11
C ALA B 7 -15.71 36.71 1.31
N GLU B 8 -16.03 36.09 2.44
CA GLU B 8 -15.55 34.75 2.73
C GLU B 8 -16.45 33.71 2.05
N ASN B 9 -17.65 34.13 1.71
CA ASN B 9 -18.62 33.25 1.07
C ASN B 9 -18.16 32.94 -0.35
N GLU B 10 -17.73 33.98 -1.05
CA GLU B 10 -17.19 33.83 -2.39
C GLU B 10 -15.86 33.08 -2.35
N SER B 11 -15.22 33.08 -1.19
CA SER B 11 -13.93 32.41 -1.02
C SER B 11 -14.14 30.92 -0.79
N LEU B 12 -15.34 30.54 -0.38
CA LEU B 12 -15.66 29.13 -0.18
C LEU B 12 -15.60 28.38 -1.50
N GLN B 13 -16.46 28.78 -2.43
CA GLN B 13 -16.52 28.19 -3.78
C GLN B 13 -15.14 27.97 -4.43
N GLN B 14 -14.16 28.82 -4.15
CA GLN B 14 -12.86 28.67 -4.78
C GLN B 14 -12.01 27.63 -4.06
N LYS B 15 -12.19 27.55 -2.75
CA LYS B 15 -11.48 26.58 -1.92
C LYS B 15 -11.94 25.16 -2.23
N ILE B 16 -13.24 25.02 -2.41
CA ILE B 16 -13.87 23.72 -2.56
C ILE B 16 -13.59 23.11 -3.92
N ASN B 17 -13.35 23.96 -4.91
CA ASN B 17 -13.03 23.50 -6.26
C ASN B 17 -11.81 22.59 -6.22
N SER B 18 -10.98 22.80 -5.21
CA SER B 18 -9.84 21.94 -4.98
C SER B 18 -10.25 20.72 -4.15
N LEU B 19 -10.97 20.98 -3.05
CA LEU B 19 -11.33 19.94 -2.09
C LEU B 19 -12.17 18.82 -2.68
N GLU B 20 -13.34 19.15 -3.23
CA GLU B 20 -14.26 18.13 -3.74
C GLU B 20 -13.59 17.22 -4.76
N VAL B 21 -12.66 17.78 -5.52
CA VAL B 21 -11.94 16.99 -6.50
C VAL B 21 -10.81 16.21 -5.83
N GLU B 22 -10.11 16.87 -4.92
CA GLU B 22 -8.94 16.26 -4.27
C GLU B 22 -9.33 15.12 -3.33
N ALA B 23 -10.11 15.45 -2.29
CA ALA B 23 -10.54 14.48 -1.32
C ALA B 23 -11.10 13.21 -1.97
N LYS B 24 -11.86 13.38 -3.05
CA LYS B 24 -12.43 12.24 -3.77
C LYS B 24 -11.35 11.43 -4.48
N ARG B 25 -10.45 12.14 -5.19
CA ARG B 25 -9.30 11.49 -5.85
C ARG B 25 -8.41 10.77 -4.84
N LEU B 26 -8.55 11.15 -3.57
CA LEU B 26 -7.74 10.58 -2.52
C LEU B 26 -8.40 9.31 -2.01
N GLN B 27 -9.72 9.41 -1.83
CA GLN B 27 -10.54 8.26 -1.42
C GLN B 27 -10.41 7.13 -2.43
N GLY B 28 -10.47 7.48 -3.71
CA GLY B 28 -10.34 6.49 -4.77
C GLY B 28 -9.05 5.70 -4.65
N PHE B 29 -7.96 6.40 -4.35
CA PHE B 29 -6.68 5.76 -4.18
C PHE B 29 -6.65 4.97 -2.89
N ASN B 30 -7.22 5.54 -1.83
CA ASN B 30 -7.29 4.89 -0.53
C ASN B 30 -8.06 3.57 -0.61
N GLU B 31 -9.09 3.53 -1.45
CA GLU B 31 -9.89 2.33 -1.60
C GLU B 31 -9.13 1.30 -2.42
N TYR B 32 -8.49 1.78 -3.48
CA TYR B 32 -7.63 0.95 -4.32
C TYR B 32 -6.49 0.33 -3.50
N VAL B 33 -5.75 1.18 -2.79
CA VAL B 33 -4.60 0.71 -2.04
C VAL B 33 -5.02 -0.16 -0.85
N GLN B 34 -6.12 0.19 -0.19
CA GLN B 34 -6.59 -0.52 1.00
C GLN B 34 -6.70 -2.01 0.73
N GLU B 35 -7.26 -2.35 -0.42
CA GLU B 35 -7.45 -3.73 -0.81
C GLU B 35 -6.13 -4.49 -0.87
N ARG B 36 -5.15 -3.92 -1.58
CA ARG B 36 -3.88 -4.59 -1.81
C ARG B 36 -2.96 -4.45 -0.59
N LEU B 37 -3.22 -3.47 0.26
CA LEU B 37 -2.36 -3.22 1.42
C LEU B 37 -2.37 -4.44 2.33
N ASP B 38 -3.56 -5.01 2.52
CA ASP B 38 -3.71 -6.21 3.35
C ASP B 38 -3.26 -7.45 2.58
N ARG B 39 -3.69 -7.54 1.32
CA ARG B 39 -3.41 -8.71 0.49
C ARG B 39 -1.92 -8.90 0.28
N ILE B 40 -1.20 -7.79 0.08
CA ILE B 40 0.25 -7.85 -0.05
C ILE B 40 0.87 -8.31 1.26
N THR B 41 0.39 -7.74 2.37
CA THR B 41 0.99 -8.00 3.67
C THR B 41 1.11 -9.50 3.96
N ASP B 42 0.00 -10.22 3.85
CA ASP B 42 -0.01 -11.66 4.15
C ASP B 42 1.05 -12.39 3.34
N ASP B 43 0.92 -12.31 2.02
CA ASP B 43 1.87 -12.93 1.10
C ASP B 43 3.29 -12.41 1.27
N PHE B 44 3.44 -11.23 1.85
CA PHE B 44 4.76 -10.66 2.08
C PHE B 44 5.35 -11.17 3.39
N VAL B 45 4.69 -10.86 4.51
CA VAL B 45 5.20 -11.21 5.82
C VAL B 45 5.40 -12.71 6.01
N LYS B 46 4.46 -13.51 5.52
CA LYS B 46 4.56 -14.96 5.68
C LYS B 46 5.59 -15.57 4.73
N MET B 47 5.71 -14.99 3.55
CA MET B 47 6.66 -15.49 2.57
C MET B 47 8.09 -15.15 3.01
N LYS B 48 8.24 -14.04 3.73
CA LYS B 48 9.55 -13.67 4.28
C LYS B 48 10.04 -14.75 5.23
N ASP B 49 9.16 -15.12 6.15
CA ASP B 49 9.43 -16.14 7.15
C ASP B 49 9.92 -17.43 6.51
N ASN B 50 9.17 -17.94 5.53
CA ASN B 50 9.51 -19.19 4.88
C ASN B 50 10.72 -19.01 3.95
N PHE B 51 10.76 -17.88 3.26
CA PHE B 51 11.93 -17.51 2.44
C PHE B 51 13.23 -17.70 3.22
N GLU B 52 13.27 -17.22 4.45
CA GLU B 52 14.45 -17.39 5.30
C GLU B 52 14.71 -18.86 5.58
N THR B 53 13.64 -19.58 5.90
CA THR B 53 13.70 -21.02 6.12
C THR B 53 14.31 -21.71 4.90
N LEU B 54 13.73 -21.48 3.73
CA LEU B 54 14.22 -22.06 2.49
C LEU B 54 15.63 -21.60 2.18
N ARG B 55 15.94 -20.39 2.60
CA ARG B 55 17.25 -19.80 2.36
C ARG B 55 18.31 -20.60 3.10
N THR B 56 18.22 -20.64 4.43
CA THR B 56 19.23 -21.35 5.22
C THR B 56 19.36 -22.80 4.76
N GLU B 57 18.22 -23.46 4.61
CA GLU B 57 18.19 -24.87 4.26
C GLU B 57 18.84 -25.10 2.89
N LEU B 58 18.31 -24.47 1.86
CA LEU B 58 18.84 -24.61 0.53
C LEU B 58 20.28 -24.13 0.44
N SER B 59 20.55 -23.04 1.11
CA SER B 59 21.93 -22.51 1.17
C SER B 59 22.93 -23.59 1.56
N GLU B 60 22.56 -24.46 2.51
CA GLU B 60 23.42 -25.57 2.86
C GLU B 60 23.18 -26.74 1.93
N ALA B 61 21.91 -26.94 1.57
CA ALA B 61 21.51 -27.94 0.61
C ALA B 61 22.33 -27.93 -0.67
N GLN B 62 22.71 -26.73 -1.13
CA GLN B 62 23.39 -26.60 -2.41
C GLN B 62 24.85 -27.01 -2.26
N GLN B 63 25.35 -26.84 -1.04
CA GLN B 63 26.74 -27.16 -0.72
C GLN B 63 26.93 -28.67 -0.76
N LYS B 64 25.88 -29.40 -0.43
CA LYS B 64 25.91 -30.86 -0.44
C LYS B 64 25.56 -31.38 -1.83
N LEU B 65 24.57 -30.73 -2.46
CA LEU B 65 24.07 -31.16 -3.75
C LEU B 65 25.08 -30.99 -4.86
N ARG B 66 26.03 -30.08 -4.68
CA ARG B 66 27.07 -29.88 -5.69
C ARG B 66 28.00 -31.09 -5.78
N ARG B 67 27.85 -32.01 -4.83
CA ARG B 67 28.61 -33.26 -4.85
C ARG B 67 27.85 -34.31 -5.64
N GLN B 68 26.66 -33.93 -6.10
CA GLN B 68 25.78 -34.82 -6.85
C GLN B 68 25.29 -34.14 -8.11
N GLN B 69 25.84 -32.96 -8.39
CA GLN B 69 25.35 -32.14 -9.49
C GLN B 69 26.11 -32.46 -10.77
N ASP B 70 25.87 -33.64 -11.32
CA ASP B 70 26.52 -34.06 -12.55
C ASP B 70 25.58 -33.84 -13.74
N ASN B 71 24.85 -32.75 -13.69
CA ASN B 71 23.87 -32.43 -14.71
C ASN B 71 24.31 -31.21 -15.51
N SER A 1 -33.30 38.34 -3.69
CA SER A 1 -32.73 37.46 -4.73
C SER A 1 -31.37 36.91 -4.29
N PHE A 2 -30.47 37.82 -3.90
CA PHE A 2 -29.13 37.41 -3.47
C PHE A 2 -29.20 36.68 -2.14
N ASP A 3 -30.30 36.90 -1.42
CA ASP A 3 -30.54 36.21 -0.15
C ASP A 3 -30.65 34.70 -0.36
N ARG A 4 -31.12 34.30 -1.53
CA ARG A 4 -31.28 32.89 -1.84
C ARG A 4 -29.93 32.26 -2.17
N LEU A 5 -28.99 33.08 -2.62
CA LEU A 5 -27.64 32.61 -2.87
C LEU A 5 -26.90 32.49 -1.56
N LEU A 6 -27.37 33.25 -0.58
CA LEU A 6 -26.77 33.28 0.75
C LEU A 6 -27.06 31.98 1.46
N ALA A 7 -28.19 31.38 1.12
CA ALA A 7 -28.58 30.09 1.64
C ALA A 7 -27.54 29.03 1.28
N GLU A 8 -26.91 29.18 0.13
CA GLU A 8 -25.88 28.26 -0.33
C GLU A 8 -24.53 28.68 0.24
N ASN A 9 -24.41 29.97 0.50
CA ASN A 9 -23.18 30.54 1.02
C ASN A 9 -22.87 30.00 2.40
N GLU A 10 -23.84 30.07 3.29
CA GLU A 10 -23.68 29.56 4.65
C GLU A 10 -23.64 28.03 4.66
N SER A 11 -24.12 27.42 3.57
CA SER A 11 -24.10 25.98 3.43
C SER A 11 -22.68 25.49 3.13
N LEU A 12 -21.92 26.32 2.41
CA LEU A 12 -20.53 26.02 2.09
C LEU A 12 -19.74 25.72 3.35
N GLN A 13 -19.67 26.70 4.23
CA GLN A 13 -18.99 26.56 5.53
C GLN A 13 -19.33 25.25 6.25
N GLN A 14 -20.52 24.72 6.01
CA GLN A 14 -20.95 23.50 6.68
C GLN A 14 -20.39 22.28 5.95
N LYS A 15 -20.45 22.31 4.62
CA LYS A 15 -19.97 21.21 3.79
C LYS A 15 -18.46 21.03 3.94
N ILE A 16 -17.74 22.15 3.97
CA ILE A 16 -16.28 22.11 3.98
C ILE A 16 -15.74 21.56 5.29
N ASN A 17 -16.55 21.62 6.34
CA ASN A 17 -16.14 21.11 7.64
C ASN A 17 -15.81 19.62 7.54
N SER A 18 -16.39 18.97 6.55
CA SER A 18 -16.07 17.58 6.25
C SER A 18 -14.83 17.50 5.36
N LEU A 19 -14.80 18.32 4.30
CA LEU A 19 -13.74 18.26 3.30
C LEU A 19 -12.35 18.60 3.86
N GLU A 20 -12.21 19.79 4.44
CA GLU A 20 -10.89 20.23 4.94
C GLU A 20 -10.34 19.26 5.98
N VAL A 21 -11.22 18.50 6.60
CA VAL A 21 -10.80 17.47 7.52
C VAL A 21 -10.46 16.19 6.75
N GLU A 22 -11.36 15.79 5.86
CA GLU A 22 -11.25 14.52 5.16
C GLU A 22 -10.07 14.50 4.18
N ALA A 23 -10.10 15.38 3.17
CA ALA A 23 -9.09 15.43 2.15
C ALA A 23 -7.67 15.43 2.71
N LYS A 24 -7.47 16.19 3.78
CA LYS A 24 -6.15 16.28 4.41
C LYS A 24 -5.79 14.96 5.10
N ARG A 25 -6.75 14.41 5.85
CA ARG A 25 -6.58 13.12 6.51
C ARG A 25 -6.31 12.01 5.51
N LEU A 26 -6.66 12.25 4.26
CA LEU A 26 -6.52 11.24 3.22
C LEU A 26 -5.11 11.30 2.65
N GLN A 27 -4.61 12.52 2.49
CA GLN A 27 -3.25 12.73 2.02
C GLN A 27 -2.25 12.21 3.06
N GLY A 28 -2.61 12.36 4.33
CA GLY A 28 -1.79 11.83 5.40
C GLY A 28 -1.58 10.33 5.29
N PHE A 29 -2.65 9.62 4.94
CA PHE A 29 -2.58 8.18 4.76
C PHE A 29 -1.86 7.86 3.46
N ASN A 30 -2.15 8.64 2.42
CA ASN A 30 -1.50 8.48 1.12
C ASN A 30 0.01 8.67 1.24
N GLU A 31 0.40 9.56 2.15
CA GLU A 31 1.81 9.82 2.39
C GLU A 31 2.44 8.60 3.07
N TYR A 32 1.77 8.14 4.13
CA TYR A 32 2.19 6.95 4.86
C TYR A 32 2.33 5.75 3.93
N VAL A 33 1.27 5.46 3.18
CA VAL A 33 1.25 4.28 2.33
C VAL A 33 2.21 4.41 1.15
N GLN A 34 2.36 5.61 0.59
CA GLN A 34 3.21 5.80 -0.57
C GLN A 34 4.62 5.27 -0.33
N GLU A 35 5.16 5.58 0.85
CA GLU A 35 6.49 5.14 1.23
C GLU A 35 6.60 3.62 1.15
N ARG A 36 5.64 2.93 1.72
CA ARG A 36 5.69 1.48 1.80
C ARG A 36 5.25 0.84 0.49
N LEU A 37 4.49 1.56 -0.33
CA LEU A 37 3.94 1.00 -1.56
C LEU A 37 5.05 0.68 -2.54
N ASP A 38 6.04 1.56 -2.60
CA ASP A 38 7.16 1.39 -3.53
C ASP A 38 8.16 0.38 -3.01
N ARG A 39 8.55 0.53 -1.74
CA ARG A 39 9.59 -0.34 -1.16
C ARG A 39 9.10 -1.78 -1.04
N ILE A 40 7.80 -1.95 -0.80
CA ILE A 40 7.22 -3.28 -0.69
C ILE A 40 7.28 -4.00 -2.02
N THR A 41 6.89 -3.31 -3.09
CA THR A 41 6.80 -3.92 -4.41
C THR A 41 8.09 -4.65 -4.78
N ASP A 42 9.22 -3.95 -4.71
CA ASP A 42 10.51 -4.53 -5.10
C ASP A 42 10.79 -5.81 -4.32
N ASP A 43 10.86 -5.67 -3.00
CA ASP A 43 11.13 -6.83 -2.13
C ASP A 43 10.06 -7.90 -2.23
N PHE A 44 8.88 -7.54 -2.72
CA PHE A 44 7.83 -8.52 -2.91
C PHE A 44 7.99 -9.24 -4.24
N VAL A 45 7.96 -8.49 -5.34
CA VAL A 45 8.06 -9.07 -6.67
C VAL A 45 9.38 -9.83 -6.89
N LYS A 46 10.49 -9.27 -6.43
CA LYS A 46 11.78 -9.93 -6.62
C LYS A 46 11.91 -11.15 -5.72
N MET A 47 11.39 -11.06 -4.50
CA MET A 47 11.51 -12.15 -3.55
C MET A 47 10.65 -13.33 -3.99
N LYS A 48 9.56 -13.06 -4.71
CA LYS A 48 8.73 -14.14 -5.25
C LYS A 48 9.52 -14.95 -6.26
N ASP A 49 10.19 -14.24 -7.15
CA ASP A 49 11.02 -14.86 -8.18
C ASP A 49 12.04 -15.81 -7.56
N ASN A 50 12.75 -15.34 -6.55
CA ASN A 50 13.75 -16.15 -5.88
C ASN A 50 13.07 -17.22 -5.02
N PHE A 51 12.03 -16.83 -4.31
CA PHE A 51 11.23 -17.74 -3.49
C PHE A 51 10.88 -19.03 -4.25
N GLU A 52 10.32 -18.89 -5.45
CA GLU A 52 9.94 -20.05 -6.25
C GLU A 52 11.18 -20.80 -6.72
N THR A 53 12.23 -20.07 -7.03
CA THR A 53 13.52 -20.67 -7.39
C THR A 53 14.02 -21.56 -6.24
N LEU A 54 14.14 -20.95 -5.06
CA LEU A 54 14.57 -21.67 -3.86
C LEU A 54 13.61 -22.79 -3.50
N ARG A 55 12.33 -22.57 -3.82
CA ARG A 55 11.31 -23.56 -3.55
C ARG A 55 11.57 -24.81 -4.36
N THR A 56 11.56 -24.70 -5.68
CA THR A 56 11.77 -25.85 -6.54
C THR A 56 13.07 -26.56 -6.20
N GLU A 57 14.14 -25.78 -6.12
CA GLU A 57 15.46 -26.32 -5.85
C GLU A 57 15.49 -27.08 -4.54
N LEU A 58 15.18 -26.40 -3.45
CA LEU A 58 15.17 -27.01 -2.14
C LEU A 58 14.18 -28.15 -2.04
N SER A 59 13.02 -27.94 -2.63
CA SER A 59 11.99 -28.99 -2.66
C SER A 59 12.56 -30.31 -3.18
N GLU A 60 13.41 -30.25 -4.19
CA GLU A 60 14.07 -31.46 -4.66
C GLU A 60 15.30 -31.74 -3.83
N ALA A 61 16.02 -30.68 -3.46
CA ALA A 61 17.16 -30.73 -2.58
C ALA A 61 16.93 -31.59 -1.35
N GLN A 62 15.76 -31.48 -0.75
CA GLN A 62 15.50 -32.11 0.53
C GLN A 62 15.30 -33.60 0.34
N GLN A 63 14.88 -33.98 -0.86
CA GLN A 63 14.61 -35.37 -1.20
C GLN A 63 15.93 -36.13 -1.26
N LYS A 64 16.96 -35.49 -1.78
CA LYS A 64 18.26 -36.11 -1.91
C LYS A 64 19.06 -35.96 -0.64
N LEU A 65 18.78 -34.88 0.09
CA LEU A 65 19.45 -34.61 1.36
C LEU A 65 19.13 -35.68 2.37
N ARG A 66 18.00 -36.35 2.19
CA ARG A 66 17.61 -37.46 3.07
C ARG A 66 18.73 -38.50 3.15
N ARG A 67 19.55 -38.56 2.10
CA ARG A 67 20.62 -39.52 2.03
C ARG A 67 21.81 -39.05 2.85
N GLN A 68 22.05 -37.75 2.81
CA GLN A 68 23.26 -37.18 3.42
C GLN A 68 22.96 -36.54 4.76
N GLN A 69 21.82 -36.86 5.34
CA GLN A 69 21.52 -36.41 6.71
C GLN A 69 22.32 -37.23 7.71
N ASP A 70 22.79 -38.38 7.24
CA ASP A 70 23.62 -39.25 8.04
C ASP A 70 25.04 -39.26 7.50
N ASN A 71 25.44 -38.14 6.94
CA ASN A 71 26.79 -37.98 6.40
C ASN A 71 27.55 -36.93 7.18
N SER B 1 -21.95 45.51 6.28
CA SER B 1 -21.33 44.60 7.26
C SER B 1 -21.38 43.16 6.76
N PHE B 2 -22.58 42.70 6.39
CA PHE B 2 -22.75 41.34 5.90
C PHE B 2 -22.07 41.17 4.54
N ASP B 3 -21.86 42.29 3.87
CA ASP B 3 -21.18 42.31 2.57
C ASP B 3 -19.75 41.79 2.73
N ARG B 4 -19.15 42.01 3.90
CA ARG B 4 -17.79 41.59 4.15
C ARG B 4 -17.73 40.10 4.41
N LEU B 5 -18.84 39.53 4.86
CA LEU B 5 -18.94 38.10 5.06
C LEU B 5 -19.17 37.44 3.72
N LEU B 6 -19.70 38.21 2.78
CA LEU B 6 -20.00 37.73 1.45
C LEU B 6 -18.71 37.52 0.69
N ALA B 7 -17.70 38.31 1.04
CA ALA B 7 -16.37 38.17 0.48
C ALA B 7 -15.80 36.79 0.76
N GLU B 8 -16.17 36.21 1.91
CA GLU B 8 -15.71 34.88 2.29
C GLU B 8 -16.64 33.84 1.70
N ASN B 9 -17.88 34.26 1.48
CA ASN B 9 -18.91 33.37 0.95
C ASN B 9 -18.56 32.93 -0.46
N GLU B 10 -18.28 33.89 -1.32
CA GLU B 10 -17.90 33.59 -2.70
C GLU B 10 -16.52 32.95 -2.77
N SER B 11 -15.73 33.12 -1.71
CA SER B 11 -14.41 32.51 -1.62
C SER B 11 -14.52 31.01 -1.38
N LEU B 12 -15.56 30.60 -0.65
CA LEU B 12 -15.84 29.20 -0.39
C LEU B 12 -15.90 28.40 -1.68
N GLN B 13 -16.85 28.77 -2.53
CA GLN B 13 -17.02 28.15 -3.84
C GLN B 13 -15.71 27.98 -4.61
N GLN B 14 -14.74 28.85 -4.35
CA GLN B 14 -13.47 28.79 -5.05
C GLN B 14 -12.54 27.77 -4.40
N LYS B 15 -12.53 27.78 -3.07
CA LYS B 15 -11.69 26.86 -2.29
C LYS B 15 -12.12 25.41 -2.49
N ILE B 16 -13.43 25.19 -2.51
CA ILE B 16 -13.98 23.84 -2.56
C ILE B 16 -13.73 23.19 -3.92
N ASN B 17 -13.48 24.01 -4.94
CA ASN B 17 -13.21 23.49 -6.27
C ASN B 17 -11.98 22.59 -6.24
N SER B 18 -11.12 22.82 -5.25
CA SER B 18 -9.96 21.96 -5.02
C SER B 18 -10.36 20.75 -4.18
N LEU B 19 -11.08 21.00 -3.09
CA LEU B 19 -11.43 19.96 -2.12
C LEU B 19 -12.30 18.85 -2.71
N GLU B 20 -13.47 19.20 -3.24
CA GLU B 20 -14.40 18.19 -3.76
C GLU B 20 -13.76 17.35 -4.87
N VAL B 21 -12.74 17.90 -5.49
CA VAL B 21 -11.97 17.14 -6.46
C VAL B 21 -10.91 16.29 -5.76
N GLU B 22 -10.17 16.92 -4.85
CA GLU B 22 -9.03 16.27 -4.20
C GLU B 22 -9.45 15.15 -3.27
N ALA B 23 -10.21 15.48 -2.22
CA ALA B 23 -10.63 14.52 -1.23
C ALA B 23 -11.21 13.24 -1.84
N LYS B 24 -12.01 13.41 -2.88
CA LYS B 24 -12.64 12.26 -3.54
C LYS B 24 -11.59 11.44 -4.30
N ARG B 25 -10.73 12.14 -5.04
CA ARG B 25 -9.62 11.50 -5.76
C ARG B 25 -8.68 10.77 -4.81
N LEU B 26 -8.74 11.12 -3.54
CA LEU B 26 -7.84 10.56 -2.55
C LEU B 26 -8.43 9.27 -2.02
N GLN B 27 -9.75 9.28 -1.82
CA GLN B 27 -10.47 8.09 -1.40
C GLN B 27 -10.41 7.02 -2.48
N GLY B 28 -10.44 7.46 -3.74
CA GLY B 28 -10.30 6.54 -4.85
C GLY B 28 -9.01 5.77 -4.80
N PHE B 29 -7.93 6.45 -4.47
CA PHE B 29 -6.62 5.81 -4.34
C PHE B 29 -6.57 4.96 -3.08
N ASN B 30 -7.15 5.49 -2.01
CA ASN B 30 -7.23 4.77 -0.73
C ASN B 30 -8.01 3.47 -0.89
N GLU B 31 -9.00 3.49 -1.77
CA GLU B 31 -9.80 2.31 -2.04
C GLU B 31 -8.95 1.29 -2.79
N TYR B 32 -8.29 1.76 -3.84
CA TYR B 32 -7.38 0.94 -4.63
C TYR B 32 -6.31 0.31 -3.76
N VAL B 33 -5.61 1.13 -2.99
CA VAL B 33 -4.49 0.66 -2.19
C VAL B 33 -4.96 -0.24 -1.04
N GLN B 34 -6.11 0.07 -0.44
CA GLN B 34 -6.60 -0.68 0.72
C GLN B 34 -6.68 -2.17 0.40
N GLU B 35 -7.18 -2.48 -0.78
CA GLU B 35 -7.32 -3.87 -1.22
C GLU B 35 -5.98 -4.58 -1.21
N ARG B 36 -4.97 -3.93 -1.77
CA ARG B 36 -3.67 -4.55 -1.91
C ARG B 36 -2.86 -4.46 -0.62
N LEU B 37 -3.21 -3.52 0.25
CA LEU B 37 -2.45 -3.29 1.48
C LEU B 37 -2.57 -4.48 2.42
N ASP B 38 -3.76 -5.05 2.48
CA ASP B 38 -4.02 -6.18 3.36
C ASP B 38 -3.51 -7.47 2.77
N ARG B 39 -3.83 -7.73 1.50
CA ARG B 39 -3.46 -8.99 0.86
C ARG B 39 -1.95 -9.09 0.69
N ILE B 40 -1.29 -7.97 0.48
CA ILE B 40 0.16 -7.96 0.33
C ILE B 40 0.84 -8.35 1.63
N THR B 41 0.38 -7.77 2.74
CA THR B 41 1.02 -7.98 4.03
C THR B 41 1.19 -9.47 4.33
N ASP B 42 0.09 -10.22 4.26
CA ASP B 42 0.13 -11.64 4.58
C ASP B 42 1.16 -12.38 3.75
N ASP B 43 0.98 -12.34 2.44
CA ASP B 43 1.90 -13.00 1.51
C ASP B 43 3.32 -12.44 1.59
N PHE B 44 3.47 -11.24 2.14
CA PHE B 44 4.79 -10.66 2.31
C PHE B 44 5.42 -11.16 3.61
N VAL B 45 4.77 -10.88 4.74
CA VAL B 45 5.30 -11.27 6.04
C VAL B 45 5.48 -12.78 6.18
N LYS B 46 4.51 -13.57 5.72
CA LYS B 46 4.63 -15.02 5.84
C LYS B 46 5.67 -15.59 4.89
N MET B 47 5.75 -15.01 3.69
CA MET B 47 6.68 -15.51 2.70
C MET B 47 8.12 -15.21 3.11
N LYS B 48 8.32 -14.14 3.87
CA LYS B 48 9.65 -13.82 4.39
C LYS B 48 10.11 -14.91 5.35
N ASP B 49 9.21 -15.28 6.25
CA ASP B 49 9.47 -16.33 7.22
C ASP B 49 9.94 -17.61 6.54
N ASN B 50 9.20 -18.03 5.52
CA ASN B 50 9.53 -19.25 4.78
C ASN B 50 10.76 -19.02 3.90
N PHE B 51 10.80 -17.86 3.24
CA PHE B 51 11.94 -17.45 2.42
C PHE B 51 13.27 -17.68 3.13
N GLU B 52 13.39 -17.16 4.35
CA GLU B 52 14.63 -17.30 5.11
C GLU B 52 14.85 -18.76 5.52
N THR B 53 13.76 -19.46 5.81
CA THR B 53 13.81 -20.88 6.11
C THR B 53 14.39 -21.64 4.92
N LEU B 54 13.77 -21.46 3.75
CA LEU B 54 14.22 -22.09 2.52
C LEU B 54 15.61 -21.63 2.14
N ARG B 55 15.93 -20.39 2.51
CA ARG B 55 17.24 -19.83 2.23
C ARG B 55 18.30 -20.60 2.97
N THR B 56 18.24 -20.60 4.30
CA THR B 56 19.25 -21.28 5.11
C THR B 56 19.36 -22.74 4.69
N GLU B 57 18.21 -23.42 4.62
CA GLU B 57 18.17 -24.83 4.28
C GLU B 57 18.84 -25.08 2.94
N LEU B 58 18.31 -24.49 1.88
CA LEU B 58 18.84 -24.67 0.56
C LEU B 58 20.28 -24.20 0.44
N SER B 59 20.56 -23.08 1.08
CA SER B 59 21.93 -22.55 1.09
C SER B 59 22.93 -23.61 1.55
N GLU B 60 22.57 -24.43 2.53
CA GLU B 60 23.43 -25.53 2.94
C GLU B 60 23.17 -26.74 2.05
N ALA B 61 21.90 -26.95 1.71
CA ALA B 61 21.48 -27.98 0.79
C ALA B 61 22.33 -28.05 -0.47
N GLN B 62 22.69 -26.91 -1.03
CA GLN B 62 23.33 -26.86 -2.32
C GLN B 62 24.78 -27.27 -2.19
N GLN B 63 25.32 -27.08 -0.99
CA GLN B 63 26.71 -27.41 -0.71
C GLN B 63 26.89 -28.92 -0.72
N LYS B 64 25.90 -29.63 -0.21
CA LYS B 64 25.97 -31.08 -0.13
C LYS B 64 25.47 -31.70 -1.43
N LEU B 65 24.56 -30.98 -2.10
CA LEU B 65 24.03 -31.43 -3.38
C LEU B 65 25.12 -31.52 -4.44
N ARG B 66 26.19 -30.76 -4.24
CA ARG B 66 27.33 -30.80 -5.15
C ARG B 66 27.83 -32.23 -5.31
N ARG B 67 27.60 -33.04 -4.28
CA ARG B 67 28.06 -34.42 -4.28
C ARG B 67 27.13 -35.28 -5.12
N GLN B 68 25.84 -35.00 -5.04
CA GLN B 68 24.83 -35.85 -5.65
C GLN B 68 24.32 -35.27 -6.95
N GLN B 69 25.06 -34.32 -7.53
CA GLN B 69 24.73 -33.81 -8.85
C GLN B 69 25.15 -34.82 -9.91
N ASP B 70 26.02 -35.73 -9.50
CA ASP B 70 26.48 -36.80 -10.37
C ASP B 70 25.95 -38.13 -9.87
N ASN B 71 24.76 -38.08 -9.28
CA ASN B 71 24.10 -39.28 -8.78
C ASN B 71 22.82 -39.52 -9.55
N SER A 1 -27.33 41.10 -2.76
CA SER A 1 -28.31 41.00 -3.87
C SER A 1 -28.99 39.63 -3.87
N PHE A 2 -28.18 38.57 -3.92
CA PHE A 2 -28.72 37.22 -3.91
C PHE A 2 -28.75 36.67 -2.49
N ASP A 3 -29.95 36.41 -1.99
CA ASP A 3 -30.12 35.84 -0.66
C ASP A 3 -29.77 34.36 -0.66
N ARG A 4 -29.80 33.76 -1.84
CA ARG A 4 -29.46 32.35 -2.00
C ARG A 4 -28.00 32.12 -1.64
N LEU A 5 -27.14 33.04 -2.05
CA LEU A 5 -25.72 32.98 -1.69
C LEU A 5 -25.54 32.93 -0.17
N LEU A 6 -26.45 33.56 0.55
CA LEU A 6 -26.41 33.51 2.01
C LEU A 6 -26.83 32.13 2.50
N ALA A 7 -27.83 31.55 1.86
CA ALA A 7 -28.28 30.22 2.16
C ALA A 7 -27.18 29.20 1.92
N GLU A 8 -26.42 29.41 0.84
CA GLU A 8 -25.32 28.52 0.49
C GLU A 8 -24.08 28.84 1.32
N ASN A 9 -24.07 30.05 1.89
CA ASN A 9 -22.94 30.52 2.70
C ASN A 9 -22.71 29.57 3.87
N GLU A 10 -23.78 29.34 4.64
CA GLU A 10 -23.74 28.43 5.75
C GLU A 10 -23.43 27.01 5.28
N SER A 11 -24.02 26.63 4.16
CA SER A 11 -23.87 25.30 3.60
C SER A 11 -22.41 25.03 3.23
N LEU A 12 -21.75 26.03 2.67
CA LEU A 12 -20.34 25.91 2.31
C LEU A 12 -19.48 25.66 3.54
N GLN A 13 -19.68 26.49 4.56
CA GLN A 13 -18.84 26.46 5.75
C GLN A 13 -18.94 25.11 6.47
N GLN A 14 -20.14 24.56 6.52
CA GLN A 14 -20.35 23.28 7.21
C GLN A 14 -19.88 22.11 6.34
N LYS A 15 -19.99 22.23 5.02
CA LYS A 15 -19.59 21.17 4.12
C LYS A 15 -18.07 20.99 4.13
N ILE A 16 -17.36 22.10 4.14
CA ILE A 16 -15.90 22.09 4.08
C ILE A 16 -15.31 21.58 5.39
N ASN A 17 -16.10 21.64 6.45
CA ASN A 17 -15.68 21.11 7.75
C ASN A 17 -15.37 19.62 7.63
N SER A 18 -15.99 18.98 6.66
CA SER A 18 -15.70 17.58 6.37
C SER A 18 -14.49 17.48 5.46
N LEU A 19 -14.46 18.30 4.42
CA LEU A 19 -13.44 18.22 3.38
C LEU A 19 -12.04 18.59 3.87
N GLU A 20 -11.86 19.80 4.39
CA GLU A 20 -10.52 20.26 4.79
C GLU A 20 -9.90 19.37 5.86
N VAL A 21 -10.73 18.65 6.59
CA VAL A 21 -10.25 17.68 7.55
C VAL A 21 -9.94 16.35 6.86
N GLU A 22 -10.90 15.86 6.10
CA GLU A 22 -10.80 14.55 5.45
C GLU A 22 -9.69 14.51 4.41
N ALA A 23 -9.80 15.36 3.39
CA ALA A 23 -8.83 15.41 2.33
C ALA A 23 -7.40 15.51 2.85
N LYS A 24 -7.20 16.27 3.93
CA LYS A 24 -5.89 16.38 4.56
C LYS A 24 -5.48 15.06 5.22
N ARG A 25 -6.38 14.50 6.02
CA ARG A 25 -6.16 13.19 6.64
C ARG A 25 -5.75 12.17 5.58
N LEU A 26 -6.53 12.11 4.52
CA LEU A 26 -6.25 11.26 3.37
C LEU A 26 -4.82 11.46 2.88
N GLN A 27 -4.45 12.73 2.62
CA GLN A 27 -3.11 13.05 2.14
C GLN A 27 -2.03 12.49 3.06
N GLY A 28 -2.23 12.64 4.37
CA GLY A 28 -1.29 12.12 5.34
C GLY A 28 -1.13 10.61 5.23
N PHE A 29 -2.25 9.92 5.13
CA PHE A 29 -2.25 8.46 5.00
C PHE A 29 -1.62 8.05 3.67
N ASN A 30 -1.87 8.84 2.64
CA ASN A 30 -1.38 8.53 1.29
C ASN A 30 0.12 8.76 1.19
N GLU A 31 0.63 9.58 2.10
CA GLU A 31 2.06 9.82 2.20
C GLU A 31 2.69 8.66 2.96
N TYR A 32 2.00 8.25 4.01
CA TYR A 32 2.41 7.11 4.83
C TYR A 32 2.47 5.83 4.00
N VAL A 33 1.35 5.49 3.35
CA VAL A 33 1.28 4.28 2.54
C VAL A 33 2.26 4.35 1.37
N GLN A 34 2.46 5.55 0.83
CA GLN A 34 3.37 5.74 -0.30
C GLN A 34 4.74 5.14 -0.02
N GLU A 35 5.21 5.29 1.21
CA GLU A 35 6.48 4.72 1.62
C GLU A 35 6.51 3.21 1.37
N ARG A 36 5.54 2.50 1.92
CA ARG A 36 5.51 1.05 1.81
C ARG A 36 5.05 0.61 0.42
N LEU A 37 4.36 1.48 -0.30
CA LEU A 37 3.85 1.14 -1.63
C LEU A 37 5.02 0.91 -2.59
N ASP A 38 6.08 1.69 -2.43
CA ASP A 38 7.29 1.51 -3.23
C ASP A 38 8.18 0.43 -2.61
N ARG A 39 8.46 0.57 -1.32
CA ARG A 39 9.42 -0.31 -0.65
C ARG A 39 8.96 -1.76 -0.61
N ILE A 40 7.69 -1.99 -0.27
CA ILE A 40 7.18 -3.35 -0.20
C ILE A 40 7.19 -4.01 -1.57
N THR A 41 6.73 -3.29 -2.59
CA THR A 41 6.57 -3.87 -3.91
C THR A 41 7.89 -4.49 -4.39
N ASP A 42 8.97 -3.75 -4.30
CA ASP A 42 10.27 -4.21 -4.79
C ASP A 42 10.66 -5.53 -4.14
N ASP A 43 10.80 -5.52 -2.82
CA ASP A 43 11.16 -6.71 -2.06
C ASP A 43 10.11 -7.82 -2.21
N PHE A 44 8.90 -7.44 -2.59
CA PHE A 44 7.82 -8.39 -2.76
C PHE A 44 7.91 -9.07 -4.14
N VAL A 45 7.78 -8.27 -5.19
CA VAL A 45 7.78 -8.79 -6.56
C VAL A 45 9.08 -9.53 -6.90
N LYS A 46 10.20 -9.07 -6.36
CA LYS A 46 11.48 -9.70 -6.65
C LYS A 46 11.71 -10.93 -5.78
N MET A 47 11.15 -10.93 -4.58
CA MET A 47 11.30 -12.08 -3.69
C MET A 47 10.43 -13.23 -4.16
N LYS A 48 9.33 -12.91 -4.84
CA LYS A 48 8.47 -13.94 -5.39
C LYS A 48 9.21 -14.72 -6.47
N ASP A 49 9.87 -13.96 -7.34
CA ASP A 49 10.68 -14.52 -8.42
C ASP A 49 11.73 -15.48 -7.88
N ASN A 50 12.43 -15.06 -6.83
CA ASN A 50 13.48 -15.87 -6.23
C ASN A 50 12.87 -17.01 -5.40
N PHE A 51 11.86 -16.68 -4.63
CA PHE A 51 11.11 -17.66 -3.83
C PHE A 51 10.79 -18.92 -4.63
N GLU A 52 10.29 -18.76 -5.85
CA GLU A 52 9.97 -19.92 -6.69
C GLU A 52 11.24 -20.72 -7.03
N THR A 53 12.30 -20.00 -7.36
CA THR A 53 13.60 -20.62 -7.62
C THR A 53 14.05 -21.43 -6.40
N LEU A 54 14.07 -20.77 -5.23
CA LEU A 54 14.46 -21.43 -4.00
C LEU A 54 13.51 -22.56 -3.64
N ARG A 55 12.26 -22.41 -4.05
CA ARG A 55 11.24 -23.41 -3.79
C ARG A 55 11.55 -24.68 -4.55
N THR A 56 11.60 -24.61 -5.87
CA THR A 56 11.85 -25.80 -6.68
C THR A 56 13.16 -26.46 -6.28
N GLU A 57 14.22 -25.66 -6.20
CA GLU A 57 15.54 -26.17 -5.87
C GLU A 57 15.51 -26.91 -4.54
N LEU A 58 15.16 -26.22 -3.47
CA LEU A 58 15.08 -26.82 -2.17
C LEU A 58 14.07 -27.95 -2.12
N SER A 59 12.95 -27.73 -2.77
CA SER A 59 11.90 -28.75 -2.86
C SER A 59 12.49 -30.11 -3.26
N GLU A 60 13.39 -30.11 -4.24
CA GLU A 60 14.04 -31.35 -4.64
C GLU A 60 15.24 -31.61 -3.75
N ALA A 61 15.93 -30.55 -3.37
CA ALA A 61 17.00 -30.60 -2.42
C ALA A 61 16.66 -31.36 -1.15
N GLN A 62 15.41 -31.26 -0.71
CA GLN A 62 15.00 -31.87 0.54
C GLN A 62 14.78 -33.36 0.33
N GLN A 63 14.41 -33.70 -0.90
CA GLN A 63 14.18 -35.09 -1.27
C GLN A 63 15.49 -35.85 -1.29
N LYS A 64 16.57 -35.15 -1.60
CA LYS A 64 17.89 -35.76 -1.62
C LYS A 64 18.52 -35.71 -0.24
N LEU A 65 18.35 -34.58 0.45
CA LEU A 65 18.94 -34.38 1.77
C LEU A 65 18.40 -35.35 2.80
N ARG A 66 17.13 -35.69 2.68
CA ARG A 66 16.51 -36.64 3.63
C ARG A 66 17.14 -38.03 3.52
N ARG A 67 17.97 -38.21 2.49
CA ARG A 67 18.62 -39.50 2.26
C ARG A 67 19.99 -39.53 2.95
N GLN A 68 20.49 -38.36 3.31
CA GLN A 68 21.82 -38.25 3.91
C GLN A 68 21.72 -37.69 5.33
N GLN A 69 20.69 -36.90 5.57
CA GLN A 69 20.49 -36.29 6.88
C GLN A 69 19.90 -37.30 7.85
N ASP A 70 20.77 -38.09 8.47
CA ASP A 70 20.33 -39.06 9.47
C ASP A 70 20.25 -38.42 10.86
N ASN A 71 20.57 -37.14 10.91
CA ASN A 71 20.51 -36.37 12.15
C ASN A 71 19.06 -36.20 12.59
N SER B 1 -26.82 41.18 5.29
CA SER B 1 -26.30 41.99 6.41
C SER B 1 -24.78 42.07 6.36
N PHE B 2 -24.12 40.93 6.36
CA PHE B 2 -22.67 40.87 6.30
C PHE B 2 -22.19 40.75 4.86
N ASP B 3 -21.48 41.76 4.39
CA ASP B 3 -20.94 41.74 3.03
C ASP B 3 -19.72 40.84 2.97
N ARG B 4 -19.12 40.59 4.12
CA ARG B 4 -17.96 39.71 4.21
C ARG B 4 -18.33 38.29 3.80
N LEU B 5 -19.51 37.84 4.22
CA LEU B 5 -20.02 36.54 3.82
C LEU B 5 -20.08 36.42 2.30
N LEU B 6 -20.33 37.53 1.62
CA LEU B 6 -20.35 37.53 0.17
C LEU B 6 -18.92 37.39 -0.37
N ALA B 7 -17.98 38.06 0.27
CA ALA B 7 -16.59 37.96 -0.08
C ALA B 7 -16.09 36.53 0.09
N GLU B 8 -16.53 35.88 1.15
CA GLU B 8 -16.15 34.51 1.42
C GLU B 8 -16.97 33.54 0.58
N ASN B 9 -18.10 34.01 0.07
CA ASN B 9 -18.99 33.19 -0.75
C ASN B 9 -18.25 32.67 -1.97
N GLU B 10 -17.64 33.59 -2.70
CA GLU B 10 -16.85 33.24 -3.87
C GLU B 10 -15.66 32.37 -3.47
N SER B 11 -15.05 32.73 -2.34
CA SER B 11 -13.87 32.04 -1.85
C SER B 11 -14.19 30.57 -1.53
N LEU B 12 -15.36 30.33 -0.95
CA LEU B 12 -15.79 28.98 -0.63
C LEU B 12 -15.94 28.15 -1.90
N GLN B 13 -16.65 28.70 -2.87
CA GLN B 13 -16.99 27.97 -4.09
C GLN B 13 -15.73 27.56 -4.86
N GLN B 14 -14.74 28.44 -4.91
CA GLN B 14 -13.51 28.16 -5.63
C GLN B 14 -12.59 27.22 -4.83
N LYS B 15 -12.64 27.32 -3.50
CA LYS B 15 -11.79 26.49 -2.66
C LYS B 15 -12.23 25.04 -2.71
N ILE B 16 -13.53 24.83 -2.70
CA ILE B 16 -14.08 23.48 -2.68
C ILE B 16 -13.90 22.78 -4.03
N ASN B 17 -13.65 23.57 -5.07
CA ASN B 17 -13.39 23.03 -6.40
C ASN B 17 -12.13 22.16 -6.36
N SER B 18 -11.28 22.42 -5.39
CA SER B 18 -10.11 21.61 -5.17
C SER B 18 -10.47 20.40 -4.30
N LEU B 19 -11.20 20.67 -3.22
CA LEU B 19 -11.50 19.65 -2.22
C LEU B 19 -12.39 18.54 -2.73
N GLU B 20 -13.60 18.87 -3.20
CA GLU B 20 -14.56 17.85 -3.61
C GLU B 20 -14.01 16.97 -4.73
N VAL B 21 -13.04 17.48 -5.47
CA VAL B 21 -12.38 16.69 -6.49
C VAL B 21 -11.26 15.86 -5.87
N GLU B 22 -10.40 16.51 -5.11
CA GLU B 22 -9.23 15.88 -4.52
C GLU B 22 -9.60 14.79 -3.52
N ALA B 23 -10.30 15.19 -2.45
CA ALA B 23 -10.71 14.28 -1.42
C ALA B 23 -11.38 13.02 -1.98
N LYS B 24 -12.18 13.19 -3.02
CA LYS B 24 -12.82 12.05 -3.68
C LYS B 24 -11.80 11.19 -4.40
N ARG B 25 -10.94 11.82 -5.20
CA ARG B 25 -9.85 11.12 -5.89
C ARG B 25 -9.04 10.30 -4.90
N LEU B 26 -8.66 10.96 -3.80
CA LEU B 26 -7.96 10.31 -2.70
C LEU B 26 -8.68 9.06 -2.25
N GLN B 27 -9.98 9.21 -1.94
CA GLN B 27 -10.80 8.09 -1.49
C GLN B 27 -10.73 6.92 -2.46
N GLY B 28 -10.84 7.22 -3.75
CA GLY B 28 -10.76 6.17 -4.77
C GLY B 28 -9.44 5.43 -4.73
N PHE B 29 -8.35 6.18 -4.64
CA PHE B 29 -7.02 5.59 -4.57
C PHE B 29 -6.84 4.80 -3.28
N ASN B 30 -7.44 5.31 -2.20
CA ASN B 30 -7.31 4.68 -0.88
C ASN B 30 -8.13 3.39 -0.81
N GLU B 31 -9.09 3.27 -1.71
CA GLU B 31 -9.88 2.07 -1.82
C GLU B 31 -9.10 1.06 -2.65
N TYR B 32 -8.47 1.58 -3.71
CA TYR B 32 -7.61 0.79 -4.58
C TYR B 32 -6.43 0.20 -3.81
N VAL B 33 -5.67 1.07 -3.15
CA VAL B 33 -4.51 0.62 -2.38
C VAL B 33 -4.92 -0.30 -1.24
N GLN B 34 -6.09 -0.06 -0.66
CA GLN B 34 -6.59 -0.86 0.46
C GLN B 34 -6.60 -2.34 0.12
N GLU B 35 -6.94 -2.65 -1.12
CA GLU B 35 -6.94 -4.02 -1.59
C GLU B 35 -5.56 -4.66 -1.40
N ARG B 36 -4.54 -4.03 -1.96
CA ARG B 36 -3.19 -4.57 -1.92
C ARG B 36 -2.57 -4.40 -0.53
N LEU B 37 -3.08 -3.44 0.24
CA LEU B 37 -2.52 -3.17 1.57
C LEU B 37 -2.74 -4.36 2.48
N ASP B 38 -3.88 -5.03 2.32
CA ASP B 38 -4.17 -6.24 3.09
C ASP B 38 -3.55 -7.45 2.41
N ARG B 39 -3.82 -7.61 1.11
CA ARG B 39 -3.42 -8.80 0.38
C ARG B 39 -1.91 -8.96 0.28
N ILE B 40 -1.21 -7.88 -0.03
CA ILE B 40 0.24 -7.93 -0.15
C ILE B 40 0.88 -8.26 1.19
N THR B 41 0.44 -7.60 2.25
CA THR B 41 1.07 -7.74 3.56
C THR B 41 1.14 -9.19 3.98
N ASP B 42 0.02 -9.90 3.91
CA ASP B 42 -0.06 -11.30 4.33
C ASP B 42 0.98 -12.16 3.61
N ASP B 43 0.88 -12.22 2.29
CA ASP B 43 1.80 -12.99 1.47
C ASP B 43 3.24 -12.47 1.59
N PHE B 44 3.37 -11.23 2.03
CA PHE B 44 4.70 -10.62 2.18
C PHE B 44 5.32 -11.02 3.52
N VAL B 45 4.67 -10.63 4.61
CA VAL B 45 5.19 -10.90 5.95
C VAL B 45 5.36 -12.39 6.23
N LYS B 46 4.48 -13.22 5.68
CA LYS B 46 4.55 -14.65 5.91
C LYS B 46 5.57 -15.31 4.99
N MET B 47 5.75 -14.76 3.79
CA MET B 47 6.72 -15.31 2.86
C MET B 47 8.14 -14.98 3.30
N LYS B 48 8.31 -13.87 4.01
CA LYS B 48 9.63 -13.51 4.55
C LYS B 48 10.05 -14.55 5.57
N ASP B 49 9.12 -14.89 6.45
CA ASP B 49 9.34 -15.90 7.48
C ASP B 49 9.80 -17.22 6.87
N ASN B 50 9.10 -17.65 5.82
CA ASN B 50 9.42 -18.91 5.16
C ASN B 50 10.68 -18.78 4.30
N PHE B 51 10.76 -17.67 3.57
CA PHE B 51 11.93 -17.34 2.76
C PHE B 51 13.24 -17.57 3.50
N GLU B 52 13.32 -17.11 4.75
CA GLU B 52 14.53 -17.32 5.55
C GLU B 52 14.77 -18.80 5.82
N THR B 53 13.70 -19.50 6.15
CA THR B 53 13.76 -20.94 6.34
C THR B 53 14.28 -21.63 5.08
N LEU B 54 13.65 -21.35 3.94
CA LEU B 54 14.07 -21.91 2.66
C LEU B 54 15.47 -21.47 2.29
N ARG B 55 15.84 -20.27 2.73
CA ARG B 55 17.15 -19.73 2.47
C ARG B 55 18.22 -20.55 3.15
N THR B 56 18.17 -20.62 4.47
CA THR B 56 19.19 -21.36 5.22
C THR B 56 19.26 -22.81 4.77
N GLU B 57 18.10 -23.46 4.68
CA GLU B 57 18.04 -24.85 4.30
C GLU B 57 18.70 -25.07 2.94
N LEU B 58 18.17 -24.42 1.91
CA LEU B 58 18.71 -24.53 0.59
C LEU B 58 20.14 -24.04 0.52
N SER B 59 20.40 -22.96 1.21
CA SER B 59 21.77 -22.40 1.30
C SER B 59 22.79 -23.50 1.61
N GLU B 60 22.47 -24.36 2.57
CA GLU B 60 23.35 -25.47 2.88
C GLU B 60 23.10 -26.64 1.96
N ALA B 61 21.83 -26.83 1.61
CA ALA B 61 21.42 -27.80 0.63
C ALA B 61 22.23 -27.73 -0.66
N GLN B 62 22.61 -26.52 -1.06
CA GLN B 62 23.31 -26.32 -2.33
C GLN B 62 24.75 -26.73 -2.17
N GLN B 63 25.26 -26.57 -0.95
CA GLN B 63 26.63 -26.93 -0.64
C GLN B 63 26.81 -28.43 -0.70
N LYS B 64 25.74 -29.16 -0.39
CA LYS B 64 25.78 -30.61 -0.42
C LYS B 64 25.45 -31.11 -1.82
N LEU B 65 24.46 -30.48 -2.45
CA LEU B 65 24.00 -30.89 -3.77
C LEU B 65 25.08 -30.74 -4.84
N ARG B 66 25.91 -29.71 -4.70
CA ARG B 66 26.98 -29.47 -5.67
C ARG B 66 28.02 -30.60 -5.62
N ARG B 67 27.89 -31.49 -4.64
CA ARG B 67 28.81 -32.59 -4.48
C ARG B 67 28.29 -33.83 -5.20
N GLN B 68 27.01 -33.81 -5.53
CA GLN B 68 26.36 -34.96 -6.16
C GLN B 68 25.83 -34.60 -7.55
N GLN B 69 25.51 -33.34 -7.74
CA GLN B 69 24.99 -32.86 -9.00
C GLN B 69 26.13 -32.67 -10.01
N ASP B 70 26.48 -33.75 -10.68
CA ASP B 70 27.52 -33.71 -11.71
C ASP B 70 26.92 -33.32 -13.06
N ASN B 71 25.62 -33.10 -13.07
CA ASN B 71 24.91 -32.68 -14.27
C ASN B 71 25.31 -31.27 -14.67
N SER A 1 -31.38 38.45 -4.94
CA SER A 1 -31.59 37.56 -3.79
C SER A 1 -30.26 37.25 -3.09
N PHE A 2 -29.52 38.29 -2.74
CA PHE A 2 -28.20 38.11 -2.15
C PHE A 2 -28.32 37.54 -0.75
N ASP A 3 -29.44 37.82 -0.09
CA ASP A 3 -29.71 37.29 1.24
C ASP A 3 -29.87 35.77 1.18
N ARG A 4 -30.29 35.27 0.02
CA ARG A 4 -30.46 33.84 -0.16
C ARG A 4 -29.11 33.18 -0.42
N LEU A 5 -28.16 33.95 -0.91
CA LEU A 5 -26.81 33.45 -1.12
C LEU A 5 -26.10 33.37 0.23
N LEU A 6 -26.64 34.12 1.19
CA LEU A 6 -26.13 34.10 2.54
C LEU A 6 -26.52 32.78 3.20
N ALA A 7 -27.68 32.26 2.81
CA ALA A 7 -28.12 30.96 3.25
C ALA A 7 -27.15 29.87 2.81
N GLU A 8 -26.51 30.08 1.66
CA GLU A 8 -25.55 29.12 1.15
C GLU A 8 -24.16 29.41 1.73
N ASN A 9 -24.01 30.62 2.25
CA ASN A 9 -22.75 31.06 2.84
C ASN A 9 -22.40 30.17 4.03
N GLU A 10 -23.38 29.97 4.90
CA GLU A 10 -23.23 29.07 6.03
C GLU A 10 -23.15 27.62 5.56
N SER A 11 -23.95 27.29 4.54
CA SER A 11 -23.98 25.93 4.00
C SER A 11 -22.60 25.51 3.49
N LEU A 12 -21.91 26.44 2.84
CA LEU A 12 -20.54 26.18 2.39
C LEU A 12 -19.65 25.85 3.57
N GLN A 13 -19.51 26.78 4.50
CA GLN A 13 -18.79 26.57 5.77
C GLN A 13 -19.08 25.20 6.40
N GLN A 14 -20.32 24.73 6.31
CA GLN A 14 -20.69 23.47 6.94
C GLN A 14 -20.22 22.28 6.10
N LYS A 15 -20.35 22.40 4.79
CA LYS A 15 -19.92 21.34 3.88
C LYS A 15 -18.40 21.17 3.92
N ILE A 16 -17.70 22.30 4.02
CA ILE A 16 -16.25 22.29 4.02
C ILE A 16 -15.70 21.73 5.33
N ASN A 17 -16.52 21.79 6.37
CA ASN A 17 -16.20 21.20 7.66
C ASN A 17 -15.88 19.71 7.49
N SER A 18 -16.49 19.11 6.48
CA SER A 18 -16.24 17.72 6.15
C SER A 18 -15.01 17.59 5.25
N LEU A 19 -14.94 18.45 4.23
CA LEU A 19 -13.88 18.37 3.22
C LEU A 19 -12.50 18.70 3.79
N GLU A 20 -12.36 19.86 4.45
CA GLU A 20 -11.08 20.29 5.00
C GLU A 20 -10.49 19.22 5.92
N VAL A 21 -11.35 18.45 6.54
CA VAL A 21 -10.89 17.37 7.38
C VAL A 21 -10.59 16.12 6.54
N GLU A 22 -11.49 15.82 5.61
CA GLU A 22 -11.40 14.57 4.87
C GLU A 22 -10.20 14.54 3.94
N ALA A 23 -10.18 15.44 2.94
CA ALA A 23 -9.11 15.49 1.97
C ALA A 23 -7.73 15.49 2.63
N LYS A 24 -7.60 16.25 3.70
CA LYS A 24 -6.32 16.38 4.39
C LYS A 24 -5.88 15.07 5.03
N ARG A 25 -6.74 14.49 5.86
CA ARG A 25 -6.46 13.20 6.49
C ARG A 25 -6.08 12.15 5.44
N LEU A 26 -6.87 12.08 4.38
CA LEU A 26 -6.59 11.18 3.25
C LEU A 26 -5.17 11.34 2.72
N GLN A 27 -4.74 12.59 2.58
CA GLN A 27 -3.39 12.87 2.09
C GLN A 27 -2.35 12.33 3.05
N GLY A 28 -2.64 12.43 4.35
CA GLY A 28 -1.75 11.88 5.35
C GLY A 28 -1.59 10.39 5.20
N PHE A 29 -2.69 9.69 4.92
CA PHE A 29 -2.66 8.26 4.68
C PHE A 29 -1.91 7.96 3.38
N ASN A 30 -2.27 8.69 2.33
CA ASN A 30 -1.65 8.53 1.01
C ASN A 30 -0.14 8.78 1.10
N GLU A 31 0.24 9.67 2.00
CA GLU A 31 1.64 10.01 2.19
C GLU A 31 2.36 8.84 2.86
N TYR A 32 1.79 8.37 3.96
CA TYR A 32 2.33 7.24 4.69
C TYR A 32 2.41 6.00 3.81
N VAL A 33 1.29 5.64 3.17
CA VAL A 33 1.23 4.43 2.35
C VAL A 33 2.19 4.51 1.17
N GLN A 34 2.34 5.70 0.60
CA GLN A 34 3.20 5.90 -0.57
C GLN A 34 4.60 5.35 -0.32
N GLU A 35 5.11 5.58 0.89
CA GLU A 35 6.44 5.15 1.26
C GLU A 35 6.58 3.63 1.16
N ARG A 36 5.57 2.91 1.66
CA ARG A 36 5.62 1.46 1.69
C ARG A 36 5.16 0.87 0.36
N LEU A 37 4.38 1.62 -0.40
CA LEU A 37 3.81 1.12 -1.65
C LEU A 37 4.92 0.84 -2.66
N ASP A 38 5.86 1.77 -2.76
CA ASP A 38 6.98 1.62 -3.66
C ASP A 38 8.00 0.62 -3.10
N ARG A 39 8.36 0.79 -1.83
CA ARG A 39 9.44 -0.01 -1.24
C ARG A 39 9.06 -1.49 -1.15
N ILE A 40 7.79 -1.77 -0.83
CA ILE A 40 7.33 -3.15 -0.69
C ILE A 40 7.50 -3.91 -2.00
N THR A 41 7.29 -3.22 -3.12
CA THR A 41 7.39 -3.85 -4.43
C THR A 41 8.71 -4.60 -4.58
N ASP A 42 9.82 -3.91 -4.35
CA ASP A 42 11.14 -4.51 -4.49
C ASP A 42 11.28 -5.75 -3.61
N ASP A 43 11.09 -5.56 -2.31
CA ASP A 43 11.13 -6.66 -1.35
C ASP A 43 10.20 -7.80 -1.76
N PHE A 44 9.08 -7.46 -2.35
CA PHE A 44 8.07 -8.45 -2.72
C PHE A 44 8.45 -9.17 -4.01
N VAL A 45 8.55 -8.42 -5.10
CA VAL A 45 8.81 -9.00 -6.41
C VAL A 45 10.15 -9.73 -6.48
N LYS A 46 11.19 -9.18 -5.84
CA LYS A 46 12.50 -9.83 -5.85
C LYS A 46 12.47 -11.14 -5.06
N MET A 47 11.77 -11.13 -3.92
CA MET A 47 11.67 -12.34 -3.12
C MET A 47 10.90 -13.42 -3.85
N LYS A 48 9.91 -13.03 -4.66
CA LYS A 48 9.12 -14.00 -5.41
C LYS A 48 10.00 -14.81 -6.36
N ASP A 49 10.74 -14.11 -7.20
CA ASP A 49 11.64 -14.73 -8.18
C ASP A 49 12.55 -15.75 -7.50
N ASN A 50 13.13 -15.35 -6.38
CA ASN A 50 14.04 -16.20 -5.64
C ASN A 50 13.25 -17.30 -4.90
N PHE A 51 12.14 -16.91 -4.30
CA PHE A 51 11.24 -17.83 -3.60
C PHE A 51 10.94 -19.07 -4.43
N GLU A 52 10.47 -18.87 -5.66
CA GLU A 52 10.15 -19.96 -6.55
C GLU A 52 11.38 -20.81 -6.84
N THR A 53 12.46 -20.13 -7.21
CA THR A 53 13.75 -20.77 -7.45
C THR A 53 14.16 -21.64 -6.26
N LEU A 54 14.18 -21.04 -5.07
CA LEU A 54 14.56 -21.74 -3.86
C LEU A 54 13.59 -22.85 -3.51
N ARG A 55 12.35 -22.71 -3.96
CA ARG A 55 11.32 -23.67 -3.61
C ARG A 55 11.57 -24.99 -4.32
N THR A 56 11.59 -24.99 -5.64
CA THR A 56 11.78 -26.23 -6.38
C THR A 56 13.08 -26.92 -5.97
N GLU A 57 14.16 -26.14 -5.96
CA GLU A 57 15.48 -26.64 -5.61
C GLU A 57 15.46 -27.34 -4.25
N LEU A 58 15.10 -26.61 -3.22
CA LEU A 58 15.05 -27.15 -1.90
C LEU A 58 14.01 -28.24 -1.77
N SER A 59 12.88 -28.04 -2.41
CA SER A 59 11.83 -29.06 -2.43
C SER A 59 12.38 -30.44 -2.82
N GLU A 60 13.32 -30.48 -3.75
CA GLU A 60 13.96 -31.74 -4.10
C GLU A 60 15.11 -32.00 -3.13
N ALA A 61 15.84 -30.93 -2.77
CA ALA A 61 16.91 -30.99 -1.83
C ALA A 61 16.55 -31.65 -0.50
N GLN A 62 15.33 -31.41 -0.03
CA GLN A 62 14.92 -31.82 1.31
C GLN A 62 15.01 -33.32 1.53
N GLN A 63 15.04 -34.09 0.44
CA GLN A 63 15.18 -35.53 0.55
C GLN A 63 16.67 -35.87 0.62
N LYS A 64 17.37 -35.49 -0.43
CA LYS A 64 18.82 -35.63 -0.54
C LYS A 64 19.54 -35.15 0.73
N LEU A 65 19.06 -34.06 1.30
CA LEU A 65 19.69 -33.47 2.48
C LEU A 65 19.60 -34.39 3.69
N ARG A 66 18.57 -35.22 3.73
CA ARG A 66 18.40 -36.16 4.83
C ARG A 66 19.39 -37.30 4.72
N ARG A 67 20.08 -37.36 3.59
CA ARG A 67 21.02 -38.43 3.32
C ARG A 67 22.46 -37.98 3.56
N GLN A 68 22.68 -36.68 3.61
CA GLN A 68 24.01 -36.15 3.84
C GLN A 68 23.94 -34.84 4.60
N GLN A 69 23.60 -34.94 5.88
CA GLN A 69 23.53 -33.76 6.73
C GLN A 69 24.39 -33.96 7.97
N ASP A 70 24.18 -35.09 8.63
CA ASP A 70 24.90 -35.41 9.86
C ASP A 70 26.06 -36.33 9.57
N ASN A 71 25.78 -37.49 9.00
CA ASN A 71 26.81 -38.46 8.69
C ASN A 71 27.06 -38.53 7.19
N SER B 1 -22.78 43.72 7.48
CA SER B 1 -21.91 43.61 6.28
C SER B 1 -22.17 42.30 5.54
N PHE B 2 -23.43 42.04 5.21
CA PHE B 2 -23.80 40.78 4.56
C PHE B 2 -23.27 40.74 3.14
N ASP B 3 -23.08 41.91 2.54
CA ASP B 3 -22.53 42.01 1.20
C ASP B 3 -21.07 41.57 1.20
N ARG B 4 -20.41 41.70 2.35
CA ARG B 4 -19.03 41.28 2.48
C ARG B 4 -18.96 39.78 2.68
N LEU B 5 -20.03 39.18 3.17
CA LEU B 5 -20.11 37.74 3.31
C LEU B 5 -20.33 37.11 1.94
N LEU B 6 -20.83 37.95 1.03
CA LEU B 6 -21.04 37.53 -0.35
C LEU B 6 -19.70 37.40 -1.05
N ALA B 7 -18.75 38.23 -0.63
CA ALA B 7 -17.39 38.15 -1.11
C ALA B 7 -16.76 36.82 -0.74
N GLU B 8 -17.18 36.25 0.38
CA GLU B 8 -16.67 34.97 0.83
C GLU B 8 -17.50 33.85 0.22
N ASN B 9 -18.68 34.21 -0.26
CA ASN B 9 -19.59 33.24 -0.87
C ASN B 9 -18.93 32.63 -2.10
N GLU B 10 -18.40 33.48 -2.95
CA GLU B 10 -17.66 33.04 -4.12
C GLU B 10 -16.34 32.38 -3.71
N SER B 11 -15.71 32.93 -2.68
CA SER B 11 -14.43 32.40 -2.19
C SER B 11 -14.57 30.95 -1.75
N LEU B 12 -15.69 30.64 -1.09
CA LEU B 12 -15.98 29.28 -0.69
C LEU B 12 -16.04 28.37 -1.91
N GLN B 13 -16.98 28.67 -2.81
CA GLN B 13 -17.10 27.96 -4.09
C GLN B 13 -15.75 27.73 -4.77
N GLN B 14 -14.82 28.67 -4.66
CA GLN B 14 -13.53 28.55 -5.32
C GLN B 14 -12.60 27.61 -4.56
N LYS B 15 -12.64 27.71 -3.23
CA LYS B 15 -11.81 26.85 -2.38
C LYS B 15 -12.26 25.40 -2.47
N ILE B 16 -13.57 25.21 -2.55
CA ILE B 16 -14.14 23.88 -2.60
C ILE B 16 -13.87 23.21 -3.95
N ASN B 17 -13.63 24.04 -4.96
CA ASN B 17 -13.24 23.56 -6.28
C ASN B 17 -11.99 22.68 -6.18
N SER B 18 -11.18 22.95 -5.18
CA SER B 18 -9.99 22.17 -4.92
C SER B 18 -10.35 20.94 -4.06
N LEU B 19 -11.13 21.17 -3.01
CA LEU B 19 -11.46 20.12 -2.04
C LEU B 19 -12.31 19.01 -2.64
N GLU B 20 -13.45 19.37 -3.24
CA GLU B 20 -14.36 18.39 -3.84
C GLU B 20 -13.64 17.47 -4.81
N VAL B 21 -12.60 17.97 -5.43
CA VAL B 21 -11.81 17.17 -6.33
C VAL B 21 -10.76 16.37 -5.55
N GLU B 22 -10.11 17.02 -4.61
CA GLU B 22 -8.98 16.42 -3.91
C GLU B 22 -9.41 15.27 -3.02
N ALA B 23 -10.22 15.56 -2.00
CA ALA B 23 -10.66 14.55 -1.07
C ALA B 23 -11.23 13.31 -1.75
N LYS B 24 -12.00 13.54 -2.81
CA LYS B 24 -12.65 12.44 -3.53
C LYS B 24 -11.63 11.56 -4.24
N ARG B 25 -10.78 12.16 -5.05
CA ARG B 25 -9.70 11.42 -5.74
C ARG B 25 -8.87 10.60 -4.76
N LEU B 26 -8.48 11.25 -3.66
CA LEU B 26 -7.72 10.59 -2.59
C LEU B 26 -8.43 9.33 -2.10
N GLN B 27 -9.74 9.42 -1.91
CA GLN B 27 -10.52 8.27 -1.47
C GLN B 27 -10.47 7.15 -2.48
N GLY B 28 -10.48 7.50 -3.76
CA GLY B 28 -10.33 6.52 -4.81
C GLY B 28 -9.03 5.77 -4.72
N PHE B 29 -7.95 6.51 -4.44
CA PHE B 29 -6.64 5.89 -4.26
C PHE B 29 -6.63 5.04 -2.99
N ASN B 30 -7.13 5.61 -1.90
CA ASN B 30 -7.20 4.91 -0.62
C ASN B 30 -8.03 3.64 -0.74
N GLU B 31 -9.01 3.67 -1.62
CA GLU B 31 -9.89 2.53 -1.85
C GLU B 31 -9.11 1.44 -2.57
N TYR B 32 -8.48 1.82 -3.67
CA TYR B 32 -7.67 0.92 -4.47
C TYR B 32 -6.53 0.32 -3.64
N VAL B 33 -5.76 1.17 -2.98
CA VAL B 33 -4.60 0.72 -2.21
C VAL B 33 -5.02 -0.18 -1.05
N GLN B 34 -6.17 0.12 -0.44
CA GLN B 34 -6.67 -0.65 0.71
C GLN B 34 -6.72 -2.14 0.39
N GLU B 35 -7.16 -2.46 -0.83
CA GLU B 35 -7.29 -3.84 -1.26
C GLU B 35 -5.94 -4.55 -1.22
N ARG B 36 -4.90 -3.90 -1.71
CA ARG B 36 -3.59 -4.52 -1.80
C ARG B 36 -2.83 -4.39 -0.48
N LEU B 37 -3.20 -3.41 0.34
CA LEU B 37 -2.49 -3.14 1.58
C LEU B 37 -2.65 -4.31 2.53
N ASP B 38 -3.87 -4.81 2.64
CA ASP B 38 -4.15 -5.95 3.50
C ASP B 38 -3.66 -7.25 2.87
N ARG B 39 -3.98 -7.45 1.59
CA ARG B 39 -3.68 -8.72 0.94
C ARG B 39 -2.18 -8.96 0.80
N ILE B 40 -1.42 -7.89 0.51
CA ILE B 40 0.02 -8.00 0.34
C ILE B 40 0.68 -8.52 1.61
N THR B 41 0.17 -8.10 2.76
CA THR B 41 0.73 -8.51 4.04
C THR B 41 0.90 -10.01 4.12
N ASP B 42 -0.19 -10.75 3.88
CA ASP B 42 -0.14 -12.21 3.96
C ASP B 42 0.92 -12.78 3.03
N ASP B 43 0.79 -12.48 1.74
CA ASP B 43 1.76 -12.91 0.74
C ASP B 43 3.19 -12.52 1.12
N PHE B 44 3.33 -11.39 1.77
CA PHE B 44 4.64 -10.87 2.13
C PHE B 44 5.18 -11.56 3.37
N VAL B 45 4.48 -11.40 4.49
CA VAL B 45 4.94 -11.93 5.77
C VAL B 45 5.08 -13.45 5.76
N LYS B 46 4.16 -14.16 5.11
CA LYS B 46 4.24 -15.61 5.04
C LYS B 46 5.42 -16.06 4.20
N MET B 47 5.68 -15.37 3.10
CA MET B 47 6.80 -15.72 2.25
C MET B 47 8.11 -15.48 2.97
N LYS B 48 8.17 -14.45 3.82
CA LYS B 48 9.40 -14.14 4.56
C LYS B 48 9.81 -15.30 5.45
N ASP B 49 8.88 -15.74 6.29
CA ASP B 49 9.13 -16.86 7.21
C ASP B 49 9.69 -18.06 6.47
N ASN B 50 9.06 -18.39 5.35
CA ASN B 50 9.47 -19.53 4.55
C ASN B 50 10.77 -19.21 3.78
N PHE B 51 10.84 -18.00 3.24
CA PHE B 51 12.01 -17.50 2.53
C PHE B 51 13.29 -17.76 3.33
N GLU B 52 13.32 -17.30 4.57
CA GLU B 52 14.50 -17.48 5.43
C GLU B 52 14.78 -18.96 5.65
N THR B 53 13.74 -19.70 6.01
CA THR B 53 13.83 -21.14 6.18
C THR B 53 14.43 -21.82 4.95
N LEU B 54 13.85 -21.53 3.79
CA LEU B 54 14.31 -22.11 2.53
C LEU B 54 15.71 -21.65 2.17
N ARG B 55 16.09 -20.47 2.66
CA ARG B 55 17.36 -19.89 2.31
C ARG B 55 18.49 -20.66 2.96
N THR B 56 18.50 -20.75 4.28
CA THR B 56 19.59 -21.44 4.96
C THR B 56 19.70 -22.88 4.49
N GLU B 57 18.56 -23.56 4.47
CA GLU B 57 18.49 -24.96 4.07
C GLU B 57 19.12 -25.16 2.69
N LEU B 58 18.56 -24.49 1.69
CA LEU B 58 19.05 -24.60 0.35
C LEU B 58 20.45 -24.06 0.21
N SER B 59 20.73 -22.98 0.90
CA SER B 59 22.08 -22.41 0.92
C SER B 59 23.13 -23.48 1.22
N GLU B 60 22.83 -24.41 2.13
CA GLU B 60 23.73 -25.51 2.39
C GLU B 60 23.49 -26.62 1.39
N ALA B 61 22.23 -26.85 1.04
CA ALA B 61 21.84 -27.83 0.07
C ALA B 61 22.54 -27.69 -1.28
N GLN B 62 22.79 -26.45 -1.69
CA GLN B 62 23.29 -26.17 -3.04
C GLN B 62 24.64 -26.83 -3.31
N GLN B 63 25.36 -27.21 -2.27
CA GLN B 63 26.63 -27.91 -2.44
C GLN B 63 26.35 -29.40 -2.57
N LYS B 64 25.75 -29.94 -1.52
CA LYS B 64 25.31 -31.35 -1.48
C LYS B 64 24.55 -31.76 -2.73
N LEU B 65 23.73 -30.85 -3.25
CA LEU B 65 22.91 -31.15 -4.42
C LEU B 65 23.75 -31.38 -5.67
N ARG B 66 24.93 -30.76 -5.70
CA ARG B 66 25.84 -30.91 -6.83
C ARG B 66 26.50 -32.29 -6.79
N ARG B 67 26.30 -32.99 -5.69
CA ARG B 67 26.93 -34.30 -5.50
C ARG B 67 25.95 -35.42 -5.77
N GLN B 68 24.65 -35.11 -5.77
CA GLN B 68 23.63 -36.11 -6.01
C GLN B 68 22.44 -35.49 -6.73
N GLN B 69 22.63 -35.16 -7.99
CA GLN B 69 21.56 -34.60 -8.81
C GLN B 69 21.38 -35.41 -10.07
N ASP B 70 22.49 -35.64 -10.77
CA ASP B 70 22.47 -36.36 -12.03
C ASP B 70 22.85 -37.81 -11.83
N ASN B 71 24.04 -38.03 -11.30
CA ASN B 71 24.53 -39.37 -11.06
C ASN B 71 24.54 -39.67 -9.57
N SER A 1 -33.16 37.51 -3.07
CA SER A 1 -32.05 38.27 -3.67
C SER A 1 -30.72 37.62 -3.26
N PHE A 2 -29.63 38.40 -3.25
CA PHE A 2 -28.33 37.87 -2.85
C PHE A 2 -28.34 37.45 -1.38
N ASP A 3 -29.40 37.84 -0.67
CA ASP A 3 -29.59 37.44 0.72
C ASP A 3 -29.76 35.92 0.83
N ARG A 4 -30.26 35.31 -0.24
CA ARG A 4 -30.45 33.86 -0.27
C ARG A 4 -29.11 33.16 -0.50
N LEU A 5 -28.18 33.88 -1.09
CA LEU A 5 -26.83 33.34 -1.30
C LEU A 5 -26.11 33.26 0.05
N LEU A 6 -26.61 34.03 1.01
CA LEU A 6 -26.04 34.05 2.35
C LEU A 6 -26.47 32.80 3.10
N ALA A 7 -27.62 32.25 2.73
CA ALA A 7 -28.08 30.98 3.25
C ALA A 7 -27.09 29.87 2.94
N GLU A 8 -26.44 29.95 1.79
CA GLU A 8 -25.46 28.97 1.37
C GLU A 8 -24.09 29.29 1.97
N ASN A 9 -23.94 30.52 2.42
CA ASN A 9 -22.69 30.99 3.00
C ASN A 9 -22.36 30.14 4.23
N GLU A 10 -23.36 29.96 5.08
CA GLU A 10 -23.23 29.10 6.24
C GLU A 10 -23.00 27.65 5.82
N SER A 11 -23.78 27.20 4.84
CA SER A 11 -23.69 25.83 4.35
C SER A 11 -22.29 25.48 3.86
N LEU A 12 -21.71 26.39 3.07
CA LEU A 12 -20.36 26.21 2.56
C LEU A 12 -19.37 25.98 3.70
N GLN A 13 -19.48 26.78 4.74
CA GLN A 13 -18.55 26.73 5.86
C GLN A 13 -18.67 25.40 6.60
N GLN A 14 -19.89 24.88 6.67
CA GLN A 14 -20.13 23.61 7.35
C GLN A 14 -19.64 22.45 6.51
N LYS A 15 -19.89 22.52 5.21
CA LYS A 15 -19.49 21.46 4.29
C LYS A 15 -17.97 21.34 4.23
N ILE A 16 -17.29 22.48 4.20
CA ILE A 16 -15.84 22.50 4.11
C ILE A 16 -15.21 22.02 5.42
N ASN A 17 -15.93 22.19 6.51
CA ASN A 17 -15.49 21.68 7.81
C ASN A 17 -15.26 20.17 7.72
N SER A 18 -16.02 19.53 6.85
CA SER A 18 -15.87 18.10 6.60
C SER A 18 -14.75 17.87 5.58
N LEU A 19 -14.82 18.60 4.47
CA LEU A 19 -13.87 18.43 3.36
C LEU A 19 -12.43 18.68 3.77
N GLU A 20 -12.18 19.82 4.41
CA GLU A 20 -10.82 20.20 4.80
C GLU A 20 -10.18 19.11 5.61
N VAL A 21 -10.87 18.68 6.67
CA VAL A 21 -10.36 17.63 7.53
C VAL A 21 -10.18 16.33 6.76
N GLU A 22 -11.15 16.01 5.92
CA GLU A 22 -11.15 14.73 5.22
C GLU A 22 -10.01 14.67 4.19
N ALA A 23 -10.07 15.55 3.19
CA ALA A 23 -9.09 15.60 2.15
C ALA A 23 -7.67 15.64 2.68
N LYS A 24 -7.44 16.43 3.72
CA LYS A 24 -6.10 16.58 4.30
C LYS A 24 -5.62 15.27 4.93
N ARG A 25 -6.45 14.68 5.79
CA ARG A 25 -6.15 13.38 6.37
C ARG A 25 -5.83 12.36 5.28
N LEU A 26 -6.68 12.31 4.27
CA LEU A 26 -6.47 11.44 3.11
C LEU A 26 -5.11 11.69 2.47
N GLN A 27 -4.77 12.96 2.27
CA GLN A 27 -3.47 13.33 1.70
C GLN A 27 -2.34 12.81 2.57
N GLY A 28 -2.47 12.99 3.88
CA GLY A 28 -1.46 12.50 4.81
C GLY A 28 -1.32 10.99 4.74
N PHE A 29 -2.44 10.30 4.64
CA PHE A 29 -2.43 8.86 4.49
C PHE A 29 -1.74 8.46 3.18
N ASN A 30 -2.04 9.19 2.13
CA ASN A 30 -1.44 8.95 0.81
C ASN A 30 0.07 9.12 0.87
N GLU A 31 0.53 9.96 1.79
CA GLU A 31 1.97 10.19 1.96
C GLU A 31 2.57 9.03 2.72
N TYR A 32 1.87 8.60 3.75
CA TYR A 32 2.29 7.45 4.56
C TYR A 32 2.32 6.18 3.72
N VAL A 33 1.21 5.86 3.07
CA VAL A 33 1.12 4.65 2.27
C VAL A 33 2.09 4.68 1.08
N GLN A 34 2.29 5.86 0.49
CA GLN A 34 3.19 6.00 -0.66
C GLN A 34 4.56 5.43 -0.34
N GLU A 35 5.00 5.65 0.89
CA GLU A 35 6.29 5.18 1.35
C GLU A 35 6.35 3.65 1.30
N ARG A 36 5.31 2.98 1.81
CA ARG A 36 5.34 1.53 1.91
C ARG A 36 4.91 0.88 0.60
N LEU A 37 4.19 1.62 -0.23
CA LEU A 37 3.68 1.08 -1.48
C LEU A 37 4.84 0.75 -2.41
N ASP A 38 5.85 1.61 -2.37
CA ASP A 38 7.02 1.44 -3.22
C ASP A 38 8.00 0.43 -2.65
N ARG A 39 8.40 0.63 -1.39
CA ARG A 39 9.47 -0.20 -0.81
C ARG A 39 9.02 -1.64 -0.60
N ILE A 40 7.73 -1.87 -0.40
CA ILE A 40 7.21 -3.22 -0.30
C ILE A 40 7.39 -3.93 -1.63
N THR A 41 7.11 -3.21 -2.72
CA THR A 41 7.16 -3.79 -4.06
C THR A 41 8.48 -4.50 -4.31
N ASP A 42 9.60 -3.81 -4.08
CA ASP A 42 10.92 -4.36 -4.37
C ASP A 42 11.13 -5.70 -3.67
N ASP A 43 11.06 -5.68 -2.34
CA ASP A 43 11.18 -6.90 -1.54
C ASP A 43 10.16 -7.95 -1.97
N PHE A 44 8.96 -7.50 -2.32
CA PHE A 44 7.89 -8.41 -2.68
C PHE A 44 8.20 -9.10 -4.01
N VAL A 45 8.30 -8.30 -5.06
CA VAL A 45 8.55 -8.84 -6.40
C VAL A 45 9.87 -9.62 -6.49
N LYS A 46 10.95 -9.12 -5.88
CA LYS A 46 12.23 -9.78 -5.98
C LYS A 46 12.27 -11.08 -5.18
N MET A 47 11.64 -11.10 -4.01
CA MET A 47 11.64 -12.30 -3.20
C MET A 47 10.90 -13.43 -3.90
N LYS A 48 9.87 -13.09 -4.68
CA LYS A 48 9.09 -14.11 -5.38
C LYS A 48 9.95 -14.82 -6.41
N ASP A 49 10.72 -14.03 -7.15
CA ASP A 49 11.64 -14.53 -8.16
C ASP A 49 12.56 -15.59 -7.57
N ASN A 50 13.12 -15.29 -6.41
CA ASN A 50 14.04 -16.21 -5.74
C ASN A 50 13.28 -17.29 -4.99
N PHE A 51 12.17 -16.90 -4.37
CA PHE A 51 11.30 -17.81 -3.63
C PHE A 51 10.97 -19.06 -4.45
N GLU A 52 10.43 -18.87 -5.66
CA GLU A 52 10.06 -19.99 -6.52
C GLU A 52 11.29 -20.81 -6.89
N THR A 53 12.36 -20.11 -7.20
CA THR A 53 13.66 -20.72 -7.48
C THR A 53 14.10 -21.64 -6.33
N LEU A 54 14.16 -21.07 -5.13
CA LEU A 54 14.57 -21.81 -3.93
C LEU A 54 13.60 -22.93 -3.62
N ARG A 55 12.35 -22.73 -4.01
CA ARG A 55 11.32 -23.73 -3.78
C ARG A 55 11.63 -24.98 -4.56
N THR A 56 11.70 -24.87 -5.88
CA THR A 56 11.96 -26.03 -6.71
C THR A 56 13.25 -26.71 -6.32
N GLU A 57 14.33 -25.93 -6.20
CA GLU A 57 15.64 -26.47 -5.90
C GLU A 57 15.63 -27.23 -4.57
N LEU A 58 15.26 -26.55 -3.50
CA LEU A 58 15.19 -27.18 -2.20
C LEU A 58 14.19 -28.32 -2.17
N SER A 59 13.07 -28.11 -2.82
CA SER A 59 12.05 -29.17 -2.94
C SER A 59 12.65 -30.47 -3.47
N GLU A 60 13.59 -30.39 -4.41
CA GLU A 60 14.28 -31.58 -4.87
C GLU A 60 15.44 -31.89 -3.95
N ALA A 61 16.12 -30.84 -3.50
CA ALA A 61 17.18 -30.94 -2.53
C ALA A 61 16.83 -31.81 -1.32
N GLN A 62 15.59 -31.75 -0.88
CA GLN A 62 15.20 -32.42 0.36
C GLN A 62 15.01 -33.91 0.09
N GLN A 63 14.73 -34.24 -1.16
CA GLN A 63 14.54 -35.62 -1.57
C GLN A 63 15.83 -36.39 -1.42
N LYS A 64 16.94 -35.73 -1.70
CA LYS A 64 18.25 -36.33 -1.56
C LYS A 64 18.79 -36.16 -0.14
N LEU A 65 18.57 -34.99 0.42
CA LEU A 65 19.10 -34.66 1.73
C LEU A 65 18.49 -35.50 2.83
N ARG A 66 17.27 -35.97 2.63
CA ARG A 66 16.59 -36.79 3.65
C ARG A 66 17.33 -38.11 3.87
N ARG A 67 18.30 -38.40 3.02
CA ARG A 67 19.12 -39.61 3.18
C ARG A 67 20.30 -39.30 4.09
N GLN A 68 20.84 -38.10 3.92
CA GLN A 68 22.04 -37.67 4.64
C GLN A 68 21.66 -37.03 5.98
N GLN A 69 20.43 -36.54 6.07
CA GLN A 69 19.94 -35.92 7.29
C GLN A 69 19.61 -36.96 8.34
N ASP A 70 20.40 -36.99 9.40
CA ASP A 70 20.12 -37.83 10.56
C ASP A 70 19.43 -37.00 11.63
N ASN A 71 19.28 -35.71 11.35
CA ASN A 71 18.61 -34.79 12.24
C ASN A 71 17.15 -34.65 11.85
N SER B 1 -21.28 45.09 5.66
CA SER B 1 -22.40 44.33 6.25
C SER B 1 -22.33 42.88 5.78
N PHE B 2 -23.47 42.18 5.76
CA PHE B 2 -23.50 40.79 5.31
C PHE B 2 -23.14 40.71 3.82
N ASP B 3 -23.11 41.86 3.16
CA ASP B 3 -22.69 41.94 1.76
C ASP B 3 -21.24 41.51 1.61
N ARG B 4 -20.45 41.69 2.66
CA ARG B 4 -19.05 41.29 2.65
C ARG B 4 -18.93 39.77 2.79
N LEU B 5 -19.94 39.16 3.38
CA LEU B 5 -19.98 37.71 3.52
C LEU B 5 -20.22 37.08 2.15
N LEU B 6 -20.75 37.89 1.24
CA LEU B 6 -21.03 37.44 -0.11
C LEU B 6 -19.72 37.36 -0.90
N ALA B 7 -18.75 38.19 -0.51
CA ALA B 7 -17.43 38.14 -1.07
C ALA B 7 -16.78 36.77 -0.84
N GLU B 8 -17.10 36.15 0.30
CA GLU B 8 -16.56 34.85 0.64
C GLU B 8 -17.42 33.75 0.01
N ASN B 9 -18.62 34.12 -0.39
CA ASN B 9 -19.56 33.18 -1.01
C ASN B 9 -18.93 32.60 -2.27
N GLU B 10 -18.38 33.48 -3.10
CA GLU B 10 -17.67 33.08 -4.30
C GLU B 10 -16.42 32.28 -3.94
N SER B 11 -15.67 32.77 -2.96
CA SER B 11 -14.44 32.13 -2.52
C SER B 11 -14.67 30.69 -2.09
N LEU B 12 -15.72 30.47 -1.29
CA LEU B 12 -16.07 29.13 -0.83
C LEU B 12 -16.28 28.20 -2.01
N GLN B 13 -17.00 28.67 -3.02
CA GLN B 13 -17.35 27.84 -4.16
C GLN B 13 -16.10 27.46 -4.95
N GLN B 14 -15.13 28.38 -5.00
CA GLN B 14 -13.89 28.14 -5.72
C GLN B 14 -12.99 27.19 -4.94
N LYS B 15 -12.93 27.37 -3.64
CA LYS B 15 -12.09 26.55 -2.76
C LYS B 15 -12.59 25.10 -2.76
N ILE B 16 -13.90 24.93 -2.71
CA ILE B 16 -14.50 23.60 -2.68
C ILE B 16 -14.33 22.90 -4.01
N ASN B 17 -14.22 23.68 -5.09
CA ASN B 17 -13.97 23.12 -6.41
C ASN B 17 -12.66 22.32 -6.39
N SER B 18 -11.76 22.73 -5.53
CA SER B 18 -10.50 22.01 -5.34
C SER B 18 -10.70 20.85 -4.36
N LEU B 19 -11.33 21.14 -3.23
CA LEU B 19 -11.52 20.16 -2.16
C LEU B 19 -12.32 18.95 -2.61
N GLU B 20 -13.50 19.20 -3.20
CA GLU B 20 -14.38 18.12 -3.63
C GLU B 20 -13.64 17.14 -4.51
N VAL B 21 -13.01 17.66 -5.55
CA VAL B 21 -12.28 16.81 -6.48
C VAL B 21 -11.13 16.10 -5.76
N GLU B 22 -10.42 16.82 -4.90
CA GLU B 22 -9.24 16.28 -4.25
C GLU B 22 -9.62 15.17 -3.26
N ALA B 23 -10.38 15.53 -2.22
CA ALA B 23 -10.79 14.60 -1.21
C ALA B 23 -11.40 13.33 -1.80
N LYS B 24 -12.24 13.49 -2.81
CA LYS B 24 -12.91 12.33 -3.43
C LYS B 24 -11.92 11.41 -4.13
N ARG B 25 -11.07 11.98 -4.97
CA ARG B 25 -10.00 11.21 -5.63
C ARG B 25 -9.17 10.46 -4.59
N LEU B 26 -8.75 11.19 -3.55
CA LEU B 26 -8.02 10.60 -2.44
C LEU B 26 -8.76 9.41 -1.83
N GLN B 27 -10.07 9.59 -1.60
CA GLN B 27 -10.91 8.52 -1.06
C GLN B 27 -10.90 7.32 -1.98
N GLY B 28 -11.04 7.57 -3.28
CA GLY B 28 -11.01 6.51 -4.26
C GLY B 28 -9.69 5.77 -4.26
N PHE B 29 -8.60 6.52 -4.14
CA PHE B 29 -7.28 5.94 -4.04
C PHE B 29 -7.16 5.08 -2.79
N ASN B 30 -7.68 5.60 -1.69
CA ASN B 30 -7.67 4.89 -0.40
C ASN B 30 -8.43 3.57 -0.52
N GLU B 31 -9.40 3.52 -1.41
CA GLU B 31 -10.18 2.30 -1.61
C GLU B 31 -9.37 1.33 -2.44
N TYR B 32 -8.72 1.85 -3.46
CA TYR B 32 -7.85 1.06 -4.33
C TYR B 32 -6.68 0.48 -3.54
N VAL B 33 -5.93 1.35 -2.87
CA VAL B 33 -4.77 0.92 -2.11
C VAL B 33 -5.16 -0.01 -0.97
N GLN B 34 -6.30 0.24 -0.33
CA GLN B 34 -6.76 -0.58 0.80
C GLN B 34 -6.78 -2.06 0.39
N GLU B 35 -7.19 -2.31 -0.84
CA GLU B 35 -7.27 -3.66 -1.35
C GLU B 35 -5.90 -4.33 -1.36
N ARG B 36 -4.88 -3.63 -1.87
CA ARG B 36 -3.56 -4.21 -2.03
C ARG B 36 -2.77 -4.14 -0.72
N LEU B 37 -3.15 -3.21 0.15
CA LEU B 37 -2.42 -3.01 1.40
C LEU B 37 -2.55 -4.25 2.27
N ASP B 38 -3.74 -4.85 2.24
CA ASP B 38 -4.03 -6.02 3.04
C ASP B 38 -3.49 -7.30 2.39
N ARG B 39 -3.87 -7.54 1.14
CA ARG B 39 -3.55 -8.80 0.48
C ARG B 39 -2.06 -8.96 0.23
N ILE B 40 -1.34 -7.85 0.06
CA ILE B 40 0.11 -7.91 -0.06
C ILE B 40 0.72 -8.41 1.23
N THR B 41 0.19 -7.92 2.35
CA THR B 41 0.73 -8.25 3.66
C THR B 41 0.87 -9.76 3.84
N ASP B 42 -0.22 -10.50 3.60
CA ASP B 42 -0.22 -11.95 3.82
C ASP B 42 0.90 -12.62 3.06
N ASP B 43 0.89 -12.49 1.74
CA ASP B 43 1.94 -13.05 0.88
C ASP B 43 3.32 -12.55 1.31
N PHE B 44 3.39 -11.30 1.71
CA PHE B 44 4.66 -10.68 2.08
C PHE B 44 5.20 -11.30 3.36
N VAL B 45 4.45 -11.13 4.46
CA VAL B 45 4.87 -11.63 5.75
C VAL B 45 5.08 -13.15 5.77
N LYS B 46 4.17 -13.91 5.15
CA LYS B 46 4.28 -15.37 5.18
C LYS B 46 5.43 -15.87 4.32
N MET B 47 5.67 -15.24 3.17
CA MET B 47 6.77 -15.67 2.32
C MET B 47 8.10 -15.47 2.99
N LYS B 48 8.22 -14.44 3.82
CA LYS B 48 9.48 -14.16 4.51
C LYS B 48 9.81 -15.28 5.49
N ASP B 49 8.79 -15.69 6.23
CA ASP B 49 8.91 -16.80 7.19
C ASP B 49 9.51 -18.04 6.52
N ASN B 50 8.99 -18.37 5.35
CA ASN B 50 9.45 -19.55 4.63
C ASN B 50 10.73 -19.24 3.86
N PHE B 51 10.80 -18.04 3.28
CA PHE B 51 11.97 -17.55 2.55
C PHE B 51 13.27 -17.79 3.33
N GLU B 52 13.32 -17.27 4.56
CA GLU B 52 14.52 -17.41 5.39
C GLU B 52 14.79 -18.88 5.68
N THR B 53 13.73 -19.60 5.98
CA THR B 53 13.79 -21.05 6.19
C THR B 53 14.42 -21.76 4.99
N LEU B 54 13.85 -21.53 3.81
CA LEU B 54 14.35 -22.15 2.58
C LEU B 54 15.75 -21.68 2.25
N ARG B 55 16.08 -20.48 2.68
CA ARG B 55 17.39 -19.92 2.46
C ARG B 55 18.44 -20.73 3.18
N THR B 56 18.33 -20.82 4.50
CA THR B 56 19.32 -21.55 5.28
C THR B 56 19.42 -23.00 4.82
N GLU B 57 18.28 -23.66 4.70
CA GLU B 57 18.25 -25.07 4.32
C GLU B 57 18.91 -25.30 2.97
N LEU B 58 18.42 -24.63 1.93
CA LEU B 58 18.99 -24.75 0.62
C LEU B 58 20.44 -24.28 0.58
N SER B 59 20.71 -23.20 1.27
CA SER B 59 22.08 -22.69 1.38
C SER B 59 23.06 -23.78 1.84
N GLU B 60 22.63 -24.65 2.75
CA GLU B 60 23.46 -25.77 3.14
C GLU B 60 23.25 -26.93 2.18
N ALA B 61 22.01 -27.11 1.74
CA ALA B 61 21.65 -28.07 0.73
C ALA B 61 22.58 -28.04 -0.49
N GLN B 62 23.00 -26.86 -0.91
CA GLN B 62 23.74 -26.72 -2.15
C GLN B 62 25.19 -27.13 -1.93
N GLN B 63 25.63 -27.07 -0.68
CA GLN B 63 26.99 -27.45 -0.32
C GLN B 63 27.18 -28.95 -0.55
N LYS B 64 26.13 -29.71 -0.28
CA LYS B 64 26.17 -31.15 -0.48
C LYS B 64 25.78 -31.49 -1.91
N LEU B 65 24.77 -30.82 -2.42
CA LEU B 65 24.23 -31.11 -3.73
C LEU B 65 25.21 -30.83 -4.86
N ARG B 66 26.13 -29.90 -4.63
CA ARG B 66 27.14 -29.56 -5.64
C ARG B 66 28.05 -30.74 -5.95
N ARG B 67 27.95 -31.79 -5.15
CA ARG B 67 28.72 -33.01 -5.38
C ARG B 67 27.95 -33.93 -6.32
N GLN B 68 26.64 -33.96 -6.13
CA GLN B 68 25.76 -34.85 -6.86
C GLN B 68 25.29 -34.20 -8.16
N GLN B 69 25.33 -32.87 -8.19
CA GLN B 69 24.92 -32.12 -9.37
C GLN B 69 25.98 -32.17 -10.45
N ASP B 70 25.67 -32.86 -11.54
CA ASP B 70 26.54 -32.87 -12.71
C ASP B 70 26.01 -31.87 -13.73
N ASN B 71 24.91 -31.24 -13.39
CA ASN B 71 24.30 -30.22 -14.23
C ASN B 71 24.76 -28.85 -13.78
N SER A 1 -30.52 42.07 -4.67
CA SER A 1 -30.39 41.48 -3.33
C SER A 1 -30.17 39.97 -3.42
N PHE A 2 -28.92 39.55 -3.40
CA PHE A 2 -28.59 38.13 -3.51
C PHE A 2 -28.48 37.49 -2.13
N ASP A 3 -29.57 37.59 -1.37
CA ASP A 3 -29.60 37.04 -0.01
C ASP A 3 -29.68 35.53 -0.05
N ARG A 4 -30.07 34.99 -1.20
CA ARG A 4 -30.18 33.55 -1.35
C ARG A 4 -28.79 32.92 -1.40
N LEU A 5 -27.81 33.71 -1.80
CA LEU A 5 -26.43 33.23 -1.82
C LEU A 5 -25.89 33.17 -0.39
N LEU A 6 -26.52 33.93 0.50
CA LEU A 6 -26.13 33.96 1.89
C LEU A 6 -26.61 32.70 2.58
N ALA A 7 -27.74 32.17 2.09
CA ALA A 7 -28.26 30.91 2.55
C ALA A 7 -27.23 29.79 2.37
N GLU A 8 -26.52 29.82 1.26
CA GLU A 8 -25.49 28.83 1.00
C GLU A 8 -24.16 29.24 1.61
N ASN A 9 -24.03 30.52 1.94
CA ASN A 9 -22.81 31.06 2.53
C ASN A 9 -22.45 30.29 3.79
N GLU A 10 -23.38 30.26 4.73
CA GLU A 10 -23.19 29.53 5.98
C GLU A 10 -23.12 28.03 5.73
N SER A 11 -23.82 27.57 4.71
CA SER A 11 -23.82 26.16 4.35
C SER A 11 -22.42 25.73 3.89
N LEU A 12 -21.76 26.60 3.12
CA LEU A 12 -20.41 26.32 2.64
C LEU A 12 -19.46 26.14 3.81
N GLN A 13 -19.61 26.99 4.82
CA GLN A 13 -18.69 26.98 5.96
C GLN A 13 -18.72 25.64 6.69
N GLN A 14 -19.92 25.14 6.96
CA GLN A 14 -20.06 23.85 7.65
C GLN A 14 -19.73 22.68 6.73
N LYS A 15 -19.97 22.85 5.44
CA LYS A 15 -19.75 21.79 4.46
C LYS A 15 -18.26 21.56 4.25
N ILE A 16 -17.48 22.63 4.30
CA ILE A 16 -16.04 22.53 4.13
C ILE A 16 -15.38 21.97 5.38
N ASN A 17 -16.06 22.10 6.51
CA ASN A 17 -15.59 21.52 7.77
C ASN A 17 -15.41 20.02 7.61
N SER A 18 -16.21 19.43 6.73
CA SER A 18 -16.07 18.02 6.41
C SER A 18 -14.90 17.80 5.45
N LEU A 19 -14.86 18.58 4.37
CA LEU A 19 -13.87 18.41 3.32
C LEU A 19 -12.45 18.67 3.80
N GLU A 20 -12.23 19.82 4.44
CA GLU A 20 -10.91 20.20 4.91
C GLU A 20 -10.28 19.14 5.80
N VAL A 21 -11.12 18.48 6.57
CA VAL A 21 -10.65 17.41 7.43
C VAL A 21 -10.49 16.12 6.65
N GLU A 22 -11.45 15.84 5.76
CA GLU A 22 -11.47 14.59 5.03
C GLU A 22 -10.29 14.50 4.05
N ALA A 23 -10.26 15.41 3.07
CA ALA A 23 -9.21 15.45 2.10
C ALA A 23 -7.82 15.39 2.75
N LYS A 24 -7.65 16.15 3.82
CA LYS A 24 -6.34 16.24 4.47
C LYS A 24 -5.97 14.94 5.18
N ARG A 25 -6.93 14.34 5.89
CA ARG A 25 -6.73 13.02 6.46
C ARG A 25 -6.27 12.03 5.38
N LEU A 26 -7.00 12.01 4.28
CA LEU A 26 -6.68 11.18 3.14
C LEU A 26 -5.27 11.48 2.62
N GLN A 27 -4.90 12.77 2.62
CA GLN A 27 -3.55 13.17 2.21
C GLN A 27 -2.51 12.53 3.11
N GLY A 28 -2.73 12.60 4.41
CA GLY A 28 -1.81 11.99 5.36
C GLY A 28 -1.66 10.50 5.14
N PHE A 29 -2.78 9.81 4.93
CA PHE A 29 -2.77 8.37 4.74
C PHE A 29 -2.11 7.97 3.42
N ASN A 30 -2.55 8.60 2.32
CA ASN A 30 -2.04 8.22 1.00
C ASN A 30 -0.57 8.58 0.86
N GLU A 31 -0.12 9.48 1.72
CA GLU A 31 1.28 9.86 1.77
C GLU A 31 2.08 8.78 2.50
N TYR A 32 1.57 8.40 3.68
CA TYR A 32 2.19 7.34 4.47
C TYR A 32 2.30 6.04 3.69
N VAL A 33 1.21 5.66 3.02
CA VAL A 33 1.20 4.42 2.27
C VAL A 33 2.12 4.49 1.06
N GLN A 34 2.19 5.67 0.44
CA GLN A 34 3.03 5.85 -0.76
C GLN A 34 4.46 5.42 -0.49
N GLU A 35 4.94 5.70 0.72
CA GLU A 35 6.28 5.32 1.12
C GLU A 35 6.44 3.79 1.09
N ARG A 36 5.49 3.09 1.71
CA ARG A 36 5.60 1.64 1.84
C ARG A 36 5.19 0.93 0.56
N LEU A 37 4.43 1.61 -0.29
CA LEU A 37 3.89 1.00 -1.51
C LEU A 37 5.02 0.63 -2.45
N ASP A 38 5.98 1.53 -2.61
CA ASP A 38 7.14 1.27 -3.45
C ASP A 38 8.14 0.38 -2.74
N ARG A 39 8.27 0.59 -1.43
CA ARG A 39 9.22 -0.17 -0.62
C ARG A 39 8.86 -1.64 -0.56
N ILE A 40 7.59 -1.92 -0.27
CA ILE A 40 7.11 -3.30 -0.18
C ILE A 40 7.29 -4.01 -1.51
N THR A 41 6.92 -3.34 -2.59
CA THR A 41 6.90 -3.96 -3.90
C THR A 41 8.25 -4.53 -4.29
N ASP A 42 9.33 -3.80 -4.04
CA ASP A 42 10.65 -4.21 -4.49
C ASP A 42 11.02 -5.57 -3.91
N ASP A 43 11.05 -5.66 -2.59
CA ASP A 43 11.34 -6.92 -1.92
C ASP A 43 10.27 -7.96 -2.25
N PHE A 44 9.04 -7.50 -2.46
CA PHE A 44 7.94 -8.40 -2.77
C PHE A 44 8.19 -9.10 -4.12
N VAL A 45 8.30 -8.32 -5.18
CA VAL A 45 8.55 -8.85 -6.51
C VAL A 45 9.88 -9.60 -6.60
N LYS A 46 10.91 -9.13 -5.90
CA LYS A 46 12.20 -9.80 -5.94
C LYS A 46 12.19 -11.12 -5.18
N MET A 47 11.54 -11.15 -4.02
CA MET A 47 11.49 -12.37 -3.23
C MET A 47 10.74 -13.46 -3.97
N LYS A 48 9.72 -13.09 -4.74
CA LYS A 48 8.95 -14.07 -5.49
C LYS A 48 9.86 -14.82 -6.46
N ASP A 49 10.66 -14.05 -7.20
CA ASP A 49 11.62 -14.60 -8.16
C ASP A 49 12.52 -15.66 -7.51
N ASN A 50 13.11 -15.31 -6.38
CA ASN A 50 14.05 -16.21 -5.71
C ASN A 50 13.30 -17.30 -4.94
N PHE A 51 12.23 -16.91 -4.26
CA PHE A 51 11.39 -17.83 -3.47
C PHE A 51 11.03 -19.08 -4.26
N GLU A 52 10.47 -18.92 -5.45
CA GLU A 52 10.04 -20.06 -6.26
C GLU A 52 11.25 -20.89 -6.71
N THR A 53 12.32 -20.18 -7.06
CA THR A 53 13.60 -20.80 -7.38
C THR A 53 14.07 -21.69 -6.23
N LEU A 54 14.24 -21.08 -5.05
CA LEU A 54 14.66 -21.79 -3.84
C LEU A 54 13.67 -22.88 -3.47
N ARG A 55 12.42 -22.64 -3.80
CA ARG A 55 11.34 -23.58 -3.51
C ARG A 55 11.55 -24.84 -4.32
N THR A 56 11.62 -24.72 -5.63
CA THR A 56 11.83 -25.87 -6.49
C THR A 56 13.12 -26.59 -6.13
N GLU A 57 14.20 -25.83 -6.05
CA GLU A 57 15.52 -26.41 -5.83
C GLU A 57 15.58 -27.14 -4.50
N LEU A 58 15.25 -26.46 -3.42
CA LEU A 58 15.22 -27.08 -2.12
C LEU A 58 14.20 -28.21 -2.05
N SER A 59 13.06 -27.97 -2.67
CA SER A 59 12.02 -29.00 -2.77
C SER A 59 12.61 -30.33 -3.22
N GLU A 60 13.51 -30.29 -4.20
CA GLU A 60 14.17 -31.51 -4.65
C GLU A 60 15.37 -31.81 -3.78
N ALA A 61 16.09 -30.76 -3.38
CA ALA A 61 17.19 -30.87 -2.46
C ALA A 61 16.88 -31.70 -1.22
N GLN A 62 15.66 -31.59 -0.71
CA GLN A 62 15.30 -32.24 0.54
C GLN A 62 15.09 -33.73 0.30
N GLN A 63 14.79 -34.07 -0.94
CA GLN A 63 14.54 -35.46 -1.32
C GLN A 63 15.84 -36.24 -1.30
N LYS A 64 16.93 -35.59 -1.68
CA LYS A 64 18.23 -36.24 -1.71
C LYS A 64 18.91 -36.13 -0.34
N LEU A 65 18.73 -34.99 0.30
CA LEU A 65 19.37 -34.72 1.58
C LEU A 65 18.89 -35.67 2.67
N ARG A 66 17.63 -36.10 2.58
CA ARG A 66 17.08 -37.03 3.56
C ARG A 66 17.77 -38.39 3.49
N ARG A 67 18.60 -38.57 2.47
CA ARG A 67 19.36 -39.81 2.32
C ARG A 67 20.72 -39.66 2.99
N GLN A 68 21.29 -38.47 2.88
CA GLN A 68 22.56 -38.16 3.51
C GLN A 68 22.36 -37.92 5.00
N GLN A 69 21.32 -37.18 5.32
CA GLN A 69 20.93 -36.91 6.70
C GLN A 69 19.50 -37.37 6.92
N ASP A 70 19.33 -38.41 7.72
CA ASP A 70 18.00 -38.95 7.97
C ASP A 70 17.19 -38.01 8.86
N ASN A 71 17.89 -37.15 9.58
CA ASN A 71 17.25 -36.17 10.44
C ASN A 71 16.89 -34.93 9.63
N SER B 1 -26.38 44.41 7.32
CA SER B 1 -25.93 44.11 5.95
C SER B 1 -24.62 43.32 5.98
N PHE B 2 -24.73 42.00 5.90
CA PHE B 2 -23.56 41.14 5.94
C PHE B 2 -23.06 40.84 4.52
N ASP B 3 -22.74 41.90 3.80
CA ASP B 3 -22.27 41.77 2.42
C ASP B 3 -20.84 41.26 2.38
N ARG B 4 -20.16 41.35 3.52
CA ARG B 4 -18.79 40.87 3.62
C ARG B 4 -18.76 39.35 3.61
N LEU B 5 -19.86 38.74 4.01
CA LEU B 5 -19.98 37.29 3.97
C LEU B 5 -20.18 36.83 2.54
N LEU B 6 -20.66 37.74 1.70
CA LEU B 6 -20.88 37.45 0.30
C LEU B 6 -19.54 37.43 -0.43
N ALA B 7 -18.61 38.23 0.07
CA ALA B 7 -17.25 38.24 -0.43
C ALA B 7 -16.61 36.85 -0.34
N GLU B 8 -16.90 36.15 0.76
CA GLU B 8 -16.38 34.80 0.94
C GLU B 8 -17.31 33.76 0.31
N ASN B 9 -18.55 34.18 0.03
CA ASN B 9 -19.54 33.29 -0.56
C ASN B 9 -19.02 32.70 -1.87
N GLU B 10 -18.65 33.59 -2.78
CA GLU B 10 -18.09 33.19 -4.06
C GLU B 10 -16.72 32.51 -3.89
N SER B 11 -15.99 32.93 -2.86
CA SER B 11 -14.69 32.35 -2.57
C SER B 11 -14.84 30.89 -2.16
N LEU B 12 -15.87 30.59 -1.37
CA LEU B 12 -16.14 29.23 -0.95
C LEU B 12 -16.39 28.33 -2.15
N GLN B 13 -17.14 28.84 -3.12
CA GLN B 13 -17.52 28.05 -4.28
C GLN B 13 -16.30 27.57 -5.06
N GLN B 14 -15.37 28.48 -5.32
CA GLN B 14 -14.16 28.13 -6.07
C GLN B 14 -13.19 27.33 -5.21
N LYS B 15 -13.21 27.58 -3.90
CA LYS B 15 -12.30 26.91 -2.98
C LYS B 15 -12.66 25.43 -2.82
N ILE B 16 -13.96 25.14 -2.84
CA ILE B 16 -14.44 23.78 -2.71
C ILE B 16 -14.23 23.00 -4.01
N ASN B 17 -14.10 23.74 -5.11
CA ASN B 17 -13.80 23.12 -6.40
C ASN B 17 -12.49 22.35 -6.31
N SER B 18 -11.60 22.81 -5.44
CA SER B 18 -10.35 22.12 -5.18
C SER B 18 -10.58 20.91 -4.26
N LEU B 19 -11.28 21.15 -3.15
CA LEU B 19 -11.49 20.12 -2.14
C LEU B 19 -12.32 18.95 -2.65
N GLU B 20 -13.46 19.23 -3.25
CA GLU B 20 -14.36 18.18 -3.73
C GLU B 20 -13.66 17.23 -4.69
N VAL B 21 -12.73 17.76 -5.46
CA VAL B 21 -11.98 16.93 -6.38
C VAL B 21 -10.82 16.26 -5.66
N GLU B 22 -10.16 16.99 -4.76
CA GLU B 22 -8.99 16.49 -4.07
C GLU B 22 -9.34 15.34 -3.14
N ALA B 23 -10.16 15.62 -2.12
CA ALA B 23 -10.59 14.62 -1.17
C ALA B 23 -11.10 13.36 -1.86
N LYS B 24 -11.90 13.54 -2.91
CA LYS B 24 -12.52 12.40 -3.60
C LYS B 24 -11.49 11.59 -4.37
N ARG B 25 -10.58 12.26 -5.06
CA ARG B 25 -9.45 11.57 -5.71
C ARG B 25 -8.71 10.72 -4.69
N LEU B 26 -8.37 11.34 -3.57
CA LEU B 26 -7.71 10.66 -2.47
C LEU B 26 -8.52 9.47 -1.97
N GLN B 27 -9.85 9.63 -1.93
CA GLN B 27 -10.74 8.54 -1.53
C GLN B 27 -10.59 7.36 -2.49
N GLY B 28 -10.59 7.65 -3.78
CA GLY B 28 -10.43 6.61 -4.78
C GLY B 28 -9.12 5.87 -4.63
N PHE B 29 -8.04 6.62 -4.41
CA PHE B 29 -6.71 6.04 -4.30
C PHE B 29 -6.57 5.23 -3.01
N ASN B 30 -6.94 5.81 -1.88
CA ASN B 30 -6.76 5.15 -0.58
C ASN B 30 -7.67 3.92 -0.48
N GLU B 31 -8.70 3.91 -1.32
CA GLU B 31 -9.60 2.77 -1.38
C GLU B 31 -8.95 1.66 -2.18
N TYR B 32 -8.43 2.01 -3.35
CA TYR B 32 -7.73 1.07 -4.21
C TYR B 32 -6.56 0.42 -3.47
N VAL B 33 -5.76 1.23 -2.80
CA VAL B 33 -4.59 0.73 -2.11
C VAL B 33 -4.99 -0.14 -0.92
N GLN B 34 -6.08 0.22 -0.24
CA GLN B 34 -6.54 -0.51 0.93
C GLN B 34 -6.72 -1.99 0.60
N GLU B 35 -7.21 -2.27 -0.60
CA GLU B 35 -7.39 -3.63 -1.06
C GLU B 35 -6.06 -4.38 -1.10
N ARG B 36 -5.05 -3.77 -1.72
CA ARG B 36 -3.77 -4.44 -1.92
C ARG B 36 -2.92 -4.39 -0.65
N LEU B 37 -3.22 -3.45 0.24
CA LEU B 37 -2.41 -3.25 1.44
C LEU B 37 -2.48 -4.48 2.33
N ASP B 38 -3.69 -5.00 2.51
CA ASP B 38 -3.89 -6.21 3.31
C ASP B 38 -3.48 -7.45 2.53
N ARG B 39 -3.76 -7.43 1.23
CA ARG B 39 -3.47 -8.57 0.37
C ARG B 39 -1.97 -8.80 0.25
N ILE B 40 -1.22 -7.74 -0.04
CA ILE B 40 0.22 -7.86 -0.16
C ILE B 40 0.84 -8.36 1.13
N THR B 41 0.40 -7.79 2.25
CA THR B 41 1.02 -8.06 3.54
C THR B 41 1.03 -9.55 3.86
N ASP B 42 -0.09 -10.24 3.61
CA ASP B 42 -0.22 -11.63 4.01
C ASP B 42 0.87 -12.49 3.37
N ASP B 43 0.90 -12.50 2.04
CA ASP B 43 1.94 -13.23 1.31
C ASP B 43 3.31 -12.67 1.62
N PHE B 44 3.39 -11.37 1.89
CA PHE B 44 4.66 -10.73 2.20
C PHE B 44 5.23 -11.29 3.48
N VAL B 45 4.50 -11.12 4.58
CA VAL B 45 4.93 -11.62 5.88
C VAL B 45 5.10 -13.14 5.90
N LYS B 46 4.24 -13.88 5.20
CA LYS B 46 4.35 -15.33 5.18
C LYS B 46 5.54 -15.80 4.35
N MET B 47 5.79 -15.17 3.21
CA MET B 47 6.91 -15.56 2.38
C MET B 47 8.22 -15.34 3.09
N LYS B 48 8.31 -14.30 3.90
CA LYS B 48 9.54 -14.01 4.65
C LYS B 48 9.89 -15.18 5.55
N ASP B 49 8.89 -15.64 6.30
CA ASP B 49 9.04 -16.77 7.20
C ASP B 49 9.63 -17.99 6.49
N ASN B 50 9.06 -18.35 5.35
CA ASN B 50 9.48 -19.54 4.62
C ASN B 50 10.76 -19.26 3.83
N PHE B 51 10.80 -18.10 3.18
CA PHE B 51 11.96 -17.65 2.39
C PHE B 51 13.27 -17.86 3.13
N GLU B 52 13.38 -17.31 4.34
CA GLU B 52 14.62 -17.42 5.10
C GLU B 52 14.91 -18.87 5.48
N THR B 53 13.85 -19.58 5.84
CA THR B 53 13.93 -21.01 6.10
C THR B 53 14.52 -21.75 4.89
N LEU B 54 13.86 -21.61 3.74
CA LEU B 54 14.31 -22.23 2.50
C LEU B 54 15.69 -21.73 2.10
N ARG B 55 15.97 -20.50 2.49
CA ARG B 55 17.24 -19.88 2.18
C ARG B 55 18.35 -20.59 2.91
N THR B 56 18.25 -20.67 4.23
CA THR B 56 19.27 -21.35 5.03
C THR B 56 19.40 -22.81 4.62
N GLU B 57 18.27 -23.50 4.54
CA GLU B 57 18.27 -24.92 4.25
C GLU B 57 18.89 -25.22 2.89
N LEU B 58 18.35 -24.59 1.84
CA LEU B 58 18.90 -24.76 0.52
C LEU B 58 20.33 -24.27 0.44
N SER B 59 20.58 -23.15 1.10
CA SER B 59 21.94 -22.61 1.18
C SER B 59 22.94 -23.69 1.56
N GLU B 60 22.58 -24.55 2.50
CA GLU B 60 23.44 -25.65 2.89
C GLU B 60 23.22 -26.85 1.98
N ALA B 61 21.97 -27.07 1.60
CA ALA B 61 21.60 -28.08 0.65
C ALA B 61 22.45 -28.07 -0.62
N GLN B 62 22.82 -26.89 -1.09
CA GLN B 62 23.53 -26.76 -2.36
C GLN B 62 24.98 -27.17 -2.17
N GLN B 63 25.45 -27.08 -0.94
CA GLN B 63 26.83 -27.40 -0.62
C GLN B 63 27.04 -28.92 -0.69
N LYS B 64 26.01 -29.67 -0.33
CA LYS B 64 26.10 -31.12 -0.36
C LYS B 64 25.68 -31.65 -1.73
N LEU B 65 24.69 -31.00 -2.33
CA LEU B 65 24.16 -31.43 -3.61
C LEU B 65 25.19 -31.33 -4.72
N ARG B 66 26.08 -30.34 -4.62
CA ARG B 66 27.13 -30.15 -5.62
C ARG B 66 28.10 -31.32 -5.63
N ARG B 67 27.97 -32.21 -4.64
CA ARG B 67 28.81 -33.39 -4.57
C ARG B 67 28.11 -34.56 -5.27
N GLN B 68 26.80 -34.62 -5.11
CA GLN B 68 25.99 -35.63 -5.77
C GLN B 68 25.81 -35.30 -7.25
N GLN B 69 25.53 -34.03 -7.51
CA GLN B 69 25.40 -33.52 -8.86
C GLN B 69 26.38 -32.37 -9.06
N ASP B 70 27.38 -32.59 -9.89
CA ASP B 70 28.40 -31.57 -10.14
C ASP B 70 27.83 -30.42 -10.95
N ASN B 71 26.74 -30.69 -11.67
CA ASN B 71 26.07 -29.68 -12.45
C ASN B 71 25.09 -28.89 -11.59
N SER A 1 -33.04 38.85 -2.82
CA SER A 1 -32.66 38.22 -4.11
C SER A 1 -31.46 37.29 -3.92
N PHE A 2 -30.32 37.87 -3.54
CA PHE A 2 -29.12 37.08 -3.32
C PHE A 2 -29.14 36.42 -1.95
N ASP A 3 -30.18 36.74 -1.18
CA ASP A 3 -30.35 36.17 0.16
C ASP A 3 -30.54 34.65 0.10
N ARG A 4 -31.00 34.15 -1.04
CA ARG A 4 -31.16 32.71 -1.22
C ARG A 4 -29.79 32.06 -1.40
N LEU A 5 -28.83 32.83 -1.86
CA LEU A 5 -27.46 32.34 -1.98
C LEU A 5 -26.82 32.34 -0.61
N LEU A 6 -27.35 33.16 0.29
CA LEU A 6 -26.83 33.25 1.65
C LEU A 6 -27.15 31.97 2.38
N ALA A 7 -28.28 31.36 2.00
CA ALA A 7 -28.65 30.06 2.47
C ALA A 7 -27.60 29.01 2.12
N GLU A 8 -26.96 29.20 0.97
CA GLU A 8 -25.94 28.29 0.49
C GLU A 8 -24.59 28.67 1.06
N ASN A 9 -24.46 29.94 1.44
CA ASN A 9 -23.22 30.48 1.97
C ASN A 9 -22.88 29.82 3.30
N GLU A 10 -23.88 29.76 4.17
CA GLU A 10 -23.73 29.06 5.45
C GLU A 10 -23.49 27.57 5.21
N SER A 11 -24.05 27.06 4.11
CA SER A 11 -23.93 25.66 3.78
C SER A 11 -22.50 25.31 3.37
N LEU A 12 -21.81 26.25 2.75
CA LEU A 12 -20.43 26.03 2.31
C LEU A 12 -19.54 25.70 3.50
N GLN A 13 -19.37 26.67 4.39
CA GLN A 13 -18.57 26.51 5.60
C GLN A 13 -18.80 25.17 6.32
N GLN A 14 -20.02 24.69 6.39
CA GLN A 14 -20.29 23.44 7.13
C GLN A 14 -20.02 22.23 6.24
N LYS A 15 -20.21 22.39 4.93
CA LYS A 15 -19.95 21.32 3.98
C LYS A 15 -18.45 21.07 3.87
N ILE A 16 -17.68 22.15 4.00
CA ILE A 16 -16.23 22.08 3.91
C ILE A 16 -15.63 21.46 5.17
N ASN A 17 -16.38 21.54 6.26
CA ASN A 17 -15.94 20.98 7.53
C ASN A 17 -15.68 19.49 7.39
N SER A 18 -16.38 18.85 6.46
CA SER A 18 -16.17 17.45 6.18
C SER A 18 -14.99 17.28 5.22
N LEU A 19 -14.86 18.20 4.27
CA LEU A 19 -13.84 18.11 3.22
C LEU A 19 -12.44 18.36 3.75
N GLU A 20 -12.23 19.48 4.44
CA GLU A 20 -10.91 19.82 4.95
C GLU A 20 -10.38 18.74 5.88
N VAL A 21 -11.28 18.12 6.62
CA VAL A 21 -10.88 17.05 7.51
C VAL A 21 -10.71 15.75 6.73
N GLU A 22 -11.36 15.64 5.57
CA GLU A 22 -11.25 14.42 4.80
C GLU A 22 -10.03 14.44 3.89
N ALA A 23 -10.02 15.35 2.89
CA ALA A 23 -8.95 15.41 1.91
C ALA A 23 -7.57 15.50 2.55
N LYS A 24 -7.44 16.45 3.46
CA LYS A 24 -6.14 16.75 4.07
C LYS A 24 -5.61 15.56 4.85
N ARG A 25 -6.43 15.04 5.76
CA ARG A 25 -6.09 13.85 6.53
C ARG A 25 -5.76 12.68 5.61
N LEU A 26 -6.56 12.50 4.55
CA LEU A 26 -6.27 11.51 3.52
C LEU A 26 -4.85 11.67 2.99
N GLN A 27 -4.49 12.89 2.61
CA GLN A 27 -3.17 13.19 2.07
C GLN A 27 -2.06 12.66 2.98
N GLY A 28 -2.24 12.85 4.29
CA GLY A 28 -1.28 12.37 5.26
C GLY A 28 -1.13 10.86 5.21
N PHE A 29 -2.26 10.16 5.19
CA PHE A 29 -2.26 8.70 5.08
C PHE A 29 -1.65 8.27 3.76
N ASN A 30 -1.93 9.03 2.71
CA ASN A 30 -1.45 8.71 1.37
C ASN A 30 0.05 8.92 1.25
N GLU A 31 0.61 9.71 2.16
CA GLU A 31 2.06 9.90 2.22
C GLU A 31 2.70 8.68 2.86
N TYR A 32 2.12 8.24 3.96
CA TYR A 32 2.60 7.08 4.69
C TYR A 32 2.56 5.84 3.81
N VAL A 33 1.41 5.57 3.21
CA VAL A 33 1.26 4.41 2.34
C VAL A 33 2.17 4.53 1.12
N GLN A 34 2.29 5.75 0.58
CA GLN A 34 3.08 5.98 -0.63
C GLN A 34 4.50 5.43 -0.45
N GLU A 35 5.07 5.66 0.71
CA GLU A 35 6.41 5.18 1.02
C GLU A 35 6.47 3.65 0.92
N ARG A 36 5.57 2.97 1.61
CA ARG A 36 5.60 1.51 1.67
C ARG A 36 5.10 0.89 0.37
N LEU A 37 4.33 1.66 -0.39
CA LEU A 37 3.78 1.16 -1.65
C LEU A 37 4.92 0.88 -2.63
N ASP A 38 5.94 1.72 -2.57
CA ASP A 38 7.13 1.53 -3.41
C ASP A 38 8.09 0.55 -2.75
N ARG A 39 8.32 0.73 -1.46
CA ARG A 39 9.30 -0.08 -0.73
C ARG A 39 8.93 -1.56 -0.73
N ILE A 40 7.67 -1.87 -0.45
CA ILE A 40 7.21 -3.25 -0.39
C ILE A 40 7.40 -3.93 -1.76
N THR A 41 7.12 -3.18 -2.83
CA THR A 41 7.15 -3.75 -4.17
C THR A 41 8.45 -4.49 -4.45
N ASP A 42 9.58 -3.80 -4.30
CA ASP A 42 10.88 -4.41 -4.58
C ASP A 42 11.09 -5.67 -3.76
N ASP A 43 11.03 -5.53 -2.45
CA ASP A 43 11.15 -6.66 -1.52
C ASP A 43 10.17 -7.79 -1.85
N PHE A 44 9.02 -7.44 -2.39
CA PHE A 44 7.99 -8.42 -2.69
C PHE A 44 8.25 -9.10 -4.03
N VAL A 45 8.24 -8.32 -5.11
CA VAL A 45 8.37 -8.86 -6.45
C VAL A 45 9.69 -9.61 -6.65
N LYS A 46 10.79 -9.09 -6.13
CA LYS A 46 12.08 -9.74 -6.30
C LYS A 46 12.17 -11.01 -5.47
N MET A 47 11.57 -10.98 -4.29
CA MET A 47 11.63 -12.11 -3.38
C MET A 47 10.81 -13.28 -3.91
N LYS A 48 9.75 -12.99 -4.66
CA LYS A 48 8.92 -14.04 -5.24
C LYS A 48 9.72 -14.83 -6.28
N ASP A 49 10.38 -14.10 -7.17
CA ASP A 49 11.19 -14.71 -8.22
C ASP A 49 12.24 -15.65 -7.63
N ASN A 50 12.87 -15.21 -6.55
CA ASN A 50 13.89 -16.02 -5.88
C ASN A 50 13.23 -17.12 -5.05
N PHE A 51 12.18 -16.76 -4.32
CA PHE A 51 11.37 -17.72 -3.56
C PHE A 51 11.05 -18.95 -4.38
N GLU A 52 10.53 -18.75 -5.59
CA GLU A 52 10.19 -19.87 -6.47
C GLU A 52 11.43 -20.63 -6.91
N THR A 53 12.51 -19.89 -7.16
CA THR A 53 13.81 -20.51 -7.46
C THR A 53 14.24 -21.42 -6.30
N LEU A 54 14.19 -20.88 -5.09
CA LEU A 54 14.54 -21.63 -3.89
C LEU A 54 13.57 -22.78 -3.67
N ARG A 55 12.34 -22.59 -4.10
CA ARG A 55 11.32 -23.62 -3.95
C ARG A 55 11.69 -24.86 -4.71
N THR A 56 11.80 -24.77 -6.03
CA THR A 56 12.12 -25.94 -6.84
C THR A 56 13.40 -26.60 -6.38
N GLU A 57 14.44 -25.80 -6.23
CA GLU A 57 15.74 -26.30 -5.83
C GLU A 57 15.65 -27.05 -4.51
N LEU A 58 15.23 -26.37 -3.45
CA LEU A 58 15.12 -26.98 -2.15
C LEU A 58 14.13 -28.12 -2.15
N SER A 59 13.03 -27.95 -2.86
CA SER A 59 12.04 -29.02 -3.01
C SER A 59 12.69 -30.34 -3.43
N GLU A 60 13.67 -30.28 -4.33
CA GLU A 60 14.40 -31.48 -4.71
C GLU A 60 15.55 -31.72 -3.73
N ALA A 61 16.19 -30.63 -3.30
CA ALA A 61 17.24 -30.66 -2.31
C ALA A 61 16.89 -31.45 -1.05
N GLN A 62 15.65 -31.31 -0.58
CA GLN A 62 15.27 -31.91 0.70
C GLN A 62 15.22 -33.41 0.58
N GLN A 63 14.97 -33.87 -0.64
CA GLN A 63 14.87 -35.29 -0.91
C GLN A 63 16.21 -35.96 -0.67
N LYS A 64 17.28 -35.34 -1.18
CA LYS A 64 18.61 -35.89 -1.04
C LYS A 64 19.18 -35.58 0.35
N LEU A 65 18.79 -34.45 0.91
CA LEU A 65 19.26 -34.07 2.23
C LEU A 65 18.80 -35.06 3.29
N ARG A 66 17.59 -35.55 3.13
CA ARG A 66 17.07 -36.57 4.03
C ARG A 66 17.85 -37.87 3.87
N ARG A 67 18.63 -37.95 2.79
CA ARG A 67 19.42 -39.15 2.51
C ARG A 67 20.82 -38.98 3.06
N GLN A 68 21.11 -37.77 3.52
CA GLN A 68 22.40 -37.44 4.08
C GLN A 68 22.23 -36.89 5.50
N GLN A 69 21.07 -37.18 6.07
CA GLN A 69 20.73 -36.68 7.39
C GLN A 69 20.18 -37.81 8.26
N ASP A 70 19.36 -38.64 7.64
CA ASP A 70 18.79 -39.80 8.33
C ASP A 70 19.49 -41.07 7.90
N ASN A 71 20.76 -40.92 7.52
CA ASN A 71 21.57 -42.04 7.08
C ASN A 71 22.27 -42.68 8.28
N SER B 1 -22.49 45.55 5.38
CA SER B 1 -22.02 44.90 6.62
C SER B 1 -21.65 43.44 6.36
N PHE B 2 -22.63 42.63 5.98
CA PHE B 2 -22.40 41.22 5.69
C PHE B 2 -21.83 41.04 4.29
N ASP B 3 -21.72 42.14 3.56
CA ASP B 3 -21.18 42.13 2.21
C ASP B 3 -19.72 41.70 2.20
N ARG B 4 -19.04 41.88 3.33
CA ARG B 4 -17.65 41.46 3.45
C ARG B 4 -17.58 39.94 3.56
N LEU B 5 -18.67 39.34 4.04
CA LEU B 5 -18.74 37.89 4.10
C LEU B 5 -19.03 37.35 2.72
N LEU B 6 -19.60 38.20 1.87
CA LEU B 6 -19.94 37.82 0.51
C LEU B 6 -18.64 37.63 -0.28
N ALA B 7 -17.64 38.42 0.10
CA ALA B 7 -16.31 38.27 -0.43
C ALA B 7 -15.77 36.87 -0.14
N GLU B 8 -16.15 36.32 1.00
CA GLU B 8 -15.70 35.00 1.41
C GLU B 8 -16.61 33.93 0.83
N ASN B 9 -17.83 34.34 0.50
CA ASN B 9 -18.83 33.42 -0.03
C ASN B 9 -18.40 32.90 -1.39
N GLU B 10 -17.98 33.83 -2.25
CA GLU B 10 -17.44 33.47 -3.55
C GLU B 10 -16.16 32.65 -3.39
N SER B 11 -15.44 32.92 -2.30
CA SER B 11 -14.18 32.24 -2.04
C SER B 11 -14.42 30.77 -1.68
N LEU B 12 -15.54 30.49 -1.03
CA LEU B 12 -15.86 29.12 -0.64
C LEU B 12 -15.96 28.21 -1.86
N GLN B 13 -16.95 28.48 -2.71
CA GLN B 13 -17.15 27.73 -3.95
C GLN B 13 -15.86 27.43 -4.72
N GLN B 14 -14.93 28.38 -4.78
CA GLN B 14 -13.70 28.16 -5.56
C GLN B 14 -12.67 27.39 -4.74
N LYS B 15 -12.70 27.58 -3.43
CA LYS B 15 -11.79 26.89 -2.53
C LYS B 15 -12.16 25.41 -2.46
N ILE B 16 -13.45 25.13 -2.57
CA ILE B 16 -13.96 23.77 -2.52
C ILE B 16 -13.67 23.03 -3.81
N ASN B 17 -13.48 23.79 -4.88
CA ASN B 17 -13.18 23.21 -6.19
C ASN B 17 -11.91 22.37 -6.12
N SER B 18 -11.02 22.74 -5.21
CA SER B 18 -9.80 21.97 -4.98
C SER B 18 -10.08 20.79 -4.06
N LEU B 19 -10.95 20.99 -3.08
CA LEU B 19 -11.24 19.97 -2.06
C LEU B 19 -12.04 18.81 -2.61
N GLU B 20 -13.16 19.09 -3.26
CA GLU B 20 -14.02 18.04 -3.79
C GLU B 20 -13.26 17.16 -4.78
N VAL B 21 -12.37 17.76 -5.53
CA VAL B 21 -11.57 17.02 -6.47
C VAL B 21 -10.43 16.32 -5.75
N GLU B 22 -10.03 16.82 -4.59
CA GLU B 22 -8.92 16.22 -3.87
C GLU B 22 -9.39 15.06 -2.98
N ALA B 23 -10.20 15.36 -1.95
CA ALA B 23 -10.65 14.37 -1.00
C ALA B 23 -11.31 13.17 -1.67
N LYS B 24 -12.26 13.45 -2.54
CA LYS B 24 -13.06 12.41 -3.16
C LYS B 24 -12.20 11.48 -4.01
N ARG B 25 -11.44 12.07 -4.93
CA ARG B 25 -10.51 11.31 -5.75
C ARG B 25 -9.52 10.52 -4.89
N LEU B 26 -9.02 11.14 -3.82
CA LEU B 26 -8.18 10.43 -2.85
C LEU B 26 -8.88 9.17 -2.35
N GLN B 27 -10.13 9.31 -1.92
CA GLN B 27 -10.91 8.19 -1.40
C GLN B 27 -10.89 7.00 -2.36
N GLY B 28 -11.04 7.30 -3.65
CA GLY B 28 -11.00 6.26 -4.66
C GLY B 28 -9.67 5.53 -4.68
N PHE B 29 -8.59 6.29 -4.67
CA PHE B 29 -7.25 5.71 -4.62
C PHE B 29 -7.05 4.92 -3.34
N ASN B 30 -7.61 5.43 -2.25
CA ASN B 30 -7.45 4.82 -0.93
C ASN B 30 -8.25 3.52 -0.85
N GLU B 31 -9.21 3.35 -1.74
CA GLU B 31 -9.96 2.11 -1.83
C GLU B 31 -9.12 1.06 -2.53
N TYR B 32 -8.52 1.47 -3.64
CA TYR B 32 -7.67 0.59 -4.43
C TYR B 32 -6.49 0.10 -3.61
N VAL B 33 -5.76 1.03 -3.00
CA VAL B 33 -4.62 0.67 -2.17
C VAL B 33 -5.05 -0.16 -0.96
N GLN B 34 -6.20 0.19 -0.37
CA GLN B 34 -6.69 -0.51 0.82
C GLN B 34 -6.74 -2.01 0.59
N GLU B 35 -7.22 -2.39 -0.58
CA GLU B 35 -7.32 -3.80 -0.94
C GLU B 35 -5.94 -4.46 -0.92
N ARG B 36 -4.98 -3.87 -1.61
CA ARG B 36 -3.66 -4.48 -1.75
C ARG B 36 -2.85 -4.32 -0.46
N LEU B 37 -3.22 -3.35 0.36
CA LEU B 37 -2.51 -3.08 1.61
C LEU B 37 -2.68 -4.27 2.55
N ASP B 38 -3.85 -4.89 2.50
CA ASP B 38 -4.12 -6.08 3.29
C ASP B 38 -3.62 -7.32 2.58
N ARG B 39 -3.92 -7.42 1.28
CA ARG B 39 -3.58 -8.60 0.49
C ARG B 39 -2.08 -8.84 0.45
N ILE B 40 -1.31 -7.79 0.17
CA ILE B 40 0.14 -7.93 0.07
C ILE B 40 0.73 -8.40 1.39
N THR B 41 0.20 -7.90 2.50
CA THR B 41 0.75 -8.21 3.82
C THR B 41 0.92 -9.71 4.03
N ASP B 42 -0.16 -10.47 3.87
CA ASP B 42 -0.11 -11.92 4.11
C ASP B 42 0.93 -12.57 3.23
N ASP B 43 0.80 -12.40 1.92
CA ASP B 43 1.76 -12.93 0.95
C ASP B 43 3.18 -12.49 1.24
N PHE B 44 3.33 -11.31 1.83
CA PHE B 44 4.65 -10.76 2.11
C PHE B 44 5.21 -11.33 3.41
N VAL B 45 4.53 -11.05 4.52
CA VAL B 45 5.02 -11.45 5.84
C VAL B 45 5.20 -12.96 5.98
N LYS B 46 4.27 -13.75 5.45
CA LYS B 46 4.36 -15.20 5.56
C LYS B 46 5.46 -15.74 4.66
N MET B 47 5.63 -15.13 3.51
CA MET B 47 6.62 -15.61 2.55
C MET B 47 8.03 -15.33 3.05
N LYS B 48 8.21 -14.27 3.84
CA LYS B 48 9.53 -13.95 4.39
C LYS B 48 9.96 -15.03 5.37
N ASP B 49 9.07 -15.39 6.27
CA ASP B 49 9.33 -16.42 7.27
C ASP B 49 9.76 -17.73 6.61
N ASN B 50 9.07 -18.09 5.54
CA ASN B 50 9.39 -19.32 4.81
C ASN B 50 10.64 -19.11 3.95
N PHE B 51 10.70 -17.98 3.26
CA PHE B 51 11.87 -17.58 2.48
C PHE B 51 13.16 -17.81 3.26
N GLU B 52 13.22 -17.30 4.50
CA GLU B 52 14.40 -17.45 5.33
C GLU B 52 14.63 -18.92 5.70
N THR B 53 13.53 -19.63 5.96
CA THR B 53 13.59 -21.07 6.19
C THR B 53 14.22 -21.78 4.99
N LEU B 54 13.70 -21.48 3.80
CA LEU B 54 14.21 -22.04 2.56
C LEU B 54 15.64 -21.60 2.30
N ARG B 55 15.98 -20.41 2.78
CA ARG B 55 17.32 -19.87 2.62
C ARG B 55 18.34 -20.74 3.31
N THR B 56 18.25 -20.86 4.63
CA THR B 56 19.23 -21.64 5.38
C THR B 56 19.32 -23.06 4.85
N GLU B 57 18.16 -23.70 4.72
CA GLU B 57 18.08 -25.07 4.26
C GLU B 57 18.77 -25.25 2.91
N LEU B 58 18.28 -24.54 1.90
CA LEU B 58 18.85 -24.62 0.57
C LEU B 58 20.29 -24.16 0.54
N SER B 59 20.58 -23.12 1.29
CA SER B 59 21.96 -22.64 1.41
C SER B 59 22.93 -23.77 1.76
N GLU B 60 22.51 -24.69 2.63
CA GLU B 60 23.33 -25.84 2.94
C GLU B 60 23.06 -26.95 1.92
N ALA B 61 21.81 -27.09 1.52
CA ALA B 61 21.39 -28.02 0.51
C ALA B 61 22.20 -27.97 -0.77
N GLN B 62 22.56 -26.76 -1.21
CA GLN B 62 23.21 -26.58 -2.50
C GLN B 62 24.63 -27.13 -2.44
N GLN B 63 25.18 -27.13 -1.24
CA GLN B 63 26.53 -27.61 -1.02
C GLN B 63 26.60 -29.10 -1.33
N LYS B 64 25.63 -29.86 -0.82
CA LYS B 64 25.60 -31.30 -1.03
C LYS B 64 25.06 -31.64 -2.41
N LEU B 65 24.16 -30.81 -2.92
CA LEU B 65 23.58 -31.04 -4.22
C LEU B 65 24.63 -30.96 -5.31
N ARG B 66 25.58 -30.05 -5.15
CA ARG B 66 26.69 -29.94 -6.08
C ARG B 66 27.57 -31.19 -5.99
N ARG B 67 27.37 -31.96 -4.94
CA ARG B 67 28.16 -33.17 -4.72
C ARG B 67 27.44 -34.37 -5.30
N GLN B 68 26.20 -34.14 -5.72
CA GLN B 68 25.36 -35.18 -6.30
C GLN B 68 24.88 -34.74 -7.69
N GLN B 69 25.59 -33.77 -8.24
CA GLN B 69 25.23 -33.21 -9.53
C GLN B 69 26.45 -33.12 -10.43
N ASP B 70 27.57 -32.71 -9.83
CA ASP B 70 28.82 -32.61 -10.56
C ASP B 70 29.73 -33.78 -10.21
N ASN B 71 29.11 -34.89 -9.85
CA ASN B 71 29.84 -36.10 -9.48
C ASN B 71 30.11 -36.95 -10.72
N SER A 1 -29.68 41.05 -5.87
CA SER A 1 -29.31 40.59 -4.53
C SER A 1 -29.12 39.07 -4.50
N PHE A 2 -30.19 38.33 -4.80
CA PHE A 2 -30.17 36.87 -4.78
C PHE A 2 -29.78 36.37 -3.39
N ASP A 3 -30.66 36.64 -2.42
CA ASP A 3 -30.42 36.27 -1.03
C ASP A 3 -30.46 34.77 -0.84
N ARG A 4 -30.96 34.07 -1.85
CA ARG A 4 -31.02 32.61 -1.83
C ARG A 4 -29.64 32.01 -1.95
N LEU A 5 -28.69 32.77 -2.48
CA LEU A 5 -27.32 32.31 -2.59
C LEU A 5 -26.69 32.27 -1.20
N LEU A 6 -27.24 33.07 -0.28
CA LEU A 6 -26.73 33.13 1.07
C LEU A 6 -27.00 31.81 1.78
N ALA A 7 -28.14 31.20 1.46
CA ALA A 7 -28.49 29.90 1.97
C ALA A 7 -27.47 28.85 1.55
N GLU A 8 -26.85 29.06 0.40
CA GLU A 8 -25.85 28.13 -0.11
C GLU A 8 -24.49 28.50 0.46
N ASN A 9 -24.36 29.77 0.82
CA ASN A 9 -23.13 30.31 1.35
C ASN A 9 -22.87 29.76 2.74
N GLU A 10 -23.90 29.79 3.57
CA GLU A 10 -23.84 29.22 4.91
C GLU A 10 -23.59 27.71 4.83
N SER A 11 -24.11 27.09 3.78
CA SER A 11 -23.95 25.65 3.57
C SER A 11 -22.50 25.30 3.25
N LEU A 12 -21.80 26.20 2.56
CA LEU A 12 -20.41 25.99 2.20
C LEU A 12 -19.57 25.68 3.43
N GLN A 13 -19.47 26.65 4.33
CA GLN A 13 -18.78 26.48 5.61
C GLN A 13 -19.10 25.16 6.32
N GLN A 14 -20.30 24.62 6.09
CA GLN A 14 -20.71 23.39 6.74
C GLN A 14 -20.18 22.18 5.99
N LYS A 15 -20.26 22.24 4.67
CA LYS A 15 -19.79 21.16 3.80
C LYS A 15 -18.27 21.02 3.92
N ILE A 16 -17.59 22.16 4.04
CA ILE A 16 -16.13 22.17 4.08
C ILE A 16 -15.62 21.66 5.41
N ASN A 17 -16.47 21.69 6.43
CA ASN A 17 -16.12 21.15 7.74
C ASN A 17 -15.73 19.68 7.60
N SER A 18 -16.32 19.04 6.61
CA SER A 18 -16.01 17.66 6.30
C SER A 18 -14.79 17.59 5.37
N LEU A 19 -14.78 18.42 4.32
CA LEU A 19 -13.75 18.37 3.30
C LEU A 19 -12.35 18.70 3.83
N GLU A 20 -12.17 19.86 4.45
CA GLU A 20 -10.86 20.28 4.95
C GLU A 20 -10.31 19.28 5.95
N VAL A 21 -11.17 18.54 6.59
CA VAL A 21 -10.74 17.48 7.49
C VAL A 21 -10.44 16.22 6.70
N GLU A 22 -11.36 15.84 5.84
CA GLU A 22 -11.29 14.58 5.11
C GLU A 22 -10.11 14.56 4.13
N ALA A 23 -10.15 15.46 3.13
CA ALA A 23 -9.14 15.52 2.12
C ALA A 23 -7.73 15.53 2.70
N LYS A 24 -7.52 16.32 3.74
CA LYS A 24 -6.21 16.43 4.36
C LYS A 24 -5.78 15.14 5.06
N ARG A 25 -6.68 14.57 5.86
CA ARG A 25 -6.44 13.27 6.50
C ARG A 25 -6.08 12.23 5.44
N LEU A 26 -6.89 12.18 4.38
CA LEU A 26 -6.63 11.31 3.25
C LEU A 26 -5.22 11.50 2.69
N GLN A 27 -4.82 12.77 2.52
CA GLN A 27 -3.48 13.09 2.02
C GLN A 27 -2.41 12.56 2.94
N GLY A 28 -2.60 12.75 4.25
CA GLY A 28 -1.65 12.25 5.23
C GLY A 28 -1.46 10.75 5.13
N PHE A 29 -2.55 10.04 4.91
CA PHE A 29 -2.49 8.58 4.77
C PHE A 29 -1.85 8.21 3.43
N ASN A 30 -2.19 8.96 2.40
CA ASN A 30 -1.66 8.73 1.06
C ASN A 30 -0.15 8.99 1.00
N GLU A 31 0.33 9.85 1.89
CA GLU A 31 1.76 10.09 1.99
C GLU A 31 2.41 8.95 2.74
N TYR A 32 1.78 8.53 3.83
CA TYR A 32 2.24 7.40 4.62
C TYR A 32 2.31 6.14 3.76
N VAL A 33 1.20 5.80 3.12
CA VAL A 33 1.13 4.57 2.33
C VAL A 33 2.07 4.63 1.12
N GLN A 34 2.24 5.81 0.54
CA GLN A 34 3.05 5.95 -0.68
C GLN A 34 4.46 5.42 -0.46
N GLU A 35 5.00 5.64 0.74
CA GLU A 35 6.32 5.12 1.07
C GLU A 35 6.35 3.60 0.93
N ARG A 36 5.49 2.90 1.67
CA ARG A 36 5.51 1.45 1.70
C ARG A 36 4.99 0.85 0.39
N LEU A 37 4.22 1.64 -0.36
CA LEU A 37 3.63 1.14 -1.60
C LEU A 37 4.73 0.75 -2.59
N ASP A 38 5.74 1.60 -2.70
CA ASP A 38 6.86 1.33 -3.60
C ASP A 38 7.86 0.39 -2.92
N ARG A 39 8.13 0.63 -1.65
CA ARG A 39 9.17 -0.11 -0.93
C ARG A 39 8.80 -1.58 -0.78
N ILE A 40 7.55 -1.87 -0.48
CA ILE A 40 7.11 -3.26 -0.35
C ILE A 40 7.27 -3.99 -1.67
N THR A 41 6.99 -3.28 -2.77
CA THR A 41 7.01 -3.88 -4.09
C THR A 41 8.32 -4.62 -4.36
N ASP A 42 9.45 -3.93 -4.23
CA ASP A 42 10.74 -4.53 -4.54
C ASP A 42 10.95 -5.82 -3.76
N ASP A 43 10.94 -5.72 -2.44
CA ASP A 43 11.12 -6.87 -1.56
C ASP A 43 10.09 -7.96 -1.83
N PHE A 44 8.92 -7.58 -2.34
CA PHE A 44 7.88 -8.56 -2.62
C PHE A 44 8.09 -9.21 -3.99
N VAL A 45 8.03 -8.41 -5.05
CA VAL A 45 8.12 -8.92 -6.41
C VAL A 45 9.43 -9.68 -6.68
N LYS A 46 10.54 -9.18 -6.18
CA LYS A 46 11.83 -9.81 -6.42
C LYS A 46 11.98 -11.08 -5.60
N MET A 47 11.44 -11.06 -4.38
CA MET A 47 11.55 -12.21 -3.49
C MET A 47 10.69 -13.36 -3.97
N LYS A 48 9.58 -13.05 -4.65
CA LYS A 48 8.71 -14.08 -5.21
C LYS A 48 9.48 -14.88 -6.26
N ASP A 49 10.15 -14.14 -7.14
CA ASP A 49 10.95 -14.72 -8.20
C ASP A 49 11.98 -15.70 -7.64
N ASN A 50 12.71 -15.27 -6.63
CA ASN A 50 13.76 -16.09 -6.02
C ASN A 50 13.16 -17.20 -5.16
N PHE A 51 12.16 -16.83 -4.37
CA PHE A 51 11.43 -17.79 -3.52
C PHE A 51 11.08 -19.08 -4.27
N GLU A 52 10.45 -18.96 -5.43
CA GLU A 52 10.02 -20.14 -6.17
C GLU A 52 11.23 -20.91 -6.71
N THR A 53 12.28 -20.18 -7.06
CA THR A 53 13.53 -20.78 -7.46
C THR A 53 14.11 -21.63 -6.32
N LEU A 54 14.28 -21.00 -5.16
CA LEU A 54 14.78 -21.68 -3.96
C LEU A 54 13.83 -22.81 -3.56
N ARG A 55 12.55 -22.61 -3.86
CA ARG A 55 11.54 -23.59 -3.57
C ARG A 55 11.77 -24.84 -4.40
N THR A 56 11.81 -24.68 -5.72
CA THR A 56 12.05 -25.82 -6.60
C THR A 56 13.34 -26.54 -6.25
N GLU A 57 14.41 -25.76 -6.16
CA GLU A 57 15.73 -26.32 -5.91
C GLU A 57 15.74 -27.12 -4.62
N LEU A 58 15.40 -26.47 -3.51
CA LEU A 58 15.34 -27.14 -2.23
C LEU A 58 14.33 -28.26 -2.21
N SER A 59 13.20 -28.01 -2.84
CA SER A 59 12.16 -29.04 -2.97
C SER A 59 12.75 -30.37 -3.43
N GLU A 60 13.66 -30.30 -4.41
CA GLU A 60 14.33 -31.50 -4.88
C GLU A 60 15.54 -31.80 -4.01
N ALA A 61 16.23 -30.75 -3.58
CA ALA A 61 17.33 -30.85 -2.65
C ALA A 61 17.01 -31.67 -1.41
N GLN A 62 15.78 -31.60 -0.93
CA GLN A 62 15.40 -32.22 0.33
C GLN A 62 15.23 -33.72 0.13
N GLN A 63 14.88 -34.09 -1.09
CA GLN A 63 14.70 -35.50 -1.45
C GLN A 63 16.00 -36.25 -1.33
N LYS A 64 17.09 -35.58 -1.70
CA LYS A 64 18.42 -36.19 -1.65
C LYS A 64 19.00 -36.04 -0.25
N LEU A 65 18.62 -34.97 0.43
CA LEU A 65 19.05 -34.73 1.80
C LEU A 65 18.50 -35.80 2.75
N ARG A 66 17.46 -36.49 2.31
CA ARG A 66 16.88 -37.59 3.10
C ARG A 66 17.89 -38.71 3.26
N ARG A 67 18.93 -38.71 2.44
CA ARG A 67 19.94 -39.75 2.47
C ARG A 67 21.10 -39.39 3.39
N GLN A 68 21.62 -38.17 3.25
CA GLN A 68 22.80 -37.76 4.00
C GLN A 68 22.43 -37.02 5.28
N GLN A 69 21.41 -36.18 5.19
CA GLN A 69 20.94 -35.41 6.34
C GLN A 69 19.88 -36.19 7.10
N ASP A 70 19.39 -37.24 6.45
CA ASP A 70 18.31 -38.08 6.97
C ASP A 70 17.04 -37.27 7.17
N ASN A 71 16.81 -36.34 6.24
CA ASN A 71 15.65 -35.47 6.26
C ASN A 71 14.35 -36.27 6.38
N SER B 1 -25.63 43.27 8.41
CA SER B 1 -25.40 42.78 7.02
C SER B 1 -24.09 42.02 6.93
N PHE B 2 -22.98 42.70 7.20
CA PHE B 2 -21.65 42.10 7.10
C PHE B 2 -21.40 41.60 5.69
N ASP B 3 -21.33 42.54 4.76
CA ASP B 3 -21.15 42.22 3.35
C ASP B 3 -19.75 41.67 3.09
N ARG B 4 -18.88 41.82 4.07
CA ARG B 4 -17.52 41.31 3.96
C ARG B 4 -17.51 39.78 4.04
N LEU B 5 -18.56 39.20 4.59
CA LEU B 5 -18.68 37.75 4.64
C LEU B 5 -18.94 37.21 3.25
N LEU B 6 -19.49 38.06 2.38
CA LEU B 6 -19.80 37.66 1.02
C LEU B 6 -18.52 37.41 0.26
N ALA B 7 -17.49 38.21 0.57
CA ALA B 7 -16.18 38.04 0.00
C ALA B 7 -15.59 36.68 0.35
N GLU B 8 -15.98 36.15 1.50
CA GLU B 8 -15.52 34.84 1.95
C GLU B 8 -16.43 33.77 1.37
N ASN B 9 -17.66 34.16 1.06
CA ASN B 9 -18.66 33.25 0.54
C ASN B 9 -18.31 32.85 -0.88
N GLU B 10 -17.96 33.85 -1.69
CA GLU B 10 -17.50 33.61 -3.05
C GLU B 10 -16.22 32.77 -3.05
N SER B 11 -15.41 32.97 -2.02
CA SER B 11 -14.14 32.25 -1.89
C SER B 11 -14.38 30.77 -1.61
N LEU B 12 -15.46 30.46 -0.88
CA LEU B 12 -15.80 29.08 -0.57
C LEU B 12 -15.90 28.24 -1.83
N GLN B 13 -16.87 28.56 -2.68
CA GLN B 13 -17.04 27.89 -3.98
C GLN B 13 -15.73 27.69 -4.74
N GLN B 14 -14.75 28.58 -4.53
CA GLN B 14 -13.48 28.49 -5.23
C GLN B 14 -12.55 27.50 -4.54
N LYS B 15 -12.53 27.56 -3.22
CA LYS B 15 -11.69 26.66 -2.42
C LYS B 15 -12.16 25.22 -2.55
N ILE B 16 -13.47 25.04 -2.64
CA ILE B 16 -14.07 23.72 -2.70
C ILE B 16 -13.86 23.08 -4.08
N ASN B 17 -13.59 23.92 -5.08
CA ASN B 17 -13.28 23.42 -6.42
C ASN B 17 -12.09 22.48 -6.35
N SER B 18 -11.22 22.74 -5.38
CA SER B 18 -10.07 21.89 -5.15
C SER B 18 -10.46 20.72 -4.24
N LEU B 19 -11.17 21.00 -3.16
CA LEU B 19 -11.50 19.99 -2.16
C LEU B 19 -12.37 18.86 -2.70
N GLU B 20 -13.54 19.19 -3.26
CA GLU B 20 -14.46 18.16 -3.76
C GLU B 20 -13.81 17.28 -4.83
N VAL B 21 -12.80 17.82 -5.49
CA VAL B 21 -12.05 17.03 -6.44
C VAL B 21 -10.97 16.23 -5.72
N GLU B 22 -10.23 16.90 -4.85
CA GLU B 22 -9.07 16.30 -4.20
C GLU B 22 -9.49 15.18 -3.24
N ALA B 23 -10.25 15.53 -2.20
CA ALA B 23 -10.68 14.59 -1.20
C ALA B 23 -11.26 13.31 -1.80
N LYS B 24 -12.10 13.48 -2.81
CA LYS B 24 -12.76 12.35 -3.44
C LYS B 24 -11.77 11.48 -4.22
N ARG B 25 -10.92 12.10 -5.03
CA ARG B 25 -9.86 11.38 -5.72
C ARG B 25 -9.00 10.60 -4.72
N LEU B 26 -8.59 11.28 -3.67
CA LEU B 26 -7.85 10.67 -2.58
C LEU B 26 -8.57 9.43 -2.03
N GLN B 27 -9.88 9.56 -1.81
CA GLN B 27 -10.68 8.44 -1.31
C GLN B 27 -10.66 7.27 -2.28
N GLY B 28 -10.81 7.58 -3.57
CA GLY B 28 -10.77 6.54 -4.59
C GLY B 28 -9.47 5.77 -4.58
N PHE B 29 -8.37 6.48 -4.37
CA PHE B 29 -7.06 5.85 -4.31
C PHE B 29 -6.92 5.07 -3.01
N ASN B 30 -7.43 5.64 -1.92
CA ASN B 30 -7.37 5.01 -0.60
C ASN B 30 -8.21 3.73 -0.56
N GLU B 31 -9.22 3.65 -1.41
CA GLU B 31 -10.02 2.45 -1.54
C GLU B 31 -9.25 1.40 -2.35
N TYR B 32 -8.66 1.87 -3.44
CA TYR B 32 -7.83 1.02 -4.29
C TYR B 32 -6.68 0.43 -3.49
N VAL B 33 -5.89 1.29 -2.85
CA VAL B 33 -4.72 0.86 -2.13
C VAL B 33 -5.09 -0.04 -0.94
N GLN B 34 -6.22 0.26 -0.30
CA GLN B 34 -6.62 -0.47 0.90
C GLN B 34 -6.70 -1.98 0.63
N GLU B 35 -7.16 -2.34 -0.56
CA GLU B 35 -7.23 -3.74 -0.94
C GLU B 35 -5.84 -4.38 -0.88
N ARG B 36 -4.89 -3.84 -1.63
CA ARG B 36 -3.57 -4.43 -1.73
C ARG B 36 -2.77 -4.24 -0.44
N LEU B 37 -3.14 -3.25 0.37
CA LEU B 37 -2.41 -2.96 1.59
C LEU B 37 -2.45 -4.14 2.53
N ASP B 38 -3.63 -4.74 2.68
CA ASP B 38 -3.79 -5.91 3.53
C ASP B 38 -3.36 -7.17 2.79
N ARG B 39 -3.74 -7.28 1.53
CA ARG B 39 -3.50 -8.49 0.75
C ARG B 39 -2.00 -8.74 0.53
N ILE B 40 -1.25 -7.70 0.24
CA ILE B 40 0.20 -7.83 0.06
C ILE B 40 0.85 -8.32 1.34
N THR B 41 0.36 -7.82 2.48
CA THR B 41 0.94 -8.12 3.77
C THR B 41 1.12 -9.63 3.98
N ASP B 42 0.03 -10.38 3.87
CA ASP B 42 0.08 -11.82 4.11
C ASP B 42 1.15 -12.50 3.27
N ASP B 43 1.00 -12.40 1.95
CA ASP B 43 1.96 -12.99 1.02
C ASP B 43 3.39 -12.48 1.25
N PHE B 44 3.52 -11.28 1.81
CA PHE B 44 4.83 -10.72 2.05
C PHE B 44 5.41 -11.22 3.37
N VAL B 45 4.73 -10.89 4.47
CA VAL B 45 5.21 -11.22 5.81
C VAL B 45 5.40 -12.73 6.02
N LYS B 46 4.48 -13.54 5.53
CA LYS B 46 4.56 -14.98 5.71
C LYS B 46 5.63 -15.58 4.81
N MET B 47 5.79 -15.04 3.62
CA MET B 47 6.76 -15.57 2.68
C MET B 47 8.18 -15.25 3.12
N LYS B 48 8.36 -14.13 3.81
CA LYS B 48 9.67 -13.76 4.34
C LYS B 48 10.14 -14.82 5.33
N ASP B 49 9.23 -15.16 6.24
CA ASP B 49 9.47 -16.18 7.26
C ASP B 49 9.95 -17.49 6.64
N ASN B 50 9.23 -17.95 5.63
CA ASN B 50 9.54 -19.21 4.97
C ASN B 50 10.76 -19.07 4.07
N PHE B 51 10.80 -17.98 3.31
CA PHE B 51 11.93 -17.66 2.43
C PHE B 51 13.28 -17.87 3.11
N GLU B 52 13.47 -17.29 4.29
CA GLU B 52 14.75 -17.40 4.99
C GLU B 52 15.00 -18.82 5.46
N THR B 53 13.92 -19.50 5.83
CA THR B 53 13.99 -20.92 6.17
C THR B 53 14.49 -21.74 4.98
N LEU B 54 13.79 -21.61 3.85
CA LEU B 54 14.19 -22.28 2.61
C LEU B 54 15.58 -21.84 2.17
N ARG B 55 15.91 -20.61 2.51
CA ARG B 55 17.22 -20.05 2.19
C ARG B 55 18.29 -20.79 2.96
N THR B 56 18.18 -20.82 4.28
CA THR B 56 19.17 -21.51 5.11
C THR B 56 19.29 -22.96 4.69
N GLU B 57 18.16 -23.65 4.62
CA GLU B 57 18.13 -25.06 4.32
C GLU B 57 18.82 -25.33 2.99
N LEU B 58 18.31 -24.73 1.92
CA LEU B 58 18.89 -24.90 0.61
C LEU B 58 20.32 -24.42 0.56
N SER B 59 20.57 -23.30 1.21
CA SER B 59 21.93 -22.75 1.30
C SER B 59 22.93 -23.85 1.70
N GLU B 60 22.55 -24.68 2.66
CA GLU B 60 23.40 -25.79 3.06
C GLU B 60 23.17 -26.99 2.15
N ALA B 61 21.91 -27.20 1.76
CA ALA B 61 21.53 -28.21 0.81
C ALA B 61 22.37 -28.20 -0.47
N GLN B 62 22.76 -27.02 -0.92
CA GLN B 62 23.43 -26.88 -2.20
C GLN B 62 24.88 -27.32 -2.07
N GLN B 63 25.42 -27.20 -0.86
CA GLN B 63 26.79 -27.59 -0.58
C GLN B 63 26.95 -29.08 -0.76
N LYS B 64 25.92 -29.84 -0.37
CA LYS B 64 25.95 -31.28 -0.47
C LYS B 64 25.53 -31.72 -1.87
N LEU B 65 24.67 -30.91 -2.50
CA LEU B 65 24.24 -31.17 -3.86
C LEU B 65 25.39 -31.05 -4.85
N ARG B 66 26.46 -30.38 -4.42
CA ARG B 66 27.67 -30.26 -5.25
C ARG B 66 28.30 -31.63 -5.50
N ARG B 67 27.90 -32.61 -4.69
CA ARG B 67 28.47 -33.95 -4.79
C ARG B 67 27.63 -34.84 -5.71
N GLN B 68 26.32 -34.83 -5.52
CA GLN B 68 25.44 -35.73 -6.27
C GLN B 68 24.85 -35.05 -7.50
N GLN B 69 24.50 -33.78 -7.36
CA GLN B 69 23.93 -33.00 -8.45
C GLN B 69 25.04 -32.32 -9.24
N ASP B 70 26.23 -32.30 -8.63
CA ASP B 70 27.41 -31.64 -9.17
C ASP B 70 27.16 -30.14 -9.31
N ASN B 71 26.43 -29.60 -8.33
CA ASN B 71 26.09 -28.17 -8.29
C ASN B 71 27.33 -27.31 -8.42
#